data_6TVR
#
_entry.id   6TVR
#
_cell.length_a   69.354
_cell.length_b   214.102
_cell.length_c   157.165
_cell.angle_alpha   90.000
_cell.angle_beta   102.060
_cell.angle_gamma   90.000
#
_symmetry.space_group_name_H-M   'P 1 21 1'
#
loop_
_entity.id
_entity.type
_entity.pdbx_description
1 polymer 'Hemagglutinin HA1'
2 polymer 'Hemagglutinin HA2'
3 branched 2-acetamido-2-deoxy-beta-D-glucopyranose-(1-4)-2-acetamido-2-deoxy-beta-D-glucopyranose
4 non-polymer 'CALCIUM ION'
5 non-polymer 2-acetamido-2-deoxy-beta-D-glucopyranose
6 non-polymer 1,2-ETHANEDIOL
7 water water
#
loop_
_entity_poly.entity_id
_entity_poly.type
_entity_poly.pdbx_seq_one_letter_code
_entity_poly.pdbx_strand_id
1 'polypeptide(L)'
;DPDKICLGHHAVANGTIVKTLTNEQEEVTNATETVESTSLNRLCMKGRNHKDLGNCHPIGMLIGTPACDLHLTGTWDTLI
ERKNAIAYCYPGATVNEEALRQKIMESGGISKINTGFTYGSSINSAGTTKACMRNGGNSFYAELKWLVSKNKGQNFPQTT
NTYRNADTAEHLIMWGIHHPSSTQEKNDLYGTQSLSISVGSSTYKNNFVPVVGARPQVNGLSGRIDFHWTLVQPGDKITF
SHNGGLIAPSRVSKLIGRGLGIQSEAPIDNSCESKCFWRGGSINTRLPFQNLSPRTVGQCPKYVNKKSLMLATGMRNVPE
LVQGR
;
A,C,E,G,I,K
2 'polypeptide(L)'
;GLFGAIAGFIENGWEGMVDGWYGFRHQNAQGTGQAADYKSTQAAIDQITGKLNRIIKKTNTEFESIESEFSEIDHQIGNV
INWTKDSITDIWTYQAELLVAMENQHTIDMADSEMLNLYERVRKQLRQNAEEDGKGCFEIYHACDDSCMESIRNNTYDHS
QYREEALLNRLNINPVK
;
B,D,F,H,J,L
#
loop_
_chem_comp.id
_chem_comp.type
_chem_comp.name
_chem_comp.formula
CA non-polymer 'CALCIUM ION' 'Ca 2'
EDO non-polymer 1,2-ETHANEDIOL 'C2 H6 O2'
NAG D-saccharide, beta linking 2-acetamido-2-deoxy-beta-D-glucopyranose 'C8 H15 N O6'
#
# COMPACT_ATOMS: atom_id res chain seq x y z
N ASP A 1 -51.10 -16.29 47.45
CA ASP A 1 -50.57 -17.65 47.76
C ASP A 1 -49.90 -18.32 46.56
N PRO A 2 -50.23 -18.01 45.27
CA PRO A 2 -49.48 -18.55 44.14
C PRO A 2 -48.24 -17.72 43.78
N ASP A 3 -47.11 -18.39 43.46
CA ASP A 3 -45.86 -17.76 42.98
C ASP A 3 -46.16 -17.08 41.63
N LYS A 4 -45.31 -16.15 41.21
CA LYS A 4 -45.64 -15.14 40.16
C LYS A 4 -44.33 -14.59 39.59
N ILE A 5 -44.18 -14.58 38.26
CA ILE A 5 -43.05 -13.90 37.54
C ILE A 5 -43.65 -12.84 36.59
N CYS A 6 -43.23 -11.59 36.76
CA CYS A 6 -43.72 -10.40 36.01
C CYS A 6 -42.65 -9.92 35.03
N LEU A 7 -43.06 -9.60 33.79
CA LEU A 7 -42.14 -9.04 32.77
C LEU A 7 -42.44 -7.54 32.62
N GLY A 8 -41.40 -6.75 32.36
CA GLY A 8 -41.50 -5.28 32.30
C GLY A 8 -40.41 -4.67 31.45
N HIS A 9 -40.45 -3.34 31.30
CA HIS A 9 -39.46 -2.52 30.57
C HIS A 9 -39.03 -1.35 31.46
N HIS A 10 -37.86 -0.78 31.19
CA HIS A 10 -37.30 0.36 31.97
C HIS A 10 -38.15 1.61 31.69
N ALA A 11 -37.96 2.63 32.53
CA ALA A 11 -38.49 4.00 32.34
C ALA A 11 -37.47 4.97 32.93
N VAL A 12 -37.70 6.27 32.75
CA VAL A 12 -36.85 7.35 33.33
C VAL A 12 -37.77 8.46 33.83
N ALA A 13 -37.32 9.27 34.79
CA ALA A 13 -38.12 10.35 35.40
C ALA A 13 -38.37 11.45 34.37
N ASN A 14 -37.28 11.96 33.78
CA ASN A 14 -37.27 13.03 32.75
C ASN A 14 -37.06 12.38 31.36
N GLY A 15 -38.17 12.15 30.66
CA GLY A 15 -38.21 11.69 29.25
C GLY A 15 -38.06 12.86 28.29
N THR A 16 -37.91 12.58 26.98
CA THR A 16 -37.72 13.58 25.89
C THR A 16 -38.85 13.44 24.86
N ILE A 17 -39.34 14.57 24.35
CA ILE A 17 -40.45 14.64 23.35
C ILE A 17 -39.84 14.52 21.94
N VAL A 18 -40.39 13.63 21.11
CA VAL A 18 -40.07 13.48 19.66
C VAL A 18 -41.37 13.49 18.87
N LYS A 19 -41.28 13.70 17.55
CA LYS A 19 -42.41 13.61 16.60
C LYS A 19 -42.36 12.24 15.90
N THR A 20 -43.52 11.60 15.74
CA THR A 20 -43.71 10.36 14.95
C THR A 20 -44.64 10.67 13.77
N LEU A 21 -45.02 9.66 12.99
CA LEU A 21 -45.95 9.82 11.85
C LEU A 21 -47.32 10.25 12.37
N THR A 22 -47.71 9.78 13.55
CA THR A 22 -49.10 9.88 14.10
C THR A 22 -49.17 10.87 15.27
N ASN A 23 -48.07 11.16 15.95
CA ASN A 23 -48.08 11.88 17.26
C ASN A 23 -46.98 12.95 17.25
N GLU A 24 -47.36 14.20 17.53
CA GLU A 24 -46.46 15.38 17.51
C GLU A 24 -45.73 15.51 18.86
N GLN A 25 -46.31 14.96 19.94
CA GLN A 25 -45.78 15.04 21.33
C GLN A 25 -45.65 13.63 21.91
N GLU A 26 -44.71 12.83 21.41
CA GLU A 26 -44.47 11.43 21.87
C GLU A 26 -43.26 11.41 22.80
N GLU A 27 -43.45 11.00 24.05
CA GLU A 27 -42.39 10.94 25.09
C GLU A 27 -41.65 9.60 24.98
N VAL A 28 -40.32 9.64 24.79
CA VAL A 28 -39.44 8.44 24.73
C VAL A 28 -38.36 8.57 25.81
N THR A 29 -37.62 7.49 26.08
CA THR A 29 -36.60 7.41 27.17
C THR A 29 -35.39 8.25 26.82
N ASN A 30 -35.00 8.30 25.54
CA ASN A 30 -33.79 9.02 25.05
C ASN A 30 -34.00 9.41 23.59
N ALA A 31 -33.37 10.50 23.15
CA ALA A 31 -33.36 11.00 21.75
C ALA A 31 -32.06 11.78 21.51
N THR A 32 -31.68 11.97 20.25
CA THR A 32 -30.48 12.74 19.84
C THR A 32 -30.84 13.68 18.69
N GLU A 33 -30.15 14.82 18.59
CA GLU A 33 -30.37 15.88 17.58
C GLU A 33 -29.80 15.42 16.24
N THR A 34 -30.47 15.77 15.13
CA THR A 34 -30.03 15.50 13.73
C THR A 34 -29.69 16.80 12.99
N VAL A 35 -30.08 17.97 13.51
CA VAL A 35 -29.85 19.30 12.89
C VAL A 35 -28.82 20.06 13.73
N GLU A 36 -27.72 20.49 13.10
CA GLU A 36 -26.66 21.29 13.76
C GLU A 36 -27.05 22.78 13.74
N SER A 37 -27.01 23.43 14.91
CA SER A 37 -27.30 24.88 15.10
C SER A 37 -26.03 25.66 15.46
N THR A 38 -24.98 24.97 15.90
CA THR A 38 -23.70 25.55 16.37
C THR A 38 -22.71 25.65 15.20
N SER A 39 -22.10 26.83 15.02
CA SER A 39 -20.97 27.07 14.09
C SER A 39 -19.75 27.53 14.89
N LEU A 40 -18.55 27.26 14.35
CA LEU A 40 -17.25 27.83 14.80
C LEU A 40 -16.95 29.06 13.94
N ASN A 41 -16.84 30.25 14.55
CA ASN A 41 -16.48 31.52 13.85
C ASN A 41 -14.97 31.52 13.57
N ARG A 42 -14.47 30.49 12.90
CA ARG A 42 -13.06 30.36 12.47
C ARG A 42 -12.99 29.47 11.21
N LEU A 43 -11.94 29.63 10.40
CA LEU A 43 -11.64 28.75 9.24
C LEU A 43 -10.64 27.69 9.70
N CYS A 44 -11.12 26.45 9.88
CA CYS A 44 -10.35 25.30 10.41
C CYS A 44 -9.49 24.72 9.29
N MET A 45 -8.19 25.02 9.29
CA MET A 45 -7.25 24.79 8.16
C MET A 45 -6.19 23.75 8.51
N LYS A 46 -6.38 22.96 9.57
CA LYS A 46 -5.45 21.85 9.93
C LYS A 46 -5.47 20.84 8.76
N GLY A 47 -4.29 20.39 8.34
CA GLY A 47 -4.13 19.39 7.26
C GLY A 47 -4.29 19.99 5.87
N ARG A 48 -4.41 21.31 5.76
CA ARG A 48 -4.63 22.04 4.48
C ARG A 48 -3.44 22.97 4.17
N ASN A 49 -2.84 22.81 2.99
CA ASN A 49 -1.88 23.78 2.38
C ASN A 49 -2.70 24.97 1.87
N HIS A 50 -3.10 25.87 2.79
CA HIS A 50 -4.04 26.99 2.53
C HIS A 50 -3.26 28.26 2.16
N LYS A 51 -3.96 29.23 1.58
CA LYS A 51 -3.45 30.58 1.20
C LYS A 51 -4.53 31.62 1.52
N ASP A 52 -4.28 32.47 2.51
CA ASP A 52 -5.16 33.62 2.86
C ASP A 52 -4.71 34.82 2.03
N LEU A 53 -5.54 35.24 1.06
CA LEU A 53 -5.23 36.37 0.15
C LEU A 53 -5.33 37.70 0.90
N GLY A 54 -5.94 37.73 2.09
CA GLY A 54 -6.18 38.98 2.83
C GLY A 54 -6.69 40.09 1.92
N ASN A 55 -5.87 41.12 1.71
CA ASN A 55 -6.21 42.37 1.01
C ASN A 55 -6.30 42.14 -0.51
N CYS A 56 -5.78 41.01 -1.01
CA CYS A 56 -5.61 40.69 -2.46
C CYS A 56 -6.86 39.96 -3.00
N HIS A 57 -7.44 40.47 -4.08
CA HIS A 57 -8.57 39.84 -4.82
C HIS A 57 -8.00 38.86 -5.85
N PRO A 58 -8.58 37.65 -6.02
CA PRO A 58 -7.98 36.63 -6.87
C PRO A 58 -7.57 37.10 -8.27
N ILE A 59 -8.38 37.93 -8.92
CA ILE A 59 -8.08 38.50 -10.27
C ILE A 59 -6.77 39.30 -10.20
N GLY A 60 -6.57 40.03 -9.11
CA GLY A 60 -5.34 40.82 -8.85
C GLY A 60 -4.07 40.00 -8.95
N MET A 61 -4.13 38.69 -8.70
CA MET A 61 -2.95 37.79 -8.70
C MET A 61 -2.48 37.56 -10.15
N LEU A 62 -3.38 37.69 -11.13
CA LEU A 62 -3.12 37.39 -12.56
C LEU A 62 -2.52 38.62 -13.25
N ILE A 63 -2.91 39.84 -12.84
CA ILE A 63 -2.49 41.11 -13.48
C ILE A 63 -1.42 41.79 -12.62
N GLY A 64 -1.33 41.44 -11.33
CA GLY A 64 -0.23 41.86 -10.43
C GLY A 64 -0.45 43.25 -9.88
N THR A 65 -1.60 43.47 -9.24
CA THR A 65 -1.89 44.68 -8.40
C THR A 65 -0.90 44.70 -7.25
N PRO A 66 -0.41 45.88 -6.81
CA PRO A 66 0.50 45.97 -5.67
C PRO A 66 0.11 45.07 -4.49
N ALA A 67 -1.14 45.21 -4.02
CA ALA A 67 -1.74 44.46 -2.89
C ALA A 67 -1.48 42.95 -3.02
N CYS A 68 -1.32 42.44 -4.25
CA CYS A 68 -1.23 40.98 -4.54
C CYS A 68 0.22 40.52 -4.70
N ASP A 69 1.21 41.40 -4.46
CA ASP A 69 2.64 41.16 -4.80
C ASP A 69 3.15 39.85 -4.17
N LEU A 70 2.62 39.47 -3.00
CA LEU A 70 3.02 38.23 -2.27
C LEU A 70 2.21 37.02 -2.74
N HIS A 71 1.36 37.18 -3.76
CA HIS A 71 0.39 36.16 -4.24
C HIS A 71 0.41 36.03 -5.78
N LEU A 72 1.52 36.32 -6.45
CA LEU A 72 1.62 36.28 -7.94
C LEU A 72 1.84 34.83 -8.41
N THR A 73 2.41 33.97 -7.56
CA THR A 73 2.60 32.52 -7.83
C THR A 73 2.37 31.75 -6.53
N GLY A 74 2.36 30.42 -6.59
CA GLY A 74 2.22 29.53 -5.41
C GLY A 74 1.43 28.29 -5.73
N THR A 75 1.33 27.37 -4.77
CA THR A 75 0.45 26.17 -4.81
C THR A 75 -0.35 26.12 -3.51
N TRP A 76 -1.60 25.67 -3.58
CA TRP A 76 -2.54 25.54 -2.43
C TRP A 76 -3.56 24.44 -2.72
N ASP A 77 -4.28 23.99 -1.71
CA ASP A 77 -5.48 23.12 -1.84
C ASP A 77 -6.71 23.89 -1.34
N THR A 78 -6.50 25.10 -0.80
CA THR A 78 -7.55 25.98 -0.22
C THR A 78 -7.14 27.44 -0.43
N LEU A 79 -8.05 28.25 -0.98
CA LEU A 79 -7.82 29.69 -1.27
C LEU A 79 -8.93 30.49 -0.59
N ILE A 80 -8.55 31.50 0.21
CA ILE A 80 -9.51 32.29 1.05
C ILE A 80 -9.52 33.74 0.55
N GLU A 81 -10.63 34.15 -0.05
CA GLU A 81 -10.91 35.55 -0.50
C GLU A 81 -11.57 36.28 0.66
N ARG A 82 -11.33 37.58 0.80
CA ARG A 82 -11.82 38.43 1.91
C ARG A 82 -12.66 39.57 1.34
N LYS A 83 -13.39 40.29 2.21
CA LYS A 83 -14.32 41.38 1.83
C LYS A 83 -13.50 42.61 1.44
N ASN A 84 -13.92 43.32 0.38
CA ASN A 84 -13.34 44.60 -0.09
C ASN A 84 -11.91 44.40 -0.56
N ALA A 85 -11.52 43.16 -0.91
CA ALA A 85 -10.18 42.82 -1.45
C ALA A 85 -9.96 43.61 -2.74
N ILE A 86 -8.71 44.03 -3.00
CA ILE A 86 -8.35 44.96 -4.11
C ILE A 86 -7.88 44.13 -5.31
N ALA A 87 -8.49 44.36 -6.47
CA ALA A 87 -8.16 43.74 -7.77
C ALA A 87 -7.54 44.78 -8.71
N TYR A 88 -8.01 46.03 -8.63
CA TYR A 88 -7.67 47.12 -9.60
C TYR A 88 -7.16 48.34 -8.82
N CYS A 89 -5.89 48.68 -9.02
CA CYS A 89 -5.29 49.95 -8.51
C CYS A 89 -5.80 51.10 -9.40
N TYR A 90 -5.62 50.98 -10.71
CA TYR A 90 -6.15 51.94 -11.73
C TYR A 90 -7.60 51.55 -12.03
N PRO A 91 -8.54 52.51 -12.05
CA PRO A 91 -9.96 52.20 -12.21
C PRO A 91 -10.27 51.38 -13.47
N GLY A 92 -11.20 50.41 -13.35
CA GLY A 92 -11.63 49.54 -14.45
C GLY A 92 -12.33 48.29 -13.95
N ALA A 93 -12.71 47.41 -14.87
CA ALA A 93 -13.40 46.12 -14.59
C ALA A 93 -12.86 45.05 -15.55
N THR A 94 -13.29 43.81 -15.36
CA THR A 94 -12.93 42.64 -16.20
C THR A 94 -14.21 42.05 -16.80
N VAL A 95 -14.30 41.98 -18.13
CA VAL A 95 -15.41 41.29 -18.85
C VAL A 95 -15.38 39.83 -18.40
N ASN A 96 -16.53 39.28 -18.00
CA ASN A 96 -16.67 37.91 -17.44
C ASN A 96 -15.93 37.83 -16.10
N GLU A 97 -15.95 38.91 -15.31
CA GLU A 97 -15.25 39.02 -14.00
C GLU A 97 -15.51 37.76 -13.17
N GLU A 98 -16.78 37.39 -13.00
CA GLU A 98 -17.22 36.36 -12.03
C GLU A 98 -16.81 34.96 -12.50
N ALA A 99 -16.83 34.71 -13.81
CA ALA A 99 -16.34 33.44 -14.42
C ALA A 99 -14.84 33.26 -14.12
N LEU A 100 -14.06 34.34 -14.26
CA LEU A 100 -12.58 34.35 -14.04
C LEU A 100 -12.30 34.14 -12.54
N ARG A 101 -12.93 34.91 -11.67
CA ARG A 101 -12.80 34.77 -10.19
C ARG A 101 -13.08 33.32 -9.81
N GLN A 102 -14.19 32.77 -10.28
CA GLN A 102 -14.64 31.38 -9.96
C GLN A 102 -13.57 30.39 -10.43
N LYS A 103 -12.97 30.63 -11.60
CA LYS A 103 -11.97 29.74 -12.24
C LYS A 103 -10.70 29.69 -11.38
N ILE A 104 -10.28 30.84 -10.85
CA ILE A 104 -9.08 30.98 -9.96
C ILE A 104 -9.36 30.25 -8.64
N MET A 105 -10.57 30.39 -8.10
CA MET A 105 -10.95 29.86 -6.77
C MET A 105 -11.20 28.34 -6.82
N GLU A 106 -11.21 27.72 -8.01
CA GLU A 106 -11.25 26.24 -8.18
C GLU A 106 -9.82 25.71 -8.32
N SER A 107 -8.86 26.58 -8.60
CA SER A 107 -7.45 26.20 -8.92
C SER A 107 -6.73 25.73 -7.66
N GLY A 108 -5.62 25.00 -7.84
CA GLY A 108 -4.72 24.56 -6.75
C GLY A 108 -3.35 25.22 -6.86
N GLY A 109 -3.28 26.42 -7.46
CA GLY A 109 -2.01 27.18 -7.61
C GLY A 109 -1.93 27.95 -8.92
N ILE A 110 -0.94 28.86 -9.02
CA ILE A 110 -0.64 29.70 -10.22
C ILE A 110 0.87 29.64 -10.51
N SER A 111 1.24 29.30 -11.75
CA SER A 111 2.58 29.49 -12.37
C SER A 111 2.53 30.71 -13.29
N LYS A 112 3.64 31.45 -13.43
CA LYS A 112 3.75 32.58 -14.39
C LYS A 112 4.77 32.22 -15.48
N ILE A 113 4.51 32.67 -16.71
CA ILE A 113 5.35 32.43 -17.92
C ILE A 113 5.54 33.76 -18.64
N ASN A 114 6.79 34.12 -18.95
CA ASN A 114 7.17 35.34 -19.71
C ASN A 114 6.60 35.24 -21.13
N THR A 115 6.00 36.32 -21.62
CA THR A 115 5.43 36.43 -23.00
C THR A 115 6.59 36.74 -23.97
N GLY A 116 7.60 37.48 -23.51
CA GLY A 116 8.80 37.84 -24.26
C GLY A 116 8.63 39.08 -25.11
N PHE A 117 7.40 39.63 -25.18
CA PHE A 117 6.99 40.75 -26.05
C PHE A 117 8.01 41.90 -25.99
N THR A 118 8.44 42.36 -27.16
CA THR A 118 9.35 43.52 -27.36
C THR A 118 8.68 44.55 -28.27
N TYR A 119 9.04 45.83 -28.10
CA TYR A 119 8.42 46.99 -28.79
C TYR A 119 9.51 47.91 -29.34
N GLY A 120 9.24 48.57 -30.47
CA GLY A 120 10.17 49.49 -31.15
C GLY A 120 10.58 50.66 -30.27
N SER A 121 11.50 51.50 -30.76
CA SER A 121 12.06 52.68 -30.04
C SER A 121 10.98 53.76 -29.85
N SER A 122 9.98 53.79 -30.73
CA SER A 122 8.87 54.79 -30.79
C SER A 122 7.77 54.47 -29.76
N ILE A 123 7.91 53.38 -29.00
CA ILE A 123 6.95 52.96 -27.93
C ILE A 123 7.63 53.03 -26.56
N ASN A 124 6.94 53.60 -25.57
CA ASN A 124 7.35 53.64 -24.15
C ASN A 124 6.61 52.52 -23.39
N SER A 125 7.33 51.46 -23.01
CA SER A 125 6.77 50.24 -22.38
C SER A 125 6.44 50.50 -20.92
N ALA A 126 7.27 51.28 -20.21
CA ALA A 126 7.24 51.46 -18.75
C ALA A 126 6.39 52.68 -18.35
N GLY A 127 5.19 52.82 -18.92
CA GLY A 127 4.19 53.83 -18.51
C GLY A 127 3.67 53.54 -17.11
N THR A 128 3.60 54.57 -16.25
CA THR A 128 3.30 54.47 -14.80
C THR A 128 2.15 55.40 -14.43
N THR A 129 1.56 55.19 -13.24
CA THR A 129 0.41 55.97 -12.72
C THR A 129 0.52 56.15 -11.20
N LYS A 130 -0.09 57.22 -10.68
CA LYS A 130 -0.08 57.60 -9.24
C LYS A 130 -0.96 56.63 -8.43
N ALA A 131 -1.90 55.96 -9.09
CA ALA A 131 -2.90 55.05 -8.47
C ALA A 131 -2.22 53.77 -7.98
N CYS A 132 -1.31 53.22 -8.79
CA CYS A 132 -0.62 51.91 -8.56
C CYS A 132 0.75 52.17 -7.92
N MET A 133 0.75 52.49 -6.62
CA MET A 133 1.99 52.83 -5.87
C MET A 133 2.67 51.55 -5.40
N ARG A 134 4.01 51.55 -5.41
CA ARG A 134 4.87 50.37 -5.11
C ARG A 134 6.28 50.87 -4.79
N ASN A 135 6.84 50.49 -3.64
CA ASN A 135 8.16 50.95 -3.12
C ASN A 135 8.08 52.46 -2.83
N GLY A 136 6.88 52.98 -2.57
CA GLY A 136 6.63 54.41 -2.27
C GLY A 136 6.68 55.30 -3.50
N GLY A 137 6.85 54.73 -4.70
CA GLY A 137 6.94 55.44 -5.99
C GLY A 137 5.91 54.95 -6.98
N ASN A 138 5.53 55.81 -7.95
CA ASN A 138 4.53 55.48 -9.01
C ASN A 138 4.97 54.20 -9.72
N SER A 139 4.00 53.36 -10.11
CA SER A 139 4.21 52.02 -10.72
C SER A 139 2.99 51.62 -11.56
N PHE A 140 2.83 50.33 -11.84
CA PHE A 140 1.75 49.76 -12.69
C PHE A 140 1.61 48.27 -12.39
N TYR A 141 0.54 47.65 -12.89
CA TYR A 141 0.30 46.18 -12.82
C TYR A 141 1.60 45.47 -13.23
N ALA A 142 2.07 44.55 -12.38
CA ALA A 142 3.40 43.89 -12.51
C ALA A 142 3.43 42.97 -13.75
N GLU A 143 2.27 42.43 -14.16
CA GLU A 143 2.18 41.38 -15.20
C GLU A 143 1.74 41.99 -16.54
N LEU A 144 1.59 43.31 -16.60
CA LEU A 144 1.17 44.05 -17.83
C LEU A 144 2.09 45.26 -18.03
N LYS A 145 2.15 45.78 -19.26
CA LYS A 145 2.90 47.00 -19.64
C LYS A 145 1.94 47.99 -20.30
N TRP A 146 1.94 49.25 -19.85
CA TRP A 146 1.16 50.36 -20.46
C TRP A 146 1.93 50.94 -21.64
N LEU A 147 1.55 50.55 -22.87
CA LEU A 147 2.20 50.96 -24.13
C LEU A 147 1.68 52.32 -24.58
N VAL A 148 2.56 53.32 -24.60
CA VAL A 148 2.29 54.72 -25.05
C VAL A 148 3.40 55.15 -26.01
N SER A 149 3.14 56.13 -26.88
CA SER A 149 4.15 56.79 -27.75
C SER A 149 5.16 57.53 -26.88
N LYS A 150 6.44 57.54 -27.29
CA LYS A 150 7.55 58.17 -26.52
C LYS A 150 7.55 59.69 -26.80
N ASN A 151 7.21 60.07 -28.04
CA ASN A 151 7.00 61.48 -28.46
C ASN A 151 5.51 61.81 -28.37
N LYS A 152 5.12 62.68 -27.43
CA LYS A 152 3.71 63.04 -27.14
C LYS A 152 3.05 63.60 -28.41
N GLY A 153 1.84 63.13 -28.72
CA GLY A 153 1.06 63.53 -29.91
C GLY A 153 1.26 62.59 -31.09
N GLN A 154 2.45 62.02 -31.23
CA GLN A 154 2.85 61.14 -32.36
C GLN A 154 1.91 59.93 -32.43
N ASN A 155 1.48 59.55 -33.65
CA ASN A 155 0.70 58.32 -33.93
C ASN A 155 1.48 57.10 -33.44
N PHE A 156 0.78 56.12 -32.86
CA PHE A 156 1.38 54.91 -32.22
C PHE A 156 1.71 53.90 -33.32
N PRO A 157 2.96 53.35 -33.34
CA PRO A 157 3.36 52.38 -34.35
C PRO A 157 2.43 51.15 -34.39
N GLN A 158 1.86 50.86 -35.56
CA GLN A 158 1.14 49.59 -35.83
C GLN A 158 2.11 48.44 -35.53
N THR A 159 1.92 47.78 -34.38
CA THR A 159 2.80 46.68 -33.88
C THR A 159 2.01 45.37 -33.84
N THR A 160 2.73 44.24 -33.91
CA THR A 160 2.18 42.86 -33.82
C THR A 160 3.04 42.05 -32.85
N ASN A 161 2.41 41.49 -31.81
CA ASN A 161 3.05 40.64 -30.77
C ASN A 161 2.29 39.32 -30.71
N THR A 162 3.00 38.20 -30.66
CA THR A 162 2.43 36.82 -30.69
C THR A 162 3.07 35.98 -29.58
N TYR A 163 2.24 35.44 -28.69
CA TYR A 163 2.65 34.45 -27.66
C TYR A 163 2.30 33.05 -28.16
N ARG A 164 3.26 32.13 -28.10
CA ARG A 164 3.05 30.69 -28.36
C ARG A 164 3.07 29.95 -27.01
N ASN A 165 2.14 29.03 -26.81
CA ASN A 165 2.07 28.13 -25.62
C ASN A 165 2.97 26.92 -25.88
N ALA A 166 4.18 26.93 -25.33
CA ALA A 166 5.19 25.86 -25.47
C ALA A 166 4.90 24.71 -24.49
N ASP A 167 4.02 24.96 -23.52
CA ASP A 167 3.71 24.06 -22.38
C ASP A 167 2.78 22.93 -22.86
N THR A 168 2.53 21.93 -21.99
CA THR A 168 1.68 20.75 -22.25
C THR A 168 0.26 20.99 -21.70
N ALA A 169 0.05 22.06 -20.92
CA ALA A 169 -1.26 22.45 -20.32
C ALA A 169 -1.63 23.86 -20.79
N GLU A 170 -2.93 24.17 -20.79
CA GLU A 170 -3.50 25.47 -21.26
C GLU A 170 -3.02 26.60 -20.34
N HIS A 171 -2.85 27.80 -20.90
CA HIS A 171 -2.40 29.04 -20.20
C HIS A 171 -3.50 30.10 -20.27
N LEU A 172 -3.60 30.92 -19.22
CA LEU A 172 -4.61 31.99 -19.09
C LEU A 172 -3.93 33.34 -19.35
N ILE A 173 -4.13 33.88 -20.56
CA ILE A 173 -3.56 35.20 -20.97
C ILE A 173 -4.61 36.28 -20.68
N MET A 174 -4.16 37.40 -20.10
CA MET A 174 -5.00 38.58 -19.79
C MET A 174 -4.35 39.81 -20.41
N TRP A 175 -5.16 40.71 -20.96
CA TRP A 175 -4.72 42.03 -21.46
C TRP A 175 -5.77 43.08 -21.08
N GLY A 176 -5.40 44.36 -21.20
CA GLY A 176 -6.27 45.52 -20.92
C GLY A 176 -6.40 46.41 -22.13
N ILE A 177 -7.53 47.10 -22.23
CA ILE A 177 -7.79 48.18 -23.22
C ILE A 177 -8.01 49.47 -22.42
N HIS A 178 -7.16 50.48 -22.63
CA HIS A 178 -7.27 51.80 -21.93
C HIS A 178 -8.26 52.68 -22.71
N HIS A 179 -9.38 53.01 -22.06
CA HIS A 179 -10.42 53.95 -22.53
C HIS A 179 -10.19 55.31 -21.88
N PRO A 180 -9.50 56.25 -22.56
CA PRO A 180 -9.17 57.54 -21.96
C PRO A 180 -10.38 58.45 -21.74
N SER A 181 -10.22 59.46 -20.88
CA SER A 181 -11.26 60.41 -20.43
C SER A 181 -11.72 61.29 -21.61
N SER A 182 -10.79 61.93 -22.30
CA SER A 182 -11.04 63.01 -23.30
C SER A 182 -10.31 62.72 -24.63
N THR A 183 -10.78 63.32 -25.73
CA THR A 183 -10.13 63.27 -27.08
C THR A 183 -8.75 63.93 -27.02
N GLN A 184 -8.53 64.85 -26.08
CA GLN A 184 -7.22 65.50 -25.82
C GLN A 184 -6.21 64.45 -25.34
N GLU A 185 -6.58 63.66 -24.32
CA GLU A 185 -5.71 62.64 -23.67
C GLU A 185 -5.35 61.54 -24.69
N LYS A 186 -6.34 61.09 -25.49
CA LYS A 186 -6.21 59.99 -26.49
C LYS A 186 -5.14 60.37 -27.53
N ASN A 187 -5.35 61.51 -28.21
CA ASN A 187 -4.43 62.05 -29.25
C ASN A 187 -3.03 62.26 -28.65
N ASP A 188 -2.96 62.58 -27.36
CA ASP A 188 -1.72 62.92 -26.61
C ASP A 188 -0.84 61.66 -26.46
N LEU A 189 -1.46 60.48 -26.31
CA LEU A 189 -0.79 59.20 -25.93
C LEU A 189 -0.64 58.26 -27.13
N TYR A 190 -1.64 58.22 -28.02
CA TYR A 190 -1.73 57.24 -29.14
C TYR A 190 -1.81 57.93 -30.52
N GLY A 191 -2.14 59.22 -30.57
CA GLY A 191 -2.18 60.03 -31.81
C GLY A 191 -3.58 60.19 -32.35
N THR A 192 -3.74 61.02 -33.39
CA THR A 192 -5.04 61.47 -33.96
C THR A 192 -5.76 60.29 -34.64
N GLN A 193 -5.01 59.32 -35.19
CA GLN A 193 -5.53 58.20 -36.02
C GLN A 193 -6.62 57.43 -35.28
N SER A 194 -7.59 56.88 -36.02
CA SER A 194 -8.58 55.89 -35.56
C SER A 194 -7.82 54.68 -34.97
N LEU A 195 -8.23 54.21 -33.78
CA LEU A 195 -7.54 53.13 -33.04
C LEU A 195 -8.32 51.82 -33.17
N SER A 196 -7.60 50.72 -33.42
CA SER A 196 -8.13 49.33 -33.49
C SER A 196 -7.15 48.38 -32.79
N ILE A 197 -7.67 47.41 -32.05
CA ILE A 197 -6.89 46.37 -31.32
C ILE A 197 -7.52 45.01 -31.61
N SER A 198 -6.85 44.18 -32.42
CA SER A 198 -7.29 42.82 -32.77
C SER A 198 -6.49 41.80 -31.95
N VAL A 199 -7.20 40.81 -31.41
CA VAL A 199 -6.63 39.64 -30.67
C VAL A 199 -7.19 38.38 -31.33
N GLY A 200 -6.31 37.46 -31.73
CA GLY A 200 -6.69 36.24 -32.47
C GLY A 200 -5.84 35.04 -32.09
N SER A 201 -6.49 33.90 -31.85
CA SER A 201 -5.89 32.57 -31.64
C SER A 201 -6.52 31.60 -32.64
N SER A 202 -6.34 30.28 -32.46
CA SER A 202 -7.04 29.23 -33.23
C SER A 202 -8.53 29.24 -32.86
N THR A 203 -8.83 29.39 -31.57
CA THR A 203 -10.18 29.22 -30.97
C THR A 203 -10.84 30.59 -30.75
N TYR A 204 -10.12 31.53 -30.11
CA TYR A 204 -10.61 32.87 -29.71
C TYR A 204 -10.29 33.89 -30.82
N LYS A 205 -11.15 34.88 -30.97
CA LYS A 205 -10.98 36.03 -31.90
C LYS A 205 -11.92 37.15 -31.45
N ASN A 206 -11.45 38.41 -31.46
CA ASN A 206 -12.20 39.58 -30.93
C ASN A 206 -11.48 40.88 -31.30
N ASN A 207 -12.26 41.95 -31.50
CA ASN A 207 -11.76 43.31 -31.82
C ASN A 207 -12.21 44.28 -30.73
N PHE A 208 -11.37 45.29 -30.44
CA PHE A 208 -11.57 46.27 -29.34
C PHE A 208 -11.22 47.68 -29.83
N VAL A 209 -12.12 48.64 -29.58
CA VAL A 209 -11.95 50.08 -29.95
C VAL A 209 -11.98 50.90 -28.65
N PRO A 210 -10.87 51.58 -28.28
CA PRO A 210 -10.85 52.43 -27.09
C PRO A 210 -11.84 53.59 -27.24
N VAL A 211 -12.99 53.52 -26.56
CA VAL A 211 -14.04 54.57 -26.54
C VAL A 211 -13.57 55.71 -25.62
N VAL A 212 -13.83 56.96 -26.02
CA VAL A 212 -13.43 58.20 -25.29
C VAL A 212 -14.68 58.98 -24.91
N GLY A 213 -14.82 59.38 -23.64
CA GLY A 213 -16.01 60.13 -23.15
C GLY A 213 -15.87 60.55 -21.70
N ALA A 214 -16.43 61.71 -21.34
CA ALA A 214 -16.40 62.30 -19.98
C ALA A 214 -17.05 61.34 -18.99
N ARG A 215 -16.46 61.16 -17.81
CA ARG A 215 -16.96 60.25 -16.74
C ARG A 215 -16.35 60.64 -15.39
N PRO A 216 -17.03 60.31 -14.27
CA PRO A 216 -16.54 60.64 -12.94
C PRO A 216 -15.15 60.07 -12.62
N GLN A 217 -14.45 60.71 -11.68
CA GLN A 217 -13.10 60.30 -11.21
C GLN A 217 -13.24 59.22 -10.15
N VAL A 218 -12.55 58.09 -10.34
CA VAL A 218 -12.36 56.99 -9.33
C VAL A 218 -10.88 57.00 -8.92
N ASN A 219 -10.60 57.40 -7.68
CA ASN A 219 -9.22 57.68 -7.16
C ASN A 219 -8.61 58.85 -7.95
N GLY A 220 -9.42 59.86 -8.27
CA GLY A 220 -8.99 61.10 -8.94
C GLY A 220 -8.60 60.90 -10.38
N LEU A 221 -9.08 59.83 -11.04
CA LEU A 221 -8.76 59.46 -12.44
C LEU A 221 -10.05 59.13 -13.21
N SER A 222 -10.33 59.86 -14.29
CA SER A 222 -11.52 59.68 -15.17
C SER A 222 -11.26 58.57 -16.21
N GLY A 223 -10.01 58.16 -16.40
CA GLY A 223 -9.64 57.07 -17.33
C GLY A 223 -10.09 55.72 -16.81
N ARG A 224 -10.27 54.74 -17.70
CA ARG A 224 -10.61 53.33 -17.36
C ARG A 224 -9.69 52.38 -18.12
N ILE A 225 -9.22 51.32 -17.47
CA ILE A 225 -8.54 50.15 -18.10
C ILE A 225 -9.42 48.92 -17.88
N ASP A 226 -10.18 48.52 -18.89
CA ASP A 226 -11.05 47.31 -18.85
C ASP A 226 -10.20 46.11 -19.30
N PHE A 227 -10.24 45.01 -18.53
CA PHE A 227 -9.42 43.79 -18.74
C PHE A 227 -10.25 42.71 -19.45
N HIS A 228 -9.61 41.95 -20.34
CA HIS A 228 -10.18 40.78 -21.05
C HIS A 228 -9.26 39.58 -20.83
N TRP A 229 -9.73 38.37 -21.11
CA TRP A 229 -8.97 37.13 -20.88
C TRP A 229 -9.49 36.01 -21.79
N THR A 230 -8.66 35.00 -22.04
CA THR A 230 -9.00 33.75 -22.76
C THR A 230 -7.96 32.68 -22.42
N LEU A 231 -8.32 31.41 -22.57
CA LEU A 231 -7.37 30.27 -22.50
C LEU A 231 -6.67 30.13 -23.85
N VAL A 232 -5.38 29.78 -23.82
CA VAL A 232 -4.56 29.45 -25.02
C VAL A 232 -4.13 27.99 -24.90
N GLN A 233 -4.64 27.11 -25.78
CA GLN A 233 -4.37 25.65 -25.71
C GLN A 233 -2.90 25.38 -26.00
N PRO A 234 -2.37 24.20 -25.58
CA PRO A 234 -0.99 23.82 -25.89
C PRO A 234 -0.65 23.83 -27.39
N GLY A 235 0.50 24.40 -27.75
CA GLY A 235 1.03 24.43 -29.13
C GLY A 235 0.38 25.50 -29.99
N ASP A 236 -0.57 26.26 -29.43
CA ASP A 236 -1.38 27.26 -30.16
C ASP A 236 -0.79 28.65 -29.90
N LYS A 237 -1.05 29.61 -30.81
CA LYS A 237 -0.52 30.99 -30.75
C LYS A 237 -1.68 31.96 -30.52
N ILE A 238 -1.40 33.09 -29.86
CA ILE A 238 -2.35 34.25 -29.77
C ILE A 238 -1.58 35.50 -30.20
N THR A 239 -2.18 36.30 -31.10
CA THR A 239 -1.52 37.45 -31.77
C THR A 239 -2.28 38.73 -31.43
N PHE A 240 -1.55 39.79 -31.06
CA PHE A 240 -2.07 41.12 -30.68
C PHE A 240 -1.70 42.15 -31.76
N SER A 241 -2.63 42.44 -32.67
CA SER A 241 -2.54 43.55 -33.66
C SER A 241 -3.12 44.81 -33.02
N HIS A 242 -2.31 45.86 -32.85
CA HIS A 242 -2.73 47.12 -32.17
C HIS A 242 -1.95 48.33 -32.72
N ASN A 243 -2.64 49.46 -32.87
CA ASN A 243 -2.07 50.77 -33.26
C ASN A 243 -2.23 51.76 -32.09
N GLY A 244 -2.20 51.26 -30.85
CA GLY A 244 -2.25 52.07 -29.61
C GLY A 244 -3.51 51.82 -28.81
N GLY A 245 -3.40 51.86 -27.48
CA GLY A 245 -4.53 51.69 -26.55
C GLY A 245 -4.52 50.31 -25.90
N LEU A 246 -3.58 49.44 -26.26
CA LEU A 246 -3.43 48.09 -25.67
C LEU A 246 -2.58 48.18 -24.39
N ILE A 247 -3.03 47.52 -23.33
CA ILE A 247 -2.24 47.19 -22.11
C ILE A 247 -1.83 45.72 -22.24
N ALA A 248 -0.57 45.47 -22.62
CA ALA A 248 -0.08 44.16 -23.10
C ALA A 248 0.49 43.36 -21.94
N PRO A 249 0.34 42.02 -21.95
CA PRO A 249 0.91 41.16 -20.92
C PRO A 249 2.44 41.00 -21.06
N SER A 250 3.17 41.17 -19.96
CA SER A 250 4.59 40.73 -19.80
C SER A 250 4.61 39.23 -19.50
N ARG A 251 3.62 38.76 -18.73
CA ARG A 251 3.49 37.33 -18.35
C ARG A 251 2.05 36.85 -18.55
N VAL A 252 1.90 35.56 -18.91
CA VAL A 252 0.62 34.81 -18.86
C VAL A 252 0.63 33.97 -17.59
N SER A 253 -0.54 33.45 -17.20
CA SER A 253 -0.75 32.63 -15.99
C SER A 253 -1.08 31.19 -16.40
N LYS A 254 -0.80 30.24 -15.52
CA LYS A 254 -1.22 28.81 -15.64
C LYS A 254 -1.83 28.38 -14.32
N LEU A 255 -3.12 28.03 -14.31
CA LEU A 255 -3.83 27.47 -13.13
C LEU A 255 -3.45 25.99 -13.03
N ILE A 256 -3.00 25.55 -11.85
CA ILE A 256 -2.48 24.17 -11.62
C ILE A 256 -3.45 23.43 -10.68
N GLY A 257 -3.85 22.21 -11.05
CA GLY A 257 -4.61 21.28 -10.19
C GLY A 257 -5.91 21.90 -9.69
N ARG A 258 -6.39 21.42 -8.53
CA ARG A 258 -7.71 21.74 -7.96
C ARG A 258 -7.56 22.22 -6.52
N GLY A 259 -8.49 23.06 -6.07
CA GLY A 259 -8.54 23.61 -4.71
C GLY A 259 -9.91 24.13 -4.33
N LEU A 260 -10.19 24.19 -3.01
CA LEU A 260 -11.48 24.66 -2.46
C LEU A 260 -11.40 26.17 -2.21
N GLY A 261 -12.20 26.95 -2.93
CA GLY A 261 -12.33 28.41 -2.74
C GLY A 261 -13.32 28.74 -1.63
N ILE A 262 -12.89 29.54 -0.66
CA ILE A 262 -13.73 29.99 0.49
C ILE A 262 -13.79 31.52 0.51
N GLN A 263 -14.99 32.09 0.54
CA GLN A 263 -15.23 33.53 0.82
C GLN A 263 -15.73 33.62 2.27
N SER A 264 -14.97 34.27 3.15
CA SER A 264 -15.27 34.37 4.60
C SER A 264 -14.54 35.56 5.22
N GLU A 265 -15.09 36.11 6.31
CA GLU A 265 -14.47 37.20 7.12
C GLU A 265 -13.79 36.61 8.36
N ALA A 266 -13.97 35.31 8.61
CA ALA A 266 -13.57 34.64 9.87
C ALA A 266 -12.07 34.39 9.90
N PRO A 267 -11.42 34.50 11.09
CA PRO A 267 -9.98 34.24 11.21
C PRO A 267 -9.61 32.76 11.03
N ILE A 268 -8.34 32.49 10.74
CA ILE A 268 -7.76 31.14 10.49
C ILE A 268 -7.48 30.48 11.84
N ASP A 269 -7.40 29.14 11.86
CA ASP A 269 -7.01 28.31 13.04
C ASP A 269 -6.47 26.97 12.53
N ASN A 270 -5.15 26.76 12.64
CA ASN A 270 -4.44 25.57 12.08
C ASN A 270 -4.42 24.42 13.09
N SER A 271 -5.16 24.53 14.20
CA SER A 271 -5.30 23.46 15.24
C SER A 271 -6.55 22.62 14.95
N CYS A 272 -7.57 23.21 14.35
CA CYS A 272 -8.92 22.64 14.11
C CYS A 272 -9.06 22.17 12.65
N GLU A 273 -9.76 21.06 12.43
CA GLU A 273 -9.97 20.39 11.11
C GLU A 273 -11.43 20.59 10.67
N SER A 274 -11.68 20.74 9.37
CA SER A 274 -13.04 20.86 8.78
C SER A 274 -13.03 20.54 7.29
N LYS A 275 -14.19 20.15 6.74
CA LYS A 275 -14.40 19.92 5.29
C LYS A 275 -15.61 20.74 4.81
N CYS A 276 -16.21 21.56 5.68
CA CYS A 276 -17.40 22.39 5.38
C CYS A 276 -17.17 23.81 5.89
N PHE A 277 -17.43 24.81 5.05
CA PHE A 277 -17.15 26.23 5.32
C PHE A 277 -18.32 27.08 4.80
N TRP A 278 -18.49 28.25 5.41
CA TRP A 278 -19.49 29.28 4.99
C TRP A 278 -18.96 30.65 5.41
N ARG A 279 -19.65 31.73 5.04
CA ARG A 279 -19.25 33.13 5.34
C ARG A 279 -18.78 33.22 6.78
N GLY A 280 -19.55 32.60 7.70
CA GLY A 280 -19.42 32.74 9.16
C GLY A 280 -18.38 31.82 9.78
N GLY A 281 -17.84 30.86 9.03
CA GLY A 281 -16.72 30.01 9.51
C GLY A 281 -16.85 28.55 9.08
N SER A 282 -16.55 27.62 9.98
CA SER A 282 -16.47 26.15 9.73
C SER A 282 -17.66 25.42 10.36
N ILE A 283 -17.95 24.21 9.88
CA ILE A 283 -19.03 23.31 10.38
C ILE A 283 -18.44 21.89 10.49
N ASN A 284 -18.17 21.43 11.73
CA ASN A 284 -17.39 20.22 12.05
C ASN A 284 -18.31 19.04 12.38
N THR A 285 -19.61 19.29 12.42
CA THR A 285 -20.66 18.35 12.92
C THR A 285 -20.64 17.04 12.14
N ARG A 286 -20.96 15.94 12.83
CA ARG A 286 -21.14 14.59 12.23
C ARG A 286 -22.62 14.42 11.85
N LEU A 287 -23.47 15.36 12.28
CA LEU A 287 -24.95 15.35 12.05
C LEU A 287 -25.24 15.51 10.56
N PRO A 288 -26.35 14.92 10.06
CA PRO A 288 -26.68 14.92 8.63
C PRO A 288 -27.27 16.24 8.08
N PHE A 289 -27.84 17.07 8.95
CA PHE A 289 -28.54 18.33 8.59
C PHE A 289 -27.94 19.49 9.39
N GLN A 290 -28.32 20.72 9.03
CA GLN A 290 -27.67 21.98 9.46
C GLN A 290 -28.62 23.13 9.10
N ASN A 291 -28.76 24.14 9.96
CA ASN A 291 -29.67 25.31 9.72
C ASN A 291 -28.92 26.63 9.91
N LEU A 292 -27.62 26.64 9.61
CA LEU A 292 -26.73 27.82 9.76
C LEU A 292 -26.79 28.68 8.50
N SER A 293 -26.60 28.09 7.32
CA SER A 293 -26.63 28.82 6.02
C SER A 293 -26.95 27.86 4.87
N PRO A 294 -27.76 28.31 3.88
CA PRO A 294 -27.89 27.61 2.61
C PRO A 294 -26.69 27.78 1.67
N ARG A 295 -25.83 28.77 1.94
CA ARG A 295 -24.56 29.01 1.19
C ARG A 295 -23.39 28.38 1.95
N THR A 296 -22.98 27.16 1.56
CA THR A 296 -21.80 26.44 2.13
C THR A 296 -20.94 25.91 0.98
N VAL A 297 -19.70 25.50 1.27
CA VAL A 297 -18.75 24.90 0.29
C VAL A 297 -18.03 23.73 0.98
N GLY A 298 -17.68 22.71 0.21
CA GLY A 298 -17.01 21.48 0.68
C GLY A 298 -17.99 20.34 0.85
N GLN A 299 -17.65 19.37 1.70
CA GLN A 299 -18.52 18.21 2.04
C GLN A 299 -19.36 18.58 3.25
N CYS A 300 -20.64 18.88 3.04
CA CYS A 300 -21.50 19.60 4.01
C CYS A 300 -22.76 18.81 4.37
N PRO A 301 -23.23 18.95 5.63
CA PRO A 301 -24.59 18.54 5.97
C PRO A 301 -25.55 19.41 5.14
N LYS A 302 -26.72 18.87 4.81
CA LYS A 302 -27.73 19.54 3.97
C LYS A 302 -28.44 20.61 4.81
N TYR A 303 -28.70 21.77 4.22
CA TYR A 303 -29.44 22.87 4.87
C TYR A 303 -30.92 22.47 4.97
N VAL A 304 -31.54 22.70 6.13
CA VAL A 304 -33.00 22.45 6.36
C VAL A 304 -33.61 23.67 7.06
N ASN A 305 -34.89 23.98 6.79
CA ASN A 305 -35.65 25.05 7.47
C ASN A 305 -36.26 24.47 8.77
N LYS A 306 -35.40 24.08 9.70
CA LYS A 306 -35.78 23.39 10.97
C LYS A 306 -34.78 23.76 12.07
N LYS A 307 -35.29 24.24 13.21
CA LYS A 307 -34.48 24.54 14.42
C LYS A 307 -33.89 23.23 14.94
N SER A 308 -34.75 22.22 15.13
CA SER A 308 -34.43 20.92 15.80
C SER A 308 -35.25 19.78 15.18
N LEU A 309 -34.63 18.61 15.05
CA LEU A 309 -35.27 17.33 14.65
C LEU A 309 -34.71 16.22 15.55
N MET A 310 -35.45 15.82 16.57
CA MET A 310 -35.00 14.83 17.57
C MET A 310 -35.33 13.42 17.09
N LEU A 311 -34.30 12.58 16.98
CA LEU A 311 -34.41 11.15 16.56
C LEU A 311 -34.43 10.27 17.82
N ALA A 312 -35.54 9.56 18.06
CA ALA A 312 -35.72 8.65 19.21
C ALA A 312 -34.63 7.59 19.19
N THR A 313 -33.97 7.36 20.34
CA THR A 313 -32.91 6.34 20.55
C THR A 313 -33.32 5.38 21.67
N GLY A 314 -34.61 5.38 22.03
CA GLY A 314 -35.18 4.47 23.04
C GLY A 314 -36.68 4.33 22.90
N MET A 315 -37.28 3.44 23.71
CA MET A 315 -38.72 3.09 23.66
C MET A 315 -39.56 4.24 24.22
N ARG A 316 -40.88 4.16 24.05
CA ARG A 316 -41.86 5.03 24.74
C ARG A 316 -41.51 5.04 26.23
N ASN A 317 -41.45 6.23 26.83
CA ASN A 317 -41.28 6.39 28.30
C ASN A 317 -42.67 6.40 28.93
N VAL A 318 -42.98 5.36 29.72
CA VAL A 318 -44.24 5.27 30.51
C VAL A 318 -43.84 5.28 31.99
N PRO A 319 -43.85 6.47 32.64
CA PRO A 319 -43.27 6.61 33.98
C PRO A 319 -44.21 6.09 35.07
N GLU A 320 -43.69 5.90 36.29
CA GLU A 320 -44.23 4.95 37.30
C GLU A 320 -45.58 5.48 37.79
N LEU A 321 -45.70 6.77 38.12
CA LEU A 321 -47.01 7.43 38.42
C LEU A 321 -47.63 7.93 37.11
N GLY B 1 -49.10 0.16 21.88
CA GLY B 1 -48.81 0.53 20.44
C GLY B 1 -49.16 -0.60 19.50
N LEU B 2 -48.41 -0.77 18.40
CA LEU B 2 -48.67 -1.84 17.39
C LEU B 2 -48.76 -3.21 18.07
N PHE B 3 -47.84 -3.53 19.00
CA PHE B 3 -47.66 -4.89 19.58
C PHE B 3 -48.34 -5.00 20.95
N GLY B 4 -48.87 -3.89 21.48
CA GLY B 4 -49.85 -3.89 22.59
C GLY B 4 -49.25 -4.17 23.95
N ALA B 5 -47.91 -4.18 24.09
CA ALA B 5 -47.21 -4.46 25.37
C ALA B 5 -46.83 -3.14 26.07
N ILE B 6 -45.88 -2.39 25.51
CA ILE B 6 -45.38 -1.12 26.10
C ILE B 6 -46.43 -0.04 25.84
N ALA B 7 -46.88 0.64 26.90
CA ALA B 7 -48.06 1.55 26.91
C ALA B 7 -49.29 0.74 26.49
N GLY B 8 -49.31 -0.54 26.85
CA GLY B 8 -50.38 -1.49 26.54
C GLY B 8 -50.78 -2.28 27.77
N PHE B 9 -50.74 -3.62 27.70
CA PHE B 9 -51.18 -4.52 28.79
C PHE B 9 -50.18 -4.43 29.96
N ILE B 10 -48.92 -4.05 29.70
CA ILE B 10 -47.94 -3.66 30.75
C ILE B 10 -48.21 -2.19 31.11
N GLU B 11 -48.71 -1.95 32.33
CA GLU B 11 -49.35 -0.67 32.74
C GLU B 11 -48.33 0.48 32.69
N ASN B 12 -47.08 0.24 33.10
CA ASN B 12 -46.04 1.29 33.13
C ASN B 12 -44.64 0.66 33.17
N GLY B 13 -43.61 1.49 33.01
CA GLY B 13 -42.20 1.09 33.06
C GLY B 13 -41.66 1.08 34.48
N TRP B 14 -40.43 0.57 34.66
CA TRP B 14 -39.76 0.44 35.97
C TRP B 14 -38.55 1.38 36.04
N GLU B 15 -38.69 2.51 36.73
CA GLU B 15 -37.58 3.47 37.00
C GLU B 15 -36.48 2.75 37.79
N GLY B 16 -36.86 1.75 38.60
CA GLY B 16 -35.94 0.92 39.41
C GLY B 16 -34.95 0.11 38.57
N MET B 17 -35.32 -0.27 37.34
CA MET B 17 -34.50 -1.16 36.48
C MET B 17 -33.51 -0.32 35.67
N VAL B 18 -32.23 -0.35 36.06
CA VAL B 18 -31.17 0.57 35.55
C VAL B 18 -30.01 -0.24 34.94
N ASP B 19 -30.16 -1.56 34.79
CA ASP B 19 -29.10 -2.46 34.26
C ASP B 19 -29.58 -3.15 32.97
N GLY B 20 -30.65 -2.62 32.35
CA GLY B 20 -31.25 -3.18 31.13
C GLY B 20 -32.54 -2.48 30.75
N TRP B 21 -33.06 -2.76 29.55
CA TRP B 21 -34.29 -2.16 28.97
C TRP B 21 -35.50 -3.03 29.33
N TYR B 22 -35.33 -4.35 29.24
CA TYR B 22 -36.35 -5.38 29.52
C TYR B 22 -35.85 -6.28 30.65
N GLY B 23 -36.76 -6.82 31.46
CA GLY B 23 -36.41 -7.78 32.53
C GLY B 23 -37.61 -8.26 33.30
N PHE B 24 -37.34 -8.94 34.43
CA PHE B 24 -38.32 -9.70 35.23
C PHE B 24 -38.39 -9.15 36.66
N ARG B 25 -39.59 -9.21 37.26
CA ARG B 25 -39.81 -9.16 38.73
C ARG B 25 -40.59 -10.43 39.13
N HIS B 26 -40.15 -11.12 40.18
CA HIS B 26 -40.82 -12.33 40.71
C HIS B 26 -41.18 -12.13 42.19
N GLN B 27 -42.20 -12.86 42.66
CA GLN B 27 -42.52 -13.00 44.11
C GLN B 27 -42.78 -14.48 44.39
N ASN B 28 -42.04 -15.06 45.34
CA ASN B 28 -42.19 -16.45 45.83
C ASN B 28 -42.15 -16.41 47.37
N ALA B 29 -42.17 -17.58 48.02
CA ALA B 29 -42.02 -17.73 49.49
C ALA B 29 -40.79 -16.96 49.97
N GLN B 30 -39.65 -17.22 49.32
CA GLN B 30 -38.30 -16.68 49.63
C GLN B 30 -38.29 -15.14 49.64
N GLY B 31 -39.13 -14.51 48.81
CA GLY B 31 -39.30 -13.04 48.77
C GLY B 31 -39.40 -12.50 47.35
N THR B 32 -38.95 -11.25 47.16
CA THR B 32 -39.04 -10.49 45.88
C THR B 32 -37.65 -10.43 45.23
N GLY B 33 -37.61 -10.35 43.89
CA GLY B 33 -36.38 -10.18 43.10
C GLY B 33 -36.63 -9.38 41.82
N GLN B 34 -35.55 -8.86 41.22
CA GLN B 34 -35.56 -8.14 39.92
C GLN B 34 -34.26 -8.45 39.17
N ALA B 35 -34.34 -8.72 37.87
CA ALA B 35 -33.18 -9.00 37.00
C ALA B 35 -33.47 -8.55 35.57
N ALA B 36 -32.46 -8.05 34.86
CA ALA B 36 -32.55 -7.59 33.46
C ALA B 36 -32.32 -8.77 32.52
N ASP B 37 -32.99 -8.78 31.36
CA ASP B 37 -32.73 -9.74 30.25
C ASP B 37 -31.73 -9.10 29.28
N TYR B 38 -30.56 -9.71 29.13
CA TYR B 38 -29.46 -9.21 28.27
C TYR B 38 -29.87 -9.33 26.80
N LYS B 39 -30.22 -10.54 26.36
CA LYS B 39 -30.46 -10.90 24.93
C LYS B 39 -31.40 -9.89 24.28
N SER B 40 -32.54 -9.61 24.92
CA SER B 40 -33.63 -8.75 24.38
C SER B 40 -33.26 -7.26 24.50
N THR B 41 -32.51 -6.88 25.53
CA THR B 41 -32.00 -5.49 25.72
C THR B 41 -31.00 -5.17 24.61
N GLN B 42 -30.11 -6.11 24.30
CA GLN B 42 -29.04 -5.92 23.29
C GLN B 42 -29.67 -5.92 21.89
N ALA B 43 -30.71 -6.72 21.68
CA ALA B 43 -31.46 -6.79 20.39
C ALA B 43 -32.00 -5.40 20.03
N ALA B 44 -32.61 -4.72 21.00
CA ALA B 44 -33.23 -3.38 20.81
C ALA B 44 -32.12 -2.33 20.60
N ILE B 45 -31.07 -2.39 21.40
CA ILE B 45 -29.93 -1.40 21.36
C ILE B 45 -29.20 -1.54 20.02
N ASP B 46 -28.95 -2.77 19.57
CA ASP B 46 -28.20 -3.06 18.32
C ASP B 46 -28.97 -2.51 17.12
N GLN B 47 -30.30 -2.62 17.12
CA GLN B 47 -31.16 -2.13 16.01
C GLN B 47 -31.11 -0.59 15.98
N ILE B 48 -31.14 0.06 17.14
CA ILE B 48 -31.05 1.54 17.26
C ILE B 48 -29.65 2.01 16.83
N THR B 49 -28.59 1.32 17.24
CA THR B 49 -27.19 1.58 16.80
C THR B 49 -27.15 1.58 15.26
N GLY B 50 -27.75 0.57 14.64
CA GLY B 50 -27.84 0.41 13.17
C GLY B 50 -28.41 1.66 12.51
N LYS B 51 -29.50 2.20 13.07
CA LYS B 51 -30.18 3.41 12.56
C LYS B 51 -29.23 4.61 12.64
N LEU B 52 -28.56 4.79 13.78
CA LEU B 52 -27.64 5.92 14.02
C LEU B 52 -26.48 5.85 13.01
N ASN B 53 -25.98 4.65 12.72
CA ASN B 53 -24.88 4.44 11.73
C ASN B 53 -25.36 4.89 10.35
N ARG B 54 -26.62 4.65 10.01
CA ARG B 54 -27.18 4.97 8.66
C ARG B 54 -27.51 6.46 8.56
N ILE B 55 -27.97 7.08 9.64
CA ILE B 55 -28.59 8.45 9.64
C ILE B 55 -27.54 9.53 9.96
N ILE B 56 -26.65 9.29 10.92
CA ILE B 56 -25.56 10.25 11.31
C ILE B 56 -24.44 10.13 10.27
N LYS B 57 -24.63 10.82 9.15
CA LYS B 57 -23.76 10.84 7.94
C LYS B 57 -24.11 12.06 7.10
N LYS B 58 -23.12 12.57 6.35
CA LYS B 58 -23.31 13.54 5.24
C LYS B 58 -22.79 12.88 3.96
N THR B 59 -23.17 13.38 2.79
CA THR B 59 -22.62 12.91 1.48
C THR B 59 -21.16 13.38 1.40
N ASN B 60 -20.33 12.65 0.65
CA ASN B 60 -18.89 13.00 0.44
C ASN B 60 -18.76 13.81 -0.87
N THR B 61 -19.87 14.32 -1.41
CA THR B 61 -19.92 15.19 -2.62
C THR B 61 -19.36 16.56 -2.27
N GLU B 62 -18.34 17.01 -3.03
CA GLU B 62 -17.69 18.34 -2.90
C GLU B 62 -18.51 19.35 -3.70
N PHE B 63 -19.06 20.37 -3.04
CA PHE B 63 -19.82 21.48 -3.68
C PHE B 63 -18.96 22.75 -3.67
N GLU B 64 -18.94 23.46 -4.79
CA GLU B 64 -18.26 24.77 -4.95
C GLU B 64 -19.28 25.89 -4.78
N SER B 65 -18.80 27.13 -4.61
CA SER B 65 -19.64 28.35 -4.54
C SER B 65 -20.19 28.67 -5.92
N ILE B 66 -21.47 29.05 -6.01
CA ILE B 66 -22.13 29.57 -7.25
C ILE B 66 -22.73 30.95 -6.97
N GLU B 67 -22.66 31.42 -5.72
CA GLU B 67 -23.06 32.78 -5.26
C GLU B 67 -21.82 33.44 -4.67
N SER B 68 -21.44 34.63 -5.16
CA SER B 68 -20.36 35.46 -4.55
C SER B 68 -20.89 36.11 -3.27
N GLU B 69 -20.14 36.02 -2.17
CA GLU B 69 -20.49 36.64 -0.87
C GLU B 69 -20.25 38.15 -0.94
N PHE B 70 -19.24 38.59 -1.70
CA PHE B 70 -18.63 39.94 -1.60
C PHE B 70 -18.87 40.80 -2.86
N SER B 71 -19.54 40.28 -3.89
CA SER B 71 -19.88 41.03 -5.13
C SER B 71 -21.30 40.67 -5.60
N GLU B 72 -21.95 41.56 -6.36
CA GLU B 72 -23.29 41.36 -6.95
C GLU B 72 -23.17 40.37 -8.13
N ILE B 73 -24.19 39.52 -8.30
CA ILE B 73 -24.28 38.50 -9.37
C ILE B 73 -25.30 39.00 -10.40
N ASP B 74 -25.20 38.58 -11.67
CA ASP B 74 -26.21 38.91 -12.71
C ASP B 74 -27.59 38.58 -12.12
N HIS B 75 -28.58 39.45 -12.32
CA HIS B 75 -29.90 39.39 -11.65
C HIS B 75 -30.68 38.15 -12.11
N GLN B 76 -30.59 37.77 -13.40
CA GLN B 76 -31.39 36.65 -13.96
C GLN B 76 -30.87 35.32 -13.41
N ILE B 77 -29.56 35.07 -13.48
CA ILE B 77 -28.94 33.80 -13.00
C ILE B 77 -29.08 33.72 -11.48
N GLY B 78 -29.00 34.86 -10.78
CA GLY B 78 -29.21 34.95 -9.32
C GLY B 78 -30.58 34.45 -8.92
N ASN B 79 -31.62 34.81 -9.69
CA ASN B 79 -33.03 34.41 -9.46
C ASN B 79 -33.18 32.90 -9.69
N VAL B 80 -32.51 32.35 -10.70
CA VAL B 80 -32.51 30.90 -11.02
C VAL B 80 -31.89 30.15 -9.84
N ILE B 81 -30.71 30.60 -9.40
CA ILE B 81 -29.97 29.97 -8.26
C ILE B 81 -30.87 30.01 -7.02
N ASN B 82 -31.46 31.18 -6.73
CA ASN B 82 -32.33 31.39 -5.54
C ASN B 82 -33.51 30.40 -5.60
N TRP B 83 -34.19 30.31 -6.76
CA TRP B 83 -35.30 29.37 -6.99
C TRP B 83 -34.84 27.92 -6.76
N THR B 84 -33.70 27.54 -7.35
CA THR B 84 -33.15 26.16 -7.29
C THR B 84 -32.82 25.82 -5.83
N LYS B 85 -32.03 26.65 -5.15
CA LYS B 85 -31.57 26.41 -3.75
C LYS B 85 -32.79 26.26 -2.83
N ASP B 86 -33.77 27.16 -2.94
CA ASP B 86 -35.00 27.14 -2.10
C ASP B 86 -35.77 25.84 -2.36
N SER B 87 -35.83 25.38 -3.63
CA SER B 87 -36.51 24.12 -4.03
C SER B 87 -35.79 22.92 -3.40
N ILE B 88 -34.46 22.89 -3.48
CA ILE B 88 -33.60 21.81 -2.91
C ILE B 88 -33.82 21.78 -1.39
N THR B 89 -33.83 22.94 -0.75
CA THR B 89 -33.99 23.08 0.72
C THR B 89 -35.37 22.60 1.16
N ASP B 90 -36.41 22.88 0.38
CA ASP B 90 -37.79 22.38 0.62
C ASP B 90 -37.77 20.84 0.59
N ILE B 91 -37.05 20.25 -0.36
CA ILE B 91 -36.96 18.78 -0.52
C ILE B 91 -36.25 18.18 0.71
N TRP B 92 -35.08 18.71 1.07
CA TRP B 92 -34.26 18.17 2.19
C TRP B 92 -35.00 18.35 3.52
N THR B 93 -35.64 19.50 3.72
CA THR B 93 -36.45 19.78 4.94
C THR B 93 -37.52 18.69 5.05
N TYR B 94 -38.25 18.45 3.96
CA TYR B 94 -39.34 17.43 3.87
C TYR B 94 -38.75 16.04 4.16
N GLN B 95 -37.66 15.68 3.46
CA GLN B 95 -37.03 14.35 3.59
C GLN B 95 -36.59 14.13 5.03
N ALA B 96 -36.00 15.14 5.66
CA ALA B 96 -35.50 15.09 7.06
C ALA B 96 -36.68 14.88 8.01
N GLU B 97 -37.76 15.65 7.85
CA GLU B 97 -38.99 15.57 8.68
C GLU B 97 -39.58 14.17 8.57
N LEU B 98 -39.65 13.63 7.36
CA LEU B 98 -40.25 12.29 7.08
C LEU B 98 -39.35 11.18 7.61
N LEU B 99 -38.04 11.24 7.35
CA LEU B 99 -37.07 10.23 7.84
C LEU B 99 -37.26 10.04 9.34
N VAL B 100 -37.14 11.11 10.10
CA VAL B 100 -37.10 11.08 11.59
C VAL B 100 -38.47 10.62 12.10
N ALA B 101 -39.57 11.14 11.53
CA ALA B 101 -40.95 10.75 11.88
C ALA B 101 -41.11 9.24 11.70
N MET B 102 -40.67 8.73 10.56
CA MET B 102 -40.82 7.31 10.16
C MET B 102 -39.97 6.43 11.08
N GLU B 103 -38.70 6.80 11.29
CA GLU B 103 -37.75 6.04 12.15
C GLU B 103 -38.26 6.04 13.59
N ASN B 104 -38.75 7.18 14.07
CA ASN B 104 -39.28 7.35 15.45
C ASN B 104 -40.43 6.35 15.65
N GLN B 105 -41.36 6.29 14.68
CA GLN B 105 -42.49 5.33 14.70
C GLN B 105 -41.95 3.90 14.80
N HIS B 106 -40.96 3.56 13.97
CA HIS B 106 -40.37 2.20 13.89
C HIS B 106 -39.65 1.86 15.20
N THR B 107 -38.83 2.77 15.72
CA THR B 107 -38.03 2.57 16.96
C THR B 107 -38.96 2.18 18.11
N ILE B 108 -40.04 2.95 18.29
CA ILE B 108 -41.06 2.75 19.36
C ILE B 108 -41.70 1.37 19.19
N ASP B 109 -42.19 1.06 18.00
CA ASP B 109 -42.91 -0.21 17.70
C ASP B 109 -41.94 -1.38 17.79
N MET B 110 -40.69 -1.19 17.35
CA MET B 110 -39.63 -2.24 17.41
C MET B 110 -39.42 -2.61 18.89
N ALA B 111 -39.27 -1.62 19.76
CA ALA B 111 -39.04 -1.80 21.21
C ALA B 111 -40.24 -2.52 21.85
N ASP B 112 -41.45 -2.15 21.43
CA ASP B 112 -42.73 -2.81 21.82
C ASP B 112 -42.63 -4.30 21.47
N SER B 113 -42.18 -4.61 20.25
CA SER B 113 -42.12 -5.99 19.69
C SER B 113 -41.13 -6.84 20.51
N GLU B 114 -40.00 -6.28 20.93
CA GLU B 114 -38.97 -7.03 21.68
C GLU B 114 -39.50 -7.41 23.07
N MET B 115 -40.29 -6.51 23.69
CA MET B 115 -40.98 -6.77 24.98
C MET B 115 -41.95 -7.94 24.79
N LEU B 116 -42.80 -7.87 23.76
CA LEU B 116 -43.83 -8.91 23.49
C LEU B 116 -43.15 -10.26 23.22
N ASN B 117 -42.09 -10.27 22.42
CA ASN B 117 -41.36 -11.51 22.03
C ASN B 117 -40.81 -12.21 23.27
N LEU B 118 -40.36 -11.44 24.27
CA LEU B 118 -39.84 -12.00 25.54
C LEU B 118 -41.00 -12.61 26.33
N TYR B 119 -42.11 -11.88 26.47
CA TYR B 119 -43.35 -12.33 27.14
C TYR B 119 -43.80 -13.66 26.53
N GLU B 120 -43.82 -13.76 25.19
CA GLU B 120 -44.31 -14.94 24.45
C GLU B 120 -43.33 -16.11 24.64
N ARG B 121 -42.03 -15.82 24.72
CA ARG B 121 -40.99 -16.85 24.96
C ARG B 121 -41.24 -17.50 26.32
N VAL B 122 -41.46 -16.68 27.35
CA VAL B 122 -41.76 -17.13 28.74
C VAL B 122 -43.09 -17.89 28.74
N ARG B 123 -44.16 -17.32 28.17
CA ARG B 123 -45.49 -17.96 28.13
C ARG B 123 -45.33 -19.42 27.68
N LYS B 124 -44.60 -19.64 26.59
CA LYS B 124 -44.45 -20.97 25.94
C LYS B 124 -43.58 -21.88 26.82
N GLN B 125 -42.54 -21.34 27.45
CA GLN B 125 -41.67 -22.08 28.40
C GLN B 125 -42.52 -22.69 29.53
N LEU B 126 -43.39 -21.88 30.15
CA LEU B 126 -44.21 -22.27 31.33
C LEU B 126 -45.34 -23.22 30.92
N ARG B 127 -45.73 -23.23 29.65
CA ARG B 127 -46.72 -24.19 29.09
C ARG B 127 -47.96 -24.18 29.98
N GLN B 128 -48.36 -25.32 30.57
CA GLN B 128 -49.63 -25.48 31.32
C GLN B 128 -49.39 -25.27 32.83
N ASN B 129 -48.20 -24.80 33.23
CA ASN B 129 -47.81 -24.66 34.66
C ASN B 129 -48.12 -23.24 35.17
N ALA B 130 -48.59 -22.34 34.30
CA ALA B 130 -48.87 -20.93 34.65
C ALA B 130 -50.08 -20.41 33.87
N GLU B 131 -50.59 -19.25 34.29
CA GLU B 131 -51.72 -18.55 33.64
C GLU B 131 -51.37 -17.05 33.54
N GLU B 132 -51.90 -16.39 32.51
CA GLU B 132 -51.62 -14.96 32.23
C GLU B 132 -52.44 -14.09 33.20
N ASP B 133 -51.74 -13.20 33.91
CA ASP B 133 -52.27 -12.17 34.84
C ASP B 133 -53.13 -11.16 34.07
N GLY B 134 -52.73 -10.83 32.85
CA GLY B 134 -53.34 -9.77 32.02
C GLY B 134 -52.52 -8.49 32.07
N LYS B 135 -51.65 -8.35 33.09
CA LYS B 135 -50.81 -7.14 33.33
C LYS B 135 -49.34 -7.45 33.01
N GLY B 136 -49.08 -8.51 32.25
CA GLY B 136 -47.71 -8.89 31.82
C GLY B 136 -47.04 -9.82 32.82
N CYS B 137 -47.78 -10.30 33.82
CA CYS B 137 -47.28 -11.25 34.85
C CYS B 137 -47.83 -12.65 34.57
N PHE B 138 -47.14 -13.68 35.06
CA PHE B 138 -47.55 -15.11 35.01
C PHE B 138 -47.73 -15.64 36.44
N GLU B 139 -48.95 -16.04 36.80
CA GLU B 139 -49.24 -16.76 38.07
C GLU B 139 -48.81 -18.23 37.88
N ILE B 140 -47.75 -18.63 38.57
CA ILE B 140 -47.15 -19.99 38.51
C ILE B 140 -47.84 -20.85 39.59
N TYR B 141 -48.38 -22.00 39.20
CA TYR B 141 -49.21 -22.88 40.08
C TYR B 141 -48.35 -23.98 40.69
N HIS B 142 -47.17 -23.63 41.20
CA HIS B 142 -46.26 -24.56 41.94
C HIS B 142 -45.18 -23.75 42.66
N ALA B 143 -44.57 -24.34 43.68
CA ALA B 143 -43.39 -23.80 44.41
C ALA B 143 -42.30 -23.52 43.38
N CYS B 144 -42.01 -22.23 43.14
CA CYS B 144 -40.92 -21.77 42.25
C CYS B 144 -39.93 -20.95 43.10
N ASP B 145 -38.91 -21.64 43.62
CA ASP B 145 -37.82 -21.05 44.44
C ASP B 145 -36.93 -20.19 43.54
N ASP B 146 -35.97 -19.47 44.13
CA ASP B 146 -35.06 -18.53 43.43
C ASP B 146 -34.30 -19.26 42.32
N SER B 147 -34.08 -20.58 42.47
CA SER B 147 -33.38 -21.43 41.48
C SER B 147 -34.30 -21.72 40.30
N CYS B 148 -35.59 -21.97 40.58
CA CYS B 148 -36.66 -22.19 39.57
C CYS B 148 -36.86 -20.90 38.76
N MET B 149 -36.96 -19.75 39.44
CA MET B 149 -37.12 -18.41 38.79
C MET B 149 -35.94 -18.15 37.85
N GLU B 150 -34.71 -18.43 38.32
CA GLU B 150 -33.47 -18.27 37.53
C GLU B 150 -33.57 -19.11 36.25
N SER B 151 -34.15 -20.31 36.34
CA SER B 151 -34.31 -21.27 35.21
C SER B 151 -35.25 -20.68 34.15
N ILE B 152 -36.25 -19.89 34.57
CA ILE B 152 -37.21 -19.20 33.66
C ILE B 152 -36.46 -18.11 32.89
N ARG B 153 -35.68 -17.28 33.60
CA ARG B 153 -34.88 -16.18 33.01
C ARG B 153 -33.81 -16.73 32.06
N ASN B 154 -33.18 -17.87 32.40
CA ASN B 154 -32.04 -18.46 31.65
C ASN B 154 -32.54 -19.38 30.54
N ASN B 155 -33.86 -19.52 30.39
CA ASN B 155 -34.53 -20.30 29.31
C ASN B 155 -34.17 -21.79 29.45
N THR B 156 -34.07 -22.30 30.68
CA THR B 156 -33.74 -23.72 31.00
C THR B 156 -34.86 -24.39 31.81
N TYR B 157 -35.94 -23.67 32.14
CA TYR B 157 -37.11 -24.18 32.88
C TYR B 157 -37.74 -25.33 32.08
N ASP B 158 -37.81 -26.52 32.69
CA ASP B 158 -38.43 -27.75 32.12
C ASP B 158 -39.84 -27.89 32.71
N HIS B 159 -40.88 -27.65 31.90
CA HIS B 159 -42.31 -27.65 32.33
C HIS B 159 -42.71 -29.03 32.86
N SER B 160 -42.13 -30.11 32.31
CA SER B 160 -42.53 -31.52 32.60
C SER B 160 -42.25 -31.87 34.08
N GLN B 161 -41.22 -31.27 34.68
CA GLN B 161 -40.80 -31.50 36.09
C GLN B 161 -41.93 -31.10 37.06
N TYR B 162 -42.64 -30.01 36.79
CA TYR B 162 -43.64 -29.39 37.71
C TYR B 162 -45.07 -29.59 37.19
N ARG B 163 -45.25 -30.29 36.06
CA ARG B 163 -46.55 -30.34 35.32
C ARG B 163 -47.65 -30.92 36.21
N GLU B 164 -47.44 -32.13 36.74
CA GLU B 164 -48.50 -32.88 37.50
C GLU B 164 -48.93 -32.05 38.72
N GLU B 165 -47.98 -31.50 39.47
CA GLU B 165 -48.24 -30.60 40.62
C GLU B 165 -49.10 -29.41 40.16
N ALA B 166 -48.72 -28.77 39.07
CA ALA B 166 -49.31 -27.50 38.57
C ALA B 166 -50.76 -27.73 38.12
N LEU B 167 -51.01 -28.78 37.34
CA LEU B 167 -52.36 -29.08 36.78
C LEU B 167 -53.34 -29.35 37.93
N LEU B 168 -52.90 -30.05 38.98
CA LEU B 168 -53.71 -30.32 40.20
C LEU B 168 -54.11 -28.99 40.85
N ASN B 169 -53.14 -28.09 41.08
CA ASN B 169 -53.36 -26.75 41.69
C ASN B 169 -54.29 -25.91 40.81
N ARG B 170 -54.19 -26.05 39.48
CA ARG B 170 -54.98 -25.23 38.51
C ARG B 170 -56.44 -25.70 38.51
N LEU B 171 -56.69 -27.01 38.55
CA LEU B 171 -58.05 -27.60 38.54
C LEU B 171 -58.67 -27.58 39.94
N ASN B 172 -57.84 -27.74 40.98
CA ASN B 172 -58.25 -27.78 42.41
C ASN B 172 -59.28 -28.90 42.67
N ASP C 1 24.99 -78.82 37.78
CA ASP C 1 23.74 -79.66 37.77
C ASP C 1 22.56 -78.95 37.12
N PRO C 2 22.43 -77.59 37.16
CA PRO C 2 21.37 -76.92 36.41
C PRO C 2 21.76 -76.62 34.94
N ASP C 3 20.80 -76.78 34.01
CA ASP C 3 20.93 -76.41 32.59
C ASP C 3 21.17 -74.88 32.50
N LYS C 4 21.69 -74.41 31.37
CA LYS C 4 22.33 -73.06 31.28
C LYS C 4 22.17 -72.49 29.87
N ILE C 5 21.71 -71.24 29.77
CA ILE C 5 21.64 -70.46 28.50
C ILE C 5 22.45 -69.17 28.70
N CYS C 6 23.45 -68.95 27.85
CA CYS C 6 24.37 -67.78 27.88
C CYS C 6 24.03 -66.82 26.74
N LEU C 7 24.04 -65.52 27.01
CA LEU C 7 23.95 -64.46 25.97
C LEU C 7 25.34 -63.86 25.72
N GLY C 8 25.59 -63.49 24.48
CA GLY C 8 26.92 -63.02 24.05
C GLY C 8 26.85 -62.25 22.75
N HIS C 9 27.99 -61.69 22.34
CA HIS C 9 28.17 -60.88 21.11
C HIS C 9 29.39 -61.38 20.35
N HIS C 10 29.47 -61.10 19.06
CA HIS C 10 30.60 -61.51 18.19
C HIS C 10 31.86 -60.74 18.59
N ALA C 11 33.00 -61.20 18.12
CA ALA C 11 34.31 -60.52 18.17
C ALA C 11 35.07 -60.88 16.91
N VAL C 12 36.25 -60.28 16.70
CA VAL C 12 37.14 -60.58 15.55
C VAL C 12 38.58 -60.58 16.07
N ALA C 13 39.48 -61.29 15.39
CA ALA C 13 40.89 -61.46 15.80
C ALA C 13 41.60 -60.11 15.67
N ASN C 14 41.53 -59.52 14.47
CA ASN C 14 42.14 -58.20 14.13
C ASN C 14 41.04 -57.12 14.14
N GLY C 15 40.92 -56.41 15.26
CA GLY C 15 40.04 -55.23 15.42
C GLY C 15 40.73 -53.96 14.96
N THR C 16 39.98 -52.86 14.85
CA THR C 16 40.45 -51.55 14.33
C THR C 16 40.25 -50.45 15.38
N ILE C 17 41.22 -49.54 15.48
CA ILE C 17 41.25 -48.44 16.49
C ILE C 17 40.49 -47.23 15.94
N VAL C 18 39.57 -46.68 16.74
CA VAL C 18 38.84 -45.41 16.44
C VAL C 18 38.96 -44.49 17.66
N LYS C 19 38.66 -43.20 17.48
CA LYS C 19 38.58 -42.19 18.56
C LYS C 19 37.10 -42.00 18.93
N THR C 20 36.81 -41.91 20.23
CA THR C 20 35.48 -41.54 20.79
C THR C 20 35.64 -40.20 21.55
N LEU C 21 34.57 -39.74 22.20
CA LEU C 21 34.59 -38.48 23.01
C LEU C 21 35.56 -38.66 24.18
N THR C 22 35.65 -39.88 24.74
CA THR C 22 36.34 -40.18 26.02
C THR C 22 37.64 -40.95 25.81
N ASN C 23 37.81 -41.65 24.68
CA ASN C 23 38.89 -42.65 24.50
C ASN C 23 39.54 -42.44 23.12
N GLU C 24 40.86 -42.26 23.09
CA GLU C 24 41.66 -41.96 21.88
C GLU C 24 42.03 -43.28 21.17
N GLN C 25 42.07 -44.39 21.91
CA GLN C 25 42.47 -45.74 21.40
C GLN C 25 41.38 -46.77 21.75
N GLU C 26 40.22 -46.67 21.09
CA GLU C 26 39.06 -47.57 21.30
C GLU C 26 39.02 -48.62 20.17
N GLU C 27 39.14 -49.90 20.50
CA GLU C 27 39.15 -51.02 19.53
C GLU C 27 37.70 -51.45 19.26
N VAL C 28 37.28 -51.43 17.99
CA VAL C 28 35.93 -51.87 17.53
C VAL C 28 36.09 -52.98 16.48
N THR C 29 34.99 -53.67 16.14
CA THR C 29 35.00 -54.84 15.22
C THR C 29 35.27 -54.39 13.78
N ASN C 30 34.75 -53.22 13.39
CA ASN C 30 34.87 -52.67 12.01
C ASN C 30 34.76 -51.14 12.07
N ALA C 31 35.40 -50.46 11.13
CA ALA C 31 35.36 -49.00 10.93
C ALA C 31 35.58 -48.69 9.45
N THR C 32 35.20 -47.49 9.01
CA THR C 32 35.39 -47.01 7.62
C THR C 32 35.94 -45.59 7.65
N GLU C 33 36.72 -45.23 6.64
CA GLU C 33 37.40 -43.91 6.51
C GLU C 33 36.36 -42.86 6.10
N THR C 34 36.50 -41.62 6.59
CA THR C 34 35.65 -40.44 6.23
C THR C 34 36.48 -39.38 5.47
N VAL C 35 37.81 -39.48 5.50
CA VAL C 35 38.73 -38.52 4.84
C VAL C 35 39.39 -39.20 3.64
N GLU C 36 39.24 -38.63 2.44
CA GLU C 36 39.86 -39.15 1.20
C GLU C 36 41.30 -38.63 1.10
N SER C 37 42.26 -39.55 0.90
CA SER C 37 43.72 -39.27 0.75
C SER C 37 44.18 -39.59 -0.68
N THR C 38 43.38 -40.35 -1.44
CA THR C 38 43.68 -40.80 -2.82
C THR C 38 43.10 -39.80 -3.81
N SER C 39 43.92 -39.35 -4.76
CA SER C 39 43.52 -38.54 -5.93
C SER C 39 43.82 -39.33 -7.20
N LEU C 40 43.02 -39.06 -8.25
CA LEU C 40 43.29 -39.50 -9.65
C LEU C 40 44.04 -38.37 -10.37
N ASN C 41 45.29 -38.61 -10.81
CA ASN C 41 46.13 -37.59 -11.50
C ASN C 41 45.65 -37.49 -12.95
N ARG C 42 44.35 -37.25 -13.15
CA ARG C 42 43.69 -37.08 -14.47
C ARG C 42 42.43 -36.22 -14.29
N LEU C 43 42.02 -35.52 -15.35
CA LEU C 43 40.77 -34.72 -15.38
C LEU C 43 39.67 -35.57 -16.00
N CYS C 44 38.74 -36.05 -15.16
CA CYS C 44 37.66 -37.00 -15.53
C CYS C 44 36.53 -36.24 -16.20
N MET C 45 36.45 -36.32 -17.54
CA MET C 45 35.61 -35.43 -18.39
C MET C 45 34.48 -36.22 -19.07
N LYS C 46 34.19 -37.44 -18.62
CA LYS C 46 33.03 -38.22 -19.14
C LYS C 46 31.76 -37.43 -18.80
N GLY C 47 30.84 -37.30 -19.76
CA GLY C 47 29.55 -36.60 -19.59
C GLY C 47 29.68 -35.09 -19.64
N ARG C 48 30.86 -34.57 -19.98
CA ARG C 48 31.16 -33.12 -20.05
C ARG C 48 31.52 -32.72 -21.49
N ASN C 49 30.82 -31.73 -22.04
CA ASN C 49 31.20 -31.01 -23.29
C ASN C 49 32.37 -30.07 -22.94
N HIS C 50 33.57 -30.61 -22.82
CA HIS C 50 34.78 -29.91 -22.29
C HIS C 50 35.58 -29.30 -23.44
N LYS C 51 36.52 -28.40 -23.10
CA LYS C 51 37.49 -27.77 -24.01
C LYS C 51 38.84 -27.64 -23.29
N ASP C 52 39.84 -28.40 -23.72
CA ASP C 52 41.24 -28.28 -23.23
C ASP C 52 41.94 -27.21 -24.10
N LEU C 53 42.27 -26.06 -23.51
CA LEU C 53 42.93 -24.93 -24.21
C LEU C 53 44.41 -25.27 -24.49
N GLY C 54 44.96 -26.28 -23.83
CA GLY C 54 46.39 -26.64 -23.95
C GLY C 54 47.26 -25.41 -23.88
N ASN C 55 47.91 -25.07 -24.99
CA ASN C 55 48.96 -24.01 -25.09
C ASN C 55 48.30 -22.61 -25.06
N CYS C 56 46.98 -22.52 -25.24
CA CYS C 56 46.20 -21.27 -25.42
C CYS C 56 45.73 -20.73 -24.05
N HIS C 57 46.02 -19.46 -23.77
CA HIS C 57 45.55 -18.72 -22.57
C HIS C 57 44.18 -18.11 -22.88
N PRO C 58 43.20 -18.16 -21.97
CA PRO C 58 41.83 -17.72 -22.27
C PRO C 58 41.71 -16.35 -22.96
N ILE C 59 42.49 -15.37 -22.54
CA ILE C 59 42.50 -14.00 -23.14
C ILE C 59 42.87 -14.12 -24.63
N GLY C 60 43.81 -15.00 -24.96
CA GLY C 60 44.25 -15.27 -26.34
C GLY C 60 43.10 -15.65 -27.27
N MET C 61 42.01 -16.20 -26.75
CA MET C 61 40.84 -16.65 -27.55
C MET C 61 40.07 -15.44 -28.07
N LEU C 62 40.14 -14.30 -27.37
CA LEU C 62 39.37 -13.07 -27.68
C LEU C 62 40.10 -12.22 -28.72
N ILE C 63 41.43 -12.24 -28.71
CA ILE C 63 42.29 -11.40 -29.62
C ILE C 63 42.85 -12.26 -30.76
N GLY C 64 42.88 -13.58 -30.58
CA GLY C 64 43.22 -14.56 -31.64
C GLY C 64 44.72 -14.70 -31.84
N THR C 65 45.45 -15.02 -30.78
CA THR C 65 46.88 -15.43 -30.84
C THR C 65 46.97 -16.72 -31.65
N PRO C 66 48.04 -16.93 -32.45
CA PRO C 66 48.20 -18.17 -33.22
C PRO C 66 47.84 -19.43 -32.42
N ALA C 67 48.47 -19.60 -31.25
CA ALA C 67 48.29 -20.76 -30.34
C ALA C 67 46.80 -21.05 -30.08
N CYS C 68 45.93 -20.04 -30.18
CA CYS C 68 44.49 -20.12 -29.82
C CYS C 68 43.60 -20.34 -31.05
N ASP C 69 44.19 -20.56 -32.24
CA ASP C 69 43.46 -20.59 -33.55
C ASP C 69 42.31 -21.59 -33.53
N LEU C 70 42.45 -22.69 -32.77
CA LEU C 70 41.44 -23.77 -32.66
C LEU C 70 40.40 -23.43 -31.58
N HIS C 71 40.49 -22.26 -30.94
CA HIS C 71 39.73 -21.90 -29.72
C HIS C 71 39.11 -20.49 -29.81
N LEU C 72 38.87 -19.97 -31.01
CA LEU C 72 38.32 -18.60 -31.22
C LEU C 72 36.82 -18.58 -31.00
N THR C 73 36.15 -19.71 -31.20
CA THR C 73 34.69 -19.87 -30.99
C THR C 73 34.44 -21.27 -30.40
N GLY C 74 33.20 -21.53 -29.99
CA GLY C 74 32.76 -22.84 -29.48
C GLY C 74 31.76 -22.69 -28.36
N THR C 75 31.23 -23.82 -27.89
CA THR C 75 30.42 -23.94 -26.65
C THR C 75 31.01 -25.06 -25.80
N TRP C 76 30.96 -24.90 -24.48
CA TRP C 76 31.48 -25.88 -23.49
C TRP C 76 30.71 -25.74 -22.18
N ASP C 77 30.83 -26.73 -21.29
CA ASP C 77 30.36 -26.67 -19.88
C ASP C 77 31.58 -26.74 -18.95
N THR C 78 32.77 -26.95 -19.51
CA THR C 78 34.07 -27.07 -18.77
C THR C 78 35.19 -26.51 -19.63
N LEU C 79 36.01 -25.61 -19.08
CA LEU C 79 37.17 -24.99 -19.77
C LEU C 79 38.42 -25.22 -18.93
N ILE C 80 39.47 -25.76 -19.53
CA ILE C 80 40.71 -26.18 -18.82
C ILE C 80 41.88 -25.31 -19.31
N GLU C 81 42.38 -24.43 -18.45
CA GLU C 81 43.59 -23.59 -18.67
C GLU C 81 44.80 -24.38 -18.19
N ARG C 82 45.96 -24.20 -18.83
CA ARG C 82 47.20 -24.95 -18.53
C ARG C 82 48.31 -23.96 -18.12
N LYS C 83 49.42 -24.50 -17.59
CA LYS C 83 50.57 -23.72 -17.08
C LYS C 83 51.34 -23.15 -18.28
N ASN C 84 51.79 -21.90 -18.18
CA ASN C 84 52.66 -21.21 -19.17
C ASN C 84 51.91 -21.01 -20.50
N ALA C 85 50.58 -21.08 -20.49
CA ALA C 85 49.73 -20.87 -21.70
C ALA C 85 49.99 -19.47 -22.28
N ILE C 86 49.96 -19.34 -23.60
CA ILE C 86 50.36 -18.12 -24.36
C ILE C 86 49.10 -17.30 -24.66
N ALA C 87 49.13 -16.02 -24.29
CA ALA C 87 48.06 -15.01 -24.55
C ALA C 87 48.53 -13.99 -25.59
N TYR C 88 49.83 -13.65 -25.57
CA TYR C 88 50.42 -12.54 -26.35
C TYR C 88 51.59 -13.08 -27.18
N CYS C 89 51.46 -13.08 -28.51
CA CYS C 89 52.57 -13.36 -29.45
C CYS C 89 53.50 -12.13 -29.50
N TYR C 90 52.93 -10.95 -29.76
CA TYR C 90 53.65 -9.64 -29.68
C TYR C 90 53.59 -9.17 -28.23
N PRO C 91 54.73 -8.75 -27.63
CA PRO C 91 54.76 -8.44 -26.20
C PRO C 91 53.75 -7.35 -25.79
N GLY C 92 53.14 -7.53 -24.62
CA GLY C 92 52.21 -6.56 -24.01
C GLY C 92 51.43 -7.18 -22.86
N ALA C 93 50.46 -6.44 -22.33
CA ALA C 93 49.58 -6.87 -21.22
C ALA C 93 48.17 -6.33 -21.47
N THR C 94 47.22 -6.74 -20.63
CA THR C 94 45.80 -6.34 -20.69
C THR C 94 45.43 -5.68 -19.36
N VAL C 95 44.94 -4.43 -19.40
CA VAL C 95 44.38 -3.72 -18.22
C VAL C 95 43.21 -4.58 -17.70
N ASN C 96 43.17 -4.87 -16.40
CA ASN C 96 42.16 -5.74 -15.75
C ASN C 96 42.31 -7.18 -16.28
N GLU C 97 43.54 -7.62 -16.54
CA GLU C 97 43.86 -8.97 -17.08
C GLU C 97 43.06 -10.05 -16.34
N GLU C 98 43.14 -10.06 -15.00
CA GLU C 98 42.67 -11.19 -14.17
C GLU C 98 41.13 -11.18 -14.11
N ALA C 99 40.50 -10.01 -14.15
CA ALA C 99 39.02 -9.88 -14.22
C ALA C 99 38.51 -10.49 -15.53
N LEU C 100 39.20 -10.22 -16.65
CA LEU C 100 38.85 -10.73 -18.01
C LEU C 100 39.04 -12.24 -18.05
N ARG C 101 40.21 -12.75 -17.63
CA ARG C 101 40.52 -14.21 -17.56
C ARG C 101 39.39 -14.90 -16.78
N GLN C 102 39.07 -14.39 -15.58
CA GLN C 102 38.07 -14.99 -14.65
C GLN C 102 36.72 -15.02 -15.37
N LYS C 103 36.37 -13.96 -16.11
CA LYS C 103 35.07 -13.79 -16.80
C LYS C 103 34.91 -14.86 -17.89
N ILE C 104 35.99 -15.13 -18.63
CA ILE C 104 36.04 -16.14 -19.73
C ILE C 104 35.88 -17.54 -19.11
N MET C 105 36.54 -17.80 -17.98
CA MET C 105 36.60 -19.14 -17.33
C MET C 105 35.29 -19.49 -16.61
N GLU C 106 34.37 -18.52 -16.47
CA GLU C 106 32.99 -18.76 -15.94
C GLU C 106 32.03 -19.02 -17.11
N SER C 107 32.44 -18.68 -18.33
CA SER C 107 31.58 -18.71 -19.54
C SER C 107 31.33 -20.15 -19.97
N GLY C 108 30.29 -20.37 -20.78
CA GLY C 108 29.96 -21.65 -21.41
C GLY C 108 30.11 -21.61 -22.92
N GLY C 109 30.98 -20.74 -23.44
CA GLY C 109 31.26 -20.60 -24.89
C GLY C 109 31.54 -19.18 -25.32
N ILE C 110 32.04 -19.01 -26.55
CA ILE C 110 32.34 -17.70 -27.21
C ILE C 110 31.78 -17.72 -28.64
N SER C 111 30.96 -16.71 -28.97
CA SER C 111 30.56 -16.32 -30.35
C SER C 111 31.39 -15.12 -30.78
N LYS C 112 31.72 -15.03 -32.08
CA LYS C 112 32.43 -13.87 -32.67
C LYS C 112 31.47 -13.14 -33.62
N ILE C 113 31.59 -11.81 -33.67
CA ILE C 113 30.76 -10.90 -34.51
C ILE C 113 31.69 -9.94 -35.24
N ASN C 114 31.57 -9.84 -36.57
CA ASN C 114 32.34 -8.89 -37.42
C ASN C 114 31.99 -7.45 -37.01
N THR C 115 33.01 -6.60 -36.88
CA THR C 115 32.86 -5.15 -36.56
C THR C 115 32.50 -4.39 -37.84
N GLY C 116 32.99 -4.87 -38.98
CA GLY C 116 32.71 -4.32 -40.33
C GLY C 116 33.66 -3.19 -40.70
N PHE C 117 34.51 -2.76 -39.78
CA PHE C 117 35.43 -1.59 -39.91
C PHE C 117 36.19 -1.67 -41.23
N THR C 118 36.15 -0.58 -42.00
CA THR C 118 36.90 -0.39 -43.28
C THR C 118 37.75 0.86 -43.16
N TYR C 119 38.85 0.92 -43.91
CA TYR C 119 39.88 1.98 -43.84
C TYR C 119 40.22 2.47 -45.25
N GLY C 120 40.50 3.78 -45.37
CA GLY C 120 40.84 4.44 -46.65
C GLY C 120 42.12 3.87 -47.27
N SER C 121 42.47 4.36 -48.45
CA SER C 121 43.59 3.89 -49.30
C SER C 121 44.94 4.16 -48.62
N SER C 122 45.01 5.21 -47.77
CA SER C 122 46.26 5.71 -47.12
C SER C 122 46.59 4.89 -45.86
N ILE C 123 45.76 3.89 -45.51
CA ILE C 123 45.95 2.99 -44.33
C ILE C 123 46.21 1.56 -44.82
N ASN C 124 47.23 0.91 -44.24
CA ASN C 124 47.57 -0.53 -44.45
C ASN C 124 47.00 -1.33 -43.27
N SER C 125 45.94 -2.11 -43.51
CA SER C 125 45.19 -2.89 -42.50
C SER C 125 45.99 -4.13 -42.06
N ALA C 126 46.67 -4.79 -43.01
CA ALA C 126 47.33 -6.10 -42.83
C ALA C 126 48.81 -5.94 -42.45
N GLY C 127 49.10 -5.09 -41.45
CA GLY C 127 50.44 -4.98 -40.82
C GLY C 127 50.79 -6.26 -40.06
N THR C 128 52.01 -6.75 -40.23
CA THR C 128 52.45 -8.10 -39.76
C THR C 128 53.72 -7.97 -38.89
N THR C 129 54.02 -9.01 -38.11
CA THR C 129 55.21 -9.10 -37.22
C THR C 129 55.77 -10.53 -37.22
N LYS C 130 57.07 -10.67 -36.94
CA LYS C 130 57.81 -11.97 -36.96
C LYS C 130 57.41 -12.80 -35.73
N ALA C 131 56.90 -12.15 -34.68
CA ALA C 131 56.55 -12.76 -33.38
C ALA C 131 55.28 -13.62 -33.53
N CYS C 132 54.29 -13.14 -34.29
CA CYS C 132 52.98 -13.81 -34.47
C CYS C 132 52.98 -14.63 -35.77
N MET C 133 53.72 -15.74 -35.81
CA MET C 133 53.86 -16.53 -37.06
C MET C 133 52.70 -17.52 -37.18
N ARG C 134 52.30 -17.75 -38.43
CA ARG C 134 51.08 -18.51 -38.82
C ARG C 134 51.23 -18.95 -40.28
N ASN C 135 51.05 -20.25 -40.56
CA ASN C 135 51.24 -20.87 -41.90
C ASN C 135 52.71 -20.76 -42.31
N GLY C 136 53.63 -20.63 -41.35
CA GLY C 136 55.08 -20.48 -41.58
C GLY C 136 55.48 -19.10 -42.09
N GLY C 137 54.54 -18.15 -42.15
CA GLY C 137 54.77 -16.76 -42.60
C GLY C 137 54.35 -15.76 -41.53
N ASN C 138 54.95 -14.56 -41.54
CA ASN C 138 54.62 -13.46 -40.58
C ASN C 138 53.12 -13.19 -40.61
N SER C 139 52.52 -12.88 -39.46
CA SER C 139 51.06 -12.66 -39.30
C SER C 139 50.81 -11.73 -38.11
N PHE C 140 49.57 -11.74 -37.57
CA PHE C 140 49.13 -10.90 -36.44
C PHE C 140 47.92 -11.53 -35.76
N TYR C 141 47.51 -10.98 -34.61
CA TYR C 141 46.27 -11.36 -33.88
C TYR C 141 45.12 -11.42 -34.89
N ALA C 142 44.40 -12.54 -34.94
CA ALA C 142 43.37 -12.85 -35.96
C ALA C 142 42.15 -11.92 -35.81
N GLU C 143 41.89 -11.42 -34.60
CA GLU C 143 40.64 -10.67 -34.27
C GLU C 143 40.92 -9.17 -34.23
N LEU C 144 42.15 -8.75 -34.55
CA LEU C 144 42.57 -7.32 -34.56
C LEU C 144 43.37 -7.04 -35.84
N LYS C 145 43.44 -5.76 -36.23
CA LYS C 145 44.21 -5.28 -37.40
C LYS C 145 45.21 -4.21 -36.92
N TRP C 146 46.47 -4.35 -37.31
CA TRP C 146 47.55 -3.36 -37.06
C TRP C 146 47.49 -2.29 -38.13
N LEU C 147 46.89 -1.12 -37.80
CA LEU C 147 46.68 0.01 -38.73
C LEU C 147 47.94 0.87 -38.78
N VAL C 148 48.58 0.91 -39.96
CA VAL C 148 49.83 1.69 -40.25
C VAL C 148 49.62 2.44 -41.57
N SER C 149 50.35 3.55 -41.76
CA SER C 149 50.41 4.32 -43.03
C SER C 149 51.00 3.43 -44.14
N LYS C 150 50.51 3.57 -45.38
CA LYS C 150 50.96 2.76 -46.54
C LYS C 150 52.27 3.34 -47.09
N ASN C 151 52.42 4.68 -47.05
CA ASN C 151 53.66 5.41 -47.38
C ASN C 151 54.42 5.70 -46.07
N LYS C 152 55.57 5.04 -45.87
CA LYS C 152 56.37 5.10 -44.62
C LYS C 152 56.77 6.56 -44.33
N GLY C 153 56.59 7.02 -43.09
CA GLY C 153 56.90 8.40 -42.67
C GLY C 153 55.68 9.30 -42.68
N GLN C 154 54.76 9.08 -43.65
CA GLN C 154 53.53 9.90 -43.86
C GLN C 154 52.68 9.90 -42.58
N ASN C 155 52.12 11.06 -42.22
CA ASN C 155 51.14 11.23 -41.11
C ASN C 155 49.92 10.33 -41.37
N PHE C 156 49.40 9.71 -40.31
CA PHE C 156 48.29 8.72 -40.36
C PHE C 156 46.97 9.46 -40.46
N PRO C 157 46.09 9.10 -41.43
CA PRO C 157 44.79 9.76 -41.59
C PRO C 157 43.94 9.72 -40.31
N GLN C 158 43.51 10.88 -39.81
CA GLN C 158 42.49 11.00 -38.74
C GLN C 158 41.24 10.25 -39.18
N THR C 159 41.02 9.05 -38.63
CA THR C 159 39.91 8.12 -39.01
C THR C 159 38.95 7.97 -37.82
N THR C 160 37.70 7.60 -38.10
CA THR C 160 36.65 7.29 -37.09
C THR C 160 35.94 6.00 -37.50
N ASN C 161 35.93 5.01 -36.60
CA ASN C 161 35.23 3.70 -36.76
C ASN C 161 34.27 3.51 -35.59
N THR C 162 33.05 3.07 -35.85
CA THR C 162 31.96 2.90 -34.86
C THR C 162 31.32 1.52 -35.02
N TYR C 163 31.32 0.71 -33.95
CA TYR C 163 30.60 -0.58 -33.87
C TYR C 163 29.28 -0.36 -33.13
N ARG C 164 28.18 -0.83 -33.72
CA ARG C 164 26.85 -0.88 -33.08
C ARG C 164 26.56 -2.34 -32.70
N ASN C 165 26.04 -2.55 -31.49
CA ASN C 165 25.58 -3.88 -30.99
C ASN C 165 24.14 -4.10 -31.45
N ALA C 166 23.95 -4.86 -32.52
CA ALA C 166 22.63 -5.19 -33.13
C ALA C 166 21.96 -6.33 -32.36
N ASP C 167 22.73 -7.03 -31.51
CA ASP C 167 22.31 -8.26 -30.78
C ASP C 167 21.42 -7.88 -29.60
N THR C 168 20.83 -8.88 -28.94
CA THR C 168 19.91 -8.75 -27.77
C THR C 168 20.69 -8.91 -26.45
N ALA C 169 21.95 -9.36 -26.53
CA ALA C 169 22.85 -9.56 -25.36
C ALA C 169 24.12 -8.73 -25.54
N GLU C 170 24.78 -8.39 -24.43
CA GLU C 170 25.99 -7.52 -24.38
C GLU C 170 27.16 -8.22 -25.08
N HIS C 171 28.04 -7.44 -25.71
CA HIS C 171 29.25 -7.93 -26.44
C HIS C 171 30.51 -7.39 -25.77
N LEU C 172 31.59 -8.17 -25.81
CA LEU C 172 32.91 -7.84 -25.22
C LEU C 172 33.87 -7.41 -26.34
N ILE C 173 34.07 -6.09 -26.48
CA ILE C 173 34.98 -5.50 -27.50
C ILE C 173 36.36 -5.30 -26.86
N MET C 174 37.41 -5.69 -27.59
CA MET C 174 38.83 -5.51 -27.18
C MET C 174 39.56 -4.75 -28.28
N TRP C 175 40.47 -3.85 -27.89
CA TRP C 175 41.39 -3.15 -28.81
C TRP C 175 42.77 -3.03 -28.16
N GLY C 176 43.78 -2.71 -28.97
CA GLY C 176 45.17 -2.53 -28.53
C GLY C 176 45.67 -1.14 -28.87
N ILE C 177 46.60 -0.64 -28.04
CA ILE C 177 47.37 0.61 -28.28
C ILE C 177 48.83 0.21 -28.40
N HIS C 178 49.46 0.47 -29.55
CA HIS C 178 50.89 0.17 -29.78
C HIS C 178 51.75 1.31 -29.23
N HIS C 179 52.55 1.00 -28.21
CA HIS C 179 53.57 1.88 -27.58
C HIS C 179 54.94 1.51 -28.15
N PRO C 180 55.43 2.19 -29.21
CA PRO C 180 56.69 1.81 -29.85
C PRO C 180 57.92 2.07 -28.98
N SER C 181 59.03 1.41 -29.32
CA SER C 181 60.33 1.45 -28.60
C SER C 181 60.92 2.87 -28.66
N SER C 182 61.04 3.43 -29.87
CA SER C 182 61.78 4.67 -30.18
C SER C 182 60.90 5.66 -30.96
N THR C 183 61.25 6.96 -30.89
CA THR C 183 60.63 8.08 -31.65
C THR C 183 60.88 7.88 -33.16
N GLN C 184 61.93 7.14 -33.53
CA GLN C 184 62.26 6.77 -34.93
C GLN C 184 61.14 5.85 -35.47
N GLU C 185 60.81 4.78 -34.74
CA GLU C 185 59.79 3.77 -35.14
C GLU C 185 58.41 4.44 -35.26
N LYS C 186 58.04 5.29 -34.31
CA LYS C 186 56.72 5.98 -34.22
C LYS C 186 56.49 6.83 -35.48
N ASN C 187 57.42 7.76 -35.76
CA ASN C 187 57.37 8.68 -36.94
C ASN C 187 57.33 7.85 -38.23
N ASP C 188 57.97 6.68 -38.22
CA ASP C 188 58.12 5.76 -39.38
C ASP C 188 56.76 5.18 -39.78
N LEU C 189 55.89 4.91 -38.80
CA LEU C 189 54.63 4.11 -38.96
C LEU C 189 53.39 5.03 -38.96
N TYR C 190 53.40 6.08 -38.13
CA TYR C 190 52.21 6.96 -37.87
C TYR C 190 52.49 8.43 -38.21
N GLY C 191 53.76 8.82 -38.34
CA GLY C 191 54.16 10.20 -38.73
C GLY C 191 54.56 11.05 -37.54
N THR C 192 55.08 12.25 -37.81
CA THR C 192 55.71 13.16 -36.82
C THR C 192 54.67 13.72 -35.85
N GLN C 193 53.40 13.87 -36.28
CA GLN C 193 52.37 14.61 -35.52
C GLN C 193 52.08 13.90 -34.19
N SER C 194 51.70 14.69 -33.18
CA SER C 194 51.23 14.22 -31.85
C SER C 194 50.06 13.25 -32.05
N LEU C 195 50.08 12.10 -31.37
CA LEU C 195 49.08 11.00 -31.53
C LEU C 195 48.08 11.01 -30.37
N SER C 196 46.79 10.84 -30.68
CA SER C 196 45.69 10.69 -29.70
C SER C 196 44.71 9.60 -30.19
N ILE C 197 44.19 8.79 -29.27
CA ILE C 197 43.21 7.70 -29.54
C ILE C 197 42.07 7.81 -28.53
N SER C 198 40.88 8.24 -28.97
CA SER C 198 39.66 8.36 -28.14
C SER C 198 38.74 7.17 -28.39
N VAL C 199 38.19 6.60 -27.33
CA VAL C 199 37.17 5.51 -27.36
C VAL C 199 35.99 5.97 -26.49
N GLY C 200 34.77 5.94 -27.05
CA GLY C 200 33.56 6.38 -26.33
C GLY C 200 32.35 5.52 -26.67
N SER C 201 31.60 5.10 -25.64
CA SER C 201 30.28 4.44 -25.72
C SER C 201 29.29 5.22 -24.85
N SER C 202 28.10 4.69 -24.56
CA SER C 202 27.11 5.28 -23.63
C SER C 202 27.65 5.23 -22.20
N THR C 203 28.28 4.11 -21.83
CA THR C 203 28.74 3.78 -20.45
C THR C 203 30.25 4.08 -20.31
N TYR C 204 31.05 3.57 -21.26
CA TYR C 204 32.53 3.64 -21.23
C TYR C 204 33.01 4.89 -21.98
N LYS C 205 34.13 5.45 -21.53
CA LYS C 205 34.83 6.61 -22.18
C LYS C 205 36.27 6.64 -21.65
N ASN C 206 37.24 6.93 -22.51
CA ASN C 206 38.69 6.89 -22.17
C ASN C 206 39.54 7.43 -23.33
N ASN C 207 40.70 8.01 -23.01
CA ASN C 207 41.69 8.52 -24.00
C ASN C 207 43.01 7.78 -23.80
N PHE C 208 43.77 7.56 -24.88
CA PHE C 208 45.04 6.78 -24.90
C PHE C 208 46.07 7.51 -25.76
N VAL C 209 47.26 7.72 -25.22
CA VAL C 209 48.43 8.37 -25.91
C VAL C 209 49.56 7.34 -25.97
N PRO C 210 49.97 6.91 -27.18
CA PRO C 210 51.09 5.98 -27.31
C PRO C 210 52.39 6.59 -26.77
N VAL C 211 52.81 6.15 -25.57
CA VAL C 211 54.08 6.59 -24.92
C VAL C 211 55.24 5.86 -25.60
N VAL C 212 56.36 6.57 -25.83
CA VAL C 212 57.56 6.06 -26.55
C VAL C 212 58.75 6.16 -25.59
N GLY C 213 59.48 5.05 -25.42
CA GLY C 213 60.57 4.92 -24.43
C GLY C 213 61.23 3.55 -24.52
N ALA C 214 62.54 3.50 -24.24
CA ALA C 214 63.35 2.28 -24.23
C ALA C 214 62.80 1.31 -23.17
N ARG C 215 62.79 0.02 -23.49
CA ARG C 215 62.39 -1.08 -22.56
C ARG C 215 63.10 -2.37 -22.95
N PRO C 216 63.21 -3.36 -22.02
CA PRO C 216 63.79 -4.67 -22.36
C PRO C 216 63.08 -5.39 -23.50
N GLN C 217 63.77 -6.26 -24.24
CA GLN C 217 63.22 -7.03 -25.38
C GLN C 217 62.52 -8.29 -24.85
N VAL C 218 61.25 -8.49 -25.23
CA VAL C 218 60.47 -9.75 -25.00
C VAL C 218 60.24 -10.39 -26.37
N ASN C 219 60.89 -11.53 -26.65
CA ASN C 219 60.95 -12.19 -27.97
C ASN C 219 61.68 -11.28 -28.97
N GLY C 220 62.73 -10.59 -28.49
CA GLY C 220 63.61 -9.72 -29.31
C GLY C 220 62.92 -8.45 -29.79
N LEU C 221 61.87 -8.00 -29.10
CA LEU C 221 61.06 -6.80 -29.45
C LEU C 221 60.85 -5.92 -28.21
N SER C 222 61.33 -4.66 -28.26
CA SER C 222 61.21 -3.64 -27.19
C SER C 222 59.85 -2.94 -27.24
N GLY C 223 59.11 -3.08 -28.34
CA GLY C 223 57.76 -2.50 -28.51
C GLY C 223 56.74 -3.22 -27.63
N ARG C 224 55.64 -2.55 -27.27
CA ARG C 224 54.51 -3.12 -26.49
C ARG C 224 53.18 -2.80 -27.19
N ILE C 225 52.27 -3.78 -27.22
CA ILE C 225 50.83 -3.59 -27.55
C ILE C 225 50.03 -3.91 -26.28
N ASP C 226 49.58 -2.87 -25.56
CA ASP C 226 48.73 -3.02 -24.35
C ASP C 226 47.27 -3.08 -24.80
N PHE C 227 46.52 -4.06 -24.29
CA PHE C 227 45.12 -4.34 -24.67
C PHE C 227 44.18 -3.76 -23.61
N HIS C 228 43.05 -3.23 -24.08
CA HIS C 228 41.94 -2.71 -23.23
C HIS C 228 40.65 -3.43 -23.63
N TRP C 229 39.63 -3.38 -22.79
CA TRP C 229 38.33 -4.05 -23.07
C TRP C 229 37.20 -3.35 -22.31
N THR C 230 35.98 -3.52 -22.79
CA THR C 230 34.73 -3.05 -22.14
C THR C 230 33.55 -3.82 -22.73
N LEU C 231 32.44 -3.87 -22.00
CA LEU C 231 31.15 -4.41 -22.49
C LEU C 231 30.43 -3.30 -23.27
N VAL C 232 29.76 -3.68 -24.35
CA VAL C 232 28.86 -2.78 -25.16
C VAL C 232 27.44 -3.32 -25.05
N GLN C 233 26.54 -2.59 -24.41
CA GLN C 233 25.14 -3.05 -24.14
C GLN C 233 24.39 -3.15 -25.47
N PRO C 234 23.28 -3.93 -25.53
CA PRO C 234 22.45 -4.00 -26.73
C PRO C 234 21.93 -2.64 -27.22
N GLY C 235 22.02 -2.40 -28.53
CA GLY C 235 21.51 -1.19 -29.20
C GLY C 235 22.43 0.01 -29.04
N ASP C 236 23.56 -0.16 -28.35
CA ASP C 236 24.52 0.94 -28.01
C ASP C 236 25.68 0.90 -29.01
N LYS C 237 26.36 2.04 -29.18
CA LYS C 237 27.49 2.21 -30.14
C LYS C 237 28.78 2.44 -29.35
N ILE C 238 29.92 2.04 -29.91
CA ILE C 238 31.28 2.41 -29.42
C ILE C 238 32.07 2.97 -30.60
N THR C 239 32.71 4.14 -30.43
CA THR C 239 33.37 4.91 -31.51
C THR C 239 34.87 5.05 -31.21
N PHE C 240 35.71 4.78 -32.21
CA PHE C 240 37.19 4.83 -32.13
C PHE C 240 37.71 6.00 -32.97
N SER C 241 38.00 7.14 -32.32
CA SER C 241 38.68 8.31 -32.92
C SER C 241 40.20 8.14 -32.74
N HIS C 242 40.96 8.05 -33.83
CA HIS C 242 42.42 7.79 -33.80
C HIS C 242 43.14 8.41 -35.01
N ASN C 243 44.34 8.95 -34.79
CA ASN C 243 45.25 9.50 -35.83
C ASN C 243 46.52 8.65 -35.89
N GLY C 244 46.41 7.35 -35.60
CA GLY C 244 47.51 6.36 -35.67
C GLY C 244 47.89 5.83 -34.30
N GLY C 245 48.26 4.55 -34.22
CA GLY C 245 48.69 3.88 -32.97
C GLY C 245 47.62 2.95 -32.43
N LEU C 246 46.44 2.91 -33.05
CA LEU C 246 45.33 2.00 -32.64
C LEU C 246 45.52 0.64 -33.32
N ILE C 247 45.35 -0.42 -32.53
CA ILE C 247 45.16 -1.82 -33.00
C ILE C 247 43.67 -2.13 -32.89
N ALA C 248 42.96 -2.09 -34.03
CA ALA C 248 41.48 -2.05 -34.10
C ALA C 248 40.92 -3.47 -34.21
N PRO C 249 39.74 -3.73 -33.60
CA PRO C 249 39.11 -5.05 -33.73
C PRO C 249 38.46 -5.28 -35.10
N SER C 250 38.73 -6.45 -35.71
CA SER C 250 37.96 -7.00 -36.85
C SER C 250 36.68 -7.63 -36.31
N ARG C 251 36.76 -8.27 -35.14
CA ARG C 251 35.62 -8.96 -34.49
C ARG C 251 35.55 -8.58 -33.00
N VAL C 252 34.33 -8.51 -32.48
CA VAL C 252 34.03 -8.47 -31.02
C VAL C 252 33.61 -9.88 -30.58
N SER C 253 33.59 -10.13 -29.27
CA SER C 253 33.30 -11.44 -28.65
C SER C 253 31.99 -11.36 -27.87
N LYS C 254 31.31 -12.50 -27.70
CA LYS C 254 30.09 -12.64 -26.86
C LYS C 254 30.24 -13.92 -26.03
N LEU C 255 30.28 -13.80 -24.71
CA LEU C 255 30.36 -14.96 -23.77
C LEU C 255 28.94 -15.52 -23.61
N ILE C 256 28.78 -16.83 -23.80
CA ILE C 256 27.45 -17.53 -23.77
C ILE C 256 27.39 -18.42 -22.52
N GLY C 257 26.29 -18.32 -21.76
CA GLY C 257 25.94 -19.24 -20.66
C GLY C 257 27.02 -19.35 -19.60
N ARG C 258 27.07 -20.49 -18.92
CA ARG C 258 27.93 -20.76 -17.74
C ARG C 258 28.75 -22.04 -17.96
N GLY C 259 29.93 -22.10 -17.34
CA GLY C 259 30.84 -23.27 -17.40
C GLY C 259 31.82 -23.27 -16.24
N LEU C 260 32.33 -24.45 -15.90
CA LEU C 260 33.29 -24.67 -14.78
C LEU C 260 34.71 -24.48 -15.32
N GLY C 261 35.43 -23.47 -14.82
CA GLY C 261 36.84 -23.22 -15.14
C GLY C 261 37.76 -24.06 -14.26
N ILE C 262 38.68 -24.81 -14.87
CA ILE C 262 39.66 -25.67 -14.16
C ILE C 262 41.07 -25.23 -14.58
N GLN C 263 41.93 -24.92 -13.61
CA GLN C 263 43.40 -24.76 -13.82
C GLN C 263 44.08 -26.02 -13.30
N SER C 264 44.72 -26.79 -14.18
CA SER C 264 45.35 -28.10 -13.86
C SER C 264 46.42 -28.45 -14.89
N GLU C 265 47.43 -29.24 -14.49
CA GLU C 265 48.50 -29.77 -15.37
C GLU C 265 48.18 -31.22 -15.78
N ALA C 266 47.14 -31.82 -15.19
CA ALA C 266 46.85 -33.27 -15.31
C ALA C 266 46.20 -33.58 -16.66
N PRO C 267 46.51 -34.74 -17.28
CA PRO C 267 45.90 -35.12 -18.57
C PRO C 267 44.40 -35.45 -18.48
N ILE C 268 43.71 -35.44 -19.62
CA ILE C 268 42.25 -35.72 -19.76
C ILE C 268 42.02 -37.24 -19.75
N ASP C 269 40.80 -37.66 -19.42
CA ASP C 269 40.32 -39.07 -19.48
C ASP C 269 38.80 -39.05 -19.63
N ASN C 270 38.27 -39.39 -20.81
CA ASN C 270 36.82 -39.29 -21.14
C ASN C 270 36.10 -40.61 -20.79
N SER C 271 36.75 -41.52 -20.07
CA SER C 271 36.17 -42.79 -19.57
C SER C 271 35.65 -42.61 -18.14
N CYS C 272 36.28 -41.72 -17.37
CA CYS C 272 36.07 -41.48 -15.91
C CYS C 272 35.20 -40.23 -15.71
N GLU C 273 34.31 -40.25 -14.70
CA GLU C 273 33.35 -39.17 -14.35
C GLU C 273 33.78 -38.49 -13.05
N SER C 274 33.56 -37.18 -12.90
CA SER C 274 33.87 -36.41 -11.66
C SER C 274 33.10 -35.08 -11.63
N LYS C 275 32.90 -34.54 -10.43
CA LYS C 275 32.28 -33.21 -10.18
C LYS C 275 33.22 -32.33 -9.34
N CYS C 276 34.41 -32.83 -9.00
CA CYS C 276 35.40 -32.14 -8.14
C CYS C 276 36.79 -32.24 -8.78
N PHE C 277 37.48 -31.11 -8.87
CA PHE C 277 38.78 -30.99 -9.56
C PHE C 277 39.71 -30.10 -8.74
N TRP C 278 41.01 -30.31 -8.90
CA TRP C 278 42.09 -29.48 -8.30
C TRP C 278 43.30 -29.54 -9.23
N ARG C 279 44.33 -28.75 -8.92
CA ARG C 279 45.57 -28.67 -9.74
C ARG C 279 46.02 -30.08 -10.14
N GLY C 280 45.97 -31.03 -9.20
CA GLY C 280 46.54 -32.39 -9.33
C GLY C 280 45.61 -33.39 -9.99
N GLY C 281 44.34 -33.05 -10.23
CA GLY C 281 43.41 -33.91 -10.98
C GLY C 281 42.00 -33.91 -10.44
N SER C 282 41.37 -35.09 -10.38
CA SER C 282 39.93 -35.28 -10.01
C SER C 282 39.82 -35.93 -8.63
N ILE C 283 38.65 -35.79 -8.02
CA ILE C 283 38.30 -36.39 -6.69
C ILE C 283 36.89 -37.00 -6.80
N ASN C 284 36.80 -38.33 -6.89
CA ASN C 284 35.57 -39.09 -7.24
C ASN C 284 34.89 -39.65 -6.00
N THR C 285 35.52 -39.47 -4.84
CA THR C 285 35.16 -40.10 -3.55
C THR C 285 33.72 -39.76 -3.15
N ARG C 286 33.05 -40.69 -2.48
CA ARG C 286 31.70 -40.50 -1.87
C ARG C 286 31.87 -39.97 -0.44
N LEU C 287 33.10 -39.97 0.07
CA LEU C 287 33.47 -39.56 1.46
C LEU C 287 33.22 -38.07 1.63
N PRO C 288 32.85 -37.63 2.85
CA PRO C 288 32.47 -36.23 3.10
C PRO C 288 33.63 -35.23 3.22
N PHE C 289 34.84 -35.73 3.53
CA PHE C 289 36.05 -34.92 3.78
C PHE C 289 37.19 -35.41 2.88
N GLN C 290 38.28 -34.65 2.84
CA GLN C 290 39.36 -34.76 1.83
C GLN C 290 40.56 -33.96 2.34
N ASN C 291 41.80 -34.45 2.18
CA ASN C 291 43.02 -33.74 2.66
C ASN C 291 44.05 -33.63 1.52
N LEU C 292 43.57 -33.51 0.28
CA LEU C 292 44.43 -33.42 -0.94
C LEU C 292 44.81 -31.97 -1.20
N SER C 293 43.84 -31.06 -1.22
CA SER C 293 44.07 -29.60 -1.44
C SER C 293 42.93 -28.76 -0.87
N PRO C 294 43.25 -27.59 -0.28
CA PRO C 294 42.24 -26.58 0.04
C PRO C 294 41.74 -25.80 -1.19
N ARG C 295 42.45 -25.88 -2.31
CA ARG C 295 42.06 -25.25 -3.61
C ARG C 295 41.40 -26.32 -4.49
N THR C 296 40.06 -26.37 -4.51
CA THR C 296 39.25 -27.27 -5.37
C THR C 296 38.16 -26.45 -6.06
N VAL C 297 37.52 -27.02 -7.08
CA VAL C 297 36.38 -26.41 -7.83
C VAL C 297 35.35 -27.50 -8.14
N GLY C 298 34.07 -27.12 -8.20
CA GLY C 298 32.94 -28.03 -8.41
C GLY C 298 32.24 -28.39 -7.10
N GLN C 299 31.55 -29.52 -7.08
CA GLN C 299 30.85 -30.06 -5.88
C GLN C 299 31.83 -30.99 -5.15
N CYS C 300 32.40 -30.53 -4.03
CA CYS C 300 33.62 -31.13 -3.43
C CYS C 300 33.39 -31.56 -1.98
N PRO C 301 34.07 -32.64 -1.54
CA PRO C 301 34.22 -32.91 -0.11
C PRO C 301 35.01 -31.74 0.49
N LYS C 302 34.76 -31.44 1.76
CA LYS C 302 35.38 -30.30 2.48
C LYS C 302 36.82 -30.67 2.83
N TYR C 303 37.75 -29.73 2.69
CA TYR C 303 39.17 -29.93 3.07
C TYR C 303 39.27 -29.95 4.60
N VAL C 304 40.04 -30.88 5.15
CA VAL C 304 40.32 -31.00 6.61
C VAL C 304 41.82 -31.21 6.82
N ASN C 305 42.40 -30.69 7.91
CA ASN C 305 43.81 -30.90 8.32
C ASN C 305 43.89 -32.21 9.11
N LYS C 306 43.59 -33.33 8.46
CA LYS C 306 43.51 -34.69 9.08
C LYS C 306 43.92 -35.73 8.05
N LYS C 307 44.88 -36.59 8.41
CA LYS C 307 45.32 -37.75 7.58
C LYS C 307 44.13 -38.72 7.46
N SER C 308 43.55 -39.11 8.59
CA SER C 308 42.51 -40.17 8.72
C SER C 308 41.52 -39.83 9.83
N LEU C 309 40.24 -40.15 9.63
CA LEU C 309 39.15 -40.09 10.63
C LEU C 309 38.27 -41.32 10.48
N MET C 310 38.50 -42.34 11.32
CA MET C 310 37.81 -43.66 11.21
C MET C 310 36.48 -43.61 11.97
N LEU C 311 35.38 -43.89 11.26
CA LEU C 311 34.01 -43.95 11.80
C LEU C 311 33.65 -45.41 12.11
N ALA C 312 33.44 -45.74 13.40
CA ALA C 312 33.07 -47.08 13.87
C ALA C 312 31.79 -47.54 13.15
N THR C 313 31.79 -48.77 12.63
CA THR C 313 30.65 -49.43 11.95
C THR C 313 30.31 -50.74 12.67
N GLY C 314 30.81 -50.92 13.89
CA GLY C 314 30.57 -52.10 14.73
C GLY C 314 30.82 -51.82 16.19
N MET C 315 30.48 -52.77 17.06
CA MET C 315 30.57 -52.66 18.54
C MET C 315 32.03 -52.72 18.98
N ARG C 316 32.29 -52.42 20.25
CA ARG C 316 33.59 -52.69 20.93
C ARG C 316 34.02 -54.12 20.60
N ASN C 317 35.27 -54.29 20.18
CA ASN C 317 35.88 -55.63 19.99
C ASN C 317 36.50 -56.07 21.33
N VAL C 318 35.94 -57.09 21.96
CA VAL C 318 36.46 -57.71 23.21
C VAL C 318 36.87 -59.14 22.86
N PRO C 319 38.17 -59.37 22.52
CA PRO C 319 38.59 -60.61 21.90
C PRO C 319 38.75 -61.76 22.93
N GLU C 320 38.94 -62.99 22.44
CA GLU C 320 38.55 -64.29 23.06
C GLU C 320 37.16 -64.65 22.50
N GLY D 1 31.22 -49.55 29.80
CA GLY D 1 30.22 -48.96 28.87
C GLY D 1 29.00 -48.45 29.61
N LEU D 2 28.23 -47.57 28.97
CA LEU D 2 27.01 -46.95 29.53
C LEU D 2 26.06 -48.01 30.08
N PHE D 3 25.83 -49.10 29.34
CA PHE D 3 24.77 -50.10 29.64
C PHE D 3 25.35 -51.34 30.34
N GLY D 4 26.68 -51.40 30.49
CA GLY D 4 27.36 -52.30 31.43
C GLY D 4 27.43 -53.75 30.98
N ALA D 5 27.06 -54.08 29.73
CA ALA D 5 27.04 -55.46 29.18
C ALA D 5 28.33 -55.74 28.40
N ILE D 6 28.50 -55.11 27.25
CA ILE D 6 29.68 -55.32 26.35
C ILE D 6 30.87 -54.59 26.97
N ALA D 7 31.97 -55.31 27.18
CA ALA D 7 33.15 -54.87 27.98
C ALA D 7 32.69 -54.58 29.40
N GLY D 8 31.68 -55.34 29.86
CA GLY D 8 31.05 -55.19 31.19
C GLY D 8 30.89 -56.55 31.85
N PHE D 9 29.67 -56.90 32.26
CA PHE D 9 29.38 -58.17 32.99
C PHE D 9 29.54 -59.37 32.04
N ILE D 10 29.40 -59.16 30.73
CA ILE D 10 29.81 -60.16 29.70
C ILE D 10 31.32 -60.01 29.46
N GLU D 11 32.10 -61.02 29.89
CA GLU D 11 33.57 -60.95 30.05
C GLU D 11 34.25 -60.69 28.70
N ASN D 12 33.78 -61.32 27.62
CA ASN D 12 34.37 -61.13 26.27
C ASN D 12 33.36 -61.57 25.18
N GLY D 13 33.69 -61.28 23.92
CA GLY D 13 32.88 -61.63 22.75
C GLY D 13 33.24 -63.02 22.24
N TRP D 14 32.49 -63.50 21.25
CA TRP D 14 32.63 -64.86 20.66
C TRP D 14 33.12 -64.76 19.21
N GLU D 15 34.41 -65.02 18.97
CA GLU D 15 35.01 -65.10 17.61
C GLU D 15 34.30 -66.22 16.83
N GLY D 16 33.82 -67.25 17.53
CA GLY D 16 33.12 -68.41 16.96
C GLY D 16 31.79 -68.05 16.31
N MET D 17 31.12 -66.99 16.77
CA MET D 17 29.79 -66.58 16.25
C MET D 17 29.97 -65.67 15.03
N VAL D 18 29.68 -66.22 13.85
CA VAL D 18 30.00 -65.57 12.53
C VAL D 18 28.72 -65.43 11.69
N ASP D 19 27.53 -65.67 12.27
CA ASP D 19 26.23 -65.58 11.57
C ASP D 19 25.34 -64.52 12.25
N GLY D 20 25.94 -63.64 13.07
CA GLY D 20 25.21 -62.57 13.80
C GLY D 20 26.10 -61.82 14.77
N TRP D 21 25.61 -60.72 15.32
CA TRP D 21 26.32 -59.84 16.28
C TRP D 21 26.04 -60.28 17.71
N TYR D 22 24.78 -60.63 17.98
CA TYR D 22 24.27 -61.09 19.30
C TYR D 22 23.69 -62.50 19.12
N GLY D 23 23.76 -63.32 20.17
CA GLY D 23 23.15 -64.67 20.16
C GLY D 23 23.35 -65.41 21.46
N PHE D 24 23.04 -66.71 21.44
CA PHE D 24 22.95 -67.60 22.62
C PHE D 24 23.95 -68.76 22.49
N ARG D 25 24.47 -69.21 23.62
CA ARG D 25 25.08 -70.55 23.83
C ARG D 25 24.36 -71.20 25.01
N HIS D 26 23.95 -72.46 24.85
CA HIS D 26 23.28 -73.25 25.91
C HIS D 26 24.05 -74.55 26.17
N GLN D 27 23.91 -75.09 27.38
CA GLN D 27 24.34 -76.47 27.75
C GLN D 27 23.20 -77.13 28.53
N ASN D 28 22.75 -78.29 28.05
CA ASN D 28 21.70 -79.13 28.70
C ASN D 28 22.20 -80.58 28.69
N ALA D 29 21.37 -81.53 29.14
CA ALA D 29 21.65 -82.98 29.11
C ALA D 29 22.08 -83.38 27.69
N GLN D 30 21.26 -83.01 26.71
CA GLN D 30 21.37 -83.33 25.26
C GLN D 30 22.73 -82.90 24.69
N GLY D 31 23.33 -81.82 25.22
CA GLY D 31 24.67 -81.34 24.83
C GLY D 31 24.73 -79.81 24.69
N THR D 32 25.61 -79.31 23.82
CA THR D 32 25.90 -77.86 23.63
C THR D 32 25.29 -77.37 22.30
N GLY D 33 24.95 -76.07 22.23
CA GLY D 33 24.45 -75.40 21.03
C GLY D 33 24.86 -73.93 20.97
N GLN D 34 24.74 -73.31 19.79
CA GLN D 34 24.98 -71.87 19.53
C GLN D 34 24.03 -71.43 18.42
N ALA D 35 23.40 -70.25 18.56
CA ALA D 35 22.51 -69.65 17.55
C ALA D 35 22.53 -68.12 17.68
N ALA D 36 22.42 -67.42 16.55
CA ALA D 36 22.40 -65.95 16.47
C ALA D 36 20.96 -65.45 16.65
N ASP D 37 20.80 -64.28 17.28
CA ASP D 37 19.50 -63.55 17.35
C ASP D 37 19.43 -62.57 16.18
N TYR D 38 18.46 -62.76 15.29
CA TYR D 38 18.29 -61.94 14.06
C TYR D 38 17.83 -60.53 14.47
N LYS D 39 16.71 -60.43 15.21
CA LYS D 39 16.00 -59.17 15.52
C LYS D 39 17.00 -58.13 16.06
N SER D 40 17.81 -58.51 17.05
CA SER D 40 18.74 -57.59 17.76
C SER D 40 19.98 -57.31 16.92
N THR D 41 20.44 -58.27 16.10
CA THR D 41 21.58 -58.09 15.16
C THR D 41 21.19 -57.07 14.08
N GLN D 42 19.97 -57.18 13.56
CA GLN D 42 19.47 -56.33 12.45
C GLN D 42 19.22 -54.91 13.01
N ALA D 43 18.75 -54.81 14.26
CA ALA D 43 18.48 -53.53 14.95
C ALA D 43 19.77 -52.70 14.98
N ALA D 44 20.90 -53.32 15.35
CA ALA D 44 22.21 -52.66 15.49
C ALA D 44 22.74 -52.28 14.11
N ILE D 45 22.64 -53.19 13.13
CA ILE D 45 23.16 -53.00 11.75
C ILE D 45 22.38 -51.88 11.06
N ASP D 46 21.05 -51.86 11.22
CA ASP D 46 20.17 -50.87 10.55
C ASP D 46 20.49 -49.46 11.08
N GLN D 47 20.78 -49.32 12.37
CA GLN D 47 21.10 -48.02 13.01
C GLN D 47 22.45 -47.51 12.47
N ILE D 48 23.43 -48.40 12.31
CA ILE D 48 24.78 -48.06 11.77
C ILE D 48 24.65 -47.67 10.29
N THR D 49 23.86 -48.42 9.51
CA THR D 49 23.56 -48.12 8.09
C THR D 49 23.01 -46.69 8.01
N GLY D 50 22.06 -46.35 8.87
CA GLY D 50 21.44 -45.00 8.95
C GLY D 50 22.49 -43.91 9.09
N LYS D 51 23.47 -44.10 9.96
CA LYS D 51 24.58 -43.15 10.20
C LYS D 51 25.38 -42.96 8.91
N LEU D 52 25.76 -44.07 8.26
CA LEU D 52 26.58 -44.05 7.02
C LEU D 52 25.82 -43.28 5.94
N ASN D 53 24.50 -43.47 5.83
CA ASN D 53 23.65 -42.77 4.83
C ASN D 53 23.70 -41.26 5.09
N ARG D 54 23.74 -40.84 6.36
CA ARG D 54 23.71 -39.40 6.75
C ARG D 54 25.10 -38.78 6.56
N ILE D 55 26.18 -39.53 6.83
CA ILE D 55 27.57 -38.99 6.99
C ILE D 55 28.34 -39.09 5.68
N ILE D 56 28.22 -40.20 4.94
CA ILE D 56 28.92 -40.40 3.63
C ILE D 56 28.15 -39.62 2.55
N LYS D 57 28.44 -38.31 2.49
CA LYS D 57 27.78 -37.32 1.60
C LYS D 57 28.67 -36.07 1.52
N LYS D 58 28.59 -35.35 0.39
CA LYS D 58 29.13 -33.98 0.23
C LYS D 58 27.94 -33.08 -0.13
N THR D 59 28.08 -31.76 0.04
CA THR D 59 27.06 -30.77 -0.38
C THR D 59 27.05 -30.73 -1.91
N ASN D 60 25.91 -30.38 -2.52
CA ASN D 60 25.76 -30.27 -4.00
C ASN D 60 25.98 -28.82 -4.43
N THR D 61 26.56 -27.99 -3.55
CA THR D 61 26.93 -26.57 -3.81
C THR D 61 28.11 -26.52 -4.79
N GLU D 62 27.96 -25.79 -5.90
CA GLU D 62 29.01 -25.58 -6.92
C GLU D 62 29.89 -24.41 -6.48
N PHE D 63 31.19 -24.65 -6.28
CA PHE D 63 32.19 -23.62 -5.94
C PHE D 63 33.09 -23.37 -7.16
N GLU D 64 33.34 -22.10 -7.47
CA GLU D 64 34.31 -21.65 -8.50
C GLU D 64 35.63 -21.30 -7.83
N SER D 65 36.67 -21.11 -8.64
CA SER D 65 38.02 -20.67 -8.22
C SER D 65 37.96 -19.20 -7.81
N ILE D 66 38.65 -18.83 -6.72
CA ILE D 66 38.91 -17.41 -6.32
C ILE D 66 40.43 -17.21 -6.15
N GLU D 67 41.22 -18.28 -6.29
CA GLU D 67 42.71 -18.25 -6.31
C GLU D 67 43.18 -18.77 -7.67
N SER D 68 43.94 -17.98 -8.43
CA SER D 68 44.58 -18.43 -9.70
C SER D 68 45.78 -19.31 -9.37
N GLU D 69 45.88 -20.48 -10.01
CA GLU D 69 47.02 -21.43 -9.86
C GLU D 69 48.26 -20.86 -10.55
N PHE D 70 48.09 -20.13 -11.66
CA PHE D 70 49.17 -19.83 -12.65
C PHE D 70 49.52 -18.34 -12.69
N SER D 71 48.83 -17.47 -11.95
CA SER D 71 49.10 -16.00 -11.94
C SER D 71 48.96 -15.44 -10.52
N GLU D 72 49.66 -14.34 -10.25
CA GLU D 72 49.63 -13.63 -8.93
C GLU D 72 48.32 -12.84 -8.83
N ILE D 73 47.74 -12.79 -7.64
CA ILE D 73 46.57 -11.91 -7.28
C ILE D 73 47.12 -10.77 -6.41
N ASP D 74 46.39 -9.65 -6.32
CA ASP D 74 46.70 -8.54 -5.38
C ASP D 74 46.97 -9.14 -4.00
N HIS D 75 48.01 -8.66 -3.32
CA HIS D 75 48.56 -9.26 -2.09
C HIS D 75 47.55 -9.13 -0.93
N GLN D 76 46.82 -8.01 -0.84
CA GLN D 76 45.88 -7.74 0.29
C GLN D 76 44.67 -8.68 0.19
N ILE D 77 44.02 -8.78 -0.97
CA ILE D 77 42.83 -9.65 -1.18
C ILE D 77 43.26 -11.13 -1.07
N GLY D 78 44.47 -11.46 -1.51
CA GLY D 78 45.07 -12.80 -1.35
C GLY D 78 45.15 -13.21 0.11
N ASN D 79 45.54 -12.28 0.98
CA ASN D 79 45.67 -12.50 2.45
C ASN D 79 44.28 -12.67 3.07
N VAL D 80 43.28 -11.94 2.60
CA VAL D 80 41.86 -12.07 3.06
C VAL D 80 41.38 -13.48 2.69
N ILE D 81 41.57 -13.89 1.44
CA ILE D 81 41.15 -15.24 0.95
C ILE D 81 41.86 -16.30 1.82
N ASN D 82 43.17 -16.16 2.01
CA ASN D 82 44.00 -17.11 2.80
C ASN D 82 43.43 -17.22 4.22
N TRP D 83 43.17 -16.08 4.87
CA TRP D 83 42.58 -16.01 6.24
C TRP D 83 41.22 -16.72 6.24
N THR D 84 40.35 -16.42 5.27
CA THR D 84 38.97 -16.96 5.18
C THR D 84 39.03 -18.49 5.01
N LYS D 85 39.77 -18.97 4.01
CA LYS D 85 39.88 -20.41 3.68
C LYS D 85 40.41 -21.18 4.89
N ASP D 86 41.47 -20.68 5.52
CA ASP D 86 42.11 -21.32 6.71
C ASP D 86 41.09 -21.38 7.86
N SER D 87 40.28 -20.32 8.04
CA SER D 87 39.22 -20.25 9.08
C SER D 87 38.15 -21.31 8.80
N ILE D 88 37.71 -21.41 7.56
CA ILE D 88 36.68 -22.40 7.12
C ILE D 88 37.22 -23.82 7.36
N THR D 89 38.48 -24.06 7.01
CA THR D 89 39.17 -25.36 7.13
C THR D 89 39.29 -25.75 8.62
N ASP D 90 39.59 -24.78 9.49
CA ASP D 90 39.65 -25.00 10.96
C ASP D 90 38.26 -25.45 11.44
N ILE D 91 37.19 -24.83 10.94
CA ILE D 91 35.79 -25.17 11.32
C ILE D 91 35.48 -26.61 10.88
N TRP D 92 35.74 -26.94 9.61
CA TRP D 92 35.40 -28.28 9.05
C TRP D 92 36.24 -29.37 9.72
N THR D 93 37.52 -29.12 9.95
CA THR D 93 38.44 -30.05 10.66
C THR D 93 37.82 -30.37 12.03
N TYR D 94 37.45 -29.33 12.77
CA TYR D 94 36.84 -29.42 14.11
C TYR D 94 35.52 -30.20 14.02
N GLN D 95 34.63 -29.81 13.11
CA GLN D 95 33.29 -30.43 12.94
C GLN D 95 33.46 -31.92 12.63
N ALA D 96 34.40 -32.27 11.76
CA ALA D 96 34.69 -33.66 11.32
C ALA D 96 35.17 -34.47 12.53
N GLU D 97 36.14 -33.93 13.28
CA GLU D 97 36.71 -34.60 14.48
C GLU D 97 35.61 -34.86 15.51
N LEU D 98 34.73 -33.87 15.73
CA LEU D 98 33.63 -33.95 16.73
C LEU D 98 32.56 -34.93 16.25
N LEU D 99 32.13 -34.83 14.99
CA LEU D 99 31.09 -35.72 14.40
C LEU D 99 31.48 -37.18 14.68
N VAL D 100 32.66 -37.57 14.22
CA VAL D 100 33.13 -38.98 14.24
C VAL D 100 33.30 -39.43 15.70
N ALA D 101 33.89 -38.60 16.55
CA ALA D 101 34.08 -38.88 17.99
C ALA D 101 32.72 -39.15 18.64
N MET D 102 31.74 -38.28 18.35
CA MET D 102 30.38 -38.33 18.94
C MET D 102 29.65 -39.58 18.44
N GLU D 103 29.66 -39.84 17.13
CA GLU D 103 28.99 -41.01 16.51
C GLU D 103 29.64 -42.29 17.02
N ASN D 104 30.97 -42.32 17.11
CA ASN D 104 31.73 -43.50 17.60
C ASN D 104 31.25 -43.83 19.02
N GLN D 105 31.15 -42.83 19.89
CA GLN D 105 30.65 -43.00 21.28
C GLN D 105 29.25 -43.60 21.23
N HIS D 106 28.36 -43.05 20.39
CA HIS D 106 26.94 -43.48 20.27
C HIS D 106 26.87 -44.92 19.74
N THR D 107 27.61 -45.24 18.68
CA THR D 107 27.62 -46.58 18.03
C THR D 107 27.95 -47.64 19.07
N ILE D 108 29.02 -47.43 19.84
CA ILE D 108 29.50 -48.37 20.90
C ILE D 108 28.40 -48.55 21.94
N ASP D 109 27.86 -47.45 22.48
CA ASP D 109 26.86 -47.48 23.57
C ASP D 109 25.55 -48.08 23.02
N MET D 110 25.19 -47.76 21.78
CA MET D 110 23.97 -48.29 21.12
C MET D 110 24.06 -49.82 21.08
N ALA D 111 25.20 -50.34 20.64
CA ALA D 111 25.48 -51.80 20.51
C ALA D 111 25.41 -52.46 21.88
N ASP D 112 25.96 -51.79 22.91
CA ASP D 112 25.88 -52.21 24.34
C ASP D 112 24.41 -52.35 24.74
N SER D 113 23.58 -51.36 24.37
CA SER D 113 22.15 -51.28 24.76
C SER D 113 21.36 -52.44 24.13
N GLU D 114 21.68 -52.81 22.89
CA GLU D 114 20.95 -53.89 22.16
C GLU D 114 21.24 -55.23 22.83
N MET D 115 22.47 -55.44 23.29
CA MET D 115 22.90 -56.63 24.06
C MET D 115 22.09 -56.69 25.35
N LEU D 116 22.05 -55.60 26.12
CA LEU D 116 21.35 -55.53 27.43
C LEU D 116 19.85 -55.80 27.22
N ASN D 117 19.25 -55.19 26.21
CA ASN D 117 17.79 -55.30 25.92
C ASN D 117 17.44 -56.78 25.66
N LEU D 118 18.32 -57.53 25.00
CA LEU D 118 18.13 -58.97 24.73
C LEU D 118 18.20 -59.75 26.05
N TYR D 119 19.24 -59.49 26.86
CA TYR D 119 19.45 -60.10 28.20
C TYR D 119 18.20 -59.90 29.05
N GLU D 120 17.64 -58.68 29.07
CA GLU D 120 16.48 -58.30 29.91
C GLU D 120 15.22 -58.98 29.37
N ARG D 121 15.11 -59.14 28.06
CA ARG D 121 13.97 -59.84 27.40
C ARG D 121 13.94 -61.30 27.89
N VAL D 122 15.09 -61.97 27.86
CA VAL D 122 15.26 -63.37 28.30
C VAL D 122 15.00 -63.45 29.81
N ARG D 123 15.63 -62.60 30.62
CA ARG D 123 15.45 -62.59 32.09
C ARG D 123 13.95 -62.66 32.41
N LYS D 124 13.15 -61.80 31.78
CA LYS D 124 11.70 -61.64 32.06
C LYS D 124 10.94 -62.88 31.57
N GLN D 125 11.33 -63.43 30.41
CA GLN D 125 10.72 -64.68 29.86
C GLN D 125 10.84 -65.81 30.88
N LEU D 126 12.03 -66.02 31.46
CA LEU D 126 12.35 -67.16 32.36
C LEU D 126 11.72 -66.94 33.74
N ARG D 127 11.38 -65.69 34.09
CA ARG D 127 10.63 -65.37 35.34
C ARG D 127 11.32 -66.05 36.52
N GLN D 128 10.63 -66.93 37.26
CA GLN D 128 11.15 -67.54 38.52
C GLN D 128 11.80 -68.90 38.25
N ASN D 129 12.00 -69.26 36.98
CA ASN D 129 12.51 -70.59 36.58
C ASN D 129 14.04 -70.56 36.40
N ALA D 130 14.67 -69.39 36.54
CA ALA D 130 16.13 -69.22 36.34
C ALA D 130 16.71 -68.17 37.28
N GLU D 131 18.03 -68.13 37.38
CA GLU D 131 18.79 -67.17 38.22
C GLU D 131 19.98 -66.64 37.41
N GLU D 132 20.37 -65.39 37.67
CA GLU D 132 21.44 -64.67 36.93
C GLU D 132 22.80 -65.18 37.42
N ASP D 133 23.61 -65.63 36.47
CA ASP D 133 25.01 -66.14 36.63
C ASP D 133 25.92 -65.02 37.12
N GLY D 134 25.68 -63.79 36.63
CA GLY D 134 26.55 -62.62 36.85
C GLY D 134 27.44 -62.35 35.64
N LYS D 135 27.62 -63.36 34.78
CA LYS D 135 28.50 -63.30 33.58
C LYS D 135 27.66 -63.29 32.31
N GLY D 136 26.37 -62.94 32.41
CA GLY D 136 25.45 -62.81 31.26
C GLY D 136 24.76 -64.11 30.92
N CYS D 137 24.90 -65.13 31.77
CA CYS D 137 24.29 -66.47 31.62
C CYS D 137 23.12 -66.60 32.60
N PHE D 138 22.17 -67.48 32.30
CA PHE D 138 21.01 -67.84 33.16
C PHE D 138 21.09 -69.33 33.52
N GLU D 139 21.23 -69.66 34.80
CA GLU D 139 21.12 -71.05 35.33
C GLU D 139 19.63 -71.39 35.40
N ILE D 140 19.17 -72.29 34.53
CA ILE D 140 17.76 -72.74 34.42
C ILE D 140 17.59 -73.95 35.36
N TYR D 141 16.61 -73.91 36.25
CA TYR D 141 16.41 -74.91 37.33
C TYR D 141 15.37 -75.95 36.89
N HIS D 142 15.48 -76.45 35.66
CA HIS D 142 14.65 -77.55 35.11
C HIS D 142 15.28 -78.08 33.83
N ALA D 143 14.96 -79.32 33.46
CA ALA D 143 15.32 -79.96 32.18
C ALA D 143 14.81 -79.05 31.06
N CYS D 144 15.74 -78.42 30.34
CA CYS D 144 15.44 -77.58 29.15
C CYS D 144 16.13 -78.23 27.95
N ASP D 145 15.39 -79.06 27.22
CA ASP D 145 15.87 -79.77 26.00
C ASP D 145 16.04 -78.74 24.86
N ASP D 146 16.60 -79.15 23.73
CA ASP D 146 16.91 -78.28 22.57
C ASP D 146 15.62 -77.60 22.08
N SER D 147 14.45 -78.21 22.30
CA SER D 147 13.13 -77.66 21.91
C SER D 147 12.74 -76.54 22.88
N CYS D 148 13.00 -76.73 24.18
CA CYS D 148 12.79 -75.72 25.26
C CYS D 148 13.70 -74.51 25.01
N MET D 149 14.99 -74.75 24.73
CA MET D 149 15.99 -73.70 24.43
C MET D 149 15.53 -72.88 23.21
N GLU D 150 15.07 -73.55 22.16
CA GLU D 150 14.54 -72.91 20.92
C GLU D 150 13.38 -71.98 21.30
N SER D 151 12.54 -72.38 22.25
CA SER D 151 11.35 -71.61 22.71
C SER D 151 11.81 -70.32 23.39
N ILE D 152 12.97 -70.33 24.07
CA ILE D 152 13.56 -69.13 24.75
C ILE D 152 14.02 -68.15 23.67
N ARG D 153 14.76 -68.64 22.66
CA ARG D 153 15.27 -67.83 21.52
C ARG D 153 14.11 -67.24 20.72
N ASN D 154 13.02 -68.00 20.51
CA ASN D 154 11.89 -67.63 19.62
C ASN D 154 10.83 -66.83 20.41
N ASN D 155 11.08 -66.58 21.70
CA ASN D 155 10.21 -65.75 22.59
C ASN D 155 8.83 -66.43 22.75
N THR D 156 8.79 -67.76 22.83
CA THR D 156 7.54 -68.57 22.99
C THR D 156 7.60 -69.41 24.28
N TYR D 157 8.69 -69.34 25.05
CA TYR D 157 8.87 -70.08 26.33
C TYR D 157 7.78 -69.64 27.32
N ASP D 158 6.97 -70.60 27.78
CA ASP D 158 5.89 -70.40 28.79
C ASP D 158 6.44 -70.83 30.16
N HIS D 159 6.71 -69.87 31.05
CA HIS D 159 7.31 -70.09 32.40
C HIS D 159 6.39 -70.98 33.25
N SER D 160 5.06 -70.90 33.06
CA SER D 160 4.05 -71.58 33.91
C SER D 160 4.17 -73.11 33.79
N GLN D 161 4.58 -73.61 32.62
CA GLN D 161 4.75 -75.06 32.32
C GLN D 161 5.80 -75.70 33.24
N TYR D 162 6.89 -74.99 33.54
CA TYR D 162 8.08 -75.52 34.27
C TYR D 162 8.19 -74.92 35.67
N ARG D 163 7.23 -74.08 36.09
CA ARG D 163 7.33 -73.25 37.32
C ARG D 163 7.49 -74.15 38.55
N GLU D 164 6.55 -75.08 38.77
CA GLU D 164 6.47 -75.95 39.98
C GLU D 164 7.78 -76.74 40.11
N GLU D 165 8.25 -77.35 39.03
CA GLU D 165 9.53 -78.11 38.98
C GLU D 165 10.69 -77.18 39.40
N ALA D 166 10.73 -75.98 38.82
CA ALA D 166 11.85 -75.02 38.97
C ALA D 166 11.94 -74.52 40.42
N LEU D 167 10.81 -74.11 41.02
CA LEU D 167 10.77 -73.56 42.40
C LEU D 167 11.25 -74.61 43.40
N LEU D 168 10.87 -75.88 43.21
CA LEU D 168 11.33 -77.02 44.06
C LEU D 168 12.86 -77.12 44.00
N ASN D 169 13.43 -77.14 42.79
CA ASN D 169 14.90 -77.24 42.54
C ASN D 169 15.61 -76.02 43.15
N ARG D 170 14.99 -74.83 43.09
CA ARG D 170 15.60 -73.55 43.56
C ARG D 170 15.65 -73.54 45.09
N LEU D 171 14.57 -73.98 45.76
CA LEU D 171 14.46 -74.02 47.25
C LEU D 171 15.18 -75.24 47.82
N ASN D 172 15.18 -76.36 47.08
CA ASN D 172 15.95 -77.60 47.37
C ASN D 172 15.42 -78.20 48.68
N ASP E 1 -6.19 -66.48 40.14
CA ASP E 1 -5.61 -65.52 39.14
C ASP E 1 -5.08 -64.28 39.87
N PRO E 2 -3.84 -63.79 39.59
CA PRO E 2 -3.29 -62.65 40.31
C PRO E 2 -3.71 -61.30 39.71
N ASP E 3 -3.98 -60.30 40.57
CA ASP E 3 -4.24 -58.89 40.20
C ASP E 3 -2.99 -58.33 39.52
N LYS E 4 -3.11 -57.23 38.77
CA LYS E 4 -2.12 -56.83 37.74
C LYS E 4 -2.13 -55.31 37.56
N ILE E 5 -0.95 -54.68 37.60
CA ILE E 5 -0.75 -53.23 37.28
C ILE E 5 0.24 -53.12 36.11
N CYS E 6 -0.19 -52.47 35.03
CA CYS E 6 0.54 -52.28 33.76
C CYS E 6 1.05 -50.85 33.65
N LEU E 7 2.28 -50.66 33.18
CA LEU E 7 2.83 -49.32 32.85
C LEU E 7 2.82 -49.13 31.32
N GLY E 8 2.58 -47.89 30.90
CA GLY E 8 2.40 -47.51 29.50
C GLY E 8 2.60 -46.02 29.29
N HIS E 9 2.60 -45.61 28.03
CA HIS E 9 2.83 -44.20 27.60
C HIS E 9 1.75 -43.82 26.59
N HIS E 10 1.52 -42.51 26.42
CA HIS E 10 0.48 -41.99 25.49
C HIS E 10 0.93 -42.25 24.05
N ALA E 11 -0.01 -42.11 23.11
CA ALA E 11 0.21 -42.15 21.66
C ALA E 11 -0.81 -41.21 21.02
N VAL E 12 -0.72 -41.02 19.70
CA VAL E 12 -1.67 -40.17 18.94
C VAL E 12 -1.95 -40.89 17.61
N ALA E 13 -3.10 -40.60 17.00
CA ALA E 13 -3.53 -41.20 15.72
C ALA E 13 -2.61 -40.71 14.60
N ASN E 14 -2.46 -39.38 14.47
CA ASN E 14 -1.66 -38.70 13.43
C ASN E 14 -0.33 -38.24 14.05
N GLY E 15 0.72 -39.05 13.92
CA GLY E 15 2.10 -38.72 14.35
C GLY E 15 2.84 -37.96 13.27
N THR E 16 4.03 -37.42 13.59
CA THR E 16 4.87 -36.59 12.68
C THR E 16 6.24 -37.25 12.48
N ILE E 17 6.76 -37.22 11.25
CA ILE E 17 8.08 -37.83 10.86
C ILE E 17 9.19 -36.81 11.12
N VAL E 18 10.25 -37.23 11.81
CA VAL E 18 11.49 -36.43 12.05
C VAL E 18 12.69 -37.30 11.66
N LYS E 19 13.86 -36.69 11.48
CA LYS E 19 15.15 -37.38 11.20
C LYS E 19 15.95 -37.44 12.50
N THR E 20 16.56 -38.59 12.79
CA THR E 20 17.50 -38.83 13.92
C THR E 20 18.88 -39.17 13.35
N LEU E 21 19.83 -39.49 14.21
CA LEU E 21 21.21 -39.88 13.78
C LEU E 21 21.14 -41.19 12.99
N THR E 22 20.21 -42.08 13.34
CA THR E 22 20.14 -43.48 12.85
C THR E 22 18.98 -43.71 11.88
N ASN E 23 17.94 -42.87 11.91
CA ASN E 23 16.65 -43.15 11.22
C ASN E 23 16.17 -41.88 10.51
N GLU E 24 15.91 -41.98 9.22
CA GLU E 24 15.49 -40.85 8.35
C GLU E 24 13.96 -40.64 8.45
N GLN E 25 13.21 -41.70 8.80
CA GLN E 25 11.73 -41.70 8.89
C GLN E 25 11.29 -42.18 10.28
N GLU E 26 11.53 -41.39 11.32
CA GLU E 26 11.18 -41.72 12.73
C GLU E 26 9.89 -40.98 13.12
N GLU E 27 8.84 -41.71 13.46
CA GLU E 27 7.51 -41.16 13.84
C GLU E 27 7.52 -40.83 15.34
N VAL E 28 7.24 -39.56 15.69
CA VAL E 28 7.11 -39.09 17.10
C VAL E 28 5.72 -38.48 17.29
N THR E 29 5.33 -38.22 18.55
CA THR E 29 3.97 -37.75 18.93
C THR E 29 3.78 -36.29 18.49
N ASN E 30 4.84 -35.48 18.55
CA ASN E 30 4.78 -34.02 18.22
C ASN E 30 6.18 -33.57 17.77
N ALA E 31 6.23 -32.54 16.92
CA ALA E 31 7.46 -31.89 16.42
C ALA E 31 7.14 -30.42 16.08
N THR E 32 8.18 -29.57 15.99
CA THR E 32 8.04 -28.14 15.62
C THR E 32 9.13 -27.79 14.59
N GLU E 33 8.84 -26.82 13.72
CA GLU E 33 9.73 -26.37 12.62
C GLU E 33 10.86 -25.51 13.20
N THR E 34 12.06 -25.61 12.64
CA THR E 34 13.26 -24.78 13.01
C THR E 34 13.67 -23.85 11.85
N VAL E 35 13.15 -24.08 10.64
CA VAL E 35 13.48 -23.28 9.43
C VAL E 35 12.25 -22.45 9.03
N GLU E 36 12.40 -21.13 8.96
CA GLU E 36 11.32 -20.20 8.54
C GLU E 36 11.27 -20.13 7.01
N SER E 37 10.07 -20.34 6.43
CA SER E 37 9.78 -20.26 4.97
C SER E 37 8.89 -19.06 4.65
N THR E 38 8.23 -18.48 5.65
CA THR E 38 7.27 -17.36 5.54
C THR E 38 8.02 -16.03 5.72
N SER E 39 7.82 -15.07 4.81
CA SER E 39 8.26 -13.66 4.93
C SER E 39 7.05 -12.73 4.93
N LEU E 40 7.20 -11.54 5.54
CA LEU E 40 6.27 -10.39 5.40
C LEU E 40 6.78 -9.49 4.25
N ASN E 41 6.00 -9.32 3.19
CA ASN E 41 6.35 -8.45 2.03
C ASN E 41 6.12 -6.99 2.43
N ARG E 42 6.73 -6.55 3.54
CA ARG E 42 6.70 -5.15 4.04
C ARG E 42 7.97 -4.88 4.87
N LEU E 43 8.36 -3.61 4.97
CA LEU E 43 9.50 -3.16 5.82
C LEU E 43 8.93 -2.67 7.16
N CYS E 44 9.09 -3.47 8.20
CA CYS E 44 8.51 -3.23 9.56
C CYS E 44 9.37 -2.21 10.31
N MET E 45 8.89 -0.95 10.37
CA MET E 45 9.68 0.23 10.79
C MET E 45 9.16 0.83 12.11
N LYS E 46 8.33 0.10 12.86
CA LYS E 46 7.87 0.53 14.21
C LYS E 46 9.11 0.67 15.10
N GLY E 47 9.21 1.77 15.85
CA GLY E 47 10.33 2.04 16.78
C GLY E 47 11.58 2.54 16.09
N ARG E 48 11.52 2.79 14.77
CA ARG E 48 12.69 3.24 13.96
C ARG E 48 12.45 4.65 13.39
N ASN E 49 13.39 5.56 13.65
CA ASN E 49 13.49 6.88 12.96
C ASN E 49 14.04 6.62 11.54
N HIS E 50 13.19 6.16 10.64
CA HIS E 50 13.56 5.67 9.28
C HIS E 50 13.46 6.81 8.25
N LYS E 51 14.06 6.60 7.08
CA LYS E 51 14.02 7.51 5.90
C LYS E 51 13.92 6.67 4.63
N ASP E 52 12.77 6.73 3.95
CA ASP E 52 12.55 6.09 2.64
C ASP E 52 12.98 7.07 1.55
N LEU E 53 14.07 6.78 0.84
CA LEU E 53 14.63 7.65 -0.23
C LEU E 53 13.76 7.59 -1.48
N GLY E 54 12.85 6.61 -1.59
CA GLY E 54 12.02 6.42 -2.79
C GLY E 54 12.84 6.53 -4.06
N ASN E 55 12.61 7.59 -4.83
CA ASN E 55 13.18 7.75 -6.21
C ASN E 55 14.63 8.22 -6.13
N CYS E 56 15.10 8.63 -4.94
CA CYS E 56 16.45 9.23 -4.70
C CYS E 56 17.49 8.15 -4.38
N HIS E 57 18.61 8.13 -5.10
CA HIS E 57 19.78 7.26 -4.85
C HIS E 57 20.70 7.93 -3.84
N PRO E 58 21.25 7.19 -2.84
CA PRO E 58 22.01 7.82 -1.75
C PRO E 58 23.09 8.84 -2.19
N ILE E 59 23.83 8.53 -3.27
CA ILE E 59 24.89 9.45 -3.80
C ILE E 59 24.23 10.77 -4.21
N GLY E 60 23.02 10.71 -4.78
CA GLY E 60 22.23 11.90 -5.17
C GLY E 60 22.02 12.89 -4.04
N MET E 61 22.03 12.43 -2.78
CA MET E 61 21.78 13.29 -1.58
C MET E 61 22.99 14.20 -1.35
N LEU E 62 24.19 13.78 -1.79
CA LEU E 62 25.47 14.52 -1.54
C LEU E 62 25.68 15.60 -2.61
N ILE E 63 25.23 15.36 -3.85
CA ILE E 63 25.45 16.26 -5.02
C ILE E 63 24.18 17.06 -5.30
N GLY E 64 23.02 16.57 -4.84
CA GLY E 64 21.74 17.30 -4.88
C GLY E 64 21.06 17.21 -6.24
N THR E 65 20.83 15.99 -6.73
CA THR E 65 19.96 15.70 -7.90
C THR E 65 18.54 16.13 -7.56
N PRO E 66 17.76 16.68 -8.52
CA PRO E 66 16.38 17.10 -8.26
C PRO E 66 15.59 16.10 -7.40
N ALA E 67 15.55 14.84 -7.84
CA ALA E 67 14.83 13.71 -7.19
C ALA E 67 15.13 13.66 -5.68
N CYS E 68 16.30 14.13 -5.25
CA CYS E 68 16.81 14.00 -3.86
C CYS E 68 16.55 15.27 -3.03
N ASP E 69 15.84 16.26 -3.58
CA ASP E 69 15.68 17.61 -2.98
C ASP E 69 15.14 17.53 -1.55
N LEU E 70 14.33 16.51 -1.24
CA LEU E 70 13.71 16.30 0.11
C LEU E 70 14.66 15.51 1.03
N HIS E 71 15.87 15.18 0.57
CA HIS E 71 16.79 14.23 1.24
C HIS E 71 18.24 14.76 1.29
N LEU E 72 18.44 16.08 1.28
CA LEU E 72 19.80 16.70 1.26
C LEU E 72 20.41 16.71 2.66
N THR E 73 19.57 16.71 3.70
CA THR E 73 20.00 16.65 5.12
C THR E 73 19.02 15.76 5.89
N GLY E 74 19.31 15.49 7.17
CA GLY E 74 18.42 14.77 8.09
C GLY E 74 19.20 13.88 9.05
N THR E 75 18.50 13.23 9.98
CA THR E 75 19.03 12.15 10.86
C THR E 75 18.09 10.95 10.77
N TRP E 76 18.65 9.74 10.84
CA TRP E 76 17.91 8.46 10.78
C TRP E 76 18.70 7.37 11.53
N ASP E 77 18.05 6.24 11.83
CA ASP E 77 18.71 5.00 12.30
C ASP E 77 18.53 3.89 11.24
N THR E 78 17.76 4.18 10.18
CA THR E 78 17.44 3.24 9.08
C THR E 78 17.27 4.03 7.77
N LEU E 79 17.96 3.62 6.71
CA LEU E 79 17.91 4.28 5.38
C LEU E 79 17.52 3.23 4.33
N ILE E 80 16.49 3.49 3.54
CA ILE E 80 15.92 2.52 2.57
C ILE E 80 16.14 3.03 1.15
N GLU E 81 17.01 2.36 0.39
CA GLU E 81 17.29 2.61 -1.05
C GLU E 81 16.31 1.76 -1.87
N ARG E 82 15.89 2.24 -3.04
CA ARG E 82 14.89 1.58 -3.90
C ARG E 82 15.51 1.25 -5.27
N LYS E 83 14.81 0.43 -6.06
CA LYS E 83 15.24 -0.03 -7.39
C LYS E 83 15.12 1.14 -8.38
N ASN E 84 16.11 1.28 -9.27
CA ASN E 84 16.13 2.27 -10.38
C ASN E 84 16.18 3.70 -9.82
N ALA E 85 16.58 3.89 -8.56
CA ALA E 85 16.70 5.22 -7.92
C ALA E 85 17.70 6.08 -8.70
N ILE E 86 17.44 7.39 -8.80
CA ILE E 86 18.21 8.33 -9.65
C ILE E 86 19.28 9.03 -8.81
N ALA E 87 20.53 8.96 -9.29
CA ALA E 87 21.72 9.62 -8.69
C ALA E 87 22.20 10.77 -9.59
N TYR E 88 22.08 10.60 -10.92
CA TYR E 88 22.67 11.52 -11.93
C TYR E 88 21.57 11.94 -12.92
N CYS E 89 21.24 13.23 -12.93
CA CYS E 89 20.38 13.85 -13.97
C CYS E 89 21.18 13.99 -15.26
N TYR E 90 22.36 14.61 -15.20
CA TYR E 90 23.32 14.75 -16.33
C TYR E 90 24.18 13.49 -16.39
N PRO E 91 24.36 12.87 -17.59
CA PRO E 91 25.06 11.60 -17.71
C PRO E 91 26.47 11.62 -17.10
N GLY E 92 26.86 10.53 -16.43
CA GLY E 92 28.15 10.40 -15.74
C GLY E 92 28.12 9.31 -14.67
N ALA E 93 29.26 9.13 -13.98
CA ALA E 93 29.45 8.13 -12.92
C ALA E 93 30.32 8.73 -11.81
N THR E 94 30.51 7.98 -10.72
CA THR E 94 31.35 8.37 -9.55
C THR E 94 32.45 7.33 -9.38
N VAL E 95 33.72 7.74 -9.41
CA VAL E 95 34.88 6.87 -9.09
C VAL E 95 34.67 6.38 -7.65
N ASN E 96 34.80 5.07 -7.41
CA ASN E 96 34.55 4.42 -6.09
C ASN E 96 33.06 4.56 -5.73
N GLU E 97 32.17 4.49 -6.72
CA GLU E 97 30.69 4.65 -6.56
C GLU E 97 30.22 3.81 -5.37
N GLU E 98 30.56 2.52 -5.34
CA GLU E 98 29.94 1.51 -4.43
C GLU E 98 30.50 1.72 -3.01
N ALA E 99 31.76 2.14 -2.86
CA ALA E 99 32.37 2.49 -1.56
C ALA E 99 31.61 3.68 -0.94
N LEU E 100 31.30 4.70 -1.75
CA LEU E 100 30.57 5.92 -1.33
C LEU E 100 29.14 5.57 -0.94
N ARG E 101 28.41 4.86 -1.81
CA ARG E 101 27.02 4.39 -1.54
C ARG E 101 27.01 3.66 -0.20
N GLN E 102 27.92 2.70 -0.02
CA GLN E 102 27.99 1.83 1.19
C GLN E 102 28.23 2.72 2.42
N LYS E 103 29.08 3.74 2.29
CA LYS E 103 29.48 4.67 3.39
C LYS E 103 28.25 5.46 3.86
N ILE E 104 27.43 5.94 2.91
CA ILE E 104 26.18 6.71 3.19
C ILE E 104 25.17 5.78 3.89
N MET E 105 25.06 4.53 3.45
CA MET E 105 24.03 3.56 3.93
C MET E 105 24.41 2.99 5.31
N GLU E 106 25.62 3.26 5.81
CA GLU E 106 26.03 2.92 7.21
C GLU E 106 25.77 4.11 8.12
N SER E 107 25.57 5.31 7.55
CA SER E 107 25.46 6.59 8.29
C SER E 107 24.12 6.65 9.03
N GLY E 108 24.05 7.53 10.03
CA GLY E 108 22.81 7.83 10.77
C GLY E 108 22.34 9.27 10.52
N GLY E 109 22.68 9.85 9.37
CA GLY E 109 22.28 11.21 8.97
C GLY E 109 23.33 11.94 8.15
N ILE E 110 22.94 13.08 7.55
CA ILE E 110 23.81 13.99 6.76
C ILE E 110 23.58 15.44 7.22
N SER E 111 24.66 16.14 7.56
CA SER E 111 24.74 17.62 7.72
C SER E 111 25.41 18.20 6.47
N LYS E 112 25.03 19.41 6.06
CA LYS E 112 25.66 20.15 4.93
C LYS E 112 26.38 21.39 5.48
N ILE E 113 27.51 21.75 4.88
CA ILE E 113 28.37 22.91 5.28
C ILE E 113 28.72 23.68 4.00
N ASN E 114 28.49 25.00 3.99
CA ASN E 114 28.82 25.91 2.85
C ASN E 114 30.34 25.94 2.67
N THR E 115 30.81 25.85 1.43
CA THR E 115 32.25 25.90 1.08
C THR E 115 32.70 27.37 1.02
N GLY E 116 31.78 28.27 0.65
CA GLY E 116 32.00 29.73 0.61
C GLY E 116 32.60 30.20 -0.71
N PHE E 117 32.99 29.26 -1.58
CA PHE E 117 33.69 29.50 -2.87
C PHE E 117 32.98 30.62 -3.66
N THR E 118 33.77 31.62 -4.08
CA THR E 118 33.33 32.77 -4.92
C THR E 118 34.25 32.82 -6.16
N TYR E 119 33.74 33.38 -7.26
CA TYR E 119 34.43 33.39 -8.59
C TYR E 119 34.37 34.80 -9.19
N GLY E 120 35.42 35.18 -9.93
CA GLY E 120 35.57 36.48 -10.59
C GLY E 120 34.46 36.74 -11.61
N SER E 121 34.44 37.94 -12.18
CA SER E 121 33.41 38.44 -13.14
C SER E 121 33.46 37.64 -14.46
N SER E 122 34.62 37.08 -14.81
CA SER E 122 34.91 36.36 -16.07
C SER E 122 34.40 34.91 -16.03
N ILE E 123 33.84 34.47 -14.89
CA ILE E 123 33.30 33.10 -14.68
C ILE E 123 31.78 33.18 -14.47
N ASN E 124 31.03 32.30 -15.15
CA ASN E 124 29.56 32.11 -14.98
C ASN E 124 29.33 30.90 -14.07
N SER E 125 28.89 31.14 -12.83
CA SER E 125 28.72 30.12 -11.77
C SER E 125 27.45 29.28 -12.03
N ALA E 126 26.38 29.93 -12.50
CA ALA E 126 25.01 29.34 -12.59
C ALA E 126 24.75 28.73 -13.97
N GLY E 127 25.70 27.92 -14.48
CA GLY E 127 25.51 27.11 -15.69
C GLY E 127 24.45 26.03 -15.48
N THR E 128 23.53 25.87 -16.43
CA THR E 128 22.32 25.00 -16.32
C THR E 128 22.24 24.04 -17.50
N THR E 129 21.40 23.00 -17.38
CA THR E 129 21.21 21.94 -18.41
C THR E 129 19.73 21.50 -18.46
N LYS E 130 19.30 20.99 -19.62
CA LYS E 130 17.92 20.52 -19.90
C LYS E 130 17.65 19.21 -19.15
N ALA E 131 18.71 18.46 -18.80
CA ALA E 131 18.63 17.13 -18.16
C ALA E 131 18.15 17.26 -16.71
N CYS E 132 18.66 18.27 -15.99
CA CYS E 132 18.42 18.48 -14.53
C CYS E 132 17.30 19.51 -14.34
N MET E 133 16.06 19.11 -14.59
CA MET E 133 14.87 20.00 -14.51
C MET E 133 14.40 20.11 -13.05
N ARG E 134 13.95 21.31 -12.66
CA ARG E 134 13.57 21.68 -11.28
C ARG E 134 12.71 22.94 -11.34
N ASN E 135 11.53 22.93 -10.71
CA ASN E 135 10.56 24.07 -10.70
C ASN E 135 10.02 24.27 -12.13
N GLY E 136 10.05 23.24 -12.97
CA GLY E 136 9.58 23.28 -14.36
C GLY E 136 10.58 23.94 -15.32
N GLY E 137 11.73 24.38 -14.82
CA GLY E 137 12.77 25.09 -15.61
C GLY E 137 14.12 24.40 -15.51
N ASN E 138 14.99 24.60 -16.51
CA ASN E 138 16.38 24.04 -16.55
C ASN E 138 17.11 24.43 -15.26
N SER E 139 17.96 23.54 -14.74
CA SER E 139 18.67 23.67 -13.45
C SER E 139 19.94 22.82 -13.46
N PHE E 140 20.48 22.49 -12.27
CA PHE E 140 21.74 21.73 -12.08
C PHE E 140 21.78 21.17 -10.66
N TYR E 141 22.72 20.26 -10.39
CA TYR E 141 23.00 19.69 -9.05
C TYR E 141 23.05 20.83 -8.02
N ALA E 142 22.26 20.73 -6.96
CA ALA E 142 22.04 21.79 -5.95
C ALA E 142 23.31 22.08 -5.15
N GLU E 143 24.19 21.10 -4.99
CA GLU E 143 25.36 21.16 -4.08
C GLU E 143 26.64 21.45 -4.87
N LEU E 144 26.53 21.64 -6.19
CA LEU E 144 27.68 21.92 -7.10
C LEU E 144 27.32 23.08 -8.03
N LYS E 145 28.34 23.74 -8.60
CA LYS E 145 28.20 24.84 -9.59
C LYS E 145 28.99 24.48 -10.86
N TRP E 146 28.36 24.59 -12.02
CA TRP E 146 29.00 24.39 -13.36
C TRP E 146 29.71 25.68 -13.77
N LEU E 147 31.03 25.74 -13.59
CA LEU E 147 31.89 26.92 -13.87
C LEU E 147 32.27 26.95 -15.35
N VAL E 148 31.78 27.98 -16.06
CA VAL E 148 32.05 28.24 -17.52
C VAL E 148 32.44 29.71 -17.70
N SER E 149 33.18 30.04 -18.77
CA SER E 149 33.51 31.43 -19.18
C SER E 149 32.21 32.18 -19.53
N LYS E 150 32.13 33.47 -19.22
CA LYS E 150 30.93 34.31 -19.51
C LYS E 150 30.97 34.75 -20.97
N ASN E 151 32.16 35.01 -21.52
CA ASN E 151 32.40 35.33 -22.95
C ASN E 151 32.80 34.04 -23.68
N LYS E 152 31.92 33.54 -24.56
CA LYS E 152 32.08 32.24 -25.27
C LYS E 152 33.39 32.26 -26.07
N GLY E 153 34.19 31.19 -25.97
CA GLY E 153 35.49 31.05 -26.66
C GLY E 153 36.66 31.48 -25.79
N GLN E 154 36.46 32.49 -24.93
CA GLN E 154 37.51 33.07 -24.05
C GLN E 154 38.09 31.97 -23.15
N ASN E 155 39.42 31.98 -22.97
CA ASN E 155 40.16 31.10 -22.03
C ASN E 155 39.62 31.34 -20.61
N PHE E 156 39.49 30.27 -19.83
CA PHE E 156 38.91 30.25 -18.46
C PHE E 156 39.96 30.75 -17.48
N PRO E 157 39.64 31.75 -16.61
CA PRO E 157 40.59 32.28 -15.65
C PRO E 157 41.18 31.19 -14.75
N GLN E 158 42.51 31.07 -14.70
CA GLN E 158 43.23 30.23 -13.72
C GLN E 158 42.82 30.69 -12.32
N THR E 159 41.94 29.91 -11.67
CA THR E 159 41.33 30.23 -10.35
C THR E 159 41.83 29.21 -9.31
N THR E 160 41.82 29.63 -8.04
CA THR E 160 42.15 28.78 -6.87
C THR E 160 41.07 28.97 -5.80
N ASN E 161 40.43 27.88 -5.39
CA ASN E 161 39.42 27.83 -4.31
C ASN E 161 39.89 26.82 -3.26
N THR E 162 39.79 27.18 -1.99
CA THR E 162 40.29 26.38 -0.84
C THR E 162 39.20 26.31 0.24
N TYR E 163 38.78 25.10 0.59
CA TYR E 163 37.87 24.82 1.75
C TYR E 163 38.72 24.39 2.94
N ARG E 164 38.50 25.03 4.10
CA ARG E 164 39.07 24.62 5.40
C ARG E 164 37.98 23.93 6.23
N ASN E 165 38.32 22.80 6.85
CA ASN E 165 37.42 22.06 7.79
C ASN E 165 37.57 22.67 9.18
N ALA E 166 36.62 23.52 9.58
CA ALA E 166 36.59 24.22 10.89
C ALA E 166 36.03 23.29 11.97
N ASP E 167 35.40 22.18 11.57
CA ASP E 167 34.66 21.23 12.44
C ASP E 167 35.65 20.34 13.19
N THR E 168 35.15 19.54 14.14
CA THR E 168 35.92 18.60 15.00
C THR E 168 35.90 17.19 14.40
N ALA E 169 35.05 16.94 13.39
CA ALA E 169 34.90 15.65 12.68
C ALA E 169 35.18 15.84 11.19
N GLU E 170 35.58 14.76 10.49
CA GLU E 170 35.95 14.77 9.05
C GLU E 170 34.71 15.09 8.21
N HIS E 171 34.92 15.75 7.06
CA HIS E 171 33.86 16.15 6.10
C HIS E 171 34.09 15.44 4.75
N LEU E 172 33.00 15.13 4.04
CA LEU E 172 33.02 14.42 2.73
C LEU E 172 32.78 15.44 1.62
N ILE E 173 33.85 15.88 0.94
CA ILE E 173 33.79 16.85 -0.19
C ILE E 173 33.68 16.06 -1.49
N MET E 174 32.79 16.49 -2.38
CA MET E 174 32.59 15.91 -3.74
C MET E 174 32.72 17.02 -4.78
N TRP E 175 33.33 16.70 -5.92
CA TRP E 175 33.41 17.61 -7.11
C TRP E 175 33.24 16.78 -8.38
N GLY E 176 32.98 17.47 -9.50
CA GLY E 176 32.82 16.85 -10.83
C GLY E 176 33.81 17.42 -11.83
N ILE E 177 34.20 16.59 -12.80
CA ILE E 177 35.02 16.99 -13.98
C ILE E 177 34.16 16.78 -15.22
N HIS E 178 33.89 17.83 -15.99
CA HIS E 178 33.11 17.76 -17.25
C HIS E 178 34.03 17.36 -18.40
N HIS E 179 33.78 16.19 -18.97
CA HIS E 179 34.43 15.64 -20.19
C HIS E 179 33.54 15.90 -21.40
N PRO E 180 33.75 17.01 -22.16
CA PRO E 180 32.87 17.37 -23.27
C PRO E 180 32.97 16.42 -24.46
N SER E 181 31.96 16.46 -25.33
CA SER E 181 31.78 15.58 -26.53
C SER E 181 32.89 15.84 -27.55
N SER E 182 33.09 17.11 -27.94
CA SER E 182 33.94 17.53 -29.10
C SER E 182 34.92 18.63 -28.68
N THR E 183 36.02 18.79 -29.42
CA THR E 183 37.02 19.89 -29.26
C THR E 183 36.37 21.25 -29.53
N GLN E 184 35.28 21.27 -30.32
CA GLN E 184 34.47 22.49 -30.59
C GLN E 184 33.81 22.95 -29.28
N GLU E 185 33.13 22.06 -28.57
CA GLU E 185 32.38 22.36 -27.31
C GLU E 185 33.36 22.83 -26.22
N LYS E 186 34.52 22.16 -26.09
CA LYS E 186 35.56 22.42 -25.06
C LYS E 186 36.08 23.85 -25.21
N ASN E 187 36.58 24.21 -26.39
CA ASN E 187 37.12 25.56 -26.72
C ASN E 187 36.03 26.62 -26.51
N ASP E 188 34.77 26.24 -26.73
CA ASP E 188 33.58 27.13 -26.67
C ASP E 188 33.34 27.57 -25.21
N LEU E 189 33.60 26.69 -24.23
CA LEU E 189 33.20 26.84 -22.81
C LEU E 189 34.40 27.24 -21.93
N TYR E 190 35.59 26.71 -22.22
CA TYR E 190 36.81 26.82 -21.37
C TYR E 190 37.99 27.45 -22.14
N GLY E 191 37.95 27.48 -23.48
CA GLY E 191 38.98 28.11 -24.32
C GLY E 191 39.97 27.10 -24.89
N THR E 192 40.83 27.58 -25.81
CA THR E 192 41.76 26.75 -26.64
C THR E 192 42.84 26.11 -25.77
N GLN E 193 43.22 26.75 -24.66
CA GLN E 193 44.38 26.36 -23.80
C GLN E 193 44.22 24.91 -23.32
N SER E 194 45.33 24.22 -23.12
CA SER E 194 45.42 22.91 -22.42
C SER E 194 44.79 23.05 -21.02
N LEU E 195 43.92 22.12 -20.62
CA LEU E 195 43.16 22.19 -19.34
C LEU E 195 43.78 21.24 -18.32
N SER E 196 43.95 21.73 -17.09
CA SER E 196 44.42 20.95 -15.91
C SER E 196 43.58 21.33 -14.69
N ILE E 197 43.24 20.35 -13.86
CA ILE E 197 42.47 20.52 -12.60
C ILE E 197 43.21 19.75 -11.50
N SER E 198 43.87 20.48 -10.59
CA SER E 198 44.60 19.91 -9.43
C SER E 198 43.75 20.05 -8.17
N VAL E 199 43.67 18.97 -7.39
CA VAL E 199 42.99 18.92 -6.07
C VAL E 199 44.01 18.39 -5.06
N GLY E 200 44.26 19.12 -3.98
CA GLY E 200 45.30 18.81 -3.00
C GLY E 200 44.87 19.16 -1.59
N SER E 201 45.07 18.21 -0.67
CA SER E 201 44.91 18.36 0.79
C SER E 201 46.23 17.94 1.46
N SER E 202 46.23 17.74 2.78
CA SER E 202 47.38 17.15 3.53
C SER E 202 47.53 15.68 3.14
N THR E 203 46.40 14.96 3.03
CA THR E 203 46.33 13.48 2.87
C THR E 203 46.11 13.12 1.39
N TYR E 204 45.11 13.74 0.75
CA TYR E 204 44.69 13.46 -0.64
C TYR E 204 45.42 14.41 -1.61
N LYS E 205 45.68 13.92 -2.82
CA LYS E 205 46.29 14.67 -3.95
C LYS E 205 45.97 13.90 -5.24
N ASN E 206 45.62 14.62 -6.31
CA ASN E 206 45.19 14.03 -7.60
C ASN E 206 45.07 15.12 -8.67
N ASN E 207 45.32 14.75 -9.92
CA ASN E 207 45.19 15.63 -11.11
C ASN E 207 44.16 15.05 -12.07
N PHE E 208 43.42 15.92 -12.75
CA PHE E 208 42.31 15.56 -13.67
C PHE E 208 42.41 16.39 -14.95
N VAL E 209 42.37 15.72 -16.10
CA VAL E 209 42.41 16.33 -17.46
C VAL E 209 41.11 15.98 -18.17
N PRO E 210 40.25 16.97 -18.49
CA PRO E 210 39.01 16.70 -19.22
C PRO E 210 39.32 16.11 -20.61
N VAL E 211 39.11 14.80 -20.77
CA VAL E 211 39.29 14.07 -22.05
C VAL E 211 38.09 14.38 -22.96
N VAL E 212 38.36 14.58 -24.25
CA VAL E 212 37.36 14.99 -25.28
C VAL E 212 37.35 13.92 -26.37
N GLY E 213 36.17 13.41 -26.74
CA GLY E 213 36.02 12.35 -27.76
C GLY E 213 34.58 12.01 -28.04
N ALA E 214 34.26 11.65 -29.29
CA ALA E 214 32.90 11.32 -29.78
C ALA E 214 32.35 10.13 -28.99
N ARG E 215 31.07 10.20 -28.58
CA ARG E 215 30.40 9.13 -27.80
C ARG E 215 28.88 9.27 -27.94
N PRO E 216 28.12 8.17 -27.79
CA PRO E 216 26.67 8.20 -27.89
C PRO E 216 26.00 9.15 -26.87
N GLN E 217 24.80 9.59 -27.22
CA GLN E 217 23.93 10.48 -26.40
C GLN E 217 23.19 9.66 -25.33
N VAL E 218 23.32 10.04 -24.06
CA VAL E 218 22.51 9.54 -22.91
C VAL E 218 21.61 10.69 -22.43
N ASN E 219 20.30 10.57 -22.66
CA ASN E 219 19.29 11.65 -22.46
C ASN E 219 19.60 12.80 -23.44
N GLY E 220 20.01 12.48 -24.67
CA GLY E 220 20.26 13.44 -25.76
C GLY E 220 21.49 14.31 -25.52
N LEU E 221 22.44 13.85 -24.70
CA LEU E 221 23.69 14.58 -24.34
C LEU E 221 24.90 13.64 -24.45
N SER E 222 25.88 13.98 -25.30
CA SER E 222 27.13 13.20 -25.52
C SER E 222 28.19 13.56 -24.46
N GLY E 223 27.98 14.65 -23.72
CA GLY E 223 28.88 15.07 -22.62
C GLY E 223 28.77 14.13 -21.43
N ARG E 224 29.82 14.07 -20.60
CA ARG E 224 29.85 13.31 -19.33
C ARG E 224 30.38 14.20 -18.21
N ILE E 225 29.78 14.13 -17.01
CA ILE E 225 30.29 14.73 -15.75
C ILE E 225 30.60 13.58 -14.78
N ASP E 226 31.88 13.22 -14.66
CA ASP E 226 32.34 12.16 -13.72
C ASP E 226 32.64 12.82 -12.38
N PHE E 227 32.14 12.24 -11.28
CA PHE E 227 32.25 12.77 -9.89
C PHE E 227 33.38 12.05 -9.14
N HIS E 228 34.10 12.79 -8.31
CA HIS E 228 35.17 12.29 -7.41
C HIS E 228 34.84 12.74 -5.98
N TRP E 229 35.47 12.13 -4.98
CA TRP E 229 35.22 12.44 -3.55
C TRP E 229 36.45 12.06 -2.71
N THR E 230 36.56 12.67 -1.54
CA THR E 230 37.59 12.35 -0.50
C THR E 230 37.11 12.92 0.84
N LEU E 231 37.63 12.37 1.94
CA LEU E 231 37.45 12.92 3.31
C LEU E 231 38.48 14.04 3.51
N VAL E 232 38.08 15.11 4.20
CA VAL E 232 38.96 16.24 4.63
C VAL E 232 39.00 16.25 6.16
N GLN E 233 40.15 15.96 6.75
CA GLN E 233 40.32 15.81 8.22
C GLN E 233 40.10 17.17 8.90
N PRO E 234 39.75 17.19 10.21
CA PRO E 234 39.60 18.44 10.95
C PRO E 234 40.85 19.33 10.92
N GLY E 235 40.64 20.63 10.70
CA GLY E 235 41.70 21.66 10.73
C GLY E 235 42.53 21.71 9.45
N ASP E 236 42.22 20.83 8.49
CA ASP E 236 42.99 20.64 7.24
C ASP E 236 42.28 21.38 6.11
N LYS E 237 43.03 21.71 5.05
CA LYS E 237 42.52 22.48 3.88
C LYS E 237 42.52 21.56 2.65
N ILE E 238 41.60 21.79 1.72
CA ILE E 238 41.64 21.19 0.35
C ILE E 238 41.54 22.33 -0.67
N THR E 239 42.43 22.34 -1.66
CA THR E 239 42.60 23.44 -2.64
C THR E 239 42.32 22.91 -4.04
N PHE E 240 41.52 23.65 -4.81
CA PHE E 240 41.12 23.34 -6.20
C PHE E 240 41.79 24.34 -7.15
N SER E 241 42.91 23.93 -7.76
CA SER E 241 43.60 24.66 -8.85
C SER E 241 43.00 24.18 -10.19
N HIS E 242 42.37 25.09 -10.94
CA HIS E 242 41.67 24.76 -12.20
C HIS E 242 41.70 25.95 -13.18
N ASN E 243 41.89 25.66 -14.46
CA ASN E 243 41.81 26.62 -15.59
C ASN E 243 40.62 26.25 -16.49
N GLY E 244 39.56 25.69 -15.90
CA GLY E 244 38.29 25.35 -16.59
C GLY E 244 38.05 23.85 -16.66
N GLY E 245 36.78 23.43 -16.58
CA GLY E 245 36.36 22.02 -16.66
C GLY E 245 35.99 21.44 -15.29
N LEU E 246 36.16 22.22 -14.23
CA LEU E 246 35.80 21.80 -12.84
C LEU E 246 34.32 22.12 -12.59
N ILE E 247 33.61 21.15 -12.01
CA ILE E 247 32.27 21.32 -11.37
C ILE E 247 32.49 21.38 -9.86
N ALA E 248 32.44 22.58 -9.29
CA ALA E 248 32.93 22.90 -7.93
C ALA E 248 31.80 22.77 -6.91
N PRO E 249 32.11 22.31 -5.68
CA PRO E 249 31.10 22.23 -4.62
C PRO E 249 30.70 23.59 -4.02
N SER E 250 29.40 23.85 -3.89
CA SER E 250 28.83 24.94 -3.05
C SER E 250 28.81 24.48 -1.59
N ARG E 251 28.55 23.19 -1.36
CA ARG E 251 28.51 22.60 0.01
C ARG E 251 29.29 21.28 0.05
N VAL E 252 29.91 20.98 1.20
CA VAL E 252 30.46 19.64 1.55
C VAL E 252 29.44 18.96 2.47
N SER E 253 29.60 17.65 2.68
CA SER E 253 28.68 16.79 3.46
C SER E 253 29.43 16.29 4.71
N LYS E 254 28.68 15.94 5.76
CA LYS E 254 29.21 15.29 7.00
C LYS E 254 28.25 14.15 7.38
N LEU E 255 28.73 12.91 7.36
CA LEU E 255 27.95 11.71 7.79
C LEU E 255 27.98 11.65 9.32
N ILE E 256 26.82 11.53 9.96
CA ILE E 256 26.66 11.55 11.44
C ILE E 256 26.24 10.15 11.91
N GLY E 257 26.92 9.64 12.94
CA GLY E 257 26.54 8.42 13.68
C GLY E 257 26.39 7.20 12.78
N ARG E 258 25.55 6.25 13.19
CA ARG E 258 25.41 4.92 12.54
C ARG E 258 23.93 4.64 12.23
N GLY E 259 23.68 3.83 11.19
CA GLY E 259 22.33 3.43 10.76
C GLY E 259 22.34 2.18 9.89
N LEU E 260 21.22 1.47 9.85
CA LEU E 260 21.05 0.20 9.09
C LEU E 260 20.56 0.55 7.67
N GLY E 261 21.37 0.25 6.65
CA GLY E 261 21.00 0.43 5.23
C GLY E 261 20.24 -0.78 4.73
N ILE E 262 19.05 -0.55 4.13
CA ILE E 262 18.19 -1.62 3.56
C ILE E 262 17.95 -1.32 2.07
N GLN E 263 18.22 -2.28 1.19
CA GLN E 263 17.81 -2.26 -0.23
C GLN E 263 16.62 -3.19 -0.38
N SER E 264 15.45 -2.67 -0.74
CA SER E 264 14.17 -3.43 -0.84
C SER E 264 13.18 -2.71 -1.76
N GLU E 265 12.26 -3.46 -2.36
CA GLU E 265 11.14 -2.93 -3.20
C GLU E 265 9.85 -2.89 -2.38
N ALA E 266 9.85 -3.46 -1.17
CA ALA E 266 8.63 -3.71 -0.36
C ALA E 266 8.17 -2.42 0.32
N PRO E 267 6.85 -2.21 0.46
CA PRO E 267 6.32 -1.01 1.13
C PRO E 267 6.58 -0.97 2.65
N ILE E 268 6.49 0.22 3.24
CA ILE E 268 6.73 0.48 4.70
C ILE E 268 5.47 0.09 5.48
N ASP E 269 5.62 -0.15 6.78
CA ASP E 269 4.52 -0.44 7.75
C ASP E 269 5.01 -0.08 9.15
N ASN E 270 4.50 1.02 9.73
CA ASN E 270 4.96 1.58 11.04
C ASN E 270 4.18 0.95 12.21
N SER E 271 3.38 -0.09 11.95
CA SER E 271 2.62 -0.85 12.98
C SER E 271 3.43 -2.07 13.44
N CYS E 272 4.24 -2.64 12.54
CA CYS E 272 4.99 -3.91 12.69
C CYS E 272 6.46 -3.63 13.04
N GLU E 273 7.06 -4.45 13.90
CA GLU E 273 8.46 -4.36 14.41
C GLU E 273 9.31 -5.47 13.79
N SER E 274 10.59 -5.19 13.49
CA SER E 274 11.55 -6.20 12.96
C SER E 274 12.99 -5.75 13.20
N LYS E 275 13.93 -6.72 13.22
CA LYS E 275 15.39 -6.49 13.31
C LYS E 275 16.12 -7.16 12.14
N CYS E 276 15.37 -7.79 11.22
CA CYS E 276 15.92 -8.54 10.06
C CYS E 276 15.15 -8.16 8.80
N PHE E 277 15.87 -7.84 7.73
CA PHE E 277 15.32 -7.32 6.46
C PHE E 277 16.06 -7.97 5.28
N TRP E 278 15.38 -8.07 4.15
CA TRP E 278 15.94 -8.55 2.86
C TRP E 278 15.18 -7.89 1.71
N ARG E 279 15.60 -8.13 0.47
CA ARG E 279 14.98 -7.54 -0.75
C ARG E 279 13.45 -7.61 -0.62
N GLY E 280 12.94 -8.77 -0.19
CA GLY E 280 11.51 -9.13 -0.22
C GLY E 280 10.73 -8.64 0.99
N GLY E 281 11.39 -8.12 2.04
CA GLY E 281 10.71 -7.51 3.19
C GLY E 281 11.37 -7.81 4.52
N SER E 282 10.57 -8.10 5.55
CA SER E 282 11.00 -8.30 6.95
C SER E 282 10.92 -9.79 7.34
N ILE E 283 11.63 -10.17 8.40
CA ILE E 283 11.65 -11.55 8.97
C ILE E 283 11.55 -11.42 10.50
N ASN E 284 10.37 -11.72 11.06
CA ASN E 284 10.02 -11.50 12.50
C ASN E 284 10.16 -12.80 13.29
N THR E 285 10.50 -13.90 12.63
CA THR E 285 10.47 -15.28 13.18
C THR E 285 11.41 -15.41 14.38
N ARG E 286 11.01 -16.23 15.36
CA ARG E 286 11.82 -16.57 16.56
C ARG E 286 12.69 -17.80 16.25
N LEU E 287 12.44 -18.45 15.10
CA LEU E 287 13.15 -19.68 14.65
C LEU E 287 14.62 -19.36 14.36
N PRO E 288 15.54 -20.33 14.57
CA PRO E 288 16.98 -20.11 14.43
C PRO E 288 17.51 -20.06 12.99
N PHE E 289 16.78 -20.67 12.05
CA PHE E 289 17.18 -20.81 10.63
C PHE E 289 16.06 -20.26 9.73
N GLN E 290 16.36 -20.13 8.43
CA GLN E 290 15.57 -19.37 7.44
C GLN E 290 16.06 -19.76 6.05
N ASN E 291 15.17 -19.94 5.08
CA ASN E 291 15.53 -20.33 3.68
C ASN E 291 14.90 -19.36 2.67
N LEU E 292 14.75 -18.09 3.05
CA LEU E 292 14.13 -17.03 2.20
C LEU E 292 15.22 -16.42 1.30
N SER E 293 16.34 -15.98 1.87
CA SER E 293 17.47 -15.35 1.13
C SER E 293 18.77 -15.47 1.91
N PRO E 294 19.91 -15.72 1.20
CA PRO E 294 21.23 -15.56 1.80
C PRO E 294 21.67 -14.10 1.97
N ARG E 295 21.00 -13.16 1.30
CA ARG E 295 21.22 -11.70 1.44
C ARG E 295 20.20 -11.11 2.42
N THR E 296 20.59 -10.94 3.68
CA THR E 296 19.78 -10.29 4.75
C THR E 296 20.65 -9.25 5.46
N VAL E 297 20.04 -8.36 6.24
CA VAL E 297 20.73 -7.31 7.06
C VAL E 297 20.03 -7.21 8.41
N GLY E 298 20.79 -6.87 9.46
CA GLY E 298 20.31 -6.79 10.86
C GLY E 298 20.63 -8.05 11.64
N GLN E 299 19.87 -8.30 12.70
CA GLN E 299 20.00 -9.50 13.58
C GLN E 299 19.07 -10.59 13.01
N CYS E 300 19.63 -11.60 12.35
CA CYS E 300 18.89 -12.52 11.44
C CYS E 300 19.07 -13.98 11.82
N PRO E 301 18.05 -14.82 11.57
CA PRO E 301 18.24 -16.27 11.54
C PRO E 301 19.22 -16.58 10.41
N LYS E 302 20.00 -17.65 10.55
CA LYS E 302 21.04 -18.05 9.58
C LYS E 302 20.35 -18.71 8.38
N TYR E 303 20.82 -18.41 7.17
CA TYR E 303 20.32 -19.03 5.92
C TYR E 303 20.78 -20.49 5.86
N VAL E 304 19.88 -21.41 5.49
CA VAL E 304 20.19 -22.86 5.30
C VAL E 304 19.58 -23.33 3.98
N ASN E 305 20.21 -24.30 3.31
CA ASN E 305 19.72 -24.93 2.06
C ASN E 305 18.76 -26.08 2.44
N LYS E 306 17.64 -25.76 3.10
CA LYS E 306 16.69 -26.75 3.66
C LYS E 306 15.28 -26.16 3.63
N LYS E 307 14.33 -26.88 3.05
CA LYS E 307 12.89 -26.53 3.04
C LYS E 307 12.37 -26.55 4.48
N SER E 308 12.61 -27.66 5.18
CA SER E 308 12.07 -27.96 6.54
C SER E 308 13.08 -28.78 7.36
N LEU E 309 13.15 -28.50 8.66
CA LEU E 309 13.91 -29.29 9.68
C LEU E 309 13.05 -29.40 10.94
N MET E 310 12.38 -30.54 11.12
CA MET E 310 11.42 -30.78 12.22
C MET E 310 12.18 -31.29 13.46
N LEU E 311 12.05 -30.57 14.57
CA LEU E 311 12.64 -30.89 15.90
C LEU E 311 11.59 -31.60 16.75
N ALA E 312 11.82 -32.88 17.08
CA ALA E 312 10.93 -33.71 17.93
C ALA E 312 10.71 -33.00 19.26
N THR E 313 9.43 -32.91 19.69
CA THR E 313 9.00 -32.31 20.99
C THR E 313 8.23 -33.36 21.80
N GLY E 314 8.34 -34.64 21.42
CA GLY E 314 7.68 -35.77 22.12
C GLY E 314 8.35 -37.08 21.81
N MET E 315 7.92 -38.15 22.49
CA MET E 315 8.49 -39.52 22.40
C MET E 315 8.12 -40.15 21.06
N ARG E 316 8.73 -41.30 20.76
CA ARG E 316 8.31 -42.20 19.65
C ARG E 316 6.80 -42.40 19.74
N ASN E 317 6.09 -42.24 18.62
CA ASN E 317 4.65 -42.57 18.52
C ASN E 317 4.53 -44.04 18.13
N VAL E 318 4.00 -44.87 19.03
CA VAL E 318 3.71 -46.31 18.78
C VAL E 318 2.20 -46.49 18.87
N PRO E 319 1.48 -46.43 17.73
CA PRO E 319 0.03 -46.35 17.74
C PRO E 319 -0.64 -47.72 17.99
N GLU E 320 -1.95 -47.69 18.26
CA GLU E 320 -2.78 -48.86 18.67
C GLU E 320 -3.36 -49.53 17.42
N GLY F 1 14.99 -49.10 21.02
CA GLY F 1 15.42 -47.89 21.78
C GLY F 1 16.53 -48.23 22.77
N LEU F 2 17.32 -47.23 23.15
CA LEU F 2 18.47 -47.38 24.07
C LEU F 2 18.04 -48.08 25.36
N PHE F 3 16.91 -47.70 25.95
CA PHE F 3 16.48 -48.13 27.30
C PHE F 3 15.45 -49.28 27.23
N GLY F 4 15.01 -49.63 26.03
CA GLY F 4 14.33 -50.91 25.72
C GLY F 4 12.87 -50.94 26.18
N ALA F 5 12.28 -49.82 26.61
CA ALA F 5 10.88 -49.76 27.10
C ALA F 5 9.94 -49.30 25.97
N ILE F 6 10.03 -48.05 25.54
CA ILE F 6 9.15 -47.46 24.49
C ILE F 6 9.61 -47.99 23.13
N ALA F 7 8.68 -48.58 22.37
CA ALA F 7 8.94 -49.37 21.15
C ALA F 7 9.87 -50.55 21.52
N GLY F 8 9.72 -51.05 22.74
CA GLY F 8 10.52 -52.15 23.31
C GLY F 8 9.63 -53.19 23.96
N PHE F 9 9.86 -53.49 25.25
CA PHE F 9 9.11 -54.54 25.99
C PHE F 9 7.66 -54.06 26.23
N ILE F 10 7.42 -52.75 26.26
CA ILE F 10 6.06 -52.16 26.19
C ILE F 10 5.62 -52.13 24.73
N GLU F 11 4.63 -52.97 24.37
CA GLU F 11 4.33 -53.37 22.97
C GLU F 11 3.87 -52.16 22.17
N ASN F 12 3.08 -51.26 22.76
CA ASN F 12 2.55 -50.06 22.07
C ASN F 12 2.14 -48.99 23.09
N GLY F 13 1.82 -47.79 22.61
CA GLY F 13 1.36 -46.66 23.42
C GLY F 13 -0.15 -46.69 23.60
N TRP F 14 -0.68 -45.80 24.44
CA TRP F 14 -2.13 -45.70 24.76
C TRP F 14 -2.69 -44.39 24.21
N GLU F 15 -3.40 -44.42 23.08
CA GLU F 15 -4.12 -43.25 22.50
C GLU F 15 -5.16 -42.76 23.53
N GLY F 16 -5.69 -43.67 24.36
CA GLY F 16 -6.69 -43.39 25.39
C GLY F 16 -6.18 -42.48 26.50
N MET F 17 -4.87 -42.47 26.76
CA MET F 17 -4.26 -41.67 27.86
C MET F 17 -3.95 -40.26 27.34
N VAL F 18 -4.74 -39.26 27.76
CA VAL F 18 -4.70 -37.87 27.21
C VAL F 18 -4.47 -36.86 28.34
N ASP F 19 -4.13 -37.33 29.55
CA ASP F 19 -3.92 -36.45 30.75
C ASP F 19 -2.48 -36.59 31.26
N GLY F 20 -1.58 -37.14 30.43
CA GLY F 20 -0.17 -37.38 30.77
C GLY F 20 0.56 -38.18 29.69
N TRP F 21 1.88 -38.26 29.81
CA TRP F 21 2.77 -38.99 28.85
C TRP F 21 2.96 -40.43 29.32
N TYR F 22 3.16 -40.61 30.63
CA TYR F 22 3.36 -41.91 31.31
C TYR F 22 2.26 -42.11 32.35
N GLY F 23 1.88 -43.36 32.59
CA GLY F 23 0.85 -43.71 33.58
C GLY F 23 0.61 -45.19 33.68
N PHE F 24 -0.45 -45.56 34.43
CA PHE F 24 -0.78 -46.93 34.85
C PHE F 24 -2.14 -47.35 34.31
N ARG F 25 -2.28 -48.65 34.02
CA ARG F 25 -3.57 -49.38 33.92
C ARG F 25 -3.50 -50.56 34.90
N HIS F 26 -4.54 -50.75 35.71
CA HIS F 26 -4.63 -51.87 36.67
C HIS F 26 -5.90 -52.70 36.41
N GLN F 27 -5.88 -53.98 36.79
CA GLN F 27 -7.06 -54.87 36.79
C GLN F 27 -7.05 -55.64 38.13
N ASN F 28 -8.13 -55.52 38.90
CA ASN F 28 -8.34 -56.23 40.18
C ASN F 28 -9.77 -56.76 40.19
N ALA F 29 -10.21 -57.36 41.31
CA ALA F 29 -11.60 -57.84 41.52
C ALA F 29 -12.59 -56.71 41.18
N GLN F 30 -12.37 -55.55 41.78
CA GLN F 30 -13.20 -54.31 41.70
C GLN F 30 -13.41 -53.86 40.24
N GLY F 31 -12.44 -54.11 39.35
CA GLY F 31 -12.54 -53.83 37.91
C GLY F 31 -11.26 -53.22 37.34
N THR F 32 -11.39 -52.41 36.27
CA THR F 32 -10.27 -51.78 35.52
C THR F 32 -10.19 -50.29 35.86
N GLY F 33 -8.98 -49.71 35.77
CA GLY F 33 -8.70 -48.28 35.97
C GLY F 33 -7.52 -47.78 35.12
N GLN F 34 -7.39 -46.47 34.98
CA GLN F 34 -6.27 -45.79 34.26
C GLN F 34 -5.99 -44.43 34.93
N ALA F 35 -4.72 -44.08 35.13
CA ALA F 35 -4.27 -42.83 35.78
C ALA F 35 -2.88 -42.44 35.27
N ALA F 36 -2.63 -41.14 35.13
CA ALA F 36 -1.35 -40.57 34.65
C ALA F 36 -0.41 -40.37 35.83
N ASP F 37 0.91 -40.54 35.60
CA ASP F 37 1.97 -40.17 36.57
C ASP F 37 2.45 -38.75 36.24
N TYR F 38 2.26 -37.82 37.18
CA TYR F 38 2.62 -36.39 37.02
C TYR F 38 4.15 -36.26 37.00
N LYS F 39 4.83 -36.74 38.04
CA LYS F 39 6.28 -36.53 38.30
C LYS F 39 7.09 -36.84 37.03
N SER F 40 6.85 -38.01 36.42
CA SER F 40 7.63 -38.54 35.27
C SER F 40 7.21 -37.83 33.97
N THR F 41 5.93 -37.45 33.85
CA THR F 41 5.41 -36.67 32.68
C THR F 41 6.06 -35.28 32.67
N GLN F 42 6.16 -34.64 33.83
CA GLN F 42 6.71 -33.26 33.97
C GLN F 42 8.23 -33.32 33.75
N ALA F 43 8.89 -34.39 34.19
CA ALA F 43 10.35 -34.59 34.02
C ALA F 43 10.70 -34.55 32.53
N ALA F 44 9.93 -35.26 31.70
CA ALA F 44 10.14 -35.36 30.24
C ALA F 44 9.84 -34.01 29.58
N ILE F 45 8.73 -33.37 29.95
CA ILE F 45 8.26 -32.09 29.36
C ILE F 45 9.26 -30.97 29.70
N ASP F 46 9.75 -30.94 30.95
CA ASP F 46 10.69 -29.88 31.42
C ASP F 46 12.01 -29.97 30.65
N GLN F 47 12.48 -31.19 30.35
CA GLN F 47 13.75 -31.42 29.61
C GLN F 47 13.58 -30.94 28.16
N ILE F 48 12.42 -31.20 27.55
CA ILE F 48 12.09 -30.76 26.15
C ILE F 48 11.97 -29.23 26.12
N THR F 49 11.31 -28.62 27.12
CA THR F 49 11.21 -27.15 27.27
C THR F 49 12.62 -26.55 27.25
N GLY F 50 13.53 -27.14 28.04
CA GLY F 50 14.94 -26.72 28.13
C GLY F 50 15.60 -26.64 26.76
N LYS F 51 15.39 -27.67 25.93
CA LYS F 51 15.95 -27.75 24.56
C LYS F 51 15.41 -26.60 23.71
N LEU F 52 14.09 -26.38 23.75
CA LEU F 52 13.41 -25.32 22.95
C LEU F 52 13.97 -23.95 23.35
N ASN F 53 14.21 -23.72 24.64
CA ASN F 53 14.77 -22.44 25.15
C ASN F 53 16.18 -22.23 24.56
N ARG F 54 16.96 -23.31 24.40
CA ARG F 54 18.36 -23.22 23.92
C ARG F 54 18.39 -23.07 22.39
N ILE F 55 17.46 -23.72 21.67
CA ILE F 55 17.52 -23.89 20.19
C ILE F 55 16.73 -22.78 19.48
N ILE F 56 15.53 -22.43 19.96
CA ILE F 56 14.66 -21.39 19.32
C ILE F 56 15.19 -20.01 19.74
N LYS F 57 16.26 -19.57 19.07
CA LYS F 57 16.97 -18.28 19.28
C LYS F 57 17.86 -17.97 18.07
N LYS F 58 18.13 -16.68 17.82
CA LYS F 58 19.10 -16.19 16.82
C LYS F 58 20.18 -15.40 17.55
N THR F 59 21.34 -15.16 16.92
CA THR F 59 22.42 -14.30 17.47
C THR F 59 21.92 -12.85 17.45
N ASN F 60 22.44 -12.01 18.36
CA ASN F 60 22.09 -10.57 18.45
C ASN F 60 23.13 -9.74 17.66
N THR F 61 23.94 -10.40 16.81
CA THR F 61 24.97 -9.78 15.94
C THR F 61 24.27 -9.01 14.80
N GLU F 62 24.59 -7.73 14.65
CA GLU F 62 24.06 -6.85 13.57
C GLU F 62 24.93 -7.04 12.33
N PHE F 63 24.34 -7.50 11.22
CA PHE F 63 25.03 -7.67 9.91
C PHE F 63 24.57 -6.58 8.95
N GLU F 64 25.53 -5.98 8.24
CA GLU F 64 25.28 -4.97 7.17
C GLU F 64 25.35 -5.67 5.81
N SER F 65 24.87 -5.01 4.75
CA SER F 65 24.94 -5.50 3.36
C SER F 65 26.40 -5.42 2.87
N ILE F 66 26.86 -6.44 2.14
CA ILE F 66 28.17 -6.43 1.41
C ILE F 66 27.93 -6.73 -0.08
N GLU F 67 26.70 -7.03 -0.46
CA GLU F 67 26.22 -7.21 -1.86
C GLU F 67 25.13 -6.18 -2.12
N SER F 68 25.27 -5.34 -3.15
CA SER F 68 24.21 -4.41 -3.61
C SER F 68 23.14 -5.19 -4.36
N GLU F 69 21.86 -4.97 -4.02
CA GLU F 69 20.68 -5.59 -4.66
C GLU F 69 20.47 -4.96 -6.05
N PHE F 70 20.78 -3.67 -6.21
CA PHE F 70 20.30 -2.82 -7.35
C PHE F 70 21.44 -2.38 -8.26
N SER F 71 22.71 -2.69 -7.96
CA SER F 71 23.87 -2.30 -8.78
C SER F 71 24.90 -3.43 -8.85
N GLU F 72 25.72 -3.45 -9.90
CA GLU F 72 26.83 -4.43 -10.10
C GLU F 72 27.98 -4.06 -9.16
N ILE F 73 28.65 -5.08 -8.61
CA ILE F 73 29.84 -4.94 -7.71
C ILE F 73 31.06 -5.37 -8.53
N ASP F 74 32.28 -4.94 -8.16
CA ASP F 74 33.53 -5.42 -8.79
C ASP F 74 33.47 -6.94 -8.86
N HIS F 75 33.86 -7.53 -9.99
CA HIS F 75 33.66 -8.97 -10.30
C HIS F 75 34.52 -9.84 -9.39
N GLN F 76 35.75 -9.41 -9.06
CA GLN F 76 36.71 -10.22 -8.27
C GLN F 76 36.23 -10.34 -6.81
N ILE F 77 35.89 -9.21 -6.18
CA ILE F 77 35.43 -9.20 -4.75
C ILE F 77 34.06 -9.87 -4.67
N GLY F 78 33.22 -9.73 -5.70
CA GLY F 78 31.92 -10.43 -5.81
C GLY F 78 32.08 -11.94 -5.74
N ASN F 79 33.10 -12.48 -6.41
CA ASN F 79 33.41 -13.93 -6.46
C ASN F 79 33.90 -14.40 -5.08
N VAL F 80 34.69 -13.57 -4.38
CA VAL F 80 35.18 -13.86 -3.01
C VAL F 80 33.97 -13.92 -2.07
N ILE F 81 33.10 -12.91 -2.13
CA ILE F 81 31.87 -12.84 -1.28
C ILE F 81 31.02 -14.08 -1.56
N ASN F 82 30.80 -14.41 -2.84
CA ASN F 82 29.97 -15.57 -3.27
C ASN F 82 30.57 -16.85 -2.67
N TRP F 83 31.89 -17.05 -2.80
CA TRP F 83 32.62 -18.22 -2.24
C TRP F 83 32.42 -18.27 -0.71
N THR F 84 32.62 -17.14 -0.03
CA THR F 84 32.56 -17.04 1.46
C THR F 84 31.13 -17.35 1.92
N LYS F 85 30.12 -16.68 1.37
CA LYS F 85 28.70 -16.85 1.77
C LYS F 85 28.27 -18.30 1.57
N ASP F 86 28.60 -18.89 0.42
CA ASP F 86 28.23 -20.30 0.08
C ASP F 86 28.90 -21.24 1.09
N SER F 87 30.14 -20.97 1.48
CA SER F 87 30.92 -21.75 2.48
C SER F 87 30.23 -21.67 3.85
N ILE F 88 29.85 -20.46 4.27
CA ILE F 88 29.17 -20.20 5.57
C ILE F 88 27.83 -20.94 5.57
N THR F 89 27.09 -20.88 4.45
CA THR F 89 25.75 -21.49 4.29
C THR F 89 25.87 -23.02 4.37
N ASP F 90 26.92 -23.59 3.77
CA ASP F 90 27.21 -25.05 3.84
C ASP F 90 27.43 -25.44 5.31
N ILE F 91 28.15 -24.61 6.07
CA ILE F 91 28.45 -24.87 7.51
C ILE F 91 27.14 -24.84 8.31
N TRP F 92 26.34 -23.79 8.17
CA TRP F 92 25.09 -23.61 8.95
C TRP F 92 24.07 -24.70 8.59
N THR F 93 23.95 -25.03 7.29
CA THR F 93 23.06 -26.11 6.81
C THR F 93 23.45 -27.40 7.54
N TYR F 94 24.74 -27.74 7.52
CA TYR F 94 25.32 -28.94 8.16
C TYR F 94 25.03 -28.89 9.67
N GLN F 95 25.37 -27.78 10.33
CA GLN F 95 25.22 -27.62 11.79
C GLN F 95 23.75 -27.80 12.18
N ALA F 96 22.83 -27.23 11.40
CA ALA F 96 21.37 -27.30 11.64
C ALA F 96 20.90 -28.75 11.51
N GLU F 97 21.30 -29.44 10.43
CA GLU F 97 20.93 -30.86 10.16
C GLU F 97 21.42 -31.73 11.32
N LEU F 98 22.66 -31.51 11.78
CA LEU F 98 23.30 -32.32 12.86
C LEU F 98 22.65 -32.02 14.20
N LEU F 99 22.45 -30.73 14.54
CA LEU F 99 21.82 -30.31 15.81
C LEU F 99 20.51 -31.07 15.98
N VAL F 100 19.60 -30.93 15.01
CA VAL F 100 18.21 -31.45 15.09
C VAL F 100 18.25 -32.99 15.13
N ALA F 101 19.08 -33.62 14.29
CA ALA F 101 19.26 -35.08 14.26
C ALA F 101 19.69 -35.58 15.64
N MET F 102 20.67 -34.91 16.24
CA MET F 102 21.29 -35.27 17.53
C MET F 102 20.26 -35.09 18.65
N GLU F 103 19.58 -33.94 18.69
CA GLU F 103 18.56 -33.62 19.73
C GLU F 103 17.39 -34.59 19.61
N ASN F 104 16.96 -34.88 18.38
CA ASN F 104 15.84 -35.82 18.10
C ASN F 104 16.18 -37.19 18.71
N GLN F 105 17.40 -37.68 18.46
CA GLN F 105 17.90 -38.96 19.04
C GLN F 105 17.82 -38.90 20.56
N HIS F 106 18.30 -37.80 21.16
CA HIS F 106 18.35 -37.63 22.63
C HIS F 106 16.92 -37.56 23.21
N THR F 107 16.03 -36.78 22.59
CA THR F 107 14.64 -36.58 23.06
C THR F 107 13.95 -37.95 23.17
N ILE F 108 14.05 -38.75 22.11
CA ILE F 108 13.43 -40.10 22.02
C ILE F 108 13.98 -41.00 23.14
N ASP F 109 15.30 -41.07 23.26
CA ASP F 109 15.99 -41.95 24.25
C ASP F 109 15.71 -41.44 25.66
N MET F 110 15.69 -40.12 25.85
CA MET F 110 15.38 -39.49 27.16
C MET F 110 13.98 -39.94 27.62
N ALA F 111 13.00 -39.86 26.72
CA ALA F 111 11.59 -40.24 26.98
C ALA F 111 11.51 -41.73 27.33
N ASP F 112 12.28 -42.56 26.61
CA ASP F 112 12.42 -44.02 26.86
C ASP F 112 12.92 -44.21 28.30
N SER F 113 13.93 -43.43 28.71
CA SER F 113 14.60 -43.56 30.04
C SER F 113 13.60 -43.21 31.17
N GLU F 114 12.74 -42.22 30.96
CA GLU F 114 11.77 -41.77 32.00
C GLU F 114 10.72 -42.86 32.22
N MET F 115 10.31 -43.54 31.15
CA MET F 115 9.39 -44.71 31.20
C MET F 115 10.04 -45.83 32.03
N LEU F 116 11.29 -46.18 31.70
CA LEU F 116 12.03 -47.27 32.39
C LEU F 116 12.20 -46.93 33.87
N ASN F 117 12.57 -45.69 34.19
CA ASN F 117 12.82 -45.24 35.59
C ASN F 117 11.55 -45.41 36.42
N LEU F 118 10.37 -45.17 35.84
CA LEU F 118 9.06 -45.34 36.53
C LEU F 118 8.82 -46.83 36.78
N TYR F 119 9.00 -47.66 35.75
CA TYR F 119 8.87 -49.14 35.81
C TYR F 119 9.75 -49.68 36.95
N GLU F 120 11.00 -49.22 37.02
CA GLU F 120 12.01 -49.69 38.01
C GLU F 120 11.62 -49.22 39.41
N ARG F 121 11.04 -48.02 39.54
CA ARG F 121 10.56 -47.45 40.82
C ARG F 121 9.47 -48.39 41.37
N VAL F 122 8.50 -48.75 40.53
CA VAL F 122 7.37 -49.66 40.88
C VAL F 122 7.93 -51.05 41.20
N ARG F 123 8.77 -51.62 40.33
CA ARG F 123 9.36 -52.96 40.56
C ARG F 123 9.90 -53.04 42.00
N LYS F 124 10.67 -52.05 42.42
CA LYS F 124 11.37 -52.03 43.73
C LYS F 124 10.36 -51.84 44.86
N GLN F 125 9.33 -51.01 44.66
CA GLN F 125 8.21 -50.81 45.63
C GLN F 125 7.56 -52.17 45.96
N LEU F 126 7.22 -52.95 44.94
CA LEU F 126 6.46 -54.23 45.07
C LEU F 126 7.35 -55.34 45.63
N ARG F 127 8.68 -55.20 45.53
CA ARG F 127 9.66 -56.12 46.16
C ARG F 127 9.28 -57.58 45.80
N GLN F 128 9.00 -58.43 46.79
CA GLN F 128 8.75 -59.89 46.59
C GLN F 128 7.24 -60.19 46.43
N ASN F 129 6.41 -59.16 46.32
CA ASN F 129 4.93 -59.31 46.31
C ASN F 129 4.40 -59.38 44.87
N ALA F 130 5.27 -59.23 43.86
CA ALA F 130 4.89 -59.20 42.43
C ALA F 130 5.98 -59.81 41.55
N GLU F 131 5.64 -60.10 40.30
CA GLU F 131 6.56 -60.70 39.29
C GLU F 131 6.34 -59.96 37.97
N GLU F 132 7.39 -59.87 37.15
CA GLU F 132 7.37 -59.11 35.86
C GLU F 132 6.67 -59.95 34.80
N ASP F 133 5.65 -59.36 34.17
CA ASP F 133 4.84 -59.88 33.04
C ASP F 133 5.73 -60.08 31.80
N GLY F 134 6.69 -59.16 31.60
CA GLY F 134 7.52 -59.10 30.38
C GLY F 134 7.01 -58.06 29.39
N LYS F 135 5.76 -57.62 29.55
CA LYS F 135 5.10 -56.62 28.66
C LYS F 135 4.94 -55.29 29.40
N GLY F 136 5.70 -55.06 30.48
CA GLY F 136 5.68 -53.81 31.26
C GLY F 136 4.64 -53.83 32.37
N CYS F 137 4.02 -54.99 32.60
CA CYS F 137 2.98 -55.19 33.65
C CYS F 137 3.61 -55.97 34.81
N PHE F 138 3.03 -55.82 36.01
CA PHE F 138 3.39 -56.57 37.24
C PHE F 138 2.20 -57.41 37.71
N GLU F 139 2.34 -58.73 37.73
CA GLU F 139 1.36 -59.66 38.33
C GLU F 139 1.56 -59.61 39.86
N ILE F 140 0.59 -59.03 40.57
CA ILE F 140 0.59 -58.86 42.05
C ILE F 140 -0.07 -60.11 42.66
N TYR F 141 0.61 -60.76 43.61
CA TYR F 141 0.18 -62.05 44.20
C TYR F 141 -0.59 -61.81 45.51
N HIS F 142 -1.52 -60.86 45.50
CA HIS F 142 -2.44 -60.59 46.63
C HIS F 142 -3.57 -59.67 46.16
N ALA F 143 -4.70 -59.71 46.87
CA ALA F 143 -5.84 -58.79 46.65
C ALA F 143 -5.32 -57.36 46.77
N CYS F 144 -5.30 -56.63 45.66
CA CYS F 144 -4.90 -55.20 45.59
C CYS F 144 -6.12 -54.40 45.11
N ASP F 145 -6.90 -53.89 46.08
CA ASP F 145 -8.11 -53.07 45.84
C ASP F 145 -7.68 -51.70 45.28
N ASP F 146 -8.64 -50.86 44.89
CA ASP F 146 -8.39 -49.54 44.26
C ASP F 146 -7.58 -48.65 45.21
N SER F 147 -7.66 -48.88 46.52
CA SER F 147 -6.90 -48.14 47.56
C SER F 147 -5.43 -48.61 47.55
N CYS F 148 -5.21 -49.92 47.41
CA CYS F 148 -3.87 -50.56 47.30
C CYS F 148 -3.18 -50.06 46.01
N MET F 149 -3.90 -50.07 44.88
CA MET F 149 -3.41 -49.60 43.56
C MET F 149 -2.99 -48.13 43.67
N GLU F 150 -3.82 -47.29 44.31
CA GLU F 150 -3.54 -45.85 44.54
C GLU F 150 -2.22 -45.71 45.30
N SER F 151 -1.96 -46.61 46.27
CA SER F 151 -0.75 -46.58 47.13
C SER F 151 0.50 -46.86 46.27
N ILE F 152 0.37 -47.69 45.22
CA ILE F 152 1.48 -48.01 44.27
C ILE F 152 1.81 -46.76 43.46
N ARG F 153 0.78 -46.10 42.91
CA ARG F 153 0.91 -44.86 42.10
C ARG F 153 1.50 -43.73 42.94
N ASN F 154 1.09 -43.60 44.21
CA ASN F 154 1.45 -42.47 45.11
C ASN F 154 2.77 -42.77 45.84
N ASN F 155 3.39 -43.93 45.58
CA ASN F 155 4.70 -44.33 46.14
C ASN F 155 4.61 -44.47 47.67
N THR F 156 3.47 -44.97 48.18
CA THR F 156 3.21 -45.20 49.63
C THR F 156 2.94 -46.69 49.92
N TYR F 157 2.93 -47.55 48.91
CA TYR F 157 2.72 -49.02 49.05
C TYR F 157 3.84 -49.59 49.92
N ASP F 158 3.47 -50.20 51.05
CA ASP F 158 4.38 -50.88 52.01
C ASP F 158 4.33 -52.39 51.75
N HIS F 159 5.39 -52.95 51.17
CA HIS F 159 5.49 -54.39 50.77
C HIS F 159 5.30 -55.30 51.99
N SER F 160 5.72 -54.86 53.19
CA SER F 160 5.72 -55.70 54.44
C SER F 160 4.29 -56.10 54.83
N GLN F 161 3.31 -55.25 54.56
CA GLN F 161 1.87 -55.45 54.89
C GLN F 161 1.32 -56.70 54.19
N TYR F 162 1.71 -56.93 52.93
CA TYR F 162 1.12 -57.99 52.05
C TYR F 162 2.13 -59.12 51.82
N ARG F 163 3.31 -59.08 52.43
CA ARG F 163 4.44 -59.99 52.12
C ARG F 163 4.02 -61.45 52.37
N GLU F 164 3.56 -61.78 53.57
CA GLU F 164 3.27 -63.17 54.01
C GLU F 164 2.22 -63.78 53.06
N GLU F 165 1.13 -63.04 52.78
CA GLU F 165 0.07 -63.46 51.83
C GLU F 165 0.69 -63.75 50.45
N ALA F 166 1.52 -62.84 49.97
CA ALA F 166 2.09 -62.84 48.59
C ALA F 166 3.02 -64.05 48.41
N LEU F 167 3.93 -64.28 49.35
CA LEU F 167 4.95 -65.38 49.27
C LEU F 167 4.24 -66.73 49.23
N LEU F 168 3.16 -66.89 50.00
CA LEU F 168 2.33 -68.14 50.01
C LEU F 168 1.75 -68.37 48.62
N ASN F 169 1.11 -67.35 48.03
CA ASN F 169 0.49 -67.40 46.68
C ASN F 169 1.56 -67.67 45.61
N ARG F 170 2.78 -67.15 45.78
CA ARG F 170 3.88 -67.27 44.79
C ARG F 170 4.43 -68.71 44.81
N LEU F 171 4.60 -69.29 46.00
CA LEU F 171 5.14 -70.68 46.19
C LEU F 171 4.04 -71.72 45.96
N ASN F 172 2.79 -71.39 46.32
CA ASN F 172 1.58 -72.20 46.03
C ASN F 172 1.68 -73.57 46.72
N PRO G 2 -47.26 -38.63 22.13
CA PRO G 2 -48.18 -37.74 21.39
C PRO G 2 -47.68 -37.42 19.97
N ASP G 3 -48.60 -37.44 18.99
CA ASP G 3 -48.38 -37.03 17.58
C ASP G 3 -47.99 -35.55 17.58
N LYS G 4 -47.42 -35.06 16.47
CA LYS G 4 -46.77 -33.74 16.40
C LYS G 4 -46.89 -33.15 14.99
N ILE G 5 -47.33 -31.90 14.88
CA ILE G 5 -47.33 -31.10 13.61
C ILE G 5 -46.47 -29.84 13.83
N CYS G 6 -45.45 -29.66 12.98
CA CYS G 6 -44.48 -28.53 13.02
C CYS G 6 -44.78 -27.55 11.90
N LEU G 7 -44.70 -26.25 12.19
CA LEU G 7 -44.74 -25.18 11.15
C LEU G 7 -43.33 -24.64 10.92
N GLY G 8 -43.05 -24.27 9.67
CA GLY G 8 -41.71 -23.87 9.23
C GLY G 8 -41.77 -23.08 7.93
N HIS G 9 -40.62 -22.56 7.51
CA HIS G 9 -40.43 -21.76 6.28
C HIS G 9 -39.22 -22.31 5.53
N HIS G 10 -39.14 -22.05 4.23
CA HIS G 10 -38.02 -22.51 3.37
C HIS G 10 -36.75 -21.74 3.74
N ALA G 11 -35.62 -22.25 3.28
CA ALA G 11 -34.28 -21.62 3.35
C ALA G 11 -33.53 -22.05 2.09
N VAL G 12 -32.33 -21.50 1.89
CA VAL G 12 -31.46 -21.83 0.73
C VAL G 12 -30.02 -21.89 1.23
N ALA G 13 -29.16 -22.64 0.53
CA ALA G 13 -27.74 -22.83 0.90
C ALA G 13 -27.00 -21.49 0.74
N ASN G 14 -27.10 -20.89 -0.46
CA ASN G 14 -26.44 -19.62 -0.84
C ASN G 14 -27.48 -18.49 -0.79
N GLY G 15 -27.53 -17.77 0.33
CA GLY G 15 -28.35 -16.56 0.53
C GLY G 15 -27.65 -15.31 0.03
N THR G 16 -28.36 -14.18 -0.03
CA THR G 16 -27.85 -12.87 -0.53
C THR G 16 -27.94 -11.82 0.58
N ILE G 17 -26.93 -10.95 0.68
CA ILE G 17 -26.83 -9.87 1.70
C ILE G 17 -27.53 -8.63 1.15
N VAL G 18 -28.42 -8.03 1.96
CA VAL G 18 -29.11 -6.74 1.68
C VAL G 18 -28.94 -5.84 2.91
N LYS G 19 -29.17 -4.53 2.72
CA LYS G 19 -29.18 -3.52 3.81
C LYS G 19 -30.63 -3.25 4.21
N THR G 20 -30.90 -3.17 5.51
CA THR G 20 -32.19 -2.74 6.10
C THR G 20 -31.98 -1.43 6.87
N LEU G 21 -33.01 -0.94 7.54
CA LEU G 21 -32.94 0.30 8.36
C LEU G 21 -31.97 0.07 9.53
N THR G 22 -31.91 -1.16 10.06
CA THR G 22 -31.22 -1.50 11.33
C THR G 22 -29.95 -2.33 11.10
N ASN G 23 -29.82 -3.00 9.95
CA ASN G 23 -28.78 -4.05 9.75
C ASN G 23 -28.16 -3.86 8.36
N GLU G 24 -26.84 -3.74 8.31
CA GLU G 24 -26.05 -3.48 7.08
C GLU G 24 -25.75 -4.80 6.36
N GLN G 25 -25.75 -5.94 7.09
CA GLN G 25 -25.42 -7.29 6.59
C GLN G 25 -26.56 -8.26 6.93
N GLU G 26 -27.73 -8.11 6.29
CA GLU G 26 -28.91 -8.96 6.52
C GLU G 26 -29.04 -9.98 5.39
N GLU G 27 -28.97 -11.27 5.71
CA GLU G 27 -29.04 -12.39 4.72
C GLU G 27 -30.52 -12.73 4.46
N VAL G 28 -30.94 -12.67 3.19
CA VAL G 28 -32.31 -13.07 2.74
C VAL G 28 -32.19 -14.18 1.69
N THR G 29 -33.31 -14.82 1.35
CA THR G 29 -33.35 -16.00 0.43
C THR G 29 -33.09 -15.56 -1.00
N ASN G 30 -33.55 -14.38 -1.40
CA ASN G 30 -33.41 -13.84 -2.78
C ASN G 30 -33.44 -12.31 -2.72
N ALA G 31 -32.77 -11.67 -3.66
CA ALA G 31 -32.74 -10.20 -3.85
C ALA G 31 -32.50 -9.89 -5.33
N THR G 32 -32.83 -8.68 -5.77
CA THR G 32 -32.61 -8.20 -7.16
C THR G 32 -31.98 -6.81 -7.13
N GLU G 33 -31.19 -6.49 -8.14
CA GLU G 33 -30.45 -5.21 -8.27
C GLU G 33 -31.44 -4.10 -8.68
N THR G 34 -31.24 -2.88 -8.18
CA THR G 34 -32.03 -1.66 -8.55
C THR G 34 -31.16 -0.65 -9.30
N VAL G 35 -29.84 -0.80 -9.28
CA VAL G 35 -28.87 0.12 -9.94
C VAL G 35 -28.24 -0.59 -11.14
N GLU G 36 -28.37 -0.02 -12.34
CA GLU G 36 -27.77 -0.57 -13.58
C GLU G 36 -26.31 -0.12 -13.68
N SER G 37 -25.39 -1.08 -13.88
CA SER G 37 -23.93 -0.88 -14.04
C SER G 37 -23.49 -1.22 -15.47
N THR G 38 -24.33 -1.94 -16.22
CA THR G 38 -24.05 -2.42 -17.60
C THR G 38 -24.60 -1.39 -18.60
N SER G 39 -23.77 -0.99 -19.57
CA SER G 39 -24.16 -0.18 -20.74
C SER G 39 -23.92 -0.99 -22.02
N LEU G 40 -24.70 -0.68 -23.06
CA LEU G 40 -24.47 -1.13 -24.47
C LEU G 40 -23.66 -0.05 -25.18
N ASN G 41 -22.44 -0.37 -25.63
CA ASN G 41 -21.54 0.60 -26.33
C ASN G 41 -22.01 0.73 -27.79
N ARG G 42 -23.30 1.06 -27.97
CA ARG G 42 -23.96 1.27 -29.29
C ARG G 42 -25.15 2.22 -29.11
N LEU G 43 -25.52 2.95 -30.16
CA LEU G 43 -26.71 3.83 -30.20
C LEU G 43 -27.87 3.05 -30.81
N CYS G 44 -28.81 2.62 -29.97
CA CYS G 44 -29.95 1.75 -30.34
C CYS G 44 -31.05 2.58 -31.00
N MET G 45 -31.14 2.51 -32.34
CA MET G 45 -31.93 3.46 -33.17
C MET G 45 -33.12 2.77 -33.84
N LYS G 46 -33.57 1.62 -33.35
CA LYS G 46 -34.56 0.76 -34.08
C LYS G 46 -35.88 1.48 -34.39
N GLY G 47 -36.56 2.15 -33.44
CA GLY G 47 -37.89 2.73 -33.70
C GLY G 47 -37.80 4.14 -34.31
N ARG G 48 -36.62 4.60 -34.72
CA ARG G 48 -36.26 6.05 -34.81
C ARG G 48 -35.88 6.43 -36.24
N ASN G 49 -36.52 7.47 -36.78
CA ASN G 49 -36.10 8.16 -38.02
C ASN G 49 -34.88 9.04 -37.68
N HIS G 50 -33.70 8.42 -37.56
CA HIS G 50 -32.45 9.04 -37.04
C HIS G 50 -31.61 9.62 -38.18
N LYS G 51 -30.62 10.44 -37.83
CA LYS G 51 -29.59 11.02 -38.74
C LYS G 51 -28.24 11.07 -38.03
N ASP G 52 -27.28 10.24 -38.45
CA ASP G 52 -25.88 10.28 -37.97
C ASP G 52 -25.11 11.28 -38.85
N LEU G 53 -24.70 12.41 -38.28
CA LEU G 53 -23.97 13.48 -38.99
C LEU G 53 -22.51 13.06 -39.26
N GLY G 54 -22.02 12.01 -38.60
CA GLY G 54 -20.63 11.56 -38.72
C GLY G 54 -19.66 12.73 -38.65
N ASN G 55 -19.00 13.02 -39.77
CA ASN G 55 -17.89 14.01 -39.88
C ASN G 55 -18.45 15.45 -39.84
N CYS G 56 -19.76 15.62 -40.01
CA CYS G 56 -20.46 16.92 -40.19
C CYS G 56 -20.90 17.48 -38.82
N HIS G 57 -20.52 18.73 -38.52
CA HIS G 57 -20.96 19.49 -37.32
C HIS G 57 -22.28 20.19 -37.63
N PRO G 58 -23.27 20.20 -36.70
CA PRO G 58 -24.61 20.72 -37.02
C PRO G 58 -24.63 22.09 -37.68
N ILE G 59 -23.78 23.03 -37.25
CA ILE G 59 -23.69 24.39 -37.84
C ILE G 59 -23.33 24.26 -39.34
N GLY G 60 -22.44 23.32 -39.67
CA GLY G 60 -22.02 23.03 -41.05
C GLY G 60 -23.19 22.73 -41.99
N MET G 61 -24.33 22.23 -41.48
CA MET G 61 -25.46 21.88 -42.38
C MET G 61 -26.22 23.13 -42.78
N LEU G 62 -26.07 24.26 -42.06
CA LEU G 62 -26.77 25.54 -42.37
C LEU G 62 -25.98 26.36 -43.41
N ILE G 63 -24.65 26.26 -43.40
CA ILE G 63 -23.74 27.05 -44.28
C ILE G 63 -23.23 26.17 -45.43
N GLY G 64 -23.27 24.85 -45.27
CA GLY G 64 -22.99 23.88 -46.34
C GLY G 64 -21.52 23.65 -46.55
N THR G 65 -20.80 23.26 -45.50
CA THR G 65 -19.39 22.77 -45.55
C THR G 65 -19.38 21.48 -46.38
N PRO G 66 -18.33 21.21 -47.18
CA PRO G 66 -18.26 19.97 -47.96
C PRO G 66 -18.68 18.72 -47.18
N ALA G 67 -18.08 18.51 -46.01
CA ALA G 67 -18.31 17.36 -45.11
C ALA G 67 -19.81 17.15 -44.86
N CYS G 68 -20.63 18.22 -44.95
CA CYS G 68 -22.07 18.20 -44.59
C CYS G 68 -22.97 18.04 -45.81
N ASP G 69 -22.39 17.81 -47.01
CA ASP G 69 -23.11 17.83 -48.32
C ASP G 69 -24.31 16.87 -48.30
N LEU G 70 -24.23 15.78 -47.53
CA LEU G 70 -25.29 14.75 -47.41
C LEU G 70 -26.34 15.15 -46.35
N HIS G 71 -26.19 16.32 -45.72
CA HIS G 71 -26.92 16.72 -44.48
C HIS G 71 -27.48 18.15 -44.58
N LEU G 72 -27.70 18.69 -45.77
CA LEU G 72 -28.15 20.10 -45.95
C LEU G 72 -29.66 20.22 -45.71
N THR G 73 -30.40 19.14 -45.92
CA THR G 73 -31.86 19.07 -45.68
C THR G 73 -32.20 17.69 -45.09
N GLY G 74 -33.46 17.52 -44.67
CA GLY G 74 -33.98 16.23 -44.17
C GLY G 74 -34.98 16.44 -43.04
N THR G 75 -35.60 15.36 -42.58
CA THR G 75 -36.42 15.30 -41.35
C THR G 75 -35.91 14.13 -40.50
N TRP G 76 -35.95 14.30 -39.17
CA TRP G 76 -35.50 13.27 -38.19
C TRP G 76 -36.26 13.47 -36.87
N ASP G 77 -36.19 12.45 -35.99
CA ASP G 77 -36.65 12.53 -34.59
C ASP G 77 -35.43 12.40 -33.67
N THR G 78 -34.25 12.10 -34.24
CA THR G 78 -32.97 11.90 -33.50
C THR G 78 -31.80 12.39 -34.36
N LEU G 79 -30.92 13.22 -33.80
CA LEU G 79 -29.73 13.77 -34.50
C LEU G 79 -28.48 13.46 -33.66
N ILE G 80 -27.47 12.87 -34.28
CA ILE G 80 -26.25 12.36 -33.57
C ILE G 80 -25.04 13.16 -34.06
N GLU G 81 -24.47 14.00 -33.18
CA GLU G 81 -23.22 14.76 -33.40
C GLU G 81 -22.06 13.89 -32.93
N ARG G 82 -20.88 14.01 -33.58
CA ARG G 82 -19.68 13.20 -33.28
C ARG G 82 -18.52 14.11 -32.87
N LYS G 83 -17.46 13.53 -32.32
CA LYS G 83 -16.27 14.26 -31.81
C LYS G 83 -15.45 14.77 -33.00
N ASN G 84 -14.95 16.01 -32.90
CA ASN G 84 -14.04 16.64 -33.89
C ASN G 84 -14.75 16.84 -35.24
N ALA G 85 -16.09 16.84 -35.25
CA ALA G 85 -16.91 17.09 -36.46
C ALA G 85 -16.57 18.47 -37.03
N ILE G 86 -16.59 18.59 -38.36
CA ILE G 86 -16.11 19.80 -39.12
C ILE G 86 -17.31 20.71 -39.40
N ALA G 87 -17.20 21.98 -39.03
CA ALA G 87 -18.21 23.05 -39.26
C ALA G 87 -17.68 24.06 -40.29
N TYR G 88 -16.37 24.31 -40.27
CA TYR G 88 -15.70 25.39 -41.04
C TYR G 88 -14.57 24.79 -41.87
N CYS G 89 -14.69 24.81 -43.20
CA CYS G 89 -13.59 24.47 -44.14
C CYS G 89 -12.61 25.65 -44.17
N TYR G 90 -13.09 26.88 -44.41
CA TYR G 90 -12.31 28.13 -44.32
C TYR G 90 -12.32 28.59 -42.87
N PRO G 91 -11.17 28.94 -42.26
CA PRO G 91 -11.10 29.23 -40.83
C PRO G 91 -12.07 30.36 -40.40
N GLY G 92 -12.67 30.20 -39.23
CA GLY G 92 -13.54 31.22 -38.60
C GLY G 92 -14.33 30.63 -37.45
N ALA G 93 -15.27 31.41 -36.91
CA ALA G 93 -16.18 31.01 -35.81
C ALA G 93 -17.55 31.63 -36.05
N THR G 94 -18.53 31.27 -35.21
CA THR G 94 -19.92 31.76 -35.26
C THR G 94 -20.24 32.44 -33.92
N VAL G 95 -20.62 33.72 -33.94
CA VAL G 95 -21.10 34.45 -32.73
C VAL G 95 -22.34 33.69 -32.23
N ASN G 96 -22.39 33.39 -30.93
CA ASN G 96 -23.46 32.57 -30.29
C ASN G 96 -23.43 31.15 -30.85
N GLU G 97 -22.22 30.61 -31.11
CA GLU G 97 -22.00 29.26 -31.69
C GLU G 97 -22.87 28.24 -30.96
N GLU G 98 -22.78 28.21 -29.62
CA GLU G 98 -23.34 27.11 -28.79
C GLU G 98 -24.87 27.22 -28.72
N ALA G 99 -25.43 28.43 -28.75
CA ALA G 99 -26.89 28.67 -28.81
C ALA G 99 -27.44 28.10 -30.14
N LEU G 100 -26.73 28.35 -31.25
CA LEU G 100 -27.11 27.88 -32.61
C LEU G 100 -27.03 26.34 -32.67
N ARG G 101 -25.90 25.77 -32.27
CA ARG G 101 -25.69 24.29 -32.21
C ARG G 101 -26.85 23.67 -31.44
N GLN G 102 -27.14 24.18 -30.23
CA GLN G 102 -28.18 23.65 -29.32
C GLN G 102 -29.54 23.71 -30.03
N LYS G 103 -29.80 24.80 -30.77
CA LYS G 103 -31.10 25.06 -31.45
C LYS G 103 -31.31 24.02 -32.56
N ILE G 104 -30.26 23.69 -33.30
CA ILE G 104 -30.28 22.68 -34.40
C ILE G 104 -30.53 21.29 -33.79
N MET G 105 -29.89 20.98 -32.65
CA MET G 105 -29.91 19.63 -32.03
C MET G 105 -31.24 19.38 -31.29
N GLU G 106 -32.09 20.40 -31.14
CA GLU G 106 -33.48 20.23 -30.62
C GLU G 106 -34.45 20.04 -31.79
N SER G 107 -34.03 20.36 -33.01
CA SER G 107 -34.89 20.40 -34.22
C SER G 107 -35.24 18.98 -34.66
N GLY G 108 -36.30 18.85 -35.45
CA GLY G 108 -36.73 17.58 -36.08
C GLY G 108 -36.57 17.62 -37.59
N GLY G 109 -35.64 18.43 -38.11
CA GLY G 109 -35.35 18.55 -39.55
C GLY G 109 -34.97 19.96 -39.99
N ILE G 110 -34.45 20.09 -41.22
CA ILE G 110 -34.07 21.38 -41.88
C ILE G 110 -34.62 21.40 -43.30
N SER G 111 -35.38 22.45 -43.64
CA SER G 111 -35.75 22.84 -45.03
C SER G 111 -34.86 24.01 -45.46
N LYS G 112 -34.52 24.10 -46.74
CA LYS G 112 -33.75 25.23 -47.33
C LYS G 112 -34.66 26.03 -48.26
N ILE G 113 -34.47 27.35 -48.28
CA ILE G 113 -35.25 28.32 -49.10
C ILE G 113 -34.27 29.24 -49.82
N ASN G 114 -34.39 29.37 -51.15
CA ASN G 114 -33.55 30.27 -51.99
C ASN G 114 -33.81 31.72 -51.57
N THR G 115 -32.74 32.51 -51.42
CA THR G 115 -32.81 33.95 -51.07
C THR G 115 -33.11 34.76 -52.33
N GLY G 116 -32.64 34.26 -53.49
CA GLY G 116 -32.89 34.85 -54.82
C GLY G 116 -31.87 35.91 -55.18
N PHE G 117 -31.02 36.32 -54.23
CA PHE G 117 -30.02 37.41 -54.34
C PHE G 117 -29.24 37.28 -55.67
N THR G 118 -29.21 38.37 -56.43
CA THR G 118 -28.44 38.52 -57.70
C THR G 118 -27.53 39.75 -57.58
N TYR G 119 -26.41 39.77 -58.31
CA TYR G 119 -25.35 40.80 -58.19
C TYR G 119 -24.96 41.30 -59.59
N GLY G 120 -24.63 42.59 -59.68
CA GLY G 120 -24.23 43.26 -60.95
C GLY G 120 -22.98 42.64 -61.55
N SER G 121 -22.57 43.11 -62.73
CA SER G 121 -21.41 42.61 -63.51
C SER G 121 -20.09 42.94 -62.78
N SER G 122 -20.07 43.97 -61.94
CA SER G 122 -18.86 44.46 -61.21
C SER G 122 -18.57 43.61 -59.96
N ILE G 123 -19.44 42.63 -59.64
CA ILE G 123 -19.29 41.69 -58.49
C ILE G 123 -19.12 40.27 -59.04
N ASN G 124 -18.15 39.52 -58.50
CA ASN G 124 -17.89 38.09 -58.80
C ASN G 124 -18.48 37.26 -57.65
N SER G 125 -19.59 36.55 -57.92
CA SER G 125 -20.37 35.76 -56.94
C SER G 125 -19.63 34.46 -56.58
N ALA G 126 -18.99 33.81 -57.55
CA ALA G 126 -18.44 32.44 -57.45
C ALA G 126 -16.95 32.47 -57.04
N GLY G 127 -16.60 33.24 -56.00
CA GLY G 127 -15.28 33.20 -55.35
C GLY G 127 -15.06 31.86 -54.65
N THR G 128 -13.88 31.28 -54.81
CA THR G 128 -13.52 29.90 -54.36
C THR G 128 -12.24 29.94 -53.50
N THR G 129 -11.97 28.87 -52.74
CA THR G 129 -10.78 28.71 -51.87
C THR G 129 -10.28 27.26 -51.92
N LYS G 130 -8.99 27.06 -51.66
CA LYS G 130 -8.28 25.74 -51.67
C LYS G 130 -8.74 24.90 -50.47
N ALA G 131 -9.22 25.55 -49.41
CA ALA G 131 -9.60 24.92 -48.12
C ALA G 131 -10.87 24.10 -48.29
N CYS G 132 -11.86 24.62 -49.03
CA CYS G 132 -13.21 24.03 -49.22
C CYS G 132 -13.23 23.24 -50.54
N MET G 133 -12.61 22.06 -50.53
CA MET G 133 -12.49 21.19 -51.74
C MET G 133 -13.77 20.38 -51.90
N ARG G 134 -14.19 20.16 -53.15
CA ARG G 134 -15.46 19.52 -53.54
C ARG G 134 -15.34 19.06 -55.00
N ASN G 135 -15.58 17.77 -55.27
CA ASN G 135 -15.41 17.12 -56.60
C ASN G 135 -13.93 17.16 -57.01
N GLY G 136 -13.03 17.23 -56.04
CA GLY G 136 -11.56 17.28 -56.26
C GLY G 136 -11.07 18.65 -56.72
N GLY G 137 -11.95 19.65 -56.81
CA GLY G 137 -11.62 21.01 -57.25
C GLY G 137 -12.02 22.07 -56.22
N ASN G 138 -11.34 23.23 -56.24
CA ASN G 138 -11.60 24.34 -55.28
C ASN G 138 -13.08 24.72 -55.32
N SER G 139 -13.66 25.07 -54.17
CA SER G 139 -15.10 25.40 -54.00
C SER G 139 -15.28 26.31 -52.78
N PHE G 140 -16.50 26.37 -52.24
CA PHE G 140 -16.89 27.25 -51.10
C PHE G 140 -18.14 26.69 -50.43
N TYR G 141 -18.50 27.24 -49.27
CA TYR G 141 -19.77 26.94 -48.55
C TYR G 141 -20.92 26.95 -49.56
N ALA G 142 -21.71 25.87 -49.62
CA ALA G 142 -22.75 25.63 -50.63
C ALA G 142 -23.91 26.64 -50.48
N GLU G 143 -24.15 27.14 -49.27
CA GLU G 143 -25.35 27.95 -48.92
C GLU G 143 -24.98 29.44 -48.88
N LEU G 144 -23.73 29.79 -49.18
CA LEU G 144 -23.23 31.19 -49.16
C LEU G 144 -22.41 31.47 -50.44
N LYS G 145 -22.26 32.74 -50.79
CA LYS G 145 -21.45 33.20 -51.95
C LYS G 145 -20.41 34.21 -51.44
N TRP G 146 -19.15 34.01 -51.83
CA TRP G 146 -18.01 34.93 -51.55
C TRP G 146 -18.02 36.06 -52.58
N LEU G 147 -18.56 37.23 -52.20
CA LEU G 147 -18.70 38.42 -53.09
C LEU G 147 -17.39 39.20 -53.11
N VAL G 148 -16.74 39.26 -54.28
CA VAL G 148 -15.47 40.00 -54.55
C VAL G 148 -15.65 40.84 -55.82
N SER G 149 -14.86 41.92 -55.97
CA SER G 149 -14.77 42.73 -57.21
C SER G 149 -14.24 41.88 -58.36
N LYS G 150 -14.73 42.09 -59.59
CA LYS G 150 -14.32 41.31 -60.79
C LYS G 150 -13.00 41.87 -61.33
N ASN G 151 -12.78 43.19 -61.23
CA ASN G 151 -11.50 43.86 -61.52
C ASN G 151 -10.73 44.06 -60.21
N LYS G 152 -9.62 43.33 -60.03
CA LYS G 152 -8.83 43.29 -58.77
C LYS G 152 -8.35 44.71 -58.43
N GLY G 153 -8.50 45.13 -57.17
CA GLY G 153 -8.11 46.47 -56.69
C GLY G 153 -9.28 47.45 -56.68
N GLN G 154 -10.19 47.32 -57.65
CA GLN G 154 -11.38 48.21 -57.83
C GLN G 154 -12.23 48.20 -56.55
N ASN G 155 -12.73 49.38 -56.14
CA ASN G 155 -13.69 49.55 -55.02
C ASN G 155 -14.96 48.72 -55.32
N PHE G 156 -15.52 48.08 -54.29
CA PHE G 156 -16.68 47.16 -54.38
C PHE G 156 -17.97 47.98 -54.46
N PRO G 157 -18.85 47.71 -55.45
CA PRO G 157 -20.09 48.48 -55.61
C PRO G 157 -20.96 48.47 -54.33
N GLN G 158 -21.30 49.64 -53.80
CA GLN G 158 -22.24 49.77 -52.65
C GLN G 158 -23.58 49.18 -53.10
N THR G 159 -23.91 47.96 -52.67
CA THR G 159 -25.09 47.17 -53.12
C THR G 159 -26.02 46.92 -51.94
N THR G 160 -27.29 46.58 -52.22
CA THR G 160 -28.33 46.22 -51.23
C THR G 160 -29.06 44.95 -51.72
N ASN G 161 -29.11 43.93 -50.85
CA ASN G 161 -29.90 42.69 -51.06
C ASN G 161 -30.88 42.52 -49.89
N THR G 162 -32.13 42.14 -50.18
CA THR G 162 -33.22 42.03 -49.19
C THR G 162 -33.94 40.69 -49.38
N TYR G 163 -33.98 39.88 -48.32
CA TYR G 163 -34.78 38.62 -48.26
C TYR G 163 -36.09 38.90 -47.52
N ARG G 164 -37.21 38.52 -48.12
CA ARG G 164 -38.55 38.53 -47.48
C ARG G 164 -38.94 37.09 -47.13
N ASN G 165 -39.47 36.89 -45.92
CA ASN G 165 -39.99 35.58 -45.44
C ASN G 165 -41.44 35.45 -45.90
N ALA G 166 -41.67 34.70 -47.00
CA ALA G 166 -42.99 34.46 -47.61
C ALA G 166 -43.73 33.35 -46.85
N ASP G 167 -43.02 32.59 -46.01
CA ASP G 167 -43.50 31.38 -45.29
C ASP G 167 -44.39 31.79 -44.11
N THR G 168 -45.03 30.82 -43.46
CA THR G 168 -45.95 30.99 -42.30
C THR G 168 -45.18 30.78 -40.98
N ALA G 169 -43.94 30.26 -41.05
CA ALA G 169 -43.06 30.00 -39.89
C ALA G 169 -41.74 30.76 -40.05
N GLU G 170 -41.07 31.04 -38.93
CA GLU G 170 -39.80 31.82 -38.87
C GLU G 170 -38.69 31.06 -39.61
N HIS G 171 -37.74 31.79 -40.21
CA HIS G 171 -36.57 31.26 -40.97
C HIS G 171 -35.28 31.68 -40.28
N LEU G 172 -34.24 30.85 -40.37
CA LEU G 172 -32.89 31.09 -39.77
C LEU G 172 -31.94 31.52 -40.89
N ILE G 173 -31.67 32.81 -41.01
CA ILE G 173 -30.71 33.37 -42.02
C ILE G 173 -29.32 33.47 -41.38
N MET G 174 -28.30 33.04 -42.11
CA MET G 174 -26.88 33.10 -41.70
C MET G 174 -26.09 33.84 -42.78
N TRP G 175 -25.14 34.68 -42.38
CA TRP G 175 -24.18 35.35 -43.29
C TRP G 175 -22.80 35.37 -42.64
N GLY G 176 -21.77 35.64 -43.44
CA GLY G 176 -20.38 35.73 -42.99
C GLY G 176 -19.79 37.10 -43.30
N ILE G 177 -18.86 37.53 -42.46
CA ILE G 177 -18.01 38.74 -42.66
C ILE G 177 -16.58 38.27 -42.79
N HIS G 178 -15.92 38.52 -43.92
CA HIS G 178 -14.51 38.13 -44.17
C HIS G 178 -13.58 39.21 -43.59
N HIS G 179 -12.81 38.83 -42.57
CA HIS G 179 -11.76 39.64 -41.92
C HIS G 179 -10.40 39.22 -42.50
N PRO G 180 -9.87 39.91 -43.53
CA PRO G 180 -8.63 39.49 -44.18
C PRO G 180 -7.40 39.67 -43.29
N SER G 181 -6.31 38.97 -43.64
CA SER G 181 -5.02 38.93 -42.90
C SER G 181 -4.35 40.31 -42.91
N SER G 182 -4.20 40.91 -44.09
CA SER G 182 -3.40 42.13 -44.35
C SER G 182 -4.22 43.19 -45.11
N THR G 183 -3.81 44.46 -45.01
CA THR G 183 -4.37 45.62 -45.74
C THR G 183 -4.13 45.45 -47.25
N GLN G 184 -3.12 44.66 -47.64
CA GLN G 184 -2.83 44.29 -49.06
C GLN G 184 -3.99 43.46 -49.60
N GLU G 185 -4.40 42.40 -48.90
CA GLU G 185 -5.46 41.44 -49.31
C GLU G 185 -6.81 42.19 -49.42
N LYS G 186 -7.11 43.04 -48.44
CA LYS G 186 -8.39 43.80 -48.32
C LYS G 186 -8.59 44.68 -49.57
N ASN G 187 -7.63 45.57 -49.83
CA ASN G 187 -7.62 46.53 -50.98
C ASN G 187 -7.69 45.74 -52.29
N ASP G 188 -7.12 44.53 -52.31
CA ASP G 188 -7.01 43.66 -53.51
C ASP G 188 -8.39 43.15 -53.92
N LEU G 189 -9.29 42.89 -52.94
CA LEU G 189 -10.58 42.19 -53.14
C LEU G 189 -11.76 43.16 -53.11
N TYR G 190 -11.72 44.18 -52.24
CA TYR G 190 -12.86 45.10 -51.95
C TYR G 190 -12.50 46.57 -52.24
N GLY G 191 -11.21 46.91 -52.35
CA GLY G 191 -10.74 48.27 -52.69
C GLY G 191 -10.30 49.06 -51.47
N THR G 192 -9.72 50.24 -51.71
CA THR G 192 -9.03 51.08 -50.68
C THR G 192 -10.05 51.66 -49.70
N GLN G 193 -11.30 51.90 -50.12
CA GLN G 193 -12.27 52.69 -49.29
C GLN G 193 -12.57 51.94 -47.98
N SER G 194 -12.89 52.70 -46.93
CA SER G 194 -13.45 52.22 -45.64
C SER G 194 -14.67 51.33 -45.92
N LEU G 195 -14.72 50.15 -45.29
CA LEU G 195 -15.78 49.12 -45.51
C LEU G 195 -16.78 49.16 -44.34
N SER G 196 -18.07 49.07 -44.67
CA SER G 196 -19.20 48.96 -43.71
C SER G 196 -20.22 47.94 -44.24
N ILE G 197 -20.78 47.13 -43.35
CA ILE G 197 -21.82 46.10 -43.67
C ILE G 197 -22.95 46.24 -42.66
N SER G 198 -24.10 46.76 -43.09
CA SER G 198 -25.32 46.93 -42.26
C SER G 198 -26.31 45.81 -42.58
N VAL G 199 -26.89 45.22 -41.52
CA VAL G 199 -27.96 44.19 -41.60
C VAL G 199 -29.12 44.67 -40.73
N GLY G 200 -30.32 44.76 -41.29
CA GLY G 200 -31.51 45.31 -40.60
C GLY G 200 -32.79 44.57 -40.97
N SER G 201 -33.56 44.20 -39.95
CA SER G 201 -34.93 43.63 -40.07
C SER G 201 -35.87 44.48 -39.20
N SER G 202 -37.10 44.02 -38.94
CA SER G 202 -38.05 44.67 -37.99
C SER G 202 -37.51 44.53 -36.57
N THR G 203 -36.97 43.36 -36.22
CA THR G 203 -36.56 42.96 -34.84
C THR G 203 -35.05 43.14 -34.67
N TYR G 204 -34.26 42.60 -35.60
CA TYR G 204 -32.77 42.57 -35.55
C TYR G 204 -32.20 43.78 -36.29
N LYS G 205 -31.05 44.26 -35.81
CA LYS G 205 -30.26 45.36 -36.42
C LYS G 205 -28.83 45.29 -35.88
N ASN G 206 -27.83 45.49 -36.74
CA ASN G 206 -26.39 45.34 -36.38
C ASN G 206 -25.51 45.85 -37.51
N ASN G 207 -24.32 46.37 -37.16
CA ASN G 207 -23.29 46.85 -38.13
C ASN G 207 -22.01 46.03 -37.93
N PHE G 208 -21.28 45.79 -39.02
CA PHE G 208 -20.05 44.96 -39.05
C PHE G 208 -18.98 45.65 -39.89
N VAL G 209 -17.76 45.77 -39.34
CA VAL G 209 -16.57 46.36 -40.00
C VAL G 209 -15.50 45.27 -40.11
N PRO G 210 -15.12 44.85 -41.33
CA PRO G 210 -14.04 43.86 -41.50
C PRO G 210 -12.73 44.40 -40.93
N VAL G 211 -12.33 43.89 -39.76
CA VAL G 211 -11.03 44.23 -39.09
C VAL G 211 -9.90 43.48 -39.81
N VAL G 212 -8.77 44.16 -40.00
CA VAL G 212 -7.58 43.62 -40.73
C VAL G 212 -6.40 43.64 -39.75
N GLY G 213 -5.72 42.48 -39.61
CA GLY G 213 -4.66 42.28 -38.63
C GLY G 213 -4.07 40.89 -38.74
N ALA G 214 -2.76 40.77 -38.45
CA ALA G 214 -1.99 39.51 -38.48
C ALA G 214 -2.62 38.52 -37.47
N ARG G 215 -2.69 37.25 -37.86
CA ARG G 215 -3.20 36.15 -37.01
C ARG G 215 -2.56 34.82 -37.41
N PRO G 216 -2.54 33.83 -36.50
CA PRO G 216 -2.02 32.48 -36.84
C PRO G 216 -2.76 31.82 -38.01
N GLN G 217 -2.08 30.92 -38.73
CA GLN G 217 -2.65 30.20 -39.90
C GLN G 217 -3.42 28.98 -39.39
N VAL G 218 -4.69 28.84 -39.81
CA VAL G 218 -5.52 27.62 -39.61
C VAL G 218 -5.76 27.01 -40.99
N ASN G 219 -5.15 25.84 -41.27
CA ASN G 219 -5.11 25.19 -42.61
C ASN G 219 -4.32 26.09 -43.57
N GLY G 220 -3.24 26.72 -43.08
CA GLY G 220 -2.31 27.55 -43.86
C GLY G 220 -2.93 28.85 -44.34
N LEU G 221 -3.97 29.35 -43.66
CA LEU G 221 -4.72 30.59 -44.02
C LEU G 221 -4.89 31.46 -42.76
N SER G 222 -4.36 32.69 -42.80
CA SER G 222 -4.44 33.71 -41.71
C SER G 222 -5.75 34.49 -41.80
N GLY G 223 -6.48 34.39 -42.92
CA GLY G 223 -7.81 35.05 -43.08
C GLY G 223 -8.86 34.37 -42.22
N ARG G 224 -9.92 35.08 -41.83
CA ARG G 224 -11.07 34.54 -41.05
C ARG G 224 -12.38 34.96 -41.72
N ILE G 225 -13.34 34.04 -41.77
CA ILE G 225 -14.78 34.33 -42.08
C ILE G 225 -15.59 34.02 -40.82
N ASP G 226 -15.97 35.05 -40.07
CA ASP G 226 -16.83 34.93 -38.86
C ASP G 226 -18.29 34.97 -39.31
N PHE G 227 -19.10 34.04 -38.82
CA PHE G 227 -20.52 33.85 -39.20
C PHE G 227 -21.42 34.46 -38.13
N HIS G 228 -22.52 35.08 -38.57
CA HIS G 228 -23.60 35.64 -37.71
C HIS G 228 -24.93 35.03 -38.14
N TRP G 229 -25.95 35.15 -37.30
CA TRP G 229 -27.29 34.55 -37.58
C TRP G 229 -28.36 35.30 -36.81
N THR G 230 -29.61 35.21 -37.28
CA THR G 230 -30.82 35.74 -36.61
C THR G 230 -32.06 35.05 -37.20
N LEU G 231 -33.16 35.07 -36.47
CA LEU G 231 -34.49 34.59 -36.92
C LEU G 231 -35.13 35.74 -37.73
N VAL G 232 -35.85 35.41 -38.81
CA VAL G 232 -36.66 36.36 -39.61
C VAL G 232 -38.13 35.92 -39.49
N GLN G 233 -38.98 36.72 -38.84
CA GLN G 233 -40.40 36.35 -38.58
C GLN G 233 -41.16 36.31 -39.92
N PRO G 234 -42.31 35.60 -39.98
CA PRO G 234 -43.14 35.57 -41.18
C PRO G 234 -43.58 36.97 -41.66
N GLY G 235 -43.47 37.22 -42.97
CA GLY G 235 -43.92 38.46 -43.63
C GLY G 235 -42.94 39.61 -43.45
N ASP G 236 -41.82 39.38 -42.76
CA ASP G 236 -40.82 40.41 -42.40
C ASP G 236 -39.66 40.34 -43.39
N LYS G 237 -38.92 41.44 -43.56
CA LYS G 237 -37.78 41.54 -44.50
C LYS G 237 -36.48 41.70 -43.70
N ILE G 238 -35.35 41.22 -44.25
CA ILE G 238 -33.98 41.55 -43.75
C ILE G 238 -33.18 42.09 -44.94
N THR G 239 -32.50 43.23 -44.75
CA THR G 239 -31.78 43.96 -45.82
C THR G 239 -30.28 44.01 -45.49
N PHE G 240 -29.44 43.70 -46.47
CA PHE G 240 -27.95 43.66 -46.36
C PHE G 240 -27.36 44.82 -47.17
N SER G 241 -27.03 45.92 -46.50
CA SER G 241 -26.28 47.08 -47.06
C SER G 241 -24.78 46.82 -46.86
N HIS G 242 -24.01 46.71 -47.95
CA HIS G 242 -22.58 46.34 -47.92
C HIS G 242 -21.83 46.97 -49.10
N ASN G 243 -20.61 47.45 -48.84
CA ASN G 243 -19.66 47.98 -49.86
C ASN G 243 -18.43 47.07 -49.94
N GLY G 244 -18.62 45.77 -49.69
CA GLY G 244 -17.57 44.72 -49.78
C GLY G 244 -17.24 44.11 -48.43
N GLY G 245 -16.92 42.82 -48.41
CA GLY G 245 -16.54 42.07 -47.20
C GLY G 245 -17.64 41.17 -46.70
N LEU G 246 -18.82 41.20 -47.34
CA LEU G 246 -19.97 40.34 -46.99
C LEU G 246 -19.85 38.99 -47.68
N ILE G 247 -20.08 37.91 -46.94
CA ILE G 247 -20.34 36.53 -47.45
C ILE G 247 -21.84 36.31 -47.35
N ALA G 248 -22.53 36.41 -48.49
CA ALA G 248 -24.01 36.51 -48.56
C ALA G 248 -24.64 35.14 -48.71
N PRO G 249 -25.84 34.91 -48.11
CA PRO G 249 -26.55 33.64 -48.26
C PRO G 249 -27.21 33.48 -49.64
N SER G 250 -27.01 32.31 -50.28
CA SER G 250 -27.81 31.82 -51.43
C SER G 250 -29.13 31.25 -50.90
N ARG G 251 -29.08 30.59 -49.74
CA ARG G 251 -30.27 29.98 -49.10
C ARG G 251 -30.31 30.34 -47.60
N VAL G 252 -31.53 30.47 -47.06
CA VAL G 252 -31.81 30.51 -45.61
C VAL G 252 -32.30 29.12 -45.19
N SER G 253 -32.34 28.86 -43.88
CA SER G 253 -32.72 27.56 -43.28
C SER G 253 -34.05 27.72 -42.52
N LYS G 254 -34.79 26.62 -42.37
CA LYS G 254 -36.00 26.55 -41.52
C LYS G 254 -35.92 25.26 -40.69
N LEU G 255 -35.83 25.39 -39.37
CA LEU G 255 -35.81 24.24 -38.42
C LEU G 255 -37.26 23.79 -38.22
N ILE G 256 -37.54 22.50 -38.41
CA ILE G 256 -38.92 21.93 -38.38
C ILE G 256 -39.06 21.03 -37.16
N GLY G 257 -40.14 21.22 -36.39
CA GLY G 257 -40.56 20.34 -35.28
C GLY G 257 -39.47 20.12 -34.25
N ARG G 258 -39.52 18.95 -33.58
CA ARG G 258 -38.66 18.63 -32.40
C ARG G 258 -37.95 17.29 -32.62
N GLY G 259 -36.77 17.13 -32.01
CA GLY G 259 -35.95 15.90 -32.08
C GLY G 259 -34.96 15.82 -30.94
N LEU G 260 -34.52 14.60 -30.60
CA LEU G 260 -33.57 14.31 -29.50
C LEU G 260 -32.14 14.41 -30.03
N GLY G 261 -31.36 15.37 -29.53
CA GLY G 261 -29.93 15.53 -29.86
C GLY G 261 -29.06 14.64 -28.99
N ILE G 262 -28.19 13.83 -29.60
CA ILE G 262 -27.26 12.91 -28.90
C ILE G 262 -25.83 13.26 -29.33
N GLN G 263 -24.95 13.50 -28.36
CA GLN G 263 -23.47 13.59 -28.56
C GLN G 263 -22.87 12.28 -28.05
N SER G 264 -22.27 11.49 -28.94
CA SER G 264 -21.72 10.13 -28.64
C SER G 264 -20.67 9.72 -29.67
N GLU G 265 -19.72 8.87 -29.27
CA GLU G 265 -18.69 8.28 -30.15
C GLU G 265 -19.10 6.86 -30.56
N ALA G 266 -20.17 6.32 -29.98
CA ALA G 266 -20.55 4.89 -30.11
C ALA G 266 -21.22 4.62 -31.46
N PRO G 267 -20.98 3.45 -32.08
CA PRO G 267 -21.61 3.11 -33.37
C PRO G 267 -23.13 2.87 -33.29
N ILE G 268 -23.82 2.95 -34.42
CA ILE G 268 -25.29 2.77 -34.55
C ILE G 268 -25.62 1.28 -34.57
N ASP G 269 -26.87 0.93 -34.24
CA ASP G 269 -27.44 -0.44 -34.30
C ASP G 269 -28.96 -0.33 -34.46
N ASN G 270 -29.50 -0.65 -35.64
CA ASN G 270 -30.93 -0.50 -35.98
C ASN G 270 -31.72 -1.78 -35.64
N SER G 271 -31.11 -2.72 -34.91
CA SER G 271 -31.76 -3.96 -34.41
C SER G 271 -32.28 -3.74 -32.98
N CYS G 272 -31.60 -2.87 -32.21
CA CYS G 272 -31.82 -2.64 -30.76
C CYS G 272 -32.61 -1.33 -30.55
N GLU G 273 -33.50 -1.30 -29.55
CA GLU G 273 -34.38 -0.16 -29.18
C GLU G 273 -33.91 0.47 -27.87
N SER G 274 -34.04 1.79 -27.71
CA SER G 274 -33.70 2.53 -26.47
C SER G 274 -34.39 3.89 -26.42
N LYS G 275 -34.56 4.43 -25.20
CA LYS G 275 -35.10 5.79 -24.95
C LYS G 275 -34.11 6.62 -24.12
N CYS G 276 -32.95 6.04 -23.79
CA CYS G 276 -31.92 6.66 -22.93
C CYS G 276 -30.54 6.49 -23.56
N PHE G 277 -29.78 7.59 -23.66
CA PHE G 277 -28.47 7.64 -24.35
C PHE G 277 -27.49 8.47 -23.53
N TRP G 278 -26.20 8.18 -23.69
CA TRP G 278 -25.09 8.95 -23.09
C TRP G 278 -23.87 8.82 -24.02
N ARG G 279 -22.79 9.53 -23.70
CA ARG G 279 -21.55 9.53 -24.50
C ARG G 279 -21.20 8.11 -24.91
N GLY G 280 -21.30 7.16 -23.98
CA GLY G 280 -20.80 5.77 -24.11
C GLY G 280 -21.79 4.83 -24.78
N GLY G 281 -23.04 5.25 -25.02
CA GLY G 281 -24.02 4.44 -25.78
C GLY G 281 -25.43 4.53 -25.23
N SER G 282 -26.13 3.39 -25.19
CA SER G 282 -27.57 3.28 -24.83
C SER G 282 -27.72 2.63 -23.45
N ILE G 283 -28.88 2.84 -22.82
CA ILE G 283 -29.26 2.24 -21.51
C ILE G 283 -30.69 1.71 -21.64
N ASN G 284 -30.85 0.38 -21.73
CA ASN G 284 -32.12 -0.32 -22.07
C ASN G 284 -32.81 -0.85 -20.82
N THR G 285 -32.17 -0.66 -19.66
CA THR G 285 -32.52 -1.29 -18.37
C THR G 285 -33.94 -0.90 -17.94
N ARG G 286 -34.63 -1.81 -17.26
CA ARG G 286 -35.97 -1.62 -16.65
C ARG G 286 -35.79 -1.05 -15.23
N LEU G 287 -34.54 -1.09 -14.71
CA LEU G 287 -34.19 -0.70 -13.32
C LEU G 287 -34.37 0.80 -13.15
N PRO G 288 -34.73 1.25 -11.92
CA PRO G 288 -35.03 2.67 -11.66
C PRO G 288 -33.82 3.61 -11.55
N PHE G 289 -32.65 3.07 -11.24
CA PHE G 289 -31.39 3.83 -11.00
C PHE G 289 -30.28 3.29 -11.91
N GLN G 290 -29.15 4.00 -11.95
CA GLN G 290 -28.08 3.83 -12.95
C GLN G 290 -26.84 4.59 -12.45
N ASN G 291 -25.63 4.03 -12.60
CA ASN G 291 -24.37 4.67 -12.13
C ASN G 291 -23.34 4.73 -13.27
N LEU G 292 -23.81 4.86 -14.52
CA LEU G 292 -22.95 4.91 -15.72
C LEU G 292 -22.48 6.35 -15.98
N SER G 293 -23.42 7.31 -16.00
CA SER G 293 -23.11 8.75 -16.23
C SER G 293 -24.21 9.65 -15.67
N PRO G 294 -23.82 10.80 -15.08
CA PRO G 294 -24.77 11.86 -14.76
C PRO G 294 -25.24 12.67 -15.99
N ARG G 295 -24.53 12.55 -17.12
CA ARG G 295 -24.90 13.17 -18.41
C ARG G 295 -25.62 12.14 -19.28
N THR G 296 -26.95 12.15 -19.27
CA THR G 296 -27.81 11.30 -20.14
C THR G 296 -28.87 12.18 -20.81
N VAL G 297 -29.52 11.64 -21.85
CA VAL G 297 -30.63 12.33 -22.59
C VAL G 297 -31.72 11.30 -22.89
N GLY G 298 -32.98 11.76 -22.94
CA GLY G 298 -34.17 10.91 -23.15
C GLY G 298 -34.87 10.58 -21.84
N GLN G 299 -35.62 9.48 -21.83
CA GLN G 299 -36.35 8.96 -20.63
C GLN G 299 -35.42 7.98 -19.93
N CYS G 300 -34.84 8.39 -18.80
CA CYS G 300 -33.65 7.72 -18.20
C CYS G 300 -33.90 7.30 -16.76
N PRO G 301 -33.27 6.19 -16.31
CA PRO G 301 -33.12 5.91 -14.89
C PRO G 301 -32.27 7.04 -14.29
N LYS G 302 -32.51 7.36 -13.02
CA LYS G 302 -31.83 8.49 -12.32
C LYS G 302 -30.41 8.04 -11.96
N TYR G 303 -29.44 8.93 -12.11
CA TYR G 303 -28.02 8.67 -11.73
C TYR G 303 -27.93 8.66 -10.19
N VAL G 304 -27.21 7.68 -9.64
CA VAL G 304 -26.95 7.55 -8.17
C VAL G 304 -25.47 7.26 -7.96
N ASN G 305 -24.89 7.75 -6.85
CA ASN G 305 -23.48 7.51 -6.45
C ASN G 305 -23.40 6.19 -5.67
N LYS G 306 -23.74 5.08 -6.33
CA LYS G 306 -23.90 3.74 -5.71
C LYS G 306 -23.55 2.66 -6.73
N LYS G 307 -22.63 1.76 -6.37
CA LYS G 307 -22.24 0.58 -7.20
C LYS G 307 -23.47 -0.34 -7.32
N SER G 308 -24.07 -0.70 -6.19
CA SER G 308 -25.15 -1.71 -6.06
C SER G 308 -26.12 -1.34 -4.94
N LEU G 309 -27.41 -1.59 -5.16
CA LEU G 309 -28.50 -1.47 -4.15
C LEU G 309 -29.45 -2.66 -4.30
N MET G 310 -29.28 -3.68 -3.45
CA MET G 310 -30.03 -4.96 -3.56
C MET G 310 -31.36 -4.85 -2.81
N LEU G 311 -32.46 -5.08 -3.51
CA LEU G 311 -33.85 -5.08 -2.97
C LEU G 311 -34.27 -6.53 -2.65
N ALA G 312 -34.49 -6.84 -1.38
CA ALA G 312 -34.92 -8.17 -0.90
C ALA G 312 -36.23 -8.56 -1.62
N THR G 313 -36.28 -9.79 -2.15
CA THR G 313 -37.46 -10.40 -2.83
C THR G 313 -37.86 -11.69 -2.11
N GLY G 314 -37.37 -11.90 -0.89
CA GLY G 314 -37.68 -13.07 -0.05
C GLY G 314 -37.40 -12.80 1.42
N MET G 315 -37.79 -13.74 2.28
CA MET G 315 -37.69 -13.63 3.76
C MET G 315 -36.22 -13.77 4.19
N ARG G 316 -35.94 -13.49 5.47
CA ARG G 316 -34.66 -13.83 6.14
C ARG G 316 -34.29 -15.27 5.79
N ASN G 317 -33.05 -15.49 5.37
CA ASN G 317 -32.49 -16.85 5.17
C ASN G 317 -31.89 -17.31 6.50
N VAL G 318 -32.49 -18.32 7.12
CA VAL G 318 -31.96 -18.95 8.36
C VAL G 318 -31.62 -20.39 8.02
N PRO G 319 -30.34 -20.69 7.68
CA PRO G 319 -29.96 -22.03 7.24
C PRO G 319 -29.80 -23.02 8.41
N GLU G 320 -29.67 -24.31 8.11
CA GLU G 320 -29.10 -25.35 9.01
C GLU G 320 -28.13 -26.22 8.21
N GLY H 1 -36.79 -10.62 14.95
CA GLY H 1 -37.79 -10.02 14.02
C GLY H 1 -38.98 -9.47 14.78
N LEU H 2 -39.71 -8.55 14.14
CA LEU H 2 -40.90 -7.87 14.73
C LEU H 2 -41.89 -8.90 15.28
N PHE H 3 -42.19 -9.96 14.54
CA PHE H 3 -43.30 -10.91 14.83
C PHE H 3 -42.77 -12.18 15.52
N GLY H 4 -41.45 -12.31 15.65
CA GLY H 4 -40.81 -13.26 16.60
C GLY H 4 -40.82 -14.70 16.12
N ALA H 5 -41.22 -14.99 14.88
CA ALA H 5 -41.29 -16.36 14.32
C ALA H 5 -40.02 -16.70 13.53
N ILE H 6 -39.82 -16.07 12.38
CA ILE H 6 -38.66 -16.33 11.48
C ILE H 6 -37.44 -15.66 12.10
N ALA H 7 -36.37 -16.43 12.30
CA ALA H 7 -35.17 -16.05 13.10
C ALA H 7 -35.63 -15.74 14.52
N GLY H 8 -36.67 -16.44 14.98
CA GLY H 8 -37.27 -16.29 16.31
C GLY H 8 -37.48 -17.64 16.97
N PHE H 9 -38.72 -17.95 17.38
CA PHE H 9 -39.07 -19.19 18.11
C PHE H 9 -38.94 -20.39 17.15
N ILE H 10 -39.08 -20.17 15.84
CA ILE H 10 -38.72 -21.18 14.80
C ILE H 10 -37.20 -21.09 14.56
N GLU H 11 -36.45 -22.11 14.99
CA GLU H 11 -34.97 -22.08 15.11
C GLU H 11 -34.30 -21.83 13.75
N ASN H 12 -34.80 -22.42 12.67
CA ASN H 12 -34.20 -22.27 11.32
C ASN H 12 -35.21 -22.63 10.23
N GLY H 13 -34.85 -22.36 8.97
CA GLY H 13 -35.67 -22.68 7.78
C GLY H 13 -35.42 -24.10 7.30
N TRP H 14 -36.20 -24.55 6.30
CA TRP H 14 -36.14 -25.91 5.72
C TRP H 14 -35.66 -25.83 4.27
N GLU H 15 -34.39 -26.16 4.03
CA GLU H 15 -33.80 -26.24 2.66
C GLU H 15 -34.55 -27.33 1.86
N GLY H 16 -35.07 -28.34 2.56
CA GLY H 16 -35.84 -29.47 1.97
C GLY H 16 -37.15 -29.03 1.33
N MET H 17 -37.75 -27.94 1.80
CA MET H 17 -39.08 -27.47 1.32
C MET H 17 -38.88 -26.57 0.09
N VAL H 18 -39.21 -27.09 -1.10
CA VAL H 18 -38.87 -26.45 -2.41
C VAL H 18 -40.14 -26.24 -3.25
N ASP H 19 -41.33 -26.43 -2.66
CA ASP H 19 -42.63 -26.28 -3.37
C ASP H 19 -43.47 -25.18 -2.68
N GLY H 20 -42.83 -24.33 -1.87
CA GLY H 20 -43.50 -23.26 -1.12
C GLY H 20 -42.57 -22.56 -0.14
N TRP H 21 -43.01 -21.43 0.42
CA TRP H 21 -42.24 -20.59 1.38
C TRP H 21 -42.55 -21.04 2.82
N TYR H 22 -43.81 -21.33 3.09
CA TYR H 22 -44.35 -21.77 4.40
C TYR H 22 -44.98 -23.15 4.23
N GLY H 23 -44.96 -23.97 5.27
CA GLY H 23 -45.62 -25.29 5.27
C GLY H 23 -45.44 -26.05 6.57
N PHE H 24 -45.80 -27.34 6.54
CA PHE H 24 -45.94 -28.23 7.71
C PHE H 24 -44.99 -29.43 7.59
N ARG H 25 -44.48 -29.92 8.73
CA ARG H 25 -43.92 -31.27 8.91
C ARG H 25 -44.67 -31.93 10.07
N HIS H 26 -45.12 -33.17 9.90
CA HIS H 26 -45.84 -33.93 10.95
C HIS H 26 -45.14 -35.26 11.21
N GLN H 27 -45.31 -35.80 12.42
CA GLN H 27 -44.95 -37.19 12.79
C GLN H 27 -46.14 -37.80 13.53
N ASN H 28 -46.61 -38.95 13.06
CA ASN H 28 -47.67 -39.77 13.71
C ASN H 28 -47.19 -41.23 13.71
N ALA H 29 -48.03 -42.16 14.17
CA ALA H 29 -47.76 -43.62 14.15
C ALA H 29 -47.32 -44.04 12.75
N GLN H 30 -48.10 -43.67 11.72
CA GLN H 30 -47.90 -44.19 10.34
C GLN H 30 -46.62 -43.60 9.74
N GLY H 31 -46.04 -42.51 10.27
CA GLY H 31 -44.69 -42.03 9.90
C GLY H 31 -44.64 -40.52 9.72
N THR H 32 -43.74 -40.04 8.84
CA THR H 32 -43.38 -38.61 8.63
C THR H 32 -43.98 -38.09 7.31
N GLY H 33 -44.24 -36.78 7.24
CA GLY H 33 -44.71 -36.07 6.04
C GLY H 33 -44.26 -34.63 6.01
N GLN H 34 -44.36 -33.99 4.84
CA GLN H 34 -44.06 -32.55 4.60
C GLN H 34 -44.98 -32.05 3.48
N ALA H 35 -45.57 -30.87 3.64
CA ALA H 35 -46.45 -30.22 2.64
C ALA H 35 -46.37 -28.70 2.77
N ALA H 36 -46.45 -27.99 1.65
CA ALA H 36 -46.41 -26.52 1.56
C ALA H 36 -47.83 -25.97 1.75
N ASP H 37 -47.96 -24.80 2.37
CA ASP H 37 -49.23 -24.02 2.45
C ASP H 37 -49.25 -23.03 1.28
N TYR H 38 -50.22 -23.17 0.38
CA TYR H 38 -50.37 -22.33 -0.83
C TYR H 38 -50.77 -20.91 -0.40
N LYS H 39 -51.88 -20.77 0.33
CA LYS H 39 -52.53 -19.47 0.66
C LYS H 39 -51.50 -18.48 1.19
N SER H 40 -50.69 -18.90 2.19
CA SER H 40 -49.72 -18.04 2.91
C SER H 40 -48.47 -17.79 2.06
N THR H 41 -48.06 -18.77 1.23
CA THR H 41 -46.92 -18.64 0.29
C THR H 41 -47.27 -17.59 -0.78
N GLN H 42 -48.50 -17.64 -1.30
CA GLN H 42 -48.95 -16.75 -2.39
C GLN H 42 -49.15 -15.34 -1.82
N ALA H 43 -49.60 -15.23 -0.57
CA ALA H 43 -49.80 -13.95 0.14
C ALA H 43 -48.48 -13.17 0.17
N ALA H 44 -47.39 -13.84 0.53
CA ALA H 44 -46.04 -13.24 0.67
C ALA H 44 -45.50 -12.88 -0.72
N ILE H 45 -45.65 -13.78 -1.70
CA ILE H 45 -45.11 -13.60 -3.08
C ILE H 45 -45.86 -12.44 -3.75
N ASP H 46 -47.19 -12.36 -3.59
CA ASP H 46 -48.03 -11.32 -4.25
C ASP H 46 -47.64 -9.94 -3.71
N GLN H 47 -47.33 -9.82 -2.41
CA GLN H 47 -46.95 -8.53 -1.78
C GLN H 47 -45.59 -8.09 -2.31
N ILE H 48 -44.65 -9.02 -2.48
CA ILE H 48 -43.29 -8.74 -3.02
C ILE H 48 -43.40 -8.36 -4.50
N THR H 49 -44.23 -9.06 -5.28
CA THR H 49 -44.54 -8.73 -6.70
C THR H 49 -45.01 -7.27 -6.78
N GLY H 50 -45.93 -6.88 -5.90
CA GLY H 50 -46.47 -5.51 -5.81
C GLY H 50 -45.37 -4.48 -5.68
N LYS H 51 -44.40 -4.73 -4.80
CA LYS H 51 -43.23 -3.83 -4.57
C LYS H 51 -42.42 -3.70 -5.86
N LEU H 52 -42.11 -4.82 -6.51
CA LEU H 52 -41.29 -4.85 -7.75
C LEU H 52 -42.00 -4.05 -8.84
N ASN H 53 -43.33 -4.15 -8.94
CA ASN H 53 -44.13 -3.41 -9.95
C ASN H 53 -43.99 -1.90 -9.68
N ARG H 54 -43.94 -1.48 -8.42
CA ARG H 54 -43.88 -0.05 -8.03
C ARG H 54 -42.46 0.50 -8.21
N ILE H 55 -41.43 -0.32 -7.93
CA ILE H 55 -40.02 0.15 -7.78
C ILE H 55 -39.25 0.00 -9.10
N ILE H 56 -39.43 -1.10 -9.83
CA ILE H 56 -38.75 -1.35 -11.14
C ILE H 56 -39.51 -0.55 -12.21
N LYS H 57 -39.22 0.76 -12.28
CA LYS H 57 -39.84 1.77 -13.17
C LYS H 57 -38.95 3.01 -13.24
N LYS H 58 -39.03 3.74 -14.35
CA LYS H 58 -38.38 5.07 -14.54
C LYS H 58 -39.51 6.07 -14.87
N THR H 59 -39.28 7.37 -14.69
CA THR H 59 -40.23 8.43 -15.11
C THR H 59 -40.26 8.47 -16.64
N ASN H 60 -41.38 8.90 -17.24
CA ASN H 60 -41.54 9.02 -18.71
C ASN H 60 -41.21 10.46 -19.15
N THR H 61 -40.57 11.24 -18.26
CA THR H 61 -40.11 12.63 -18.53
C THR H 61 -38.93 12.60 -19.51
N GLU H 62 -39.04 13.35 -20.62
CA GLU H 62 -37.98 13.51 -21.64
C GLU H 62 -37.04 14.63 -21.19
N PHE H 63 -35.75 14.32 -20.99
CA PHE H 63 -34.70 15.32 -20.63
C PHE H 63 -33.78 15.52 -21.84
N GLU H 64 -33.49 16.78 -22.17
CA GLU H 64 -32.53 17.18 -23.23
C GLU H 64 -31.18 17.51 -22.58
N SER H 65 -30.14 17.62 -23.40
CA SER H 65 -28.76 17.98 -22.97
C SER H 65 -28.71 19.46 -22.58
N ILE H 66 -28.02 19.77 -21.48
CA ILE H 66 -27.67 21.17 -21.06
C ILE H 66 -26.15 21.29 -20.89
N GLU H 67 -25.42 20.18 -21.04
CA GLU H 67 -23.93 20.12 -21.06
C GLU H 67 -23.49 19.59 -22.42
N SER H 68 -22.64 20.33 -23.15
CA SER H 68 -22.03 19.84 -24.41
C SER H 68 -20.89 18.86 -24.07
N GLU H 69 -20.88 17.69 -24.72
CA GLU H 69 -19.83 16.65 -24.57
C GLU H 69 -18.53 17.12 -25.24
N PHE H 70 -18.64 17.86 -26.36
CA PHE H 70 -17.52 18.09 -27.33
C PHE H 70 -17.05 19.55 -27.36
N SER H 71 -17.69 20.47 -26.63
CA SER H 71 -17.32 21.91 -26.62
C SER H 71 -17.42 22.48 -25.21
N GLU H 72 -16.68 23.57 -24.95
CA GLU H 72 -16.65 24.29 -23.65
C GLU H 72 -17.94 25.11 -23.52
N ILE H 73 -18.50 25.18 -22.31
CA ILE H 73 -19.67 26.02 -21.95
C ILE H 73 -19.15 27.20 -21.13
N ASP H 74 -19.87 28.33 -21.09
CA ASP H 74 -19.53 29.47 -20.21
C ASP H 74 -19.27 28.92 -18.80
N HIS H 75 -18.23 29.41 -18.12
CA HIS H 75 -17.71 28.83 -16.85
C HIS H 75 -18.72 29.04 -15.72
N GLN H 76 -19.42 30.17 -15.67
CA GLN H 76 -20.38 30.51 -14.57
C GLN H 76 -21.61 29.60 -14.65
N ILE H 77 -22.24 29.49 -15.82
CA ILE H 77 -23.47 28.64 -16.02
C ILE H 77 -23.08 27.17 -15.85
N GLY H 78 -21.88 26.79 -16.29
CA GLY H 78 -21.32 25.43 -16.11
C GLY H 78 -21.29 25.03 -14.64
N ASN H 79 -20.86 25.96 -13.77
CA ASN H 79 -20.76 25.76 -12.31
C ASN H 79 -22.15 25.63 -11.70
N VAL H 80 -23.13 26.41 -12.19
CA VAL H 80 -24.54 26.33 -11.73
C VAL H 80 -25.09 24.95 -12.08
N ILE H 81 -24.90 24.52 -13.33
CA ILE H 81 -25.37 23.19 -13.82
C ILE H 81 -24.73 22.10 -12.94
N ASN H 82 -23.41 22.18 -12.74
CA ASN H 82 -22.63 21.19 -11.94
C ASN H 82 -23.21 21.13 -10.52
N TRP H 83 -23.42 22.28 -9.89
CA TRP H 83 -24.02 22.38 -8.52
C TRP H 83 -25.41 21.74 -8.53
N THR H 84 -26.27 22.07 -9.50
CA THR H 84 -27.67 21.60 -9.58
C THR H 84 -27.67 20.07 -9.75
N LYS H 85 -26.95 19.55 -10.75
CA LYS H 85 -26.91 18.10 -11.07
C LYS H 85 -26.41 17.31 -9.85
N ASP H 86 -25.33 17.77 -9.22
CA ASP H 86 -24.73 17.10 -8.04
C ASP H 86 -25.74 17.11 -6.89
N SER H 87 -26.51 18.18 -6.72
CA SER H 87 -27.56 18.31 -5.67
C SER H 87 -28.68 17.28 -5.95
N ILE H 88 -29.12 17.20 -7.21
CA ILE H 88 -30.19 16.26 -7.65
C ILE H 88 -29.71 14.82 -7.39
N THR H 89 -28.46 14.53 -7.74
CA THR H 89 -27.82 13.19 -7.61
C THR H 89 -27.73 12.81 -6.13
N ASP H 90 -27.39 13.76 -5.25
CA ASP H 90 -27.35 13.55 -3.79
C ASP H 90 -28.75 13.16 -3.30
N ILE H 91 -29.80 13.82 -3.82
CA ILE H 91 -31.21 13.54 -3.43
C ILE H 91 -31.58 12.13 -3.87
N TRP H 92 -31.34 11.78 -5.13
CA TRP H 92 -31.75 10.46 -5.70
C TRP H 92 -30.96 9.34 -5.03
N THR H 93 -29.66 9.54 -4.79
CA THR H 93 -28.79 8.57 -4.08
C THR H 93 -29.43 8.29 -2.72
N TYR H 94 -29.76 9.34 -1.97
CA TYR H 94 -30.38 9.27 -0.62
C TYR H 94 -31.73 8.56 -0.72
N GLN H 95 -32.59 8.99 -1.65
CA GLN H 95 -33.96 8.43 -1.82
C GLN H 95 -33.86 6.93 -2.12
N ALA H 96 -32.93 6.54 -3.00
CA ALA H 96 -32.71 5.15 -3.42
C ALA H 96 -32.25 4.32 -2.21
N GLU H 97 -31.27 4.80 -1.46
CA GLU H 97 -30.71 4.12 -0.25
C GLU H 97 -31.84 3.90 0.77
N LEU H 98 -32.67 4.92 0.99
CA LEU H 98 -33.78 4.89 1.99
C LEU H 98 -34.89 3.97 1.50
N LEU H 99 -35.31 4.09 0.23
CA LEU H 99 -36.38 3.25 -0.36
C LEU H 99 -36.06 1.78 -0.09
N VAL H 100 -34.89 1.33 -0.55
CA VAL H 100 -34.48 -0.11 -0.54
C VAL H 100 -34.34 -0.57 0.91
N ALA H 101 -33.71 0.25 1.77
CA ALA H 101 -33.54 -0.05 3.21
C ALA H 101 -34.92 -0.27 3.85
N MET H 102 -35.85 0.63 3.57
CA MET H 102 -37.21 0.66 4.16
C MET H 102 -38.00 -0.55 3.66
N GLU H 103 -37.99 -0.81 2.35
CA GLU H 103 -38.72 -1.93 1.71
C GLU H 103 -38.14 -3.25 2.23
N ASN H 104 -36.82 -3.35 2.32
CA ASN H 104 -36.11 -4.56 2.80
C ASN H 104 -36.60 -4.88 4.22
N GLN H 105 -36.64 -3.88 5.10
CA GLN H 105 -37.16 -4.01 6.49
C GLN H 105 -38.58 -4.55 6.44
N HIS H 106 -39.44 -3.97 5.60
CA HIS H 106 -40.88 -4.33 5.50
C HIS H 106 -41.03 -5.75 4.95
N THR H 107 -40.30 -6.10 3.89
CA THR H 107 -40.36 -7.44 3.22
C THR H 107 -40.09 -8.53 4.26
N ILE H 108 -39.00 -8.36 5.03
CA ILE H 108 -38.55 -9.33 6.07
C ILE H 108 -39.65 -9.48 7.12
N ASP H 109 -40.13 -8.37 7.67
CA ASP H 109 -41.13 -8.36 8.78
C ASP H 109 -42.47 -8.87 8.24
N MET H 110 -42.83 -8.53 7.00
CA MET H 110 -44.07 -9.00 6.34
C MET H 110 -44.05 -10.52 6.28
N ALA H 111 -42.93 -11.11 5.83
CA ALA H 111 -42.73 -12.57 5.69
C ALA H 111 -42.82 -13.24 7.06
N ASP H 112 -42.24 -12.61 8.08
CA ASP H 112 -42.32 -13.03 9.51
C ASP H 112 -43.79 -13.10 9.91
N SER H 113 -44.57 -12.08 9.57
CA SER H 113 -46.00 -11.94 9.96
C SER H 113 -46.84 -13.06 9.32
N GLU H 114 -46.56 -13.43 8.08
CA GLU H 114 -47.33 -14.47 7.34
C GLU H 114 -47.09 -15.83 7.99
N MET H 115 -45.86 -16.10 8.45
CA MET H 115 -45.49 -17.33 9.20
C MET H 115 -46.30 -17.36 10.49
N LEU H 116 -46.29 -16.27 11.27
CA LEU H 116 -46.97 -16.19 12.58
C LEU H 116 -48.47 -16.39 12.38
N ASN H 117 -49.07 -15.73 11.38
CA ASN H 117 -50.53 -15.79 11.10
C ASN H 117 -50.95 -17.24 10.83
N LEU H 118 -50.11 -18.02 10.16
CA LEU H 118 -50.38 -19.46 9.86
C LEU H 118 -50.33 -20.25 11.17
N TYR H 119 -49.28 -20.05 11.97
CA TYR H 119 -49.08 -20.69 13.30
C TYR H 119 -50.33 -20.44 14.16
N GLU H 120 -50.82 -19.19 14.19
CA GLU H 120 -51.97 -18.76 15.04
C GLU H 120 -53.26 -19.39 14.51
N ARG H 121 -53.39 -19.53 13.19
CA ARG H 121 -54.56 -20.15 12.53
C ARG H 121 -54.66 -21.62 13.01
N VAL H 122 -53.54 -22.35 12.96
CA VAL H 122 -53.43 -23.76 13.41
C VAL H 122 -53.70 -23.84 14.91
N ARG H 123 -53.02 -23.02 15.72
CA ARG H 123 -53.20 -23.01 17.20
C ARG H 123 -54.70 -23.01 17.52
N LYS H 124 -55.46 -22.11 16.89
CA LYS H 124 -56.89 -21.89 17.18
C LYS H 124 -57.72 -23.08 16.69
N GLN H 125 -57.36 -23.65 15.53
CA GLN H 125 -58.02 -24.86 14.96
C GLN H 125 -57.96 -26.00 15.99
N LEU H 126 -56.78 -26.27 16.56
CA LEU H 126 -56.51 -27.42 17.45
C LEU H 126 -57.12 -27.19 18.84
N ARG H 127 -57.41 -25.94 19.20
CA ARG H 127 -58.15 -25.60 20.44
C ARG H 127 -57.50 -26.31 21.63
N GLN H 128 -58.23 -27.16 22.36
CA GLN H 128 -57.74 -27.80 23.61
C GLN H 128 -57.14 -29.18 23.33
N ASN H 129 -56.95 -29.55 22.06
CA ASN H 129 -56.49 -30.89 21.66
C ASN H 129 -54.97 -30.93 21.47
N ALA H 130 -54.28 -29.79 21.62
CA ALA H 130 -52.82 -29.69 21.41
C ALA H 130 -52.20 -28.65 22.36
N GLU H 131 -50.88 -28.66 22.45
CA GLU H 131 -50.08 -27.72 23.28
C GLU H 131 -48.88 -27.24 22.46
N GLU H 132 -48.43 -26.01 22.72
CA GLU H 132 -47.32 -25.36 21.99
C GLU H 132 -45.99 -25.93 22.49
N ASP H 133 -45.18 -26.41 21.55
CA ASP H 133 -43.81 -26.97 21.73
C ASP H 133 -42.86 -25.87 22.21
N GLY H 134 -43.06 -24.66 21.72
CA GLY H 134 -42.15 -23.51 21.93
C GLY H 134 -41.25 -23.29 20.72
N LYS H 135 -41.09 -24.31 19.87
CA LYS H 135 -40.19 -24.29 18.68
C LYS H 135 -41.02 -24.23 17.39
N GLY H 136 -42.29 -23.82 17.48
CA GLY H 136 -43.20 -23.67 16.34
C GLY H 136 -43.95 -24.94 16.00
N CYS H 137 -43.85 -25.95 16.87
CA CYS H 137 -44.52 -27.26 16.70
C CYS H 137 -45.71 -27.33 17.67
N PHE H 138 -46.69 -28.18 17.37
CA PHE H 138 -47.86 -28.51 18.22
C PHE H 138 -47.83 -30.00 18.59
N GLU H 139 -47.72 -30.31 19.88
CA GLU H 139 -47.90 -31.70 20.40
C GLU H 139 -49.40 -31.97 20.46
N ILE H 140 -49.90 -32.85 19.58
CA ILE H 140 -51.33 -33.25 19.47
C ILE H 140 -51.53 -34.45 20.39
N TYR H 141 -52.53 -34.36 21.29
CA TYR H 141 -52.76 -35.36 22.37
C TYR H 141 -53.84 -36.37 21.93
N HIS H 142 -53.75 -36.86 20.70
CA HIS H 142 -54.63 -37.92 20.14
C HIS H 142 -54.03 -38.48 18.86
N ALA H 143 -54.41 -39.71 18.50
CA ALA H 143 -54.09 -40.35 17.22
C ALA H 143 -54.55 -39.43 16.10
N CYS H 144 -53.60 -38.83 15.37
CA CYS H 144 -53.86 -37.98 14.19
C CYS H 144 -53.20 -38.65 12.98
N ASP H 145 -53.98 -39.45 12.25
CA ASP H 145 -53.55 -40.16 11.03
C ASP H 145 -53.33 -39.14 9.90
N ASP H 146 -52.79 -39.57 8.76
CA ASP H 146 -52.45 -38.72 7.60
C ASP H 146 -53.70 -37.99 7.10
N SER H 147 -54.89 -38.53 7.33
CA SER H 147 -56.18 -37.91 6.94
C SER H 147 -56.52 -36.77 7.92
N CYS H 148 -56.26 -36.99 9.21
CA CYS H 148 -56.42 -35.98 10.30
C CYS H 148 -55.45 -34.81 10.06
N MET H 149 -54.18 -35.10 9.77
CA MET H 149 -53.12 -34.10 9.47
C MET H 149 -53.54 -33.26 8.26
N GLU H 150 -54.04 -33.90 7.21
CA GLU H 150 -54.55 -33.24 5.98
C GLU H 150 -55.65 -32.24 6.36
N SER H 151 -56.52 -32.62 7.31
CA SER H 151 -57.66 -31.80 7.78
C SER H 151 -57.15 -30.53 8.48
N ILE H 152 -56.00 -30.60 9.15
CA ILE H 152 -55.37 -29.43 9.84
C ILE H 152 -54.85 -28.46 8.76
N ARG H 153 -54.14 -28.97 7.76
CA ARG H 153 -53.58 -28.17 6.63
C ARG H 153 -54.71 -27.53 5.82
N ASN H 154 -55.82 -28.25 5.60
CA ASN H 154 -56.93 -27.82 4.70
C ASN H 154 -57.95 -26.99 5.49
N ASN H 155 -57.72 -26.76 6.79
CA ASN H 155 -58.56 -25.90 7.67
C ASN H 155 -59.97 -26.51 7.81
N THR H 156 -60.06 -27.84 7.89
CA THR H 156 -61.34 -28.60 8.05
C THR H 156 -61.32 -29.45 9.34
N TYR H 157 -60.24 -29.42 10.12
CA TYR H 157 -60.09 -30.18 11.39
C TYR H 157 -61.17 -29.71 12.38
N ASP H 158 -62.02 -30.64 12.84
CA ASP H 158 -63.07 -30.39 13.86
C ASP H 158 -62.56 -30.86 15.22
N HIS H 159 -62.25 -29.92 16.12
CA HIS H 159 -61.67 -30.16 17.46
C HIS H 159 -62.61 -31.02 18.30
N SER H 160 -63.93 -30.88 18.12
CA SER H 160 -64.96 -31.53 18.98
C SER H 160 -64.91 -33.05 18.84
N GLN H 161 -64.52 -33.57 17.67
CA GLN H 161 -64.41 -35.03 17.37
C GLN H 161 -63.39 -35.70 18.30
N TYR H 162 -62.28 -35.04 18.59
CA TYR H 162 -61.11 -35.62 19.32
C TYR H 162 -60.99 -35.04 20.73
N ARG H 163 -61.89 -34.15 21.14
CA ARG H 163 -61.76 -33.34 22.38
C ARG H 163 -61.64 -34.24 23.61
N GLU H 164 -62.63 -35.14 23.81
CA GLU H 164 -62.73 -36.00 25.03
C GLU H 164 -61.46 -36.84 25.17
N GLU H 165 -61.01 -37.48 24.07
CA GLU H 165 -59.76 -38.29 24.04
C GLU H 165 -58.58 -37.41 24.45
N ALA H 166 -58.48 -36.21 23.88
CA ALA H 166 -57.33 -35.30 24.01
C ALA H 166 -57.20 -34.80 25.46
N LEU H 167 -58.31 -34.34 26.05
CA LEU H 167 -58.33 -33.77 27.43
C LEU H 167 -57.89 -34.84 28.43
N LEU H 168 -58.31 -36.09 28.25
CA LEU H 168 -57.91 -37.24 29.10
C LEU H 168 -56.39 -37.41 29.04
N ASN H 169 -55.82 -37.46 27.82
CA ASN H 169 -54.36 -37.62 27.57
C ASN H 169 -53.59 -36.44 28.17
N ARG H 170 -54.17 -35.23 28.13
CA ARG H 170 -53.49 -33.98 28.59
C ARG H 170 -53.44 -33.95 30.12
N LEU H 171 -54.52 -34.36 30.79
CA LEU H 171 -54.64 -34.37 32.28
C LEU H 171 -53.98 -35.62 32.85
N ASN H 172 -54.03 -36.74 32.12
CA ASN H 172 -53.27 -38.00 32.41
C ASN H 172 -53.77 -38.59 33.73
N ASP I 1 -75.25 -25.75 25.95
CA ASP I 1 -74.79 -24.91 24.82
C ASP I 1 -74.11 -23.65 25.37
N PRO I 2 -72.91 -23.23 24.89
CA PRO I 2 -72.17 -22.15 25.52
C PRO I 2 -72.54 -20.75 25.00
N ASP I 3 -72.62 -19.76 25.90
CA ASP I 3 -72.79 -18.33 25.57
C ASP I 3 -71.58 -17.87 24.77
N LYS I 4 -71.67 -16.72 24.09
CA LYS I 4 -70.71 -16.32 23.03
C LYS I 4 -70.56 -14.79 22.98
N ILE I 5 -69.33 -14.31 22.96
CA ILE I 5 -68.98 -12.87 22.71
C ILE I 5 -68.04 -12.81 21.50
N CYS I 6 -68.44 -12.08 20.45
CA CYS I 6 -67.73 -11.95 19.16
C CYS I 6 -67.12 -10.55 19.04
N LEU I 7 -65.89 -10.44 18.56
CA LEU I 7 -65.25 -9.14 18.24
C LEU I 7 -65.26 -8.93 16.73
N GLY I 8 -65.40 -7.67 16.31
CA GLY I 8 -65.58 -7.28 14.90
C GLY I 8 -65.28 -5.81 14.71
N HIS I 9 -65.26 -5.38 13.44
CA HIS I 9 -64.95 -4.00 12.99
C HIS I 9 -65.99 -3.57 11.98
N HIS I 10 -66.14 -2.26 11.79
CA HIS I 10 -67.14 -1.67 10.85
C HIS I 10 -66.73 -2.01 9.42
N ALA I 11 -67.68 -1.82 8.51
CA ALA I 11 -67.49 -1.84 7.04
C ALA I 11 -68.48 -0.85 6.44
N VAL I 12 -68.39 -0.60 5.13
CA VAL I 12 -69.30 0.33 4.41
C VAL I 12 -69.64 -0.31 3.05
N ALA I 13 -70.79 0.05 2.49
CA ALA I 13 -71.29 -0.47 1.20
C ALA I 13 -70.36 0.00 0.08
N ASN I 14 -70.13 1.32 -0.01
CA ASN I 14 -69.30 1.98 -1.05
C ASN I 14 -67.93 2.33 -0.43
N GLY I 15 -66.94 1.43 -0.59
CA GLY I 15 -65.53 1.67 -0.20
C GLY I 15 -64.77 2.39 -1.30
N THR I 16 -63.54 2.83 -1.00
CA THR I 16 -62.65 3.61 -1.91
C THR I 16 -61.34 2.85 -2.15
N ILE I 17 -60.84 2.85 -3.39
CA ILE I 17 -59.57 2.20 -3.80
C ILE I 17 -58.40 3.16 -3.55
N VAL I 18 -57.35 2.67 -2.87
CA VAL I 18 -56.07 3.39 -2.65
C VAL I 18 -54.92 2.46 -3.05
N LYS I 19 -53.73 3.03 -3.26
CA LYS I 19 -52.48 2.29 -3.54
C LYS I 19 -51.68 2.18 -2.24
N THR I 20 -51.12 1.00 -1.96
CA THR I 20 -50.19 0.73 -0.83
C THR I 20 -48.83 0.33 -1.42
N LEU I 21 -47.87 -0.03 -0.57
CA LEU I 21 -46.52 -0.48 -0.99
C LEU I 21 -46.66 -1.78 -1.81
N THR I 22 -47.62 -2.63 -1.44
CA THR I 22 -47.75 -4.03 -1.92
C THR I 22 -48.94 -4.21 -2.88
N ASN I 23 -49.94 -3.32 -2.84
CA ASN I 23 -51.24 -3.55 -3.52
C ASN I 23 -51.67 -2.27 -4.23
N GLU I 24 -51.96 -2.36 -5.53
CA GLU I 24 -52.34 -1.21 -6.40
C GLU I 24 -53.85 -0.94 -6.28
N GLN I 25 -54.64 -1.95 -5.91
CA GLN I 25 -56.13 -1.89 -5.82
C GLN I 25 -56.57 -2.35 -4.42
N GLU I 26 -56.29 -1.56 -3.38
CA GLU I 26 -56.64 -1.87 -1.98
C GLU I 26 -57.88 -1.08 -1.58
N GLU I 27 -58.97 -1.76 -1.22
CA GLU I 27 -60.26 -1.14 -0.82
C GLU I 27 -60.21 -0.80 0.67
N VAL I 28 -60.41 0.47 1.04
CA VAL I 28 -60.49 0.95 2.46
C VAL I 28 -61.86 1.63 2.67
N THR I 29 -62.21 1.90 3.92
CA THR I 29 -63.53 2.45 4.32
C THR I 29 -63.65 3.92 3.88
N ASN I 30 -62.55 4.68 3.93
CA ASN I 30 -62.54 6.13 3.60
C ASN I 30 -61.13 6.51 3.14
N ALA I 31 -61.03 7.53 2.30
CA ALA I 31 -59.77 8.13 1.79
C ALA I 31 -60.01 9.60 1.46
N THR I 32 -58.94 10.40 1.37
CA THR I 32 -59.00 11.83 1.00
C THR I 32 -57.90 12.13 -0.04
N GLU I 33 -58.16 13.12 -0.90
CA GLU I 33 -57.26 13.52 -2.01
C GLU I 33 -56.09 14.32 -1.43
N THR I 34 -54.88 14.17 -2.02
CA THR I 34 -53.65 14.93 -1.66
C THR I 34 -53.22 15.86 -2.82
N VAL I 35 -53.76 15.66 -4.02
CA VAL I 35 -53.41 16.45 -5.24
C VAL I 35 -54.60 17.35 -5.60
N GLU I 36 -54.38 18.67 -5.67
CA GLU I 36 -55.43 19.66 -6.05
C GLU I 36 -55.50 19.74 -7.58
N SER I 37 -56.71 19.61 -8.14
CA SER I 37 -57.01 19.73 -9.60
C SER I 37 -57.83 20.99 -9.90
N THR I 38 -58.44 21.60 -8.87
CA THR I 38 -59.35 22.78 -8.96
C THR I 38 -58.54 24.07 -8.77
N SER I 39 -58.70 25.04 -9.68
CA SER I 39 -58.18 26.43 -9.54
C SER I 39 -59.35 27.42 -9.53
N LEU I 40 -59.13 28.59 -8.90
CA LEU I 40 -60.01 29.78 -8.99
C LEU I 40 -59.48 30.70 -10.10
N ASN I 41 -60.26 30.95 -11.15
CA ASN I 41 -59.89 31.86 -12.27
C ASN I 41 -60.05 33.32 -11.81
N ARG I 42 -59.38 33.69 -10.70
CA ARG I 42 -59.32 35.08 -10.16
C ARG I 42 -58.01 35.26 -9.37
N LEU I 43 -57.53 36.50 -9.25
CA LEU I 43 -56.39 36.88 -8.37
C LEU I 43 -56.95 37.34 -7.02
N CYS I 44 -56.80 36.50 -6.01
CA CYS I 44 -57.33 36.72 -4.64
C CYS I 44 -56.40 37.67 -3.87
N MET I 45 -56.79 38.94 -3.74
CA MET I 45 -55.91 40.05 -3.30
C MET I 45 -56.34 40.61 -1.94
N LYS I 46 -57.21 39.91 -1.20
CA LYS I 46 -57.62 40.33 0.17
C LYS I 46 -56.37 40.35 1.04
N GLY I 47 -56.18 41.41 1.84
CA GLY I 47 -55.05 41.55 2.77
C GLY I 47 -53.76 42.00 2.08
N ARG I 48 -53.81 42.32 0.78
CA ARG I 48 -52.63 42.72 -0.03
C ARG I 48 -52.79 44.15 -0.54
N ASN I 49 -51.78 44.99 -0.26
CA ASN I 49 -51.61 46.33 -0.90
C ASN I 49 -51.12 46.11 -2.33
N HIS I 50 -52.03 45.74 -3.25
CA HIS I 50 -51.72 45.29 -4.62
C HIS I 50 -51.78 46.48 -5.59
N LYS I 51 -51.22 46.29 -6.80
CA LYS I 51 -51.27 47.24 -7.93
C LYS I 51 -51.47 46.45 -9.23
N ASP I 52 -52.64 46.59 -9.86
CA ASP I 52 -52.93 46.02 -11.20
C ASP I 52 -52.49 47.05 -12.25
N LEU I 53 -51.43 46.75 -13.00
CA LEU I 53 -50.88 47.65 -14.04
C LEU I 53 -51.79 47.70 -15.27
N GLY I 54 -52.73 46.75 -15.40
CA GLY I 54 -53.63 46.66 -16.56
C GLY I 54 -52.85 46.81 -17.85
N ASN I 55 -53.08 47.91 -18.57
CA ASN I 55 -52.56 48.18 -19.94
C ASN I 55 -51.06 48.53 -19.89
N CYS I 56 -50.54 48.85 -18.70
CA CYS I 56 -49.16 49.38 -18.47
C CYS I 56 -48.16 48.24 -18.26
N HIS I 57 -47.07 48.23 -19.04
CA HIS I 57 -45.92 47.29 -18.89
C HIS I 57 -44.95 47.86 -17.86
N PRO I 58 -44.39 47.04 -16.93
CA PRO I 58 -43.56 47.55 -15.85
C PRO I 58 -42.46 48.54 -16.29
N ILE I 59 -41.78 48.29 -17.41
CA ILE I 59 -40.72 49.19 -17.95
C ILE I 59 -41.33 50.57 -18.22
N GLY I 60 -42.57 50.60 -18.73
CA GLY I 60 -43.31 51.84 -19.02
C GLY I 60 -43.44 52.75 -17.81
N MET I 61 -43.40 52.22 -16.57
CA MET I 61 -43.57 53.09 -15.38
C MET I 61 -42.27 53.85 -15.08
N LEU I 62 -41.13 53.42 -15.61
CA LEU I 62 -39.80 54.06 -15.39
C LEU I 62 -39.59 55.21 -16.39
N ILE I 63 -40.10 55.07 -17.61
CA ILE I 63 -39.90 56.06 -18.73
C ILE I 63 -41.16 56.93 -18.90
N GLY I 64 -42.31 56.45 -18.41
CA GLY I 64 -43.55 57.24 -18.34
C GLY I 64 -44.29 57.26 -19.67
N THR I 65 -44.60 56.09 -20.22
CA THR I 65 -45.53 55.91 -21.36
C THR I 65 -46.92 56.40 -20.93
N PRO I 66 -47.71 57.04 -21.83
CA PRO I 66 -49.06 57.49 -21.48
C PRO I 66 -49.85 56.46 -20.65
N ALA I 67 -49.96 55.23 -21.16
CA ALA I 67 -50.73 54.12 -20.55
C ALA I 67 -50.35 53.94 -19.07
N CYS I 68 -49.14 54.34 -18.67
CA CYS I 68 -48.58 54.09 -17.31
C CYS I 68 -48.74 55.32 -16.40
N ASP I 69 -49.43 56.36 -16.84
CA ASP I 69 -49.50 57.70 -16.16
C ASP I 69 -49.97 57.53 -14.71
N LEU I 70 -50.81 56.54 -14.41
CA LEU I 70 -51.35 56.29 -13.05
C LEU I 70 -50.42 55.38 -12.24
N HIS I 71 -49.24 55.04 -12.79
CA HIS I 71 -48.33 54.00 -12.21
C HIS I 71 -46.87 54.48 -12.20
N LEU I 72 -46.60 55.79 -12.16
CA LEU I 72 -45.22 56.35 -12.21
C LEU I 72 -44.55 56.28 -10.83
N THR I 73 -45.34 56.26 -9.76
CA THR I 73 -44.86 56.10 -8.36
C THR I 73 -45.84 55.21 -7.60
N GLY I 74 -45.50 54.87 -6.35
CA GLY I 74 -46.39 54.16 -5.42
C GLY I 74 -45.62 53.17 -4.56
N THR I 75 -46.32 52.51 -3.65
CA THR I 75 -45.81 51.35 -2.86
C THR I 75 -46.83 50.20 -2.98
N TRP I 76 -46.34 48.97 -3.01
CA TRP I 76 -47.16 47.74 -3.12
C TRP I 76 -46.42 46.57 -2.48
N ASP I 77 -47.14 45.47 -2.21
CA ASP I 77 -46.54 44.18 -1.80
C ASP I 77 -46.82 43.14 -2.92
N THR I 78 -47.59 43.52 -3.94
CA THR I 78 -47.99 42.65 -5.07
C THR I 78 -48.16 43.52 -6.33
N LEU I 79 -47.54 43.12 -7.44
CA LEU I 79 -47.59 43.83 -8.74
C LEU I 79 -48.07 42.84 -9.81
N ILE I 80 -49.11 43.20 -10.56
CA ILE I 80 -49.76 42.32 -11.56
C ILE I 80 -49.56 42.89 -12.96
N GLU I 81 -48.76 42.21 -13.79
CA GLU I 81 -48.52 42.52 -15.22
C GLU I 81 -49.57 41.76 -16.03
N ARG I 82 -50.00 42.32 -17.17
CA ARG I 82 -51.05 41.74 -18.05
C ARG I 82 -50.47 41.48 -19.44
N LYS I 83 -51.21 40.73 -20.26
CA LYS I 83 -50.80 40.32 -21.63
C LYS I 83 -50.88 41.54 -22.56
N ASN I 84 -49.89 41.68 -23.45
CA ASN I 84 -49.84 42.72 -24.51
C ASN I 84 -49.79 44.13 -23.89
N ALA I 85 -49.36 44.25 -22.63
CA ALA I 85 -49.19 45.55 -21.92
C ALA I 85 -48.19 46.41 -22.69
N ILE I 86 -48.41 47.73 -22.70
CA ILE I 86 -47.67 48.72 -23.54
C ILE I 86 -46.53 49.32 -22.71
N ALA I 87 -45.31 49.26 -23.24
CA ALA I 87 -44.07 49.83 -22.66
C ALA I 87 -43.61 51.03 -23.49
N TYR I 88 -43.80 50.98 -24.82
CA TYR I 88 -43.23 51.94 -25.79
C TYR I 88 -44.36 52.50 -26.68
N CYS I 89 -44.62 53.80 -26.58
CA CYS I 89 -45.52 54.54 -27.50
C CYS I 89 -44.79 54.75 -28.83
N TYR I 90 -43.58 55.32 -28.78
CA TYR I 90 -42.68 55.47 -29.96
C TYR I 90 -41.89 54.19 -30.15
N PRO I 91 -41.80 53.63 -31.37
CA PRO I 91 -41.17 52.33 -31.59
C PRO I 91 -39.73 52.26 -31.06
N GLY I 92 -39.36 51.11 -30.46
CA GLY I 92 -38.03 50.84 -29.91
C GLY I 92 -38.04 49.67 -28.95
N ALA I 93 -36.88 49.39 -28.35
CA ALA I 93 -36.69 48.29 -27.36
C ALA I 93 -35.72 48.76 -26.28
N THR I 94 -35.53 47.93 -25.25
CA THR I 94 -34.62 48.19 -24.10
C THR I 94 -33.58 47.07 -24.03
N VAL I 95 -32.29 47.43 -24.10
CA VAL I 95 -31.17 46.47 -23.88
C VAL I 95 -31.34 45.89 -22.46
N ASN I 96 -31.27 44.57 -22.32
CA ASN I 96 -31.51 43.84 -21.05
C ASN I 96 -32.96 44.02 -20.60
N GLU I 97 -33.90 44.08 -21.55
CA GLU I 97 -35.36 44.28 -21.29
C GLU I 97 -35.83 43.40 -20.12
N GLU I 98 -35.56 42.10 -20.20
CA GLU I 98 -36.17 41.07 -19.31
C GLU I 98 -35.54 41.16 -17.90
N ALA I 99 -34.26 41.51 -17.80
CA ALA I 99 -33.57 41.74 -16.51
C ALA I 99 -34.23 42.92 -15.78
N LEU I 100 -34.53 44.01 -16.53
CA LEU I 100 -35.15 45.24 -15.98
C LEU I 100 -36.59 44.94 -15.54
N ARG I 101 -37.40 44.32 -16.41
CA ARG I 101 -38.79 43.92 -16.09
C ARG I 101 -38.80 43.09 -14.81
N GLN I 102 -37.93 42.07 -14.73
CA GLN I 102 -37.85 41.13 -13.58
C GLN I 102 -37.51 41.92 -12.31
N LYS I 103 -36.62 42.91 -12.43
CA LYS I 103 -36.11 43.73 -11.28
C LYS I 103 -37.27 44.56 -10.71
N ILE I 104 -38.10 45.14 -11.58
CA ILE I 104 -39.29 45.97 -11.20
C ILE I 104 -40.32 45.07 -10.51
N MET I 105 -40.53 43.84 -11.02
CA MET I 105 -41.59 42.92 -10.55
C MET I 105 -41.21 42.25 -9.22
N GLU I 106 -39.96 42.41 -8.75
CA GLU I 106 -39.52 41.98 -7.40
C GLU I 106 -39.67 43.13 -6.40
N SER I 107 -39.81 44.37 -6.90
CA SER I 107 -39.83 45.61 -6.08
C SER I 107 -41.12 45.70 -5.27
N GLY I 108 -41.10 46.53 -4.21
CA GLY I 108 -42.29 46.85 -3.39
C GLY I 108 -42.69 48.30 -3.53
N GLY I 109 -42.38 48.94 -4.67
CA GLY I 109 -42.72 50.33 -4.97
C GLY I 109 -41.66 51.07 -5.78
N ILE I 110 -42.01 52.25 -6.29
CA ILE I 110 -41.12 53.16 -7.06
C ILE I 110 -41.25 54.59 -6.51
N SER I 111 -40.11 55.19 -6.16
CA SER I 111 -39.93 56.65 -5.92
C SER I 111 -39.29 57.27 -7.16
N LYS I 112 -39.66 58.51 -7.49
CA LYS I 112 -39.03 59.30 -8.59
C LYS I 112 -38.22 60.45 -7.99
N ILE I 113 -37.08 60.76 -8.62
CA ILE I 113 -36.14 61.84 -8.19
C ILE I 113 -35.79 62.68 -9.42
N ASN I 114 -35.97 64.01 -9.32
CA ASN I 114 -35.64 64.98 -10.39
C ASN I 114 -34.13 64.94 -10.66
N THR I 115 -33.75 64.93 -11.93
CA THR I 115 -32.33 64.94 -12.38
C THR I 115 -31.82 66.40 -12.34
N GLY I 116 -32.71 67.36 -12.59
CA GLY I 116 -32.43 68.81 -12.55
C GLY I 116 -31.89 69.35 -13.86
N PHE I 117 -31.59 68.45 -14.82
CA PHE I 117 -30.93 68.76 -16.12
C PHE I 117 -31.62 69.96 -16.79
N THR I 118 -30.83 70.96 -17.19
CA THR I 118 -31.27 72.16 -17.95
C THR I 118 -30.42 72.28 -19.23
N TYR I 119 -30.96 72.91 -20.27
CA TYR I 119 -30.37 72.98 -21.63
C TYR I 119 -30.40 74.42 -22.15
N GLY I 120 -29.39 74.80 -22.92
CA GLY I 120 -29.23 76.16 -23.48
C GLY I 120 -30.37 76.55 -24.40
N SER I 121 -30.36 77.79 -24.89
CA SER I 121 -31.41 78.41 -25.75
C SER I 121 -31.48 77.72 -27.12
N SER I 122 -30.36 77.13 -27.58
CA SER I 122 -30.19 76.50 -28.92
C SER I 122 -30.77 75.08 -28.94
N ILE I 123 -31.29 74.58 -27.81
CA ILE I 123 -31.88 73.21 -27.65
C ILE I 123 -33.38 73.35 -27.36
N ASN I 124 -34.20 72.55 -28.04
CA ASN I 124 -35.67 72.41 -27.79
C ASN I 124 -35.90 71.14 -26.96
N SER I 125 -36.24 71.31 -25.67
CA SER I 125 -36.37 70.22 -24.67
C SER I 125 -37.68 69.45 -24.90
N ALA I 126 -38.75 70.18 -25.24
CA ALA I 126 -40.15 69.67 -25.30
C ALA I 126 -40.50 69.19 -26.72
N GLY I 127 -39.63 68.39 -27.35
CA GLY I 127 -39.90 67.69 -28.61
C GLY I 127 -40.98 66.63 -28.41
N THR I 128 -41.96 66.58 -29.33
CA THR I 128 -43.20 65.76 -29.21
C THR I 128 -43.38 64.88 -30.46
N THR I 129 -44.26 63.87 -30.36
CA THR I 129 -44.55 62.89 -31.46
C THR I 129 -46.04 62.52 -31.45
N LYS I 130 -46.56 62.12 -32.61
CA LYS I 130 -47.99 61.74 -32.83
C LYS I 130 -48.26 60.37 -32.17
N ALA I 131 -47.23 59.56 -31.95
CA ALA I 131 -47.32 58.19 -31.41
C ALA I 131 -47.71 58.22 -29.92
N CYS I 132 -47.11 59.15 -29.15
CA CYS I 132 -47.27 59.27 -27.68
C CYS I 132 -48.34 60.33 -27.38
N MET I 133 -49.61 59.99 -27.57
CA MET I 133 -50.76 60.90 -27.37
C MET I 133 -51.13 60.94 -25.88
N ARG I 134 -51.53 62.11 -25.40
CA ARG I 134 -51.83 62.40 -23.97
C ARG I 134 -52.70 63.66 -23.92
N ASN I 135 -53.86 63.58 -23.26
CA ASN I 135 -54.88 64.67 -23.19
C ASN I 135 -55.44 64.95 -24.60
N GLY I 136 -55.37 63.96 -25.50
CA GLY I 136 -55.85 64.08 -26.90
C GLY I 136 -54.90 64.85 -27.80
N GLY I 137 -53.74 65.29 -27.28
CA GLY I 137 -52.73 66.06 -28.04
C GLY I 137 -51.36 65.39 -28.02
N ASN I 138 -50.53 65.65 -29.03
CA ASN I 138 -49.17 65.07 -29.18
C ASN I 138 -48.37 65.31 -27.90
N SER I 139 -47.53 64.35 -27.50
CA SER I 139 -46.74 64.36 -26.25
C SER I 139 -45.51 63.46 -26.38
N PHE I 140 -44.93 63.03 -25.26
CA PHE I 140 -43.70 62.19 -25.18
C PHE I 140 -43.63 61.51 -23.81
N TYR I 141 -42.71 60.55 -23.67
CA TYR I 141 -42.39 59.86 -22.38
C TYR I 141 -42.24 60.93 -21.29
N ALA I 142 -42.98 60.78 -20.19
CA ALA I 142 -43.11 61.79 -19.11
C ALA I 142 -41.79 61.96 -18.36
N GLU I 143 -40.94 60.93 -18.32
CA GLU I 143 -39.73 60.88 -17.46
C GLU I 143 -38.48 61.17 -18.29
N LEU I 144 -38.64 61.46 -19.58
CA LEU I 144 -37.53 61.75 -20.53
C LEU I 144 -37.88 62.99 -21.36
N LYS I 145 -36.85 63.63 -21.94
CA LYS I 145 -36.99 64.82 -22.83
C LYS I 145 -36.30 64.50 -24.16
N TRP I 146 -37.01 64.74 -25.28
CA TRP I 146 -36.46 64.61 -26.66
C TRP I 146 -35.71 65.90 -27.02
N LEU I 147 -34.38 65.88 -26.92
CA LEU I 147 -33.49 67.05 -27.16
C LEU I 147 -33.21 67.18 -28.67
N VAL I 148 -33.69 68.27 -29.28
CA VAL I 148 -33.51 68.60 -30.73
C VAL I 148 -33.06 70.07 -30.83
N SER I 149 -32.38 70.44 -31.92
CA SER I 149 -32.01 71.84 -32.26
C SER I 149 -33.28 72.67 -32.48
N LYS I 150 -33.27 73.95 -32.08
CA LYS I 150 -34.44 74.85 -32.21
C LYS I 150 -34.51 75.40 -33.65
N ASN I 151 -33.35 75.64 -34.27
CA ASN I 151 -33.21 76.02 -35.70
C ASN I 151 -32.91 74.76 -36.52
N LYS I 152 -33.85 74.33 -37.35
CA LYS I 152 -33.78 73.07 -38.15
C LYS I 152 -32.53 73.09 -39.03
N GLY I 153 -31.76 72.00 -39.05
CA GLY I 153 -30.52 71.87 -39.83
C GLY I 153 -29.28 72.20 -39.01
N GLN I 154 -29.37 73.16 -38.09
CA GLN I 154 -28.27 73.64 -37.22
C GLN I 154 -27.67 72.48 -36.44
N ASN I 155 -26.33 72.42 -36.34
CA ASN I 155 -25.58 71.46 -35.50
C ASN I 155 -26.01 71.61 -34.04
N PHE I 156 -26.13 70.49 -33.33
CA PHE I 156 -26.63 70.41 -31.93
C PHE I 156 -25.50 70.78 -30.98
N PRO I 157 -25.73 71.72 -30.02
CA PRO I 157 -24.68 72.12 -29.07
C PRO I 157 -24.11 70.94 -28.29
N GLN I 158 -22.78 70.75 -28.33
CA GLN I 158 -22.04 69.81 -27.45
C GLN I 158 -22.36 70.20 -26.00
N THR I 159 -23.23 69.43 -25.34
CA THR I 159 -23.70 69.68 -23.95
C THR I 159 -23.22 68.55 -23.03
N THR I 160 -23.13 68.84 -21.72
CA THR I 160 -22.77 67.87 -20.65
C THR I 160 -23.75 68.04 -19.48
N ASN I 161 -24.43 66.95 -19.11
CA ASN I 161 -25.38 66.88 -17.96
C ASN I 161 -24.91 65.76 -17.02
N THR I 162 -24.91 66.01 -15.71
CA THR I 162 -24.41 65.08 -14.66
C THR I 162 -25.45 64.98 -13.53
N TYR I 163 -25.93 63.77 -13.24
CA TYR I 163 -26.79 63.46 -12.08
C TYR I 163 -25.93 62.87 -10.96
N ARG I 164 -26.07 63.42 -9.74
CA ARG I 164 -25.41 62.88 -8.52
C ARG I 164 -26.48 62.18 -7.65
N ASN I 165 -26.18 61.00 -7.13
CA ASN I 165 -27.07 60.24 -6.21
C ASN I 165 -26.79 60.72 -4.79
N ALA I 166 -27.66 61.60 -4.26
CA ALA I 166 -27.56 62.19 -2.91
C ALA I 166 -28.11 61.22 -1.85
N ASP I 167 -28.83 60.17 -2.30
CA ASP I 167 -29.59 59.21 -1.46
C ASP I 167 -28.62 58.21 -0.83
N THR I 168 -29.14 57.37 0.09
CA THR I 168 -28.38 56.32 0.83
C THR I 168 -28.55 54.96 0.13
N ALA I 169 -29.45 54.85 -0.85
CA ALA I 169 -29.73 53.62 -1.65
C ALA I 169 -29.50 53.92 -3.14
N GLU I 170 -29.21 52.87 -3.92
CA GLU I 170 -28.93 52.94 -5.38
C GLU I 170 -30.19 53.43 -6.12
N HIS I 171 -29.99 54.14 -7.23
CA HIS I 171 -31.06 54.68 -8.12
C HIS I 171 -30.91 54.06 -9.51
N LEU I 172 -32.04 53.89 -10.20
CA LEU I 172 -32.11 53.29 -11.56
C LEU I 172 -32.34 54.41 -12.58
N ILE I 173 -31.28 54.81 -13.28
CA ILE I 173 -31.34 55.86 -14.34
C ILE I 173 -31.54 55.18 -15.69
N MET I 174 -32.45 55.71 -16.50
CA MET I 174 -32.75 55.24 -17.88
C MET I 174 -32.60 56.42 -18.84
N TRP I 175 -32.06 56.17 -20.03
CA TRP I 175 -32.00 57.15 -21.15
C TRP I 175 -32.28 56.43 -22.46
N GLY I 176 -32.56 57.20 -23.50
CA GLY I 176 -32.83 56.71 -24.86
C GLY I 176 -31.86 57.30 -25.85
N ILE I 177 -31.57 56.54 -26.91
CA ILE I 177 -30.79 56.99 -28.10
C ILE I 177 -31.72 56.91 -29.29
N HIS I 178 -31.98 58.03 -29.97
CA HIS I 178 -32.85 58.07 -31.18
C HIS I 178 -31.99 57.73 -32.40
N HIS I 179 -32.32 56.61 -33.04
CA HIS I 179 -31.74 56.12 -34.32
C HIS I 179 -32.70 56.49 -35.45
N PRO I 180 -32.47 57.63 -36.16
CA PRO I 180 -33.41 58.07 -37.19
C PRO I 180 -33.40 57.18 -38.44
N SER I 181 -34.46 57.29 -39.24
CA SER I 181 -34.73 56.49 -40.47
C SER I 181 -33.66 56.76 -41.54
N SER I 182 -33.45 58.04 -41.87
CA SER I 182 -32.64 58.52 -43.02
C SER I 182 -31.61 59.56 -42.57
N THR I 183 -30.53 59.73 -43.37
CA THR I 183 -29.48 60.79 -43.18
C THR I 183 -30.11 62.18 -43.35
N GLN I 184 -31.22 62.29 -44.08
CA GLN I 184 -32.00 63.54 -44.26
C GLN I 184 -32.58 63.96 -42.89
N GLU I 185 -33.26 63.04 -42.20
CA GLU I 185 -33.94 63.30 -40.89
C GLU I 185 -32.89 63.68 -39.83
N LYS I 186 -31.77 62.96 -39.79
CA LYS I 186 -30.66 63.14 -38.80
C LYS I 186 -30.10 64.57 -38.90
N ASN I 187 -29.65 64.97 -40.09
CA ASN I 187 -29.08 66.32 -40.37
C ASN I 187 -30.12 67.40 -40.04
N ASP I 188 -31.41 67.07 -40.22
CA ASP I 188 -32.55 68.00 -40.03
C ASP I 188 -32.71 68.35 -38.54
N LEU I 189 -32.41 67.42 -37.63
CA LEU I 189 -32.74 67.50 -36.18
C LEU I 189 -31.48 67.81 -35.35
N TYR I 190 -30.33 67.25 -35.73
CA TYR I 190 -29.06 67.27 -34.94
C TYR I 190 -27.91 67.90 -35.73
N GLY I 191 -28.01 68.01 -37.07
CA GLY I 191 -27.01 68.67 -37.92
C GLY I 191 -26.09 67.68 -38.62
N THR I 192 -25.28 68.15 -39.56
CA THR I 192 -24.42 67.35 -40.47
C THR I 192 -23.31 66.62 -39.71
N GLN I 193 -22.85 67.19 -38.59
CA GLN I 193 -21.67 66.71 -37.80
C GLN I 193 -21.85 65.24 -37.41
N SER I 194 -20.75 64.50 -37.30
CA SER I 194 -20.67 63.15 -36.69
C SER I 194 -21.22 63.22 -35.26
N LEU I 195 -22.11 62.27 -34.89
CA LEU I 195 -22.79 62.27 -33.57
C LEU I 195 -22.15 61.20 -32.67
N SER I 196 -21.89 61.59 -31.42
CA SER I 196 -21.38 60.70 -30.33
C SER I 196 -22.13 61.03 -29.04
N ILE I 197 -22.45 59.99 -28.27
CA ILE I 197 -23.14 60.10 -26.94
C ILE I 197 -22.40 59.22 -25.95
N SER I 198 -21.67 59.85 -25.02
CA SER I 198 -20.89 59.16 -23.96
C SER I 198 -21.67 59.23 -22.63
N VAL I 199 -21.74 58.09 -21.94
CA VAL I 199 -22.35 57.94 -20.59
C VAL I 199 -21.30 57.31 -19.68
N GLY I 200 -20.99 57.93 -18.55
CA GLY I 200 -19.95 57.44 -17.62
C GLY I 200 -20.32 57.67 -16.17
N SER I 201 -20.15 56.64 -15.35
CA SER I 201 -20.22 56.69 -13.87
C SER I 201 -18.90 56.15 -13.29
N SER I 202 -18.84 55.84 -12.01
CA SER I 202 -17.69 55.14 -11.37
C SER I 202 -17.63 53.69 -11.87
N THR I 203 -18.80 53.05 -11.98
CA THR I 203 -18.97 51.59 -12.25
C THR I 203 -19.27 51.36 -13.73
N TYR I 204 -20.24 52.09 -14.28
CA TYR I 204 -20.73 51.94 -15.68
C TYR I 204 -19.99 52.93 -16.59
N LYS I 205 -19.80 52.54 -17.86
CA LYS I 205 -19.21 53.37 -18.93
C LYS I 205 -19.60 52.74 -20.28
N ASN I 206 -19.93 53.57 -21.27
CA ASN I 206 -20.44 53.10 -22.58
C ASN I 206 -20.56 54.28 -23.56
N ASN I 207 -20.40 54.02 -24.85
CA ASN I 207 -20.55 55.02 -25.95
C ASN I 207 -21.65 54.54 -26.90
N PHE I 208 -22.40 55.49 -27.48
CA PHE I 208 -23.56 55.23 -28.36
C PHE I 208 -23.50 56.16 -29.58
N VAL I 209 -23.62 55.59 -30.77
CA VAL I 209 -23.63 56.29 -32.09
C VAL I 209 -24.99 56.02 -32.74
N PRO I 210 -25.83 57.07 -32.96
CA PRO I 210 -27.11 56.88 -33.63
C PRO I 210 -26.91 56.35 -35.06
N VAL I 211 -27.18 55.05 -35.26
CA VAL I 211 -27.12 54.36 -36.59
C VAL I 211 -28.35 54.76 -37.40
N VAL I 212 -28.16 54.99 -38.70
CA VAL I 212 -29.18 55.58 -39.62
C VAL I 212 -29.46 54.59 -40.75
N ALA I 214 -32.05 52.48 -42.96
CA ALA I 214 -33.36 52.02 -43.49
C ALA I 214 -33.86 50.82 -42.68
N ARG I 215 -35.15 50.83 -42.32
CA ARG I 215 -35.84 49.73 -41.61
C ARG I 215 -37.35 49.86 -41.82
N PRO I 216 -38.12 48.75 -41.71
CA PRO I 216 -39.58 48.80 -41.80
C PRO I 216 -40.24 49.74 -40.78
N GLN I 217 -41.44 50.19 -41.11
CA GLN I 217 -42.28 51.10 -40.28
C GLN I 217 -43.02 50.29 -39.21
N VAL I 218 -42.89 50.70 -37.94
CA VAL I 218 -43.68 50.20 -36.77
C VAL I 218 -44.59 51.34 -36.31
N ASN I 219 -45.90 51.22 -36.54
CA ASN I 219 -46.92 52.29 -36.36
C ASN I 219 -46.62 53.44 -37.33
N GLY I 220 -46.22 53.11 -38.56
CA GLY I 220 -45.97 54.05 -39.66
C GLY I 220 -44.75 54.93 -39.45
N LEU I 221 -43.80 54.49 -38.62
CA LEU I 221 -42.55 55.23 -38.28
C LEU I 221 -41.34 54.29 -38.38
N SER I 222 -40.37 54.63 -39.24
CA SER I 222 -39.11 53.85 -39.45
C SER I 222 -38.06 54.23 -38.38
N GLY I 223 -38.27 55.34 -37.66
CA GLY I 223 -37.43 55.80 -36.54
C GLY I 223 -37.52 54.86 -35.35
N ARG I 224 -36.44 54.76 -34.56
CA ARG I 224 -36.35 53.89 -33.35
C ARG I 224 -35.76 54.73 -32.21
N ILE I 225 -36.30 54.59 -31.00
CA ILE I 225 -35.69 55.07 -29.73
C ILE I 225 -35.39 53.84 -28.87
N ASP I 226 -34.13 53.41 -28.85
CA ASP I 226 -33.66 52.26 -28.04
C ASP I 226 -33.25 52.80 -26.66
N PHE I 227 -33.73 52.15 -25.60
CA PHE I 227 -33.52 52.57 -24.19
C PHE I 227 -32.40 51.75 -23.57
N HIS I 228 -31.59 52.39 -22.72
CA HIS I 228 -30.52 51.77 -21.91
C HIS I 228 -30.76 52.11 -20.45
N TRP I 229 -30.12 51.40 -19.53
CA TRP I 229 -30.28 51.63 -18.08
C TRP I 229 -29.04 51.14 -17.33
N THR I 230 -28.84 51.66 -16.13
CA THR I 230 -27.80 51.21 -15.17
C THR I 230 -28.19 51.68 -13.77
N LEU I 231 -27.65 51.02 -12.75
CA LEU I 231 -27.76 51.46 -11.34
C LEU I 231 -26.67 52.52 -11.09
N VAL I 232 -26.98 53.55 -10.29
CA VAL I 232 -26.02 54.58 -9.82
C VAL I 232 -25.93 54.46 -8.30
N GLN I 233 -24.77 54.05 -7.78
CA GLN I 233 -24.57 53.78 -6.34
C GLN I 233 -24.66 55.09 -5.55
N PRO I 234 -24.92 55.03 -4.23
CA PRO I 234 -24.94 56.22 -3.39
C PRO I 234 -23.66 57.06 -3.44
N GLY I 235 -23.79 58.38 -3.56
CA GLY I 235 -22.66 59.33 -3.54
C GLY I 235 -21.92 59.41 -4.86
N ASP I 236 -22.35 58.63 -5.86
CA ASP I 236 -21.68 58.50 -7.18
C ASP I 236 -22.41 59.37 -8.20
N LYS I 237 -21.73 59.75 -9.28
CA LYS I 237 -22.24 60.65 -10.36
C LYS I 237 -22.35 59.84 -11.65
N ILE I 238 -23.28 60.22 -12.54
CA ILE I 238 -23.34 59.73 -13.94
C ILE I 238 -23.42 60.95 -14.87
N THR I 239 -22.58 60.98 -15.90
CA THR I 239 -22.38 62.16 -16.80
C THR I 239 -22.77 61.79 -18.23
N PHE I 240 -23.55 62.64 -18.89
CA PHE I 240 -24.05 62.46 -20.28
C PHE I 240 -23.39 63.49 -21.19
N SER I 241 -22.33 63.10 -21.90
CA SER I 241 -21.67 63.88 -22.97
C SER I 241 -22.35 63.54 -24.30
N HIS I 242 -22.97 64.53 -24.96
CA HIS I 242 -23.75 64.32 -26.21
C HIS I 242 -23.75 65.58 -27.09
N ASN I 243 -23.65 65.38 -28.41
CA ASN I 243 -23.74 66.44 -29.45
C ASN I 243 -25.01 66.21 -30.30
N GLY I 244 -26.06 65.65 -29.70
CA GLY I 244 -27.38 65.41 -30.34
C GLY I 244 -27.68 63.93 -30.51
N GLY I 245 -28.96 63.56 -30.38
CA GLY I 245 -29.45 62.17 -30.52
C GLY I 245 -29.73 61.52 -29.18
N LEU I 246 -29.48 62.21 -28.07
CA LEU I 246 -29.78 61.70 -26.70
C LEU I 246 -31.23 62.03 -26.34
N ILE I 247 -31.94 61.04 -25.78
CA ILE I 247 -33.23 61.21 -25.06
C ILE I 247 -32.91 61.16 -23.57
N ALA I 248 -32.89 62.33 -22.92
CA ALA I 248 -32.30 62.53 -21.57
C ALA I 248 -33.37 62.37 -20.50
N PRO I 249 -33.03 61.81 -19.33
CA PRO I 249 -33.98 61.70 -18.22
C PRO I 249 -34.26 63.03 -17.50
N SER I 250 -35.54 63.36 -17.29
CA SER I 250 -36.01 64.40 -16.35
C SER I 250 -35.96 63.85 -14.93
N ARG I 251 -36.29 62.57 -14.76
CA ARG I 251 -36.29 61.88 -13.44
C ARG I 251 -35.59 60.53 -13.55
N VAL I 252 -34.92 60.12 -12.46
CA VAL I 252 -34.44 58.73 -12.23
C VAL I 252 -35.44 58.03 -11.31
N SER I 253 -35.35 56.71 -11.22
CA SER I 253 -36.27 55.83 -10.44
C SER I 253 -35.50 55.21 -9.27
N LYS I 254 -36.21 54.86 -8.20
CA LYS I 254 -35.67 54.09 -7.04
C LYS I 254 -36.68 53.00 -6.70
N LEU I 255 -36.28 51.73 -6.85
CA LEU I 255 -37.10 50.55 -6.45
C LEU I 255 -36.99 50.38 -4.93
N ILE I 256 -38.12 50.29 -4.24
CA ILE I 256 -38.18 50.27 -2.74
C ILE I 256 -38.68 48.90 -2.29
N GLY I 257 -37.98 48.28 -1.33
CA GLY I 257 -38.38 47.04 -0.65
C GLY I 257 -38.65 45.90 -1.62
N ARG I 258 -39.54 44.97 -1.22
CA ARG I 258 -39.79 43.69 -1.93
C ARG I 258 -41.30 43.53 -2.18
N GLY I 259 -41.65 42.81 -3.25
CA GLY I 259 -43.05 42.53 -3.63
C GLY I 259 -43.15 41.31 -4.54
N LEU I 260 -44.31 40.67 -4.55
CA LEU I 260 -44.58 39.45 -5.35
C LEU I 260 -45.09 39.86 -6.74
N GLY I 261 -44.33 39.55 -7.79
CA GLY I 261 -44.73 39.80 -9.19
C GLY I 261 -45.58 38.68 -9.72
N ILE I 262 -46.76 39.00 -10.26
CA ILE I 262 -47.72 38.02 -10.86
C ILE I 262 -47.97 38.41 -12.31
N GLN I 263 -47.76 37.48 -13.24
CA GLN I 263 -48.19 37.59 -14.66
C GLN I 263 -49.42 36.70 -14.82
N SER I 264 -50.58 37.29 -15.13
CA SER I 264 -51.89 36.58 -15.21
C SER I 264 -52.88 37.40 -16.03
N GLU I 265 -53.87 36.73 -16.64
CA GLU I 265 -54.98 37.37 -17.40
C GLU I 265 -56.24 37.42 -16.53
N ALA I 266 -56.22 36.80 -15.35
CA ALA I 266 -57.42 36.57 -14.51
C ALA I 266 -57.79 37.85 -13.75
N PRO I 267 -59.10 38.14 -13.57
CA PRO I 267 -59.54 39.36 -12.88
C PRO I 267 -59.24 39.35 -11.37
N ILE I 268 -59.26 40.54 -10.75
CA ILE I 268 -58.99 40.75 -9.29
C ILE I 268 -60.26 40.41 -8.49
N ASP I 269 -60.09 40.09 -7.20
CA ASP I 269 -61.17 39.84 -6.22
C ASP I 269 -60.63 40.11 -4.81
N ASN I 270 -61.06 41.21 -4.18
CA ASN I 270 -60.53 41.69 -2.87
C ASN I 270 -61.34 41.06 -1.71
N SER I 271 -62.21 40.08 -1.98
CA SER I 271 -62.99 39.33 -0.97
C SER I 271 -62.25 38.04 -0.59
N CYS I 272 -61.50 37.47 -1.52
CA CYS I 272 -60.83 36.14 -1.45
C CYS I 272 -59.33 36.33 -1.13
N GLU I 273 -58.76 35.43 -0.32
CA GLU I 273 -57.36 35.44 0.17
C GLU I 273 -56.57 34.31 -0.51
N SER I 274 -55.28 34.53 -0.81
CA SER I 274 -54.39 33.50 -1.40
C SER I 274 -52.92 33.87 -1.19
N LYS I 275 -52.04 32.85 -1.22
CA LYS I 275 -50.55 33.02 -1.15
C LYS I 275 -49.90 32.34 -2.36
N CYS I 276 -50.69 31.78 -3.27
CA CYS I 276 -50.22 31.03 -4.47
C CYS I 276 -50.98 31.48 -5.70
N PHE I 277 -50.25 31.80 -6.78
CA PHE I 277 -50.80 32.38 -8.03
C PHE I 277 -50.11 31.73 -9.23
N TRP I 278 -50.82 31.71 -10.36
CA TRP I 278 -50.31 31.23 -11.66
C TRP I 278 -51.06 31.96 -12.77
N ARG I 279 -50.68 31.75 -14.02
CA ARG I 279 -51.29 32.42 -15.21
C ARG I 279 -52.82 32.40 -15.06
N GLY I 280 -53.37 31.24 -14.65
CA GLY I 280 -54.82 30.95 -14.65
C GLY I 280 -55.56 31.44 -13.41
N GLY I 281 -54.84 31.89 -12.37
CA GLY I 281 -55.48 32.52 -11.19
C GLY I 281 -54.81 32.14 -9.88
N SER I 282 -55.60 31.87 -8.84
CA SER I 282 -55.16 31.61 -7.45
C SER I 282 -55.32 30.12 -7.11
N ILE I 283 -54.60 29.66 -6.08
CA ILE I 283 -54.64 28.28 -5.54
C ILE I 283 -54.70 28.37 -4.01
N ASN I 284 -55.88 28.11 -3.43
CA ASN I 284 -56.22 28.34 -2.00
C ASN I 284 -56.13 27.04 -1.20
N THR I 285 -55.84 25.93 -1.88
CA THR I 285 -55.94 24.55 -1.34
C THR I 285 -55.01 24.36 -0.14
N ARG I 286 -55.44 23.53 0.83
CA ARG I 286 -54.64 23.14 2.02
C ARG I 286 -53.83 21.88 1.67
N LEU I 287 -54.12 21.25 0.52
CA LEU I 287 -53.48 20.00 0.05
C LEU I 287 -52.01 20.25 -0.28
N PRO I 288 -51.13 19.23 -0.09
CA PRO I 288 -49.69 19.40 -0.25
C PRO I 288 -49.17 19.42 -1.70
N PHE I 289 -49.94 18.87 -2.63
CA PHE I 289 -49.57 18.72 -4.06
C PHE I 289 -50.67 19.34 -4.94
N GLN I 290 -50.38 19.46 -6.24
CA GLN I 290 -51.15 20.28 -7.20
C GLN I 290 -50.70 19.88 -8.61
N ASN I 291 -51.62 19.76 -9.58
CA ASN I 291 -51.30 19.37 -10.98
C ASN I 291 -51.89 20.37 -11.97
N LEU I 292 -51.98 21.65 -11.58
CA LEU I 292 -52.55 22.75 -12.39
C LEU I 292 -51.48 23.32 -13.30
N SER I 293 -50.32 23.69 -12.75
CA SER I 293 -49.18 24.28 -13.50
C SER I 293 -47.86 24.09 -12.76
N PRO I 294 -46.77 23.80 -13.49
CA PRO I 294 -45.42 23.88 -12.93
C PRO I 294 -44.90 25.32 -12.76
N ARG I 295 -45.56 26.30 -13.40
CA ARG I 295 -45.26 27.75 -13.23
C ARG I 295 -46.23 28.35 -12.21
N THR I 296 -45.82 28.47 -10.95
CA THR I 296 -46.57 29.15 -9.87
C THR I 296 -45.61 30.11 -9.14
N VAL I 297 -46.17 31.03 -8.34
CA VAL I 297 -45.39 32.02 -7.54
C VAL I 297 -46.06 32.16 -6.16
N GLY I 298 -45.27 32.42 -5.13
CA GLY I 298 -45.72 32.52 -3.72
C GLY I 298 -45.44 31.25 -2.95
N GLN I 299 -46.19 31.01 -1.88
CA GLN I 299 -46.11 29.80 -1.02
C GLN I 299 -47.09 28.77 -1.58
N CYS I 300 -46.58 27.74 -2.27
CA CYS I 300 -47.38 26.88 -3.18
C CYS I 300 -47.28 25.41 -2.82
N PRO I 301 -48.35 24.62 -3.07
CA PRO I 301 -48.24 23.17 -3.11
C PRO I 301 -47.30 22.82 -4.27
N LYS I 302 -46.58 21.71 -4.14
CA LYS I 302 -45.59 21.26 -5.14
C LYS I 302 -46.33 20.66 -6.35
N TYR I 303 -45.87 20.96 -7.56
CA TYR I 303 -46.43 20.41 -8.81
C TYR I 303 -46.03 18.92 -8.90
N VAL I 304 -46.98 18.06 -9.26
CA VAL I 304 -46.75 16.60 -9.46
C VAL I 304 -47.41 16.16 -10.76
N ASN I 305 -46.82 15.17 -11.45
CA ASN I 305 -47.38 14.55 -12.69
C ASN I 305 -48.36 13.46 -12.30
N LYS I 306 -49.45 13.83 -11.62
CA LYS I 306 -50.45 12.89 -11.04
C LYS I 306 -51.84 13.55 -11.05
N LYS I 307 -52.83 12.88 -11.63
CA LYS I 307 -54.26 13.31 -11.63
C LYS I 307 -54.74 13.29 -10.18
N SER I 308 -54.54 12.16 -9.48
CA SER I 308 -55.08 11.87 -8.13
C SER I 308 -54.10 10.99 -7.33
N LEU I 309 -54.00 11.24 -6.02
CA LEU I 309 -53.27 10.41 -5.03
C LEU I 309 -54.12 10.33 -3.75
N MET I 310 -54.83 9.21 -3.56
CA MET I 310 -55.79 9.04 -2.45
C MET I 310 -55.05 8.48 -1.22
N LEU I 311 -55.13 9.21 -0.11
CA LEU I 311 -54.55 8.84 1.21
C LEU I 311 -55.64 8.18 2.08
N ALA I 312 -55.47 6.90 2.41
CA ALA I 312 -56.39 6.11 3.26
C ALA I 312 -56.57 6.84 4.60
N THR I 313 -57.83 6.99 5.04
CA THR I 313 -58.23 7.59 6.34
C THR I 313 -59.06 6.59 7.15
N GLY I 314 -59.02 5.31 6.76
CA GLY I 314 -59.72 4.22 7.47
C GLY I 314 -59.13 2.86 7.17
N MET I 315 -59.61 1.83 7.85
CA MET I 315 -59.10 0.43 7.75
C MET I 315 -59.52 -0.19 6.41
N ARG I 316 -58.98 -1.36 6.09
CA ARG I 316 -59.46 -2.23 4.98
C ARG I 316 -60.98 -2.34 5.09
N ASN I 317 -61.68 -2.15 3.97
CA ASN I 317 -63.14 -2.41 3.87
C ASN I 317 -63.34 -3.87 3.48
N VAL I 318 -63.90 -4.67 4.38
CA VAL I 318 -64.24 -6.11 4.10
C VAL I 318 -65.76 -6.23 4.20
N PRO I 319 -66.49 -6.15 3.07
CA PRO I 319 -67.95 -6.16 3.09
C PRO I 319 -68.53 -7.57 3.30
N GLU I 320 -69.84 -7.65 3.56
CA GLU I 320 -70.61 -8.92 3.68
C GLU I 320 -71.14 -9.32 2.29
N GLY J 1 -53.17 -9.47 6.31
CA GLY J 1 -52.62 -8.29 7.03
C GLY J 1 -51.53 -8.68 8.01
N LEU J 2 -50.69 -7.72 8.39
CA LEU J 2 -49.54 -7.92 9.31
C LEU J 2 -50.00 -8.61 10.59
N PHE J 3 -51.11 -8.16 11.19
CA PHE J 3 -51.56 -8.59 12.55
C PHE J 3 -52.64 -9.67 12.48
N GLY J 4 -53.11 -10.01 11.27
CA GLY J 4 -53.86 -11.24 10.98
C GLY J 4 -55.31 -11.22 11.46
N ALA J 5 -55.84 -10.07 11.88
CA ALA J 5 -57.24 -9.92 12.37
C ALA J 5 -58.16 -9.44 11.25
N ILE J 6 -58.00 -8.19 10.82
CA ILE J 6 -58.86 -7.56 9.77
C ILE J 6 -58.42 -8.11 8.41
N ALA J 7 -59.37 -8.66 7.66
CA ALA J 7 -59.15 -9.47 6.43
C ALA J 7 -58.28 -10.68 6.81
N GLY J 8 -58.47 -11.18 8.03
CA GLY J 8 -57.73 -12.32 8.60
C GLY J 8 -58.68 -13.30 9.27
N PHE J 9 -58.46 -13.62 10.55
CA PHE J 9 -59.27 -14.62 11.30
C PHE J 9 -60.68 -14.07 11.54
N ILE J 10 -60.84 -12.74 11.57
CA ILE J 10 -62.18 -12.08 11.52
C ILE J 10 -62.63 -12.02 10.06
N GLU J 11 -63.66 -12.80 9.72
CA GLU J 11 -64.01 -13.17 8.32
C GLU J 11 -64.40 -11.93 7.52
N ASN J 12 -65.14 -10.99 8.13
CA ASN J 12 -65.59 -9.75 7.44
C ASN J 12 -65.97 -8.69 8.48
N GLY J 13 -66.20 -7.46 8.01
CA GLY J 13 -66.63 -6.32 8.83
C GLY J 13 -68.13 -6.27 8.97
N TRP J 14 -68.64 -5.36 9.81
CA TRP J 14 -70.08 -5.20 10.13
C TRP J 14 -70.60 -3.86 9.58
N GLU J 15 -71.31 -3.88 8.47
CA GLU J 15 -71.98 -2.69 7.88
C GLU J 15 -72.99 -2.12 8.91
N GLY J 16 -73.55 -3.00 9.75
CA GLY J 16 -74.53 -2.67 10.79
C GLY J 16 -73.95 -1.78 11.89
N MET J 17 -72.64 -1.85 12.15
CA MET J 17 -71.98 -1.08 13.24
C MET J 17 -71.60 0.31 12.72
N VAL J 18 -72.33 1.35 13.14
CA VAL J 18 -72.24 2.74 12.59
C VAL J 18 -71.94 3.73 13.72
N ASP J 19 -71.63 3.26 14.93
CA ASP J 19 -71.35 4.11 16.12
C ASP J 19 -69.91 3.87 16.62
N GLY J 20 -69.07 3.25 15.77
CA GLY J 20 -67.67 2.93 16.10
C GLY J 20 -66.99 2.11 15.02
N TRP J 21 -65.67 1.95 15.11
CA TRP J 21 -64.82 1.19 14.16
C TRP J 21 -64.70 -0.26 14.62
N TYR J 22 -64.52 -0.46 15.93
CA TYR J 22 -64.37 -1.76 16.61
C TYR J 22 -65.51 -1.92 17.62
N GLY J 23 -65.93 -3.15 17.88
CA GLY J 23 -66.94 -3.45 18.91
C GLY J 23 -67.27 -4.93 19.01
N PHE J 24 -68.33 -5.24 19.77
CA PHE J 24 -68.73 -6.60 20.18
C PHE J 24 -70.12 -6.94 19.66
N ARG J 25 -70.34 -8.23 19.36
CA ARG J 25 -71.68 -8.88 19.26
C ARG J 25 -71.69 -10.05 20.24
N HIS J 26 -72.75 -10.19 21.04
CA HIS J 26 -72.92 -11.31 22.00
C HIS J 26 -74.23 -12.04 21.72
N GLN J 27 -74.28 -13.32 22.10
CA GLN J 27 -75.52 -14.14 22.15
C GLN J 27 -75.53 -14.90 23.48
N ASN J 28 -76.59 -14.70 24.28
CA ASN J 28 -76.85 -15.42 25.55
C ASN J 28 -78.31 -15.86 25.55
N ALA J 29 -78.79 -16.42 26.67
CA ALA J 29 -80.20 -16.80 26.90
C ALA J 29 -81.11 -15.61 26.56
N GLN J 30 -80.81 -14.47 27.16
CA GLN J 30 -81.56 -13.18 27.08
C GLN J 30 -81.75 -12.71 25.63
N GLY J 31 -80.80 -13.02 24.74
CA GLY J 31 -80.89 -12.75 23.29
C GLY J 31 -79.58 -12.21 22.72
N THR J 32 -79.68 -11.41 21.65
CA THR J 32 -78.54 -10.85 20.87
C THR J 32 -78.36 -9.37 21.22
N GLY J 33 -77.12 -8.87 21.11
CA GLY J 33 -76.75 -7.46 21.30
C GLY J 33 -75.55 -7.06 20.45
N GLN J 34 -75.33 -5.74 20.31
CA GLN J 34 -74.16 -5.14 19.62
C GLN J 34 -73.80 -3.82 20.33
N ALA J 35 -72.51 -3.57 20.55
CA ALA J 35 -72.00 -2.32 21.18
C ALA J 35 -70.60 -2.01 20.63
N ALA J 36 -70.30 -0.72 20.45
CA ALA J 36 -69.00 -0.21 19.95
C ALA J 36 -68.03 -0.04 21.13
N ASP J 37 -66.74 -0.27 20.90
CA ASP J 37 -65.65 0.02 21.87
C ASP J 37 -65.11 1.41 21.55
N TYR J 38 -65.25 2.35 22.50
CA TYR J 38 -64.84 3.76 22.33
C TYR J 38 -63.30 3.85 22.29
N LYS J 39 -62.64 3.34 23.34
CA LYS J 39 -61.18 3.49 23.59
C LYS J 39 -60.39 3.13 22.33
N SER J 40 -60.69 1.96 21.72
CA SER J 40 -59.94 1.41 20.56
C SER J 40 -60.33 2.12 19.26
N THR J 41 -61.59 2.57 19.14
CA THR J 41 -62.08 3.36 17.98
C THR J 41 -61.36 4.72 17.96
N GLN J 42 -61.22 5.35 19.13
CA GLN J 42 -60.63 6.71 19.25
C GLN J 42 -59.11 6.59 19.04
N ALA J 43 -58.50 5.49 19.48
CA ALA J 43 -57.06 5.22 19.30
C ALA J 43 -56.70 5.24 17.81
N ALA J 44 -57.51 4.57 16.98
CA ALA J 44 -57.31 4.47 15.52
C ALA J 44 -57.55 5.83 14.86
N ILE J 45 -58.63 6.51 15.24
CA ILE J 45 -59.04 7.82 14.65
C ILE J 45 -57.99 8.88 14.99
N ASP J 46 -57.50 8.91 16.24
CA ASP J 46 -56.51 9.92 16.71
C ASP J 46 -55.21 9.76 15.93
N GLN J 47 -54.79 8.52 15.63
CA GLN J 47 -53.53 8.25 14.89
C GLN J 47 -53.68 8.73 13.44
N ILE J 48 -54.85 8.53 12.83
CA ILE J 48 -55.15 8.99 11.44
C ILE J 48 -55.21 10.52 11.40
N THR J 49 -55.85 11.14 12.39
CA THR J 49 -55.90 12.63 12.55
C THR J 49 -54.45 13.17 12.55
N GLY J 50 -53.56 12.54 13.33
CA GLY J 50 -52.14 12.90 13.43
C GLY J 50 -51.47 12.95 12.07
N LYS J 51 -51.72 11.93 11.23
CA LYS J 51 -51.17 11.81 9.87
C LYS J 51 -51.65 12.99 9.01
N LEU J 52 -52.96 13.26 9.05
CA LEU J 52 -53.58 14.35 8.24
C LEU J 52 -52.96 15.69 8.64
N ASN J 53 -52.72 15.92 9.93
CA ASN J 53 -52.11 17.16 10.44
C ASN J 53 -50.70 17.31 9.85
N ARG J 54 -49.96 16.20 9.71
CA ARG J 54 -48.54 16.22 9.22
C ARG J 54 -48.50 16.36 7.70
N ILE J 55 -49.46 15.77 6.98
CA ILE J 55 -49.40 15.58 5.50
C ILE J 55 -50.14 16.72 4.76
N ILE J 56 -51.30 17.15 5.27
CA ILE J 56 -52.08 18.28 4.67
C ILE J 56 -51.41 19.60 5.09
N LYS J 57 -50.36 19.96 4.34
CA LYS J 57 -49.50 21.15 4.56
C LYS J 57 -48.73 21.45 3.26
N LYS J 58 -48.38 22.72 3.05
CA LYS J 58 -47.40 23.16 2.03
C LYS J 58 -46.26 23.87 2.78
N THR J 59 -45.10 24.05 2.16
CA THR J 59 -43.98 24.85 2.73
C THR J 59 -44.40 26.32 2.71
N ASN J 60 -43.87 27.12 3.65
CA ASN J 60 -44.15 28.59 3.74
C ASN J 60 -43.05 29.36 3.00
N THR J 61 -42.26 28.67 2.16
CA THR J 61 -41.21 29.27 1.29
C THR J 61 -41.86 30.07 0.16
N GLU J 62 -41.49 31.34 0.02
CA GLU J 62 -41.97 32.25 -1.05
C GLU J 62 -41.13 32.01 -2.32
N PHE J 63 -41.76 31.60 -3.41
CA PHE J 63 -41.10 31.40 -4.73
C PHE J 63 -41.51 32.53 -5.68
N GLU J 64 -40.52 33.10 -6.38
CA GLU J 64 -40.71 34.16 -7.41
C GLU J 64 -40.71 33.50 -8.79
N SER J 65 -41.14 34.24 -9.80
CA SER J 65 -41.13 33.80 -11.23
C SER J 65 -39.68 33.80 -11.74
N ILE J 66 -39.31 32.76 -12.49
CA ILE J 66 -38.02 32.68 -13.25
C ILE J 66 -38.31 32.42 -14.73
N GLU J 67 -39.58 32.18 -15.08
CA GLU J 67 -40.09 32.03 -16.47
C GLU J 67 -41.14 33.11 -16.70
N SER J 68 -40.97 33.97 -17.71
CA SER J 68 -41.99 34.98 -18.12
C SER J 68 -43.12 34.26 -18.88
N GLU J 69 -44.37 34.55 -18.53
CA GLU J 69 -45.59 34.01 -19.18
C GLU J 69 -45.77 34.65 -20.56
N PHE J 70 -45.41 35.93 -20.71
CA PHE J 70 -45.84 36.79 -21.85
C PHE J 70 -44.66 37.20 -22.76
N SER J 71 -43.42 36.82 -22.44
CA SER J 71 -42.22 37.16 -23.27
C SER J 71 -41.25 35.98 -23.33
N GLU J 72 -40.43 35.94 -24.39
CA GLU J 72 -39.39 34.89 -24.61
C GLU J 72 -38.22 35.13 -23.66
N ILE J 73 -37.62 34.06 -23.16
CA ILE J 73 -36.45 34.05 -22.23
C ILE J 73 -35.22 33.62 -23.05
N ASP J 74 -34.02 34.01 -22.63
CA ASP J 74 -32.76 33.53 -23.28
C ASP J 74 -32.85 32.02 -23.40
N HIS J 75 -32.45 31.45 -24.54
CA HIS J 75 -32.68 30.03 -24.90
C HIS J 75 -31.85 29.11 -23.99
N GLN J 76 -30.61 29.51 -23.64
CA GLN J 76 -29.68 28.65 -22.85
C GLN J 76 -30.19 28.52 -21.42
N ILE J 77 -30.50 29.64 -20.75
CA ILE J 77 -30.98 29.66 -19.34
C ILE J 77 -32.37 29.00 -19.29
N GLY J 78 -33.20 29.19 -20.32
CA GLY J 78 -34.51 28.53 -20.44
C GLY J 78 -34.40 27.01 -20.40
N ASN J 79 -33.39 26.46 -21.08
CA ASN J 79 -33.13 24.99 -21.14
C ASN J 79 -32.67 24.49 -19.76
N VAL J 80 -31.86 25.29 -19.05
CA VAL J 80 -31.38 24.96 -17.68
C VAL J 80 -32.60 24.92 -16.75
N ILE J 81 -33.43 25.96 -16.80
CA ILE J 81 -34.66 26.08 -15.96
C ILE J 81 -35.56 24.88 -16.25
N ASN J 82 -35.78 24.57 -17.53
CA ASN J 82 -36.66 23.45 -17.98
C ASN J 82 -36.11 22.14 -17.38
N TRP J 83 -34.81 21.89 -17.53
CA TRP J 83 -34.13 20.68 -16.96
C TRP J 83 -34.34 20.62 -15.44
N THR J 84 -34.09 21.74 -14.75
CA THR J 84 -34.14 21.83 -13.27
C THR J 84 -35.58 21.58 -12.80
N LYS J 85 -36.56 22.29 -13.35
CA LYS J 85 -37.99 22.19 -12.94
C LYS J 85 -38.48 20.76 -13.14
N ASP J 86 -38.18 20.16 -14.30
CA ASP J 86 -38.62 18.77 -14.64
C ASP J 86 -37.98 17.79 -13.64
N SER J 87 -36.72 18.01 -13.25
CA SER J 87 -35.99 17.18 -12.27
C SER J 87 -36.66 17.28 -10.89
N ILE J 88 -36.98 18.51 -10.46
CA ILE J 88 -37.65 18.80 -9.16
C ILE J 88 -39.01 18.11 -9.16
N THR J 89 -39.76 18.21 -10.26
CA THR J 89 -41.13 17.65 -10.41
C THR J 89 -41.07 16.11 -10.35
N ASP J 90 -40.04 15.51 -10.96
CA ASP J 90 -39.80 14.04 -10.89
C ASP J 90 -39.60 13.64 -9.41
N ILE J 91 -38.84 14.44 -8.66
CA ILE J 91 -38.54 14.15 -7.22
C ILE J 91 -39.85 14.23 -6.41
N TRP J 92 -40.61 15.32 -6.57
CA TRP J 92 -41.84 15.55 -5.77
C TRP J 92 -42.91 14.50 -6.13
N THR J 93 -43.04 14.18 -7.42
CA THR J 93 -43.98 13.13 -7.91
C THR J 93 -43.65 11.82 -7.19
N TYR J 94 -42.36 11.44 -7.20
CA TYR J 94 -41.85 10.21 -6.55
C TYR J 94 -42.12 10.27 -5.04
N GLN J 95 -41.74 11.36 -4.39
CA GLN J 95 -41.89 11.54 -2.92
C GLN J 95 -43.37 11.41 -2.54
N ALA J 96 -44.26 12.03 -3.32
CA ALA J 96 -45.72 12.02 -3.09
C ALA J 96 -46.25 10.59 -3.21
N GLU J 97 -45.88 9.88 -4.29
CA GLU J 97 -46.30 8.48 -4.55
C GLU J 97 -45.86 7.58 -3.39
N LEU J 98 -44.63 7.76 -2.93
CA LEU J 98 -44.02 6.92 -1.85
C LEU J 98 -44.68 7.26 -0.51
N LEU J 99 -44.81 8.55 -0.19
CA LEU J 99 -45.43 9.01 1.09
C LEU J 99 -46.78 8.30 1.27
N VAL J 100 -47.67 8.49 0.29
CA VAL J 100 -49.09 8.03 0.37
C VAL J 100 -49.11 6.49 0.42
N ALA J 101 -48.32 5.82 -0.42
CA ALA J 101 -48.21 4.35 -0.46
C ALA J 101 -47.80 3.84 0.93
N MET J 102 -46.78 4.46 1.51
CA MET J 102 -46.18 4.05 2.81
C MET J 102 -47.20 4.29 3.92
N GLU J 103 -47.82 5.47 3.98
CA GLU J 103 -48.81 5.83 5.02
C GLU J 103 -50.04 4.92 4.90
N ASN J 104 -50.49 4.67 3.67
CA ASN J 104 -51.65 3.78 3.39
C ASN J 104 -51.38 2.39 3.99
N GLN J 105 -50.19 1.84 3.74
CA GLN J 105 -49.76 0.54 4.29
C GLN J 105 -49.83 0.59 5.83
N HIS J 106 -49.29 1.65 6.43
CA HIS J 106 -49.22 1.82 7.90
C HIS J 106 -50.63 1.97 8.49
N THR J 107 -51.49 2.81 7.89
CA THR J 107 -52.87 3.07 8.37
C THR J 107 -53.63 1.74 8.46
N ILE J 108 -53.58 0.93 7.41
CA ILE J 108 -54.27 -0.39 7.31
C ILE J 108 -53.74 -1.31 8.43
N ASP J 109 -52.43 -1.46 8.54
CA ASP J 109 -51.79 -2.38 9.51
C ASP J 109 -52.02 -1.85 10.93
N MET J 110 -52.00 -0.53 11.13
CA MET J 110 -52.26 0.11 12.45
C MET J 110 -53.68 -0.27 12.91
N ALA J 111 -54.67 -0.15 12.02
CA ALA J 111 -56.08 -0.47 12.28
C ALA J 111 -56.23 -1.96 12.62
N ASP J 112 -55.51 -2.82 11.90
CA ASP J 112 -55.42 -4.29 12.13
C ASP J 112 -54.94 -4.50 13.57
N SER J 113 -53.88 -3.78 13.99
CA SER J 113 -53.23 -3.94 15.31
C SER J 113 -54.19 -3.56 16.44
N GLU J 114 -55.01 -2.53 16.24
CA GLU J 114 -55.95 -2.04 17.29
C GLU J 114 -57.04 -3.09 17.51
N MET J 115 -57.49 -3.74 16.44
CA MET J 115 -58.46 -4.86 16.49
C MET J 115 -57.86 -6.00 17.31
N LEU J 116 -56.64 -6.42 16.97
CA LEU J 116 -55.94 -7.56 17.63
C LEU J 116 -55.77 -7.24 19.12
N ASN J 117 -55.32 -6.01 19.45
CA ASN J 117 -55.03 -5.59 20.85
C ASN J 117 -56.31 -5.72 21.70
N LEU J 118 -57.47 -5.41 21.12
CA LEU J 118 -58.78 -5.52 21.82
C LEU J 118 -59.10 -7.00 22.06
N TYR J 119 -58.97 -7.82 21.02
CA TYR J 119 -59.17 -9.30 21.07
C TYR J 119 -58.32 -9.89 22.20
N GLU J 120 -57.05 -9.50 22.27
CA GLU J 120 -56.06 -10.05 23.24
C GLU J 120 -56.41 -9.56 24.65
N ARG J 121 -56.92 -8.33 24.78
CA ARG J 121 -57.35 -7.76 26.08
C ARG J 121 -58.49 -8.61 26.65
N VAL J 122 -59.49 -8.91 25.81
CA VAL J 122 -60.67 -9.75 26.16
C VAL J 122 -60.18 -11.17 26.48
N ARG J 123 -59.38 -11.79 25.60
CA ARG J 123 -58.86 -13.17 25.80
C ARG J 123 -58.32 -13.29 27.23
N LYS J 124 -57.48 -12.35 27.64
CA LYS J 124 -56.77 -12.39 28.95
C LYS J 124 -57.75 -12.16 30.09
N GLN J 125 -58.73 -11.26 29.91
CA GLN J 125 -59.82 -11.02 30.90
C GLN J 125 -60.55 -12.32 31.23
N LEU J 126 -60.97 -13.07 30.20
CA LEU J 126 -61.79 -14.30 30.33
C LEU J 126 -60.96 -15.47 30.88
N ARG J 127 -59.64 -15.40 30.76
CA ARG J 127 -58.71 -16.39 31.38
C ARG J 127 -59.16 -17.81 31.02
N GLN J 128 -59.49 -18.66 32.00
CA GLN J 128 -59.81 -20.09 31.79
C GLN J 128 -61.32 -20.31 31.65
N ASN J 129 -62.12 -19.24 31.55
CA ASN J 129 -63.59 -19.32 31.54
C ASN J 129 -64.13 -19.36 30.11
N ALA J 130 -63.27 -19.23 29.10
CA ALA J 130 -63.68 -19.17 27.68
C ALA J 130 -62.62 -19.82 26.78
N GLU J 131 -63.00 -20.08 25.53
CA GLU J 131 -62.14 -20.71 24.51
C GLU J 131 -62.32 -19.98 23.19
N GLU J 132 -61.27 -19.94 22.36
CA GLU J 132 -61.25 -19.19 21.08
C GLU J 132 -62.00 -19.99 20.03
N ASP J 133 -62.99 -19.33 19.39
CA ASP J 133 -63.82 -19.81 18.27
C ASP J 133 -62.95 -20.04 17.04
N GLY J 134 -61.94 -19.18 16.82
CA GLY J 134 -61.11 -19.14 15.61
C GLY J 134 -61.56 -18.06 14.64
N LYS J 135 -62.79 -17.55 14.81
CA LYS J 135 -63.40 -16.50 13.94
C LYS J 135 -63.47 -15.17 14.70
N GLY J 136 -62.70 -15.00 15.77
CA GLY J 136 -62.67 -13.75 16.55
C GLY J 136 -63.71 -13.75 17.67
N CYS J 137 -64.39 -14.88 17.89
CA CYS J 137 -65.43 -15.04 18.94
C CYS J 137 -64.86 -15.86 20.10
N PHE J 138 -65.41 -15.69 21.29
CA PHE J 138 -65.07 -16.44 22.53
C PHE J 138 -66.32 -17.21 23.01
N GLU J 139 -66.25 -18.54 23.04
CA GLU J 139 -67.28 -19.42 23.64
C GLU J 139 -67.06 -19.38 25.17
N ILE J 140 -68.00 -18.76 25.88
CA ILE J 140 -67.98 -18.61 27.37
C ILE J 140 -68.69 -19.83 27.97
N TYR J 141 -68.04 -20.52 28.91
CA TYR J 141 -68.52 -21.80 29.49
C TYR J 141 -69.26 -21.56 30.81
N HIS J 142 -70.13 -20.54 30.85
CA HIS J 142 -71.00 -20.23 32.00
C HIS J 142 -72.10 -19.25 31.59
N ALA J 143 -73.20 -19.20 32.35
CA ALA J 143 -74.28 -18.22 32.19
C ALA J 143 -73.68 -16.82 32.24
N CYS J 144 -73.68 -16.12 31.09
CA CYS J 144 -73.23 -14.71 30.98
C CYS J 144 -74.42 -13.85 30.53
N ASP J 145 -75.14 -13.29 31.51
CA ASP J 145 -76.31 -12.40 31.31
C ASP J 145 -75.82 -11.06 30.75
N ASP J 146 -76.76 -10.17 30.39
CA ASP J 146 -76.43 -8.85 29.75
C ASP J 146 -75.54 -8.03 30.69
N SER J 147 -75.60 -8.27 32.00
CA SER J 147 -74.77 -7.56 33.01
C SER J 147 -73.34 -8.11 32.96
N CYS J 148 -73.19 -9.43 32.81
CA CYS J 148 -71.89 -10.13 32.65
C CYS J 148 -71.22 -9.68 31.35
N MET J 149 -71.97 -9.65 30.24
CA MET J 149 -71.48 -9.21 28.90
C MET J 149 -70.97 -7.76 29.01
N GLU J 150 -71.73 -6.89 29.66
CA GLU J 150 -71.37 -5.46 29.89
C GLU J 150 -70.02 -5.40 30.63
N SER J 151 -69.80 -6.30 31.59
CA SER J 151 -68.57 -6.36 32.43
C SER J 151 -67.35 -6.70 31.56
N ILE J 152 -67.55 -7.51 30.51
CA ILE J 152 -66.47 -7.89 29.55
C ILE J 152 -66.09 -6.65 28.74
N ARG J 153 -67.08 -5.94 28.19
CA ARG J 153 -66.89 -4.71 27.38
C ARG J 153 -66.24 -3.60 28.22
N ASN J 154 -66.63 -3.46 29.50
CA ASN J 154 -66.20 -2.35 30.40
C ASN J 154 -64.90 -2.71 31.12
N ASN J 155 -64.34 -3.90 30.85
CA ASN J 155 -63.03 -4.36 31.36
C ASN J 155 -63.11 -4.52 32.90
N THR J 156 -64.25 -4.97 33.43
CA THR J 156 -64.50 -5.18 34.88
C THR J 156 -64.85 -6.65 35.18
N TYR J 157 -64.92 -7.52 34.17
CA TYR J 157 -65.21 -8.97 34.32
C TYR J 157 -64.15 -9.62 35.21
N ASP J 158 -64.58 -10.21 36.34
CA ASP J 158 -63.71 -10.94 37.30
C ASP J 158 -63.82 -12.45 37.03
N HIS J 159 -62.78 -13.05 36.45
CA HIS J 159 -62.74 -14.48 36.04
C HIS J 159 -62.95 -15.39 37.25
N SER J 160 -62.49 -14.98 38.44
CA SER J 160 -62.48 -15.83 39.67
C SER J 160 -63.92 -16.18 40.11
N GLN J 161 -64.88 -15.27 39.86
CA GLN J 161 -66.29 -15.47 40.31
C GLN J 161 -66.94 -16.61 39.52
N TYR J 162 -66.58 -16.86 38.25
CA TYR J 162 -67.22 -17.88 37.39
C TYR J 162 -66.29 -19.07 37.12
N ARG J 163 -65.09 -19.09 37.72
CA ARG J 163 -64.00 -20.04 37.35
C ARG J 163 -64.44 -21.48 37.57
N GLU J 164 -64.88 -21.83 38.79
CA GLU J 164 -65.19 -23.24 39.17
C GLU J 164 -66.31 -23.77 38.28
N GLU J 165 -67.37 -23.00 38.05
CA GLU J 165 -68.48 -23.36 37.13
C GLU J 165 -67.91 -23.64 35.73
N ALA J 166 -67.06 -22.74 35.22
CA ALA J 166 -66.55 -22.74 33.84
C ALA J 166 -65.66 -23.98 33.60
N LEU J 167 -64.72 -24.25 34.50
CA LEU J 167 -63.76 -25.38 34.37
C LEU J 167 -64.51 -26.72 34.33
N LEU J 168 -65.57 -26.86 35.14
CA LEU J 168 -66.44 -28.07 35.16
C LEU J 168 -67.08 -28.26 33.77
N ASN J 169 -67.70 -27.19 33.24
CA ASN J 169 -68.36 -27.20 31.90
C ASN J 169 -67.34 -27.50 30.79
N ARG J 170 -66.10 -27.03 30.94
CA ARG J 170 -65.03 -27.17 29.91
C ARG J 170 -64.53 -28.63 29.89
N LEU J 171 -64.34 -29.25 31.06
CA LEU J 171 -63.85 -30.65 31.21
C LEU J 171 -64.99 -31.64 31.00
N ASN J 172 -66.22 -31.28 31.41
CA ASN J 172 -67.48 -32.02 31.12
C ASN J 172 -67.43 -33.41 31.76
N ASP K 1 16.81 -56.78 61.93
CA ASP K 1 17.52 -58.08 62.12
C ASP K 1 18.39 -58.47 60.93
N PRO K 2 18.12 -58.05 59.66
CA PRO K 2 19.03 -58.36 58.55
C PRO K 2 20.17 -57.33 58.40
N ASP K 3 21.39 -57.80 58.11
CA ASP K 3 22.57 -56.96 57.78
C ASP K 3 22.27 -56.19 56.49
N LYS K 4 23.05 -55.15 56.21
CA LYS K 4 22.75 -54.18 55.13
C LYS K 4 24.05 -53.66 54.50
N ILE K 5 24.12 -53.65 53.17
CA ILE K 5 25.16 -52.94 52.37
C ILE K 5 24.47 -51.90 51.48
N CYS K 6 24.85 -50.63 51.63
CA CYS K 6 24.29 -49.47 50.88
C CYS K 6 25.32 -48.98 49.85
N LEU K 7 24.88 -48.69 48.63
CA LEU K 7 25.77 -48.09 47.59
C LEU K 7 25.42 -46.60 47.44
N GLY K 8 26.45 -45.79 47.20
CA GLY K 8 26.30 -44.32 47.11
C GLY K 8 27.42 -43.69 46.30
N HIS K 9 27.32 -42.38 46.13
CA HIS K 9 28.28 -41.51 45.40
C HIS K 9 28.62 -40.31 46.28
N HIS K 10 29.77 -39.68 46.02
CA HIS K 10 30.24 -38.50 46.79
C HIS K 10 29.32 -37.30 46.50
N ALA K 11 29.44 -36.27 47.32
CA ALA K 11 28.87 -34.92 47.10
C ALA K 11 29.86 -33.90 47.67
N VAL K 12 29.58 -32.62 47.49
CA VAL K 12 30.38 -31.51 48.07
C VAL K 12 29.42 -30.44 48.57
N ALA K 13 29.85 -29.63 49.54
CA ALA K 13 29.04 -28.54 50.14
C ALA K 13 28.81 -27.46 49.08
N ASN K 14 29.89 -26.97 48.47
CA ASN K 14 29.88 -25.87 47.46
C ASN K 14 30.04 -26.48 46.06
N GLY K 15 28.92 -26.74 45.37
CA GLY K 15 28.90 -27.22 43.97
C GLY K 15 28.97 -26.05 42.98
N THR K 16 29.10 -26.35 41.68
CA THR K 16 29.22 -25.36 40.58
C THR K 16 28.08 -25.54 39.58
N ILE K 17 27.53 -24.44 39.06
CA ILE K 17 26.43 -24.43 38.05
C ILE K 17 27.04 -24.52 36.65
N VAL K 18 26.53 -25.45 35.82
CA VAL K 18 26.89 -25.58 34.38
C VAL K 18 25.59 -25.65 33.57
N LYS K 19 25.68 -25.45 32.24
CA LYS K 19 24.55 -25.61 31.29
C LYS K 19 24.66 -26.98 30.61
N THR K 20 23.53 -27.67 30.45
CA THR K 20 23.38 -28.92 29.65
C THR K 20 22.45 -28.63 28.47
N LEU K 21 22.11 -29.66 27.69
CA LEU K 21 21.16 -29.55 26.54
C LEU K 21 19.78 -29.14 27.07
N THR K 22 19.40 -29.64 28.25
CA THR K 22 18.01 -29.59 28.79
C THR K 22 17.89 -28.60 29.97
N ASN K 23 19.00 -28.27 30.65
CA ASN K 23 18.96 -27.57 31.95
C ASN K 23 20.01 -26.45 31.96
N GLU K 24 19.57 -25.22 32.23
CA GLU K 24 20.41 -23.99 32.20
C GLU K 24 21.13 -23.84 33.55
N GLN K 25 20.57 -24.40 34.64
CA GLN K 25 21.11 -24.30 36.02
C GLN K 25 21.29 -25.71 36.60
N GLU K 26 22.27 -26.46 36.11
CA GLU K 26 22.57 -27.84 36.57
C GLU K 26 23.78 -27.81 37.51
N GLU K 27 23.60 -28.23 38.76
CA GLU K 27 24.66 -28.22 39.81
C GLU K 27 25.47 -29.51 39.71
N VAL K 28 26.78 -29.41 39.52
CA VAL K 28 27.73 -30.56 39.48
C VAL K 28 28.80 -30.38 40.56
N THR K 29 29.59 -31.42 40.84
CA THR K 29 30.59 -31.44 41.93
C THR K 29 31.78 -30.54 41.58
N ASN K 30 32.16 -30.47 40.31
CA ASN K 30 33.34 -29.70 39.82
C ASN K 30 33.12 -29.32 38.35
N ALA K 31 33.71 -28.22 37.91
CA ALA K 31 33.72 -27.72 36.52
C ALA K 31 34.98 -26.90 36.26
N THR K 32 35.35 -26.71 34.99
CA THR K 32 36.53 -25.89 34.58
C THR K 32 36.13 -24.97 33.43
N GLU K 33 36.78 -23.80 33.33
CA GLU K 33 36.51 -22.76 32.31
C GLU K 33 37.08 -23.20 30.96
N THR K 34 36.40 -22.87 29.86
CA THR K 34 36.83 -23.13 28.46
C THR K 34 37.13 -21.82 27.71
N VAL K 35 36.69 -20.67 28.25
CA VAL K 35 36.89 -19.33 27.62
C VAL K 35 37.89 -18.52 28.45
N GLU K 36 38.98 -18.08 27.83
CA GLU K 36 40.03 -17.25 28.49
C GLU K 36 39.60 -15.79 28.46
N SER K 37 39.63 -15.13 29.63
CA SER K 37 39.32 -13.68 29.83
C SER K 37 40.58 -12.88 30.20
N THR K 38 41.65 -13.56 30.62
CA THR K 38 42.93 -12.97 31.09
C THR K 38 43.91 -12.86 29.92
N SER K 39 44.51 -11.68 29.74
CA SER K 39 45.64 -11.42 28.81
C SER K 39 46.87 -10.96 29.60
N LEU K 40 48.06 -11.19 29.03
CA LEU K 40 49.36 -10.59 29.49
C LEU K 40 49.61 -9.33 28.65
N ASN K 41 49.68 -8.15 29.28
CA ASN K 41 49.95 -6.86 28.59
C ASN K 41 51.45 -6.74 28.27
N ARG K 42 52.01 -7.76 27.60
CA ARG K 42 53.41 -7.83 27.14
C ARG K 42 53.52 -8.76 25.92
N LEU K 43 54.54 -8.56 25.08
CA LEU K 43 54.83 -9.41 23.89
C LEU K 43 55.88 -10.45 24.30
N CYS K 44 55.44 -11.69 24.50
CA CYS K 44 56.27 -12.82 24.98
C CYS K 44 57.13 -13.38 23.84
N MET K 45 58.42 -13.02 23.83
CA MET K 45 59.34 -13.20 22.67
C MET K 45 60.45 -14.22 23.01
N LYS K 46 60.30 -15.02 24.06
CA LYS K 46 61.27 -16.09 24.39
C LYS K 46 61.27 -17.09 23.22
N GLY K 47 62.44 -17.51 22.76
CA GLY K 47 62.60 -18.49 21.67
C GLY K 47 62.40 -17.89 20.29
N ARG K 48 62.24 -16.56 20.19
CA ARG K 48 61.98 -15.83 18.93
C ARG K 48 63.13 -14.86 18.61
N ASN K 49 63.72 -14.98 17.42
CA ASN K 49 64.64 -13.97 16.82
C ASN K 49 63.78 -12.80 16.33
N HIS K 50 63.37 -11.93 17.25
CA HIS K 50 62.38 -10.84 17.02
C HIS K 50 63.11 -9.54 16.65
N LYS K 51 62.36 -8.57 16.10
CA LYS K 51 62.81 -7.22 15.73
C LYS K 51 61.71 -6.22 16.08
N ASP K 52 61.94 -5.37 17.08
CA ASP K 52 61.05 -4.24 17.44
C ASP K 52 61.45 -3.02 16.61
N LEU K 53 60.60 -2.62 15.66
CA LEU K 53 60.84 -1.47 14.77
C LEU K 53 60.72 -0.14 15.53
N GLY K 54 60.13 -0.14 16.72
CA GLY K 54 59.86 1.08 17.49
C GLY K 54 59.28 2.18 16.60
N ASN K 55 60.06 3.24 16.39
CA ASN K 55 59.66 4.50 15.72
C ASN K 55 59.56 4.28 14.19
N CYS K 56 60.12 3.18 13.68
CA CYS K 56 60.28 2.89 12.22
C CYS K 56 59.06 2.13 11.69
N HIS K 57 58.43 2.63 10.62
CA HIS K 57 57.32 1.98 9.88
C HIS K 57 57.91 1.03 8.83
N PRO K 58 57.36 -0.20 8.67
CA PRO K 58 57.98 -1.19 7.79
C PRO K 58 58.37 -0.69 6.39
N ILE K 59 57.52 0.13 5.76
CA ILE K 59 57.78 0.72 4.42
C ILE K 59 59.06 1.55 4.48
N GLY K 60 59.27 2.28 5.58
CA GLY K 60 60.47 3.10 5.84
C GLY K 60 61.77 2.32 5.71
N MET K 61 61.75 1.01 5.95
CA MET K 61 62.96 0.13 5.91
C MET K 61 63.41 -0.05 4.47
N LEU K 62 62.49 0.06 3.50
CA LEU K 62 62.75 -0.21 2.06
C LEU K 62 63.31 1.04 1.37
N ILE K 63 62.88 2.23 1.80
CA ILE K 63 63.26 3.54 1.18
C ILE K 63 64.33 4.23 2.03
N GLY K 64 64.43 3.87 3.32
CA GLY K 64 65.53 4.31 4.21
C GLY K 64 65.29 5.69 4.78
N THR K 65 64.13 5.88 5.43
CA THR K 65 63.82 7.06 6.29
C THR K 65 64.82 7.09 7.44
N PRO K 66 65.28 8.28 7.90
CA PRO K 66 66.21 8.37 9.02
C PRO K 66 65.86 7.44 10.19
N ALA K 67 64.62 7.54 10.68
CA ALA K 67 64.07 6.76 11.81
C ALA K 67 64.36 5.26 11.65
N CYS K 68 64.51 4.77 10.42
CA CYS K 68 64.64 3.32 10.10
C CYS K 68 66.10 2.91 9.90
N ASP K 69 67.06 3.81 10.13
CA ASP K 69 68.51 3.62 9.78
C ASP K 69 69.05 2.32 10.39
N LEU K 70 68.54 1.91 11.56
CA LEU K 70 68.98 0.69 12.30
C LEU K 70 68.21 -0.54 11.82
N HIS K 71 67.34 -0.41 10.80
CA HIS K 71 66.40 -1.45 10.33
C HIS K 71 66.39 -1.58 8.80
N LEU K 72 67.49 -1.23 8.11
CA LEU K 72 67.57 -1.25 6.61
C LEU K 72 67.83 -2.69 6.13
N THR K 73 68.44 -3.53 6.97
CA THR K 73 68.70 -4.97 6.68
C THR K 73 68.50 -5.77 7.97
N GLY K 74 68.56 -7.10 7.89
CA GLY K 74 68.47 -8.01 9.05
C GLY K 74 67.70 -9.28 8.73
N THR K 75 67.66 -10.22 9.68
CA THR K 75 66.80 -11.43 9.64
C THR K 75 66.02 -11.52 10.95
N TRP K 76 64.78 -12.00 10.89
CA TRP K 76 63.87 -12.18 12.04
C TRP K 76 62.88 -13.31 11.75
N ASP K 77 62.18 -13.80 12.77
CA ASP K 77 61.01 -14.71 12.64
C ASP K 77 59.76 -13.97 13.17
N THR K 78 59.94 -12.78 13.72
CA THR K 78 58.87 -11.93 14.31
C THR K 78 59.20 -10.46 14.13
N LEU K 79 58.28 -9.66 13.59
CA LEU K 79 58.46 -8.21 13.32
C LEU K 79 57.34 -7.45 14.02
N ILE K 80 57.69 -6.45 14.82
CA ILE K 80 56.71 -5.70 15.68
C ILE K 80 56.65 -4.24 15.20
N GLU K 81 55.52 -3.86 14.60
CA GLU K 81 55.20 -2.47 14.18
C GLU K 81 54.54 -1.76 15.37
N ARG K 82 54.75 -0.46 15.51
CA ARG K 82 54.24 0.36 16.64
C ARG K 82 53.34 1.47 16.10
N LYS K 83 52.61 2.14 17.00
CA LYS K 83 51.64 3.21 16.66
C LYS K 83 52.41 4.47 16.26
N ASN K 84 51.93 5.17 15.22
CA ASN K 84 52.45 6.48 14.76
C ASN K 84 53.89 6.35 14.25
N ALA K 85 54.31 5.13 13.88
CA ALA K 85 55.65 4.85 13.31
C ALA K 85 55.83 5.65 12.02
N ILE K 86 57.05 6.13 11.76
CA ILE K 86 57.39 7.08 10.66
C ILE K 86 57.87 6.29 9.44
N ALA K 87 57.23 6.51 8.29
CA ALA K 87 57.58 5.91 6.98
C ALA K 87 58.16 6.99 6.05
N TYR K 88 57.66 8.22 6.13
CA TYR K 88 57.94 9.32 5.18
C TYR K 88 58.43 10.55 5.97
N CYS K 89 59.70 10.93 5.77
CA CYS K 89 60.27 12.21 6.28
C CYS K 89 59.74 13.36 5.41
N TYR K 90 59.90 13.25 4.09
CA TYR K 90 59.33 14.20 3.09
C TYR K 90 57.90 13.77 2.79
N PRO K 91 56.92 14.71 2.80
CA PRO K 91 55.51 14.36 2.66
C PRO K 91 55.21 13.54 1.39
N GLY K 92 54.32 12.55 1.51
CA GLY K 92 53.89 11.68 0.40
C GLY K 92 53.23 10.41 0.88
N ALA K 93 52.86 9.52 -0.04
CA ALA K 93 52.22 8.22 0.23
C ALA K 93 52.78 7.17 -0.75
N THR K 94 52.38 5.90 -0.56
CA THR K 94 52.77 4.76 -1.42
C THR K 94 51.50 4.15 -2.01
N VAL K 95 51.41 4.07 -3.35
CA VAL K 95 50.28 3.37 -4.03
C VAL K 95 50.37 1.89 -3.61
N ASN K 96 49.25 1.31 -3.20
CA ASN K 96 49.17 -0.08 -2.66
C ASN K 96 49.93 -0.14 -1.33
N GLU K 97 49.88 0.93 -0.53
CA GLU K 97 50.59 1.05 0.78
C GLU K 97 50.38 -0.24 1.59
N GLU K 98 49.12 -0.66 1.77
CA GLU K 98 48.73 -1.71 2.73
C GLU K 98 49.18 -3.10 2.24
N ALA K 99 49.16 -3.33 0.92
CA ALA K 99 49.68 -4.57 0.29
C ALA K 99 51.18 -4.69 0.57
N LEU K 100 51.93 -3.59 0.44
CA LEU K 100 53.40 -3.54 0.66
C LEU K 100 53.72 -3.76 2.14
N ARG K 101 53.07 -3.01 3.03
CA ARG K 101 53.21 -3.17 4.51
C ARG K 101 52.99 -4.64 4.87
N GLN K 102 51.88 -5.21 4.41
CA GLN K 102 51.49 -6.62 4.72
C GLN K 102 52.58 -7.58 4.23
N LYS K 103 53.16 -7.31 3.06
CA LYS K 103 54.19 -8.16 2.40
C LYS K 103 55.47 -8.17 3.24
N ILE K 104 55.86 -7.01 3.78
CA ILE K 104 57.06 -6.85 4.65
C ILE K 104 56.83 -7.60 5.97
N MET K 105 55.62 -7.50 6.52
CA MET K 105 55.27 -8.06 7.86
C MET K 105 55.08 -9.58 7.80
N GLU K 106 55.06 -10.19 6.60
CA GLU K 106 55.07 -11.67 6.42
C GLU K 106 56.51 -12.17 6.25
N SER K 107 57.45 -11.26 5.96
CA SER K 107 58.86 -11.58 5.62
C SER K 107 59.61 -12.05 6.88
N GLY K 108 60.73 -12.74 6.68
CA GLY K 108 61.66 -13.16 7.75
C GLY K 108 63.00 -12.46 7.63
N GLY K 109 63.04 -11.27 7.04
CA GLY K 109 64.27 -10.46 6.88
C GLY K 109 64.31 -9.67 5.58
N ILE K 110 65.26 -8.73 5.48
CA ILE K 110 65.52 -7.86 4.29
C ILE K 110 67.02 -7.86 3.99
N SER K 111 67.38 -8.17 2.73
CA SER K 111 68.70 -7.93 2.10
C SER K 111 68.60 -6.70 1.20
N LYS K 112 69.67 -5.93 1.05
CA LYS K 112 69.75 -4.78 0.11
C LYS K 112 70.76 -5.10 -0.99
N ILE K 113 70.46 -4.65 -2.21
CA ILE K 113 71.31 -4.86 -3.44
C ILE K 113 71.46 -3.52 -4.15
N ASN K 114 72.70 -3.12 -4.46
CA ASN K 114 73.01 -1.87 -5.21
C ASN K 114 72.42 -1.98 -6.62
N THR K 115 71.77 -0.91 -7.10
CA THR K 115 71.18 -0.83 -8.46
C THR K 115 72.30 -0.47 -9.46
N GLY K 116 73.30 0.30 -9.00
CA GLY K 116 74.49 0.68 -9.79
C GLY K 116 74.26 1.94 -10.61
N PHE K 117 73.04 2.44 -10.66
CA PHE K 117 72.57 3.57 -11.51
C PHE K 117 73.55 4.74 -11.46
N THR K 118 73.97 5.22 -12.63
CA THR K 118 74.86 6.39 -12.81
C THR K 118 74.18 7.42 -13.72
N TYR K 119 74.52 8.70 -13.53
CA TYR K 119 73.87 9.86 -14.19
C TYR K 119 74.94 10.81 -14.74
N GLY K 120 74.64 11.49 -15.85
CA GLY K 120 75.55 12.43 -16.53
C GLY K 120 75.95 13.60 -15.63
N SER K 121 76.86 14.46 -16.10
CA SER K 121 77.38 15.64 -15.38
C SER K 121 76.27 16.70 -15.17
N SER K 122 75.27 16.70 -16.04
CA SER K 122 74.13 17.67 -16.07
C SER K 122 73.06 17.31 -15.04
N ILE K 123 73.22 16.22 -14.28
CA ILE K 123 72.28 15.75 -13.22
C ILE K 123 72.98 15.82 -11.85
N ASN K 124 72.29 16.36 -10.85
CA ASN K 124 72.71 16.41 -9.43
C ASN K 124 72.01 15.27 -8.68
N SER K 125 72.76 14.24 -8.29
CA SER K 125 72.26 12.99 -7.65
C SER K 125 71.89 13.26 -6.19
N ALA K 126 72.70 14.08 -5.49
CA ALA K 126 72.68 14.22 -4.01
C ALA K 126 71.80 15.41 -3.60
N GLY K 127 70.59 15.53 -4.15
CA GLY K 127 69.56 16.49 -3.70
C GLY K 127 69.08 16.16 -2.29
N THR K 128 68.98 17.17 -1.43
CA THR K 128 68.72 17.04 0.03
C THR K 128 67.53 17.94 0.42
N THR K 129 66.95 17.69 1.60
CA THR K 129 65.76 18.42 2.14
C THR K 129 65.89 18.59 3.66
N LYS K 130 65.26 19.64 4.21
CA LYS K 130 65.30 19.98 5.66
C LYS K 130 64.44 18.98 6.45
N ALA K 131 63.50 18.30 5.79
CA ALA K 131 62.53 17.35 6.40
C ALA K 131 63.25 16.07 6.85
N CYS K 132 64.18 15.56 6.03
CA CYS K 132 64.90 14.27 6.24
C CYS K 132 66.26 14.55 6.87
N MET K 133 66.27 14.88 8.17
CA MET K 133 67.51 15.26 8.90
C MET K 133 68.23 13.99 9.36
N ARG K 134 69.56 14.04 9.34
CA ARG K 134 70.46 12.88 9.61
C ARG K 134 71.86 13.43 9.93
N ASN K 135 72.43 13.05 11.07
CA ASN K 135 73.74 13.56 11.59
C ASN K 135 73.61 15.06 11.91
N GLY K 136 72.39 15.54 12.17
CA GLY K 136 72.09 16.96 12.48
C GLY K 136 72.11 17.86 11.24
N GLY K 137 72.30 17.30 10.04
CA GLY K 137 72.37 18.03 8.77
C GLY K 137 71.36 17.51 7.76
N ASN K 138 70.95 18.35 6.81
CA ASN K 138 69.96 18.01 5.75
C ASN K 138 70.41 16.74 5.02
N SER K 139 69.46 15.88 4.65
CA SER K 139 69.70 14.56 4.00
C SER K 139 68.47 14.14 3.19
N PHE K 140 68.37 12.86 2.87
CA PHE K 140 67.27 12.27 2.05
C PHE K 140 67.17 10.78 2.33
N TYR K 141 66.12 10.14 1.82
CA TYR K 141 65.92 8.67 1.86
C TYR K 141 67.23 7.99 1.44
N ALA K 142 67.74 7.07 2.27
CA ALA K 142 69.08 6.44 2.11
C ALA K 142 69.13 5.56 0.87
N GLU K 143 67.99 5.00 0.45
CA GLU K 143 67.90 3.94 -0.59
C GLU K 143 67.44 4.56 -1.92
N LEU K 144 67.25 5.89 -1.97
CA LEU K 144 66.80 6.63 -3.18
C LEU K 144 67.69 7.87 -3.37
N LYS K 145 67.72 8.40 -4.59
CA LYS K 145 68.44 9.65 -4.96
C LYS K 145 67.44 10.62 -5.60
N TRP K 146 67.44 11.87 -5.14
CA TRP K 146 66.62 12.97 -5.71
C TRP K 146 67.37 13.58 -6.90
N LEU K 147 66.98 13.19 -8.11
CA LEU K 147 67.62 13.61 -9.39
C LEU K 147 67.06 14.97 -9.82
N VAL K 148 67.93 15.98 -9.85
CA VAL K 148 67.64 17.40 -10.25
C VAL K 148 68.72 17.85 -11.23
N SER K 149 68.41 18.84 -12.07
CA SER K 149 69.39 19.54 -12.96
C SER K 149 70.41 20.27 -12.10
N LYS K 150 71.69 20.31 -12.51
CA LYS K 150 72.78 20.96 -11.74
C LYS K 150 72.75 22.47 -12.00
N ASN K 151 72.40 22.87 -13.22
CA ASN K 151 72.15 24.28 -13.63
C ASN K 151 70.65 24.56 -13.52
N LYS K 152 70.25 25.39 -12.55
CA LYS K 152 68.84 25.73 -12.24
C LYS K 152 68.16 26.29 -13.50
N GLY K 153 66.94 25.81 -13.79
CA GLY K 153 66.14 26.22 -14.96
C GLY K 153 66.35 25.30 -16.16
N GLN K 154 67.56 24.76 -16.33
CA GLN K 154 67.96 23.91 -17.49
C GLN K 154 67.04 22.69 -17.57
N ASN K 155 66.62 22.31 -18.78
CA ASN K 155 65.85 21.07 -19.06
C ASN K 155 66.67 19.85 -18.60
N PHE K 156 66.00 18.85 -18.02
CA PHE K 156 66.61 17.65 -17.41
C PHE K 156 66.96 16.65 -18.53
N PRO K 157 68.22 16.14 -18.58
CA PRO K 157 68.62 15.19 -19.61
C PRO K 157 67.72 13.95 -19.66
N GLN K 158 67.15 13.66 -20.83
CA GLN K 158 66.45 12.38 -21.11
C GLN K 158 67.44 11.24 -20.82
N THR K 159 67.29 10.56 -19.68
CA THR K 159 68.19 9.49 -19.18
C THR K 159 67.44 8.16 -19.17
N THR K 160 68.19 7.05 -19.24
CA THR K 160 67.69 5.66 -19.19
C THR K 160 68.56 4.85 -18.24
N ASN K 161 67.95 4.28 -17.19
CA ASN K 161 68.62 3.43 -16.17
C ASN K 161 67.88 2.08 -16.11
N THR K 162 68.62 0.97 -16.07
CA THR K 162 68.09 -0.40 -16.12
C THR K 162 68.76 -1.24 -15.02
N TYR K 163 67.95 -1.82 -14.12
CA TYR K 163 68.39 -2.80 -13.11
C TYR K 163 68.08 -4.21 -13.63
N ARG K 164 69.08 -5.10 -13.59
CA ARG K 164 68.92 -6.54 -13.87
C ARG K 164 68.98 -7.30 -12.54
N ASN K 165 68.08 -8.26 -12.33
CA ASN K 165 68.06 -9.15 -11.16
C ASN K 165 68.99 -10.33 -11.44
N ALA K 166 70.22 -10.30 -10.90
CA ALA K 166 71.27 -11.33 -11.06
C ALA K 166 71.02 -12.49 -10.08
N ASP K 167 70.15 -12.29 -9.09
CA ASP K 167 69.88 -13.22 -7.96
C ASP K 167 69.00 -14.38 -8.44
N THR K 168 68.79 -15.37 -7.58
CA THR K 168 67.97 -16.59 -7.82
C THR K 168 66.55 -16.40 -7.27
N ALA K 169 66.31 -15.34 -6.49
CA ALA K 169 65.01 -14.99 -5.86
C ALA K 169 64.57 -13.59 -6.31
N GLU K 170 63.26 -13.33 -6.28
CA GLU K 170 62.64 -12.05 -6.74
C GLU K 170 63.10 -10.90 -5.83
N HIS K 171 63.22 -9.70 -6.39
CA HIS K 171 63.63 -8.46 -5.69
C HIS K 171 62.49 -7.44 -5.73
N LEU K 172 62.39 -6.62 -4.68
CA LEU K 172 61.35 -5.57 -4.52
C LEU K 172 62.00 -4.22 -4.80
N ILE K 173 61.78 -3.67 -5.99
CA ILE K 173 62.30 -2.33 -6.40
C ILE K 173 61.23 -1.28 -6.08
N MET K 174 61.64 -0.15 -5.49
CA MET K 174 60.78 1.00 -5.15
C MET K 174 61.39 2.26 -5.77
N TRP K 175 60.54 3.15 -6.30
CA TRP K 175 60.94 4.49 -6.78
C TRP K 175 59.88 5.50 -6.37
N GLY K 176 60.21 6.78 -6.47
CA GLY K 176 59.31 7.91 -6.16
C GLY K 176 59.15 8.82 -7.36
N ILE K 177 58.01 9.49 -7.45
CA ILE K 177 57.70 10.58 -8.42
C ILE K 177 57.47 11.85 -7.59
N HIS K 178 58.27 12.87 -7.81
CA HIS K 178 58.13 14.18 -7.09
C HIS K 178 57.12 15.05 -7.85
N HIS K 179 56.00 15.34 -7.18
CA HIS K 179 54.93 16.26 -7.62
C HIS K 179 55.14 17.62 -6.95
N PRO K 180 55.80 18.59 -7.62
CA PRO K 180 56.11 19.88 -6.99
C PRO K 180 54.86 20.76 -6.75
N SER K 181 55.00 21.74 -5.87
CA SER K 181 53.94 22.67 -5.41
C SER K 181 53.46 23.56 -6.57
N SER K 182 54.38 24.23 -7.27
CA SER K 182 54.11 25.31 -8.25
C SER K 182 54.83 25.07 -9.57
N THR K 183 54.34 25.67 -10.66
CA THR K 183 54.97 25.67 -12.02
C THR K 183 56.35 26.34 -11.96
N GLN K 184 56.55 27.26 -11.00
CA GLN K 184 57.85 27.94 -10.76
C GLN K 184 58.88 26.91 -10.30
N GLU K 185 58.55 26.10 -9.29
CA GLU K 185 59.46 25.09 -8.67
C GLU K 185 59.83 24.02 -9.72
N LYS K 186 58.85 23.55 -10.50
CA LYS K 186 58.99 22.47 -11.52
C LYS K 186 60.03 22.88 -12.57
N ASN K 187 59.80 24.04 -13.23
CA ASN K 187 60.69 24.61 -14.28
C ASN K 187 62.09 24.84 -13.68
N ASP K 188 62.16 25.15 -12.40
CA ASP K 188 63.40 25.50 -11.66
C ASP K 188 64.31 24.27 -11.54
N LEU K 189 63.72 23.07 -11.39
CA LEU K 189 64.43 21.80 -11.02
C LEU K 189 64.58 20.88 -12.23
N TYR K 190 63.59 20.83 -13.13
CA TYR K 190 63.49 19.86 -14.26
C TYR K 190 63.39 20.57 -15.62
N GLY K 191 63.04 21.87 -15.65
CA GLY K 191 62.96 22.68 -16.88
C GLY K 191 61.53 22.80 -17.41
N THR K 192 61.36 23.65 -18.43
CA THR K 192 60.03 24.07 -18.99
C THR K 192 59.34 22.90 -19.68
N GLN K 193 60.10 21.94 -20.24
CA GLN K 193 59.60 20.83 -21.09
C GLN K 193 58.54 20.02 -20.35
N SER K 194 57.57 19.47 -21.09
CA SER K 194 56.60 18.46 -20.60
C SER K 194 57.38 17.25 -20.08
N LEU K 195 57.02 16.75 -18.89
CA LEU K 195 57.74 15.67 -18.17
C LEU K 195 57.00 14.34 -18.31
N SER K 196 57.74 13.26 -18.58
CA SER K 196 57.23 11.86 -18.66
C SER K 196 58.23 10.93 -17.99
N ILE K 197 57.74 9.93 -17.25
CA ILE K 197 58.56 8.90 -16.55
C ILE K 197 57.96 7.53 -16.85
N SER K 198 58.64 6.74 -17.69
CA SER K 198 58.23 5.36 -18.08
C SER K 198 59.04 4.34 -17.28
N VAL K 199 58.37 3.33 -16.75
CA VAL K 199 58.97 2.16 -16.04
C VAL K 199 58.44 0.89 -16.71
N GLY K 200 59.34 0.00 -17.13
CA GLY K 200 58.98 -1.23 -17.87
C GLY K 200 59.87 -2.40 -17.50
N SER K 201 59.26 -3.56 -17.25
CA SER K 201 59.91 -4.88 -17.07
C SER K 201 59.28 -5.86 -18.06
N SER K 202 59.52 -7.18 -17.89
CA SER K 202 58.83 -8.25 -18.66
C SER K 202 57.34 -8.28 -18.27
N THR K 203 57.05 -8.14 -16.98
CA THR K 203 55.72 -8.35 -16.36
C THR K 203 55.04 -7.00 -16.13
N TYR K 204 55.73 -6.05 -15.49
CA TYR K 204 55.21 -4.72 -15.07
C TYR K 204 55.49 -3.69 -16.17
N LYS K 205 54.60 -2.71 -16.29
CA LYS K 205 54.72 -1.55 -17.21
C LYS K 205 53.76 -0.45 -16.73
N ASN K 206 54.19 0.81 -16.75
CA ASN K 206 53.43 1.97 -16.21
C ASN K 206 54.10 3.29 -16.59
N ASN K 207 53.31 4.35 -16.74
CA ASN K 207 53.76 5.72 -17.06
C ASN K 207 53.31 6.67 -15.94
N PHE K 208 54.12 7.69 -15.63
CA PHE K 208 53.91 8.65 -14.52
C PHE K 208 54.22 10.07 -14.99
N VAL K 209 53.31 11.01 -14.73
CA VAL K 209 53.43 12.46 -15.08
C VAL K 209 53.39 13.26 -13.79
N PRO K 210 54.48 13.97 -13.41
CA PRO K 210 54.49 14.81 -12.22
C PRO K 210 53.46 15.94 -12.36
N VAL K 211 52.33 15.82 -11.65
CA VAL K 211 51.26 16.87 -11.58
C VAL K 211 51.74 18.00 -10.66
N VAL K 212 51.45 19.25 -11.04
CA VAL K 212 51.82 20.49 -10.29
C VAL K 212 50.54 21.23 -9.90
N GLY K 213 50.40 21.60 -8.62
CA GLY K 213 49.20 22.29 -8.11
C GLY K 213 49.33 22.68 -6.65
N ALA K 214 48.72 23.81 -6.27
CA ALA K 214 48.74 24.36 -4.89
C ALA K 214 48.10 23.35 -3.93
N ARG K 215 48.70 23.17 -2.76
CA ARG K 215 48.23 22.24 -1.70
C ARG K 215 48.84 22.62 -0.36
N PRO K 216 48.19 22.26 0.77
CA PRO K 216 48.69 22.61 2.11
C PRO K 216 50.11 22.09 2.40
N GLN K 217 50.81 22.74 3.32
CA GLN K 217 52.17 22.38 3.78
C GLN K 217 52.08 21.28 4.85
N VAL K 218 52.80 20.17 4.63
CA VAL K 218 53.02 19.07 5.63
C VAL K 218 54.50 19.10 6.01
N ASN K 219 54.80 19.51 7.25
CA ASN K 219 56.18 19.79 7.74
C ASN K 219 56.76 20.99 6.97
N GLY K 220 55.91 21.99 6.67
CA GLY K 220 56.29 23.25 6.01
C GLY K 220 56.69 23.07 4.55
N LEU K 221 56.21 22.00 3.89
CA LEU K 221 56.52 21.65 2.48
C LEU K 221 55.23 21.29 1.74
N SER K 222 54.90 22.04 0.67
CA SER K 222 53.71 21.82 -0.19
C SER K 222 53.98 20.74 -1.26
N GLY K 223 55.25 20.38 -1.46
CA GLY K 223 55.65 19.31 -2.39
C GLY K 223 55.24 17.94 -1.88
N ARG K 224 55.06 16.97 -2.79
CA ARG K 224 54.78 15.54 -2.47
C ARG K 224 55.73 14.64 -3.25
N ILE K 225 56.23 13.57 -2.62
CA ILE K 225 56.94 12.44 -3.27
C ILE K 225 56.08 11.19 -3.06
N ASP K 226 55.33 10.78 -4.08
CA ASP K 226 54.50 9.54 -4.05
C ASP K 226 55.38 8.37 -4.51
N PHE K 227 55.37 7.26 -3.77
CA PHE K 227 56.22 6.06 -3.99
C PHE K 227 55.42 4.97 -4.71
N HIS K 228 56.07 4.24 -5.61
CA HIS K 228 55.53 3.08 -6.34
C HIS K 228 56.48 1.89 -6.13
N TRP K 229 56.03 0.67 -6.41
CA TRP K 229 56.84 -0.55 -6.22
C TRP K 229 56.34 -1.67 -7.13
N THR K 230 57.20 -2.65 -7.40
CA THR K 230 56.89 -3.89 -8.14
C THR K 230 57.96 -4.94 -7.83
N LEU K 231 57.62 -6.21 -7.99
CA LEU K 231 58.58 -7.33 -7.92
C LEU K 231 59.28 -7.46 -9.28
N VAL K 232 60.57 -7.79 -9.26
CA VAL K 232 61.40 -8.07 -10.47
C VAL K 232 61.86 -9.53 -10.36
N GLN K 233 61.38 -10.40 -11.26
CA GLN K 233 61.69 -11.85 -11.20
C GLN K 233 63.17 -12.08 -11.51
N PRO K 234 63.75 -13.24 -11.10
CA PRO K 234 65.14 -13.56 -11.42
C PRO K 234 65.46 -13.53 -12.93
N GLY K 235 66.58 -12.91 -13.30
CA GLY K 235 67.07 -12.84 -14.69
C GLY K 235 66.38 -11.79 -15.53
N ASP K 236 65.41 -11.07 -14.95
CA ASP K 236 64.56 -10.07 -15.65
C ASP K 236 65.12 -8.67 -15.39
N LYS K 237 64.83 -7.72 -16.28
CA LYS K 237 65.33 -6.32 -16.24
C LYS K 237 64.15 -5.39 -16.00
N ILE K 238 64.39 -4.25 -15.33
CA ILE K 238 63.40 -3.13 -15.22
C ILE K 238 64.13 -1.84 -15.64
N THR K 239 63.52 -1.06 -16.53
CA THR K 239 64.12 0.13 -17.19
C THR K 239 63.34 1.39 -16.83
N PHE K 240 64.05 2.45 -16.45
CA PHE K 240 63.49 3.77 -16.05
C PHE K 240 63.83 4.80 -17.13
N SER K 241 62.89 5.09 -18.03
CA SER K 241 62.93 6.23 -18.98
C SER K 241 62.34 7.46 -18.32
N HIS K 242 63.12 8.52 -18.13
CA HIS K 242 62.69 9.77 -17.43
C HIS K 242 63.44 11.00 -17.97
N ASN K 243 62.72 12.12 -18.10
CA ASN K 243 63.26 13.45 -18.48
C ASN K 243 63.08 14.41 -17.30
N GLY K 244 63.14 13.90 -16.05
CA GLY K 244 63.08 14.69 -14.81
C GLY K 244 61.83 14.41 -14.00
N GLY K 245 61.94 14.43 -12.67
CA GLY K 245 60.83 14.22 -11.73
C GLY K 245 60.87 12.83 -11.10
N LEU K 246 61.83 11.99 -11.49
CA LEU K 246 62.03 10.62 -10.92
C LEU K 246 62.89 10.74 -9.66
N ILE K 247 62.46 10.05 -8.59
CA ILE K 247 63.27 9.72 -7.38
C ILE K 247 63.72 8.26 -7.53
N ALA K 248 64.99 8.06 -7.92
CA ALA K 248 65.51 6.78 -8.43
C ALA K 248 66.12 5.97 -7.28
N PRO K 249 66.00 4.63 -7.33
CA PRO K 249 66.61 3.78 -6.30
C PRO K 249 68.15 3.66 -6.45
N SER K 250 68.89 3.84 -5.35
CA SER K 250 70.31 3.45 -5.21
C SER K 250 70.39 1.95 -4.92
N ARG K 251 69.42 1.43 -4.16
CA ARG K 251 69.33 -0.01 -3.79
C ARG K 251 67.90 -0.53 -3.99
N VAL K 252 67.78 -1.80 -4.35
CA VAL K 252 66.51 -2.59 -4.30
C VAL K 252 66.55 -3.45 -3.05
N SER K 253 65.41 -4.02 -2.66
CA SER K 253 65.23 -4.85 -1.45
C SER K 253 64.94 -6.29 -1.87
N LYS K 254 65.24 -7.25 -1.00
CA LYS K 254 64.88 -8.68 -1.14
C LYS K 254 64.31 -9.16 0.20
N LEU K 255 63.03 -9.56 0.21
CA LEU K 255 62.36 -10.17 1.39
C LEU K 255 62.80 -11.63 1.47
N ILE K 256 63.29 -12.06 2.63
CA ILE K 256 63.85 -13.43 2.85
C ILE K 256 62.91 -14.19 3.79
N GLY K 257 62.55 -15.43 3.41
CA GLY K 257 61.82 -16.39 4.26
C GLY K 257 60.51 -15.83 4.78
N ARG K 258 60.07 -16.33 5.94
CA ARG K 258 58.73 -16.06 6.53
C ARG K 258 58.90 -15.59 7.98
N GLY K 259 57.95 -14.78 8.45
CA GLY K 259 57.90 -14.26 9.83
C GLY K 259 56.50 -13.80 10.23
N LEU K 260 56.25 -13.77 11.53
CA LEU K 260 54.95 -13.34 12.12
C LEU K 260 54.98 -11.84 12.37
N GLY K 261 54.14 -11.08 11.68
CA GLY K 261 53.96 -9.63 11.88
C GLY K 261 52.99 -9.35 13.01
N ILE K 262 53.39 -8.53 13.98
CA ILE K 262 52.55 -8.12 15.16
C ILE K 262 52.45 -6.60 15.18
N GLN K 263 51.23 -6.06 15.24
CA GLN K 263 50.95 -4.63 15.54
C GLN K 263 50.47 -4.56 16.99
N SER K 264 51.23 -3.89 17.87
CA SER K 264 50.96 -3.82 19.33
C SER K 264 51.66 -2.61 19.96
N GLU K 265 51.10 -2.09 21.06
CA GLU K 265 51.71 -1.00 21.86
C GLU K 265 52.42 -1.58 23.08
N ALA K 266 52.29 -2.89 23.32
CA ALA K 266 52.73 -3.57 24.58
C ALA K 266 54.24 -3.77 24.57
N PRO K 267 54.91 -3.65 25.75
CA PRO K 267 56.35 -3.88 25.85
C PRO K 267 56.76 -5.34 25.64
N ILE K 268 58.03 -5.57 25.30
CA ILE K 268 58.62 -6.92 25.03
C ILE K 268 58.98 -7.57 26.38
N ASP K 269 59.13 -8.90 26.39
CA ASP K 269 59.55 -9.72 27.56
C ASP K 269 60.14 -11.03 27.03
N ASN K 270 61.46 -11.21 27.12
CA ASN K 270 62.20 -12.36 26.55
C ASN K 270 62.27 -13.53 27.55
N SER K 271 61.54 -13.46 28.67
CA SER K 271 61.46 -14.52 29.70
C SER K 271 60.24 -15.41 29.44
N CYS K 272 59.18 -14.85 28.85
CA CYS K 272 57.86 -15.51 28.65
C CYS K 272 57.71 -15.94 27.17
N GLU K 273 57.03 -17.08 26.95
CA GLU K 273 56.81 -17.73 25.62
C GLU K 273 55.34 -17.57 25.21
N SER K 274 55.07 -17.40 23.91
CA SER K 274 53.69 -17.31 23.35
C SER K 274 53.69 -17.62 21.85
N LYS K 275 52.52 -18.05 21.33
CA LYS K 275 52.28 -18.28 19.88
C LYS K 275 51.07 -17.48 19.42
N CYS K 276 50.45 -16.68 20.31
CA CYS K 276 49.23 -15.88 20.03
C CYS K 276 49.43 -14.46 20.56
N PHE K 277 49.13 -13.46 19.73
CA PHE K 277 49.36 -12.03 20.01
C PHE K 277 48.17 -11.22 19.51
N TRP K 278 47.96 -10.05 20.13
CA TRP K 278 46.94 -9.05 19.74
C TRP K 278 47.43 -7.67 20.16
N ARG K 279 46.68 -6.62 19.81
CA ARG K 279 47.06 -5.21 20.13
C ARG K 279 47.53 -5.12 21.57
N GLY K 280 46.80 -5.78 22.49
CA GLY K 280 46.95 -5.64 23.95
C GLY K 280 48.03 -6.53 24.54
N GLY K 281 48.60 -7.48 23.78
CA GLY K 281 49.75 -8.30 24.23
C GLY K 281 49.67 -9.75 23.78
N SER K 282 50.01 -10.69 24.67
CA SER K 282 50.12 -12.14 24.40
C SER K 282 48.95 -12.91 25.03
N ILE K 283 48.69 -14.13 24.55
CA ILE K 283 47.64 -15.07 25.06
C ILE K 283 48.27 -16.47 25.15
N ASN K 284 48.57 -16.91 26.38
CA ASN K 284 49.37 -18.13 26.69
C ASN K 284 48.46 -19.30 27.05
N THR K 285 47.15 -19.07 27.09
CA THR K 285 46.14 -20.03 27.61
C THR K 285 46.16 -21.34 26.83
N ARG K 286 45.88 -22.46 27.52
CA ARG K 286 45.71 -23.80 26.93
C ARG K 286 44.24 -24.00 26.55
N LEU K 287 43.37 -23.08 26.97
CA LEU K 287 41.89 -23.13 26.74
C LEU K 287 41.59 -22.98 25.25
N PRO K 288 40.49 -23.60 24.76
CA PRO K 288 40.16 -23.59 23.34
C PRO K 288 39.55 -22.30 22.79
N PHE K 289 38.94 -21.49 23.67
CA PHE K 289 38.21 -20.25 23.31
C PHE K 289 38.77 -19.07 24.12
N GLN K 290 38.35 -17.85 23.76
CA GLN K 290 38.98 -16.58 24.19
C GLN K 290 38.00 -15.46 23.83
N ASN K 291 37.82 -14.45 24.71
CA ASN K 291 36.88 -13.31 24.48
C ASN K 291 37.61 -11.98 24.67
N LEU K 292 38.92 -11.92 24.37
CA LEU K 292 39.77 -10.72 24.53
C LEU K 292 39.68 -9.85 23.28
N SER K 293 39.88 -10.43 22.09
CA SER K 293 39.83 -9.71 20.79
C SER K 293 39.53 -10.65 19.64
N PRO K 294 38.70 -10.21 18.66
CA PRO K 294 38.57 -10.91 17.38
C PRO K 294 39.76 -10.70 16.43
N ARG K 295 40.61 -9.70 16.71
CA ARG K 295 41.86 -9.44 15.96
C ARG K 295 43.04 -10.04 16.71
N THR K 296 43.47 -11.25 16.34
CA THR K 296 44.68 -11.94 16.88
C THR K 296 45.54 -12.44 15.72
N VAL K 297 46.78 -12.81 16.00
CA VAL K 297 47.74 -13.38 15.00
C VAL K 297 48.51 -14.53 15.66
N GLY K 298 48.86 -15.55 14.87
CA GLY K 298 49.58 -16.75 15.33
C GLY K 298 48.63 -17.93 15.50
N GLN K 299 49.00 -18.90 16.34
CA GLN K 299 48.18 -20.09 16.67
C GLN K 299 47.34 -19.74 17.91
N CYS K 300 46.04 -19.48 17.72
CA CYS K 300 45.19 -18.78 18.70
C CYS K 300 43.96 -19.60 19.09
N PRO K 301 43.48 -19.47 20.34
CA PRO K 301 42.14 -19.90 20.69
C PRO K 301 41.16 -19.06 19.87
N LYS K 302 40.00 -19.65 19.54
CA LYS K 302 38.97 -19.00 18.69
C LYS K 302 38.23 -17.95 19.53
N TYR K 303 37.95 -16.80 18.94
CA TYR K 303 37.18 -15.71 19.61
C TYR K 303 35.71 -16.16 19.70
N VAL K 304 35.08 -15.96 20.86
CA VAL K 304 33.64 -16.27 21.11
C VAL K 304 32.99 -15.08 21.82
N ASN K 305 31.69 -14.85 21.56
CA ASN K 305 30.87 -13.81 22.23
C ASN K 305 30.32 -14.39 23.54
N LYS K 306 31.20 -14.74 24.48
CA LYS K 306 30.85 -15.45 25.73
C LYS K 306 31.83 -15.03 26.84
N LYS K 307 31.31 -14.57 27.98
CA LYS K 307 32.12 -14.23 29.18
C LYS K 307 32.76 -15.53 29.70
N SER K 308 31.93 -16.56 29.90
CA SER K 308 32.29 -17.85 30.55
C SER K 308 31.51 -19.02 29.93
N LEU K 309 32.15 -20.18 29.81
CA LEU K 309 31.54 -21.49 29.43
C LEU K 309 32.15 -22.58 30.31
N MET K 310 31.42 -23.01 31.34
CA MET K 310 31.92 -23.97 32.34
C MET K 310 31.63 -25.40 31.87
N LEU K 311 32.69 -26.21 31.75
CA LEU K 311 32.64 -27.64 31.33
C LEU K 311 32.66 -28.53 32.58
N ALA K 312 31.59 -29.27 32.83
CA ALA K 312 31.46 -30.19 33.99
C ALA K 312 32.61 -31.20 33.97
N THR K 313 33.27 -31.39 35.12
CA THR K 313 34.37 -32.35 35.35
C THR K 313 33.99 -33.33 36.47
N GLY K 314 32.70 -33.39 36.82
CA GLY K 314 32.18 -34.33 37.83
C GLY K 314 30.69 -34.55 37.68
N MET K 315 30.13 -35.45 38.49
CA MET K 315 28.71 -35.88 38.44
C MET K 315 27.81 -34.77 38.99
N ARG K 316 26.50 -34.92 38.82
CA ARG K 316 25.47 -34.10 39.52
C ARG K 316 25.82 -34.05 41.00
N ASN K 317 25.82 -32.86 41.59
CA ASN K 317 26.00 -32.67 43.06
C ASN K 317 24.60 -32.74 43.69
N VAL K 318 24.34 -33.78 44.49
CA VAL K 318 23.09 -33.89 45.31
C VAL K 318 23.52 -33.85 46.78
N PRO K 319 23.49 -32.66 47.42
CA PRO K 319 24.00 -32.52 48.79
C PRO K 319 23.00 -33.04 49.85
N GLU K 320 23.47 -33.17 51.09
CA GLU K 320 22.66 -33.59 52.27
C GLU K 320 22.02 -32.36 52.92
N GLY L 1 18.46 -39.24 36.59
CA GLY L 1 18.71 -38.87 35.15
C GLY L 1 18.41 -40.03 34.22
N LEU L 2 19.16 -40.18 33.12
CA LEU L 2 18.97 -41.27 32.12
C LEU L 2 18.92 -42.64 32.82
N PHE L 3 19.86 -42.90 33.75
CA PHE L 3 20.09 -44.25 34.34
C PHE L 3 19.41 -44.38 35.72
N GLY L 4 18.83 -43.28 36.23
CA GLY L 4 17.86 -43.31 37.34
C GLY L 4 18.47 -43.54 38.71
N ALA L 5 19.80 -43.50 38.85
CA ALA L 5 20.51 -43.74 40.13
C ALA L 5 20.83 -42.40 40.82
N ILE L 6 21.76 -41.62 40.26
CA ILE L 6 22.21 -40.33 40.84
C ILE L 6 21.12 -39.29 40.57
N ALA L 7 20.64 -38.62 41.63
CA ALA L 7 19.43 -37.77 41.63
C ALA L 7 18.24 -38.62 41.22
N GLY L 8 18.26 -39.90 41.60
CA GLY L 8 17.23 -40.91 41.28
C GLY L 8 16.86 -41.70 42.52
N PHE L 9 16.96 -43.03 42.45
CA PHE L 9 16.57 -43.94 43.56
C PHE L 9 17.55 -43.80 44.73
N ILE L 10 18.79 -43.38 44.46
CA ILE L 10 19.75 -42.93 45.51
C ILE L 10 19.42 -41.47 45.86
N GLU L 11 18.89 -41.23 47.08
CA GLU L 11 18.22 -39.96 47.47
C GLU L 11 19.20 -38.78 47.40
N ASN L 12 20.45 -38.97 47.83
CA ASN L 12 21.47 -37.89 47.84
C ASN L 12 22.88 -38.49 47.91
N GLY L 13 23.89 -37.64 47.74
CA GLY L 13 25.31 -38.02 47.80
C GLY L 13 25.84 -37.96 49.22
N TRP L 14 27.09 -38.41 49.42
CA TRP L 14 27.78 -38.50 50.73
C TRP L 14 28.94 -37.52 50.79
N GLU L 15 28.76 -36.38 51.47
CA GLU L 15 29.84 -35.37 51.71
C GLU L 15 30.96 -36.03 52.50
N GLY L 16 30.63 -37.04 53.32
CA GLY L 16 31.59 -37.81 54.15
C GLY L 16 32.61 -38.59 53.33
N MET L 17 32.23 -39.01 52.11
CA MET L 17 33.10 -39.87 51.25
C MET L 17 34.05 -39.00 50.43
N VAL L 18 35.33 -38.96 50.80
CA VAL L 18 36.33 -38.00 50.27
C VAL L 18 37.53 -38.75 49.67
N ASP L 19 37.45 -40.08 49.53
CA ASP L 19 38.55 -40.94 49.00
C ASP L 19 38.07 -41.66 47.72
N GLY L 20 36.98 -41.18 47.11
CA GLY L 20 36.39 -41.78 45.90
C GLY L 20 35.07 -41.14 45.52
N TRP L 21 34.57 -41.46 44.32
CA TRP L 21 33.31 -40.90 43.75
C TRP L 21 32.14 -41.82 44.11
N TYR L 22 32.37 -43.13 44.03
CA TYR L 22 31.38 -44.22 44.32
C TYR L 22 31.94 -45.08 45.45
N GLY L 23 31.06 -45.66 46.27
CA GLY L 23 31.47 -46.59 47.34
C GLY L 23 30.29 -47.13 48.14
N PHE L 24 30.59 -47.78 49.25
CA PHE L 24 29.64 -48.57 50.08
C PHE L 24 29.56 -48.01 51.51
N ARG L 25 28.38 -48.12 52.12
CA ARG L 25 28.15 -48.06 53.59
C ARG L 25 27.43 -49.35 54.01
N HIS L 26 27.92 -50.01 55.06
CA HIS L 26 27.29 -51.25 55.61
C HIS L 26 26.96 -51.05 57.08
N GLN L 27 25.96 -51.81 57.57
CA GLN L 27 25.68 -51.97 59.02
C GLN L 27 25.47 -53.47 59.29
N ASN L 28 26.25 -54.01 60.23
CA ASN L 28 26.15 -55.42 60.72
C ASN L 28 26.20 -55.38 62.25
N ALA L 29 26.24 -56.55 62.89
CA ALA L 29 26.41 -56.72 64.36
C ALA L 29 27.60 -55.90 64.83
N GLN L 30 28.75 -56.11 64.19
CA GLN L 30 30.08 -55.49 64.49
C GLN L 30 30.02 -53.97 64.50
N GLY L 31 29.14 -53.36 63.69
CA GLY L 31 28.91 -51.90 63.65
C GLY L 31 28.80 -51.37 62.23
N THR L 32 29.20 -50.10 62.02
CA THR L 32 29.09 -49.34 60.75
C THR L 32 30.46 -49.23 60.08
N GLY L 33 30.47 -49.12 58.75
CA GLY L 33 31.68 -48.92 57.92
C GLY L 33 31.37 -48.12 56.67
N GLN L 34 32.41 -47.56 56.04
CA GLN L 34 32.36 -46.85 54.73
C GLN L 34 33.67 -47.11 53.98
N ALA L 35 33.59 -47.39 52.68
CA ALA L 35 34.76 -47.65 51.80
C ALA L 35 34.44 -47.23 50.37
N ALA L 36 35.43 -46.68 49.66
CA ALA L 36 35.32 -46.23 48.25
C ALA L 36 35.59 -47.42 47.32
N ASP L 37 34.92 -47.45 46.16
CA ASP L 37 35.20 -48.40 45.05
C ASP L 37 36.17 -47.72 44.08
N TYR L 38 37.37 -48.27 43.92
CA TYR L 38 38.45 -47.72 43.07
C TYR L 38 38.03 -47.87 41.60
N LYS L 39 37.74 -49.10 41.16
CA LYS L 39 37.52 -49.48 39.74
C LYS L 39 36.52 -48.51 39.09
N SER L 40 35.37 -48.27 39.72
CA SER L 40 34.25 -47.47 39.19
C SER L 40 34.57 -45.97 39.28
N THR L 41 35.29 -45.55 40.32
CA THR L 41 35.75 -44.14 40.50
C THR L 41 36.74 -43.79 39.39
N GLN L 42 37.66 -44.68 39.07
CA GLN L 42 38.73 -44.46 38.07
C GLN L 42 38.10 -44.50 36.67
N ALA L 43 37.09 -45.33 36.46
CA ALA L 43 36.35 -45.44 35.18
C ALA L 43 35.76 -44.08 34.82
N ALA L 44 35.11 -43.41 35.78
CA ALA L 44 34.44 -42.10 35.59
C ALA L 44 35.50 -41.02 35.37
N ILE L 45 36.58 -41.02 36.17
CA ILE L 45 37.66 -39.99 36.12
C ILE L 45 38.39 -40.11 34.79
N ASP L 46 38.70 -41.33 34.35
CA ASP L 46 39.46 -41.57 33.09
C ASP L 46 38.65 -41.07 31.89
N GLN L 47 37.33 -41.23 31.89
CA GLN L 47 36.44 -40.78 30.78
C GLN L 47 36.43 -39.25 30.74
N ILE L 48 36.39 -38.59 31.90
CA ILE L 48 36.41 -37.10 32.01
C ILE L 48 37.79 -36.58 31.58
N THR L 49 38.88 -37.22 31.98
CA THR L 49 40.26 -36.90 31.54
C THR L 49 40.30 -36.91 30.01
N GLY L 50 39.74 -37.96 29.39
CA GLY L 50 39.66 -38.12 27.93
C GLY L 50 39.05 -36.90 27.26
N LYS L 51 37.93 -36.41 27.82
CA LYS L 51 37.20 -35.22 27.31
C LYS L 51 38.11 -33.99 27.37
N LEU L 52 38.77 -33.78 28.52
CA LEU L 52 39.66 -32.61 28.75
C LEU L 52 40.82 -32.65 27.74
N ASN L 53 41.37 -33.83 27.45
CA ASN L 53 42.48 -33.99 26.46
C ASN L 53 41.98 -33.57 25.07
N ARG L 54 40.72 -33.85 24.73
CA ARG L 54 40.15 -33.56 23.39
C ARG L 54 39.77 -32.08 23.29
N ILE L 55 39.29 -31.47 24.38
CA ILE L 55 38.62 -30.13 24.37
C ILE L 55 39.64 -29.02 24.68
N ILE L 56 40.52 -29.21 25.67
CA ILE L 56 41.53 -28.19 26.09
C ILE L 56 42.69 -28.24 25.10
N LYS L 57 42.49 -27.61 23.93
CA LYS L 57 43.45 -27.52 22.79
C LYS L 57 42.99 -26.41 21.83
N LYS L 58 43.94 -25.81 21.09
CA LYS L 58 43.67 -24.88 19.97
C LYS L 58 44.23 -25.49 18.67
N THR L 59 43.80 -25.01 17.51
CA THR L 59 44.35 -25.42 16.19
C THR L 59 45.80 -24.89 16.09
N ASN L 60 46.65 -25.58 15.33
CA ASN L 60 48.07 -25.19 15.10
C ASN L 60 48.17 -24.37 13.81
N THR L 61 47.03 -23.89 13.28
CA THR L 61 46.94 -23.02 12.08
C THR L 61 47.49 -21.62 12.43
N GLU L 62 48.48 -21.16 11.65
CA GLU L 62 49.12 -19.82 11.80
C GLU L 62 48.27 -18.80 11.04
N PHE L 63 47.71 -17.80 11.72
CA PHE L 63 46.91 -16.71 11.09
C PHE L 63 47.73 -15.42 11.09
N GLU L 64 47.70 -14.70 9.97
CA GLU L 64 48.29 -13.35 9.81
C GLU L 64 47.18 -12.29 9.99
N SER L 65 47.58 -11.04 10.18
CA SER L 65 46.66 -9.88 10.29
C SER L 65 46.08 -9.57 8.91
N ILE L 66 44.78 -9.26 8.84
CA ILE L 66 44.09 -8.76 7.61
C ILE L 66 43.40 -7.41 7.90
N GLU L 67 43.46 -6.96 9.16
CA GLU L 67 43.01 -5.61 9.62
C GLU L 67 44.23 -4.89 10.23
N SER L 68 44.57 -3.70 9.73
CA SER L 68 45.63 -2.85 10.32
C SER L 68 45.09 -2.19 11.61
N GLU L 69 45.87 -2.27 12.70
CA GLU L 69 45.53 -1.65 13.99
C GLU L 69 45.72 -0.13 13.91
N PHE L 70 46.70 0.34 13.13
CA PHE L 70 47.25 1.72 13.20
C PHE L 70 46.93 2.57 11.96
N SER L 71 46.28 2.01 10.93
CA SER L 71 45.93 2.74 9.68
C SER L 71 44.54 2.33 9.19
N GLU L 72 43.91 3.19 8.39
CA GLU L 72 42.60 2.97 7.74
C GLU L 72 42.76 1.94 6.61
N ILE L 73 41.76 1.07 6.45
CA ILE L 73 41.70 0.04 5.36
C ILE L 73 40.64 0.53 4.36
N ASP L 74 40.73 0.11 3.09
CA ASP L 74 39.69 0.42 2.06
C ASP L 74 38.33 0.02 2.67
N HIS L 75 37.32 0.86 2.49
CA HIS L 75 36.01 0.75 3.19
C HIS L 75 35.26 -0.51 2.71
N GLN L 76 35.35 -0.86 1.43
CA GLN L 76 34.58 -2.00 0.85
C GLN L 76 35.15 -3.32 1.37
N ILE L 77 36.47 -3.51 1.29
CA ILE L 77 37.15 -4.77 1.74
C ILE L 77 37.01 -4.88 3.27
N GLY L 78 37.06 -3.74 3.98
CA GLY L 78 36.85 -3.67 5.44
C GLY L 78 35.49 -4.23 5.83
N ASN L 79 34.44 -3.92 5.07
CA ASN L 79 33.06 -4.39 5.30
C ASN L 79 32.96 -5.90 5.05
N VAL L 80 33.67 -6.40 4.04
CA VAL L 80 33.72 -7.86 3.71
C VAL L 80 34.39 -8.58 4.89
N ILE L 81 35.55 -8.09 5.33
CA ILE L 81 36.31 -8.68 6.47
C ILE L 81 35.42 -8.67 7.71
N ASN L 82 34.77 -7.55 8.00
CA ASN L 82 33.87 -7.38 9.19
C ASN L 82 32.76 -8.42 9.11
N TRP L 83 32.09 -8.56 7.96
CA TRP L 83 31.01 -9.55 7.73
C TRP L 83 31.55 -10.97 7.96
N THR L 84 32.72 -11.29 7.38
CA THR L 84 33.34 -12.64 7.43
C THR L 84 33.68 -12.97 8.89
N LYS L 85 34.43 -12.10 9.58
CA LYS L 85 34.89 -12.32 10.97
C LYS L 85 33.68 -12.53 11.89
N ASP L 86 32.66 -11.67 11.78
CA ASP L 86 31.44 -11.73 12.62
C ASP L 86 30.71 -13.06 12.36
N SER L 87 30.67 -13.53 11.10
CA SER L 87 30.05 -14.81 10.70
C SER L 87 30.81 -15.98 11.35
N ILE L 88 32.14 -15.96 11.26
CA ILE L 88 33.03 -17.00 11.84
C ILE L 88 32.82 -17.04 13.36
N THR L 89 32.76 -15.86 14.00
CA THR L 89 32.61 -15.71 15.47
C THR L 89 31.25 -16.26 15.91
N ASP L 90 30.20 -16.00 15.13
CA ASP L 90 28.84 -16.56 15.39
C ASP L 90 28.91 -18.09 15.36
N ILE L 91 29.64 -18.66 14.41
CA ILE L 91 29.78 -20.15 14.25
C ILE L 91 30.52 -20.70 15.48
N TRP L 92 31.67 -20.13 15.84
CA TRP L 92 32.51 -20.64 16.96
C TRP L 92 31.77 -20.48 18.29
N THR L 93 31.09 -19.36 18.50
CA THR L 93 30.27 -19.10 19.71
C THR L 93 29.25 -20.23 19.84
N TYR L 94 28.52 -20.51 18.74
CA TYR L 94 27.48 -21.55 18.68
C TYR L 94 28.11 -22.92 18.95
N GLN L 95 29.19 -23.25 18.25
CA GLN L 95 29.88 -24.56 18.37
C GLN L 95 30.35 -24.76 19.81
N ALA L 96 30.90 -23.73 20.43
CA ALA L 96 31.42 -23.76 21.83
C ALA L 96 30.25 -24.01 22.79
N GLU L 97 29.15 -23.28 22.65
CA GLU L 97 27.94 -23.41 23.49
C GLU L 97 27.39 -24.83 23.39
N LEU L 98 27.33 -25.38 22.17
CA LEU L 98 26.76 -26.73 21.89
C LEU L 98 27.72 -27.81 22.42
N LEU L 99 29.03 -27.70 22.15
CA LEU L 99 30.05 -28.66 22.62
C LEU L 99 29.87 -28.88 24.12
N VAL L 100 29.97 -27.80 24.88
CA VAL L 100 30.01 -27.83 26.37
C VAL L 100 28.66 -28.35 26.90
N ALA L 101 27.55 -27.88 26.34
CA ALA L 101 26.18 -28.33 26.69
C ALA L 101 26.08 -29.84 26.50
N MET L 102 26.54 -30.32 25.35
CA MET L 102 26.45 -31.76 24.95
C MET L 102 27.35 -32.60 25.85
N GLU L 103 28.59 -32.18 26.07
CA GLU L 103 29.58 -32.91 26.93
C GLU L 103 29.06 -32.94 28.37
N ASN L 104 28.53 -31.81 28.85
CA ASN L 104 27.98 -31.68 30.23
C ASN L 104 26.87 -32.73 30.41
N GLN L 105 25.95 -32.83 29.45
CA GLN L 105 24.85 -33.83 29.45
C GLN L 105 25.46 -35.24 29.55
N HIS L 106 26.47 -35.53 28.72
CA HIS L 106 27.11 -36.86 28.64
C HIS L 106 27.85 -37.18 29.95
N THR L 107 28.62 -36.23 30.49
CA THR L 107 29.42 -36.41 31.73
C THR L 107 28.49 -36.83 32.86
N ILE L 108 27.39 -36.10 33.04
CA ILE L 108 26.36 -36.35 34.11
C ILE L 108 25.79 -37.76 33.94
N ASP L 109 25.31 -38.09 32.74
CA ASP L 109 24.65 -39.38 32.45
C ASP L 109 25.68 -40.51 32.55
N MET L 110 26.91 -40.28 32.11
CA MET L 110 28.02 -41.26 32.18
C MET L 110 28.25 -41.63 33.66
N ALA L 111 28.35 -40.63 34.53
CA ALA L 111 28.57 -40.78 35.99
C ALA L 111 27.41 -41.55 36.61
N ASP L 112 26.17 -41.25 36.19
CA ASP L 112 24.93 -41.95 36.58
C ASP L 112 25.08 -43.44 36.23
N SER L 113 25.56 -43.73 35.02
CA SER L 113 25.68 -45.11 34.48
C SER L 113 26.70 -45.92 35.30
N GLU L 114 27.80 -45.30 35.73
CA GLU L 114 28.87 -46.00 36.48
C GLU L 114 28.35 -46.40 37.86
N MET L 115 27.51 -45.54 38.47
CA MET L 115 26.82 -45.81 39.77
C MET L 115 25.91 -47.03 39.58
N LEU L 116 25.07 -47.01 38.55
CA LEU L 116 24.09 -48.10 38.27
C LEU L 116 24.84 -49.41 38.01
N ASN L 117 25.91 -49.38 37.22
CA ASN L 117 26.69 -50.59 36.84
C ASN L 117 27.26 -51.25 38.10
N LEU L 118 27.67 -50.46 39.09
CA LEU L 118 28.19 -50.97 40.38
C LEU L 118 27.05 -51.65 41.16
N TYR L 119 25.92 -50.96 41.28
CA TYR L 119 24.69 -51.46 41.95
C TYR L 119 24.30 -52.81 41.36
N GLU L 120 24.30 -52.92 40.02
CA GLU L 120 23.88 -54.14 39.29
C GLU L 120 24.90 -55.25 39.49
N ARG L 121 26.18 -54.91 39.58
CA ARG L 121 27.28 -55.88 39.85
C ARG L 121 27.04 -56.54 41.21
N VAL L 122 26.78 -55.72 42.23
CA VAL L 122 26.49 -56.16 43.63
C VAL L 122 25.20 -56.97 43.64
N ARG L 123 24.12 -56.46 43.05
CA ARG L 123 22.80 -57.17 43.01
C ARG L 123 23.04 -58.62 42.59
N LYS L 124 23.79 -58.82 41.50
CA LYS L 124 24.00 -60.15 40.87
C LYS L 124 24.91 -61.00 41.77
N GLN L 125 25.93 -60.40 42.39
CA GLN L 125 26.82 -61.09 43.37
C GLN L 125 25.99 -61.73 44.49
N LEU L 126 25.07 -60.96 45.09
CA LEU L 126 24.28 -61.37 46.28
C LEU L 126 23.19 -62.38 45.88
N ARG L 127 22.81 -62.43 44.61
CA ARG L 127 21.87 -63.44 44.05
C ARG L 127 20.61 -63.47 44.93
N GLN L 128 20.27 -64.62 45.54
CA GLN L 128 19.01 -64.82 46.31
C GLN L 128 19.24 -64.58 47.80
N ASN L 129 20.40 -64.04 48.20
CA ASN L 129 20.79 -63.87 49.62
C ASN L 129 20.43 -62.47 50.12
N ALA L 130 19.92 -61.60 49.24
CA ALA L 130 19.56 -60.20 49.59
C ALA L 130 18.32 -59.75 48.80
N GLU L 131 17.76 -58.61 49.21
CA GLU L 131 16.60 -57.96 48.55
C GLU L 131 16.90 -56.45 48.42
N GLU L 132 16.34 -55.82 47.38
CA GLU L 132 16.57 -54.39 47.08
C GLU L 132 15.70 -53.54 48.02
N ASP L 133 16.36 -52.61 48.72
CA ASP L 133 15.78 -51.60 49.64
C ASP L 133 14.89 -50.63 48.86
N GLY L 134 15.29 -50.30 47.63
CA GLY L 134 14.65 -49.26 46.79
C GLY L 134 15.38 -47.93 46.86
N LYS L 135 16.25 -47.76 47.87
CA LYS L 135 17.04 -46.51 48.11
C LYS L 135 18.52 -46.77 47.77
N GLY L 136 18.82 -47.83 47.02
CA GLY L 136 20.20 -48.16 46.60
C GLY L 136 20.91 -49.06 47.60
N CYS L 137 20.20 -49.54 48.62
CA CYS L 137 20.72 -50.45 49.66
C CYS L 137 20.24 -51.88 49.40
N PHE L 138 20.98 -52.87 49.91
CA PHE L 138 20.63 -54.31 49.87
C PHE L 138 20.48 -54.84 51.30
N GLU L 139 19.27 -55.29 51.66
CA GLU L 139 19.03 -56.00 52.94
C GLU L 139 19.52 -57.44 52.78
N ILE L 140 20.61 -57.80 53.47
CA ILE L 140 21.26 -59.14 53.41
C ILE L 140 20.62 -60.01 54.50
N TYR L 141 20.12 -61.19 54.14
CA TYR L 141 19.34 -62.08 55.02
C TYR L 141 20.25 -63.14 55.64
N HIS L 142 21.43 -62.74 56.14
CA HIS L 142 22.37 -63.61 56.88
C HIS L 142 23.42 -62.75 57.59
N ALA L 143 24.04 -63.31 58.63
CA ALA L 143 25.20 -62.71 59.34
C ALA L 143 26.29 -62.42 58.31
N CYS L 144 26.53 -61.14 58.04
CA CYS L 144 27.60 -60.65 57.14
C CYS L 144 28.57 -59.81 57.97
N ASP L 145 29.63 -60.45 58.48
CA ASP L 145 30.70 -59.82 59.30
C ASP L 145 31.54 -58.93 58.39
N ASP L 146 32.47 -58.16 58.98
CA ASP L 146 33.35 -57.19 58.26
C ASP L 146 34.13 -57.91 57.16
N SER L 147 34.40 -59.21 57.32
CA SER L 147 35.14 -60.04 56.33
C SER L 147 34.22 -60.37 55.15
N CYS L 148 32.94 -60.68 55.43
CA CYS L 148 31.87 -60.94 54.44
C CYS L 148 31.63 -59.66 53.62
N MET L 149 31.47 -58.51 54.29
CA MET L 149 31.26 -57.18 53.64
C MET L 149 32.44 -56.87 52.70
N GLU L 150 33.67 -57.11 53.16
CA GLU L 150 34.91 -56.91 52.36
C GLU L 150 34.82 -57.76 51.08
N SER L 151 34.29 -58.99 51.19
CA SER L 151 34.16 -59.95 50.07
C SER L 151 33.19 -59.40 49.01
N ILE L 152 32.17 -58.65 49.43
CA ILE L 152 31.17 -58.01 48.51
C ILE L 152 31.87 -56.90 47.73
N ARG L 153 32.63 -56.05 48.43
CA ARG L 153 33.38 -54.91 47.83
C ARG L 153 34.46 -55.43 46.87
N ASN L 154 35.14 -56.54 47.22
CA ASN L 154 36.31 -57.09 46.48
C ASN L 154 35.83 -58.04 45.37
N ASN L 155 34.51 -58.23 45.23
CA ASN L 155 33.87 -59.06 44.16
C ASN L 155 34.29 -60.53 44.32
N THR L 156 34.42 -61.02 45.55
CA THR L 156 34.81 -62.42 45.88
C THR L 156 33.72 -63.12 46.71
N TYR L 157 32.61 -62.43 47.03
CA TYR L 157 31.47 -62.99 47.79
C TYR L 157 30.87 -64.17 47.01
N ASP L 158 30.87 -65.36 47.63
CA ASP L 158 30.28 -66.61 47.07
C ASP L 158 28.89 -66.81 47.68
N HIS L 159 27.84 -66.61 46.89
CA HIS L 159 26.41 -66.67 47.33
C HIS L 159 26.07 -68.07 47.87
N SER L 160 26.70 -69.13 47.33
CA SER L 160 26.36 -70.55 47.64
C SER L 160 26.65 -70.86 49.11
N GLN L 161 27.66 -70.21 49.71
CA GLN L 161 28.08 -70.40 51.14
C GLN L 161 26.94 -70.05 52.10
N TYR L 162 26.17 -68.99 51.80
CA TYR L 162 25.15 -68.39 52.72
C TYR L 162 23.74 -68.66 52.19
N ARG L 163 23.57 -69.37 51.08
CA ARG L 163 22.28 -69.49 50.34
C ARG L 163 21.20 -70.10 51.24
N GLU L 164 21.45 -71.29 51.79
CA GLU L 164 20.46 -72.08 52.57
C GLU L 164 19.99 -71.24 53.77
N GLU L 165 20.92 -70.64 54.51
CA GLU L 165 20.63 -69.74 55.67
C GLU L 165 19.72 -68.60 55.20
N ALA L 166 20.07 -67.96 54.08
CA ALA L 166 19.41 -66.73 53.57
C ALA L 166 17.97 -67.02 53.15
N LEU L 167 17.75 -68.09 52.37
CA LEU L 167 16.40 -68.45 51.86
C LEU L 167 15.45 -68.74 53.03
N LEU L 168 15.94 -69.40 54.08
CA LEU L 168 15.16 -69.70 55.32
C LEU L 168 14.71 -68.37 55.95
N ASN L 169 15.64 -67.44 56.16
CA ASN L 169 15.38 -66.09 56.75
C ASN L 169 14.41 -65.30 55.87
N ARG L 170 14.49 -65.46 54.54
CA ARG L 170 13.66 -64.69 53.56
C ARG L 170 12.22 -65.20 53.60
N LEU L 171 12.02 -66.53 53.66
CA LEU L 171 10.68 -67.18 53.68
C LEU L 171 10.09 -67.15 55.11
N ASN L 172 10.95 -67.26 56.13
CA ASN L 172 10.62 -67.08 57.57
C ASN L 172 9.64 -68.18 57.99
C1 NAG M . 48.29 -17.55 0.38
C2 NAG M . 49.54 -16.70 0.16
C3 NAG M . 50.47 -17.36 -0.84
C4 NAG M . 50.76 -18.81 -0.44
C5 NAG M . 49.43 -19.57 -0.28
C6 NAG M . 49.54 -21.01 0.21
C7 NAG M . 49.61 -14.27 0.30
C8 NAG M . 49.06 -12.98 -0.27
N2 NAG M . 49.17 -15.37 -0.31
O3 NAG M . 51.67 -16.59 -0.90
O4 NAG M . 51.59 -19.40 -1.46
O5 NAG M . 48.62 -18.90 0.68
O6 NAG M . 49.96 -21.04 1.58
O7 NAG M . 50.38 -14.25 1.25
C1 NAG M . 52.68 -20.17 -0.93
C2 NAG M . 53.30 -21.00 -2.05
C3 NAG M . 54.53 -21.76 -1.57
C4 NAG M . 55.52 -20.77 -0.98
C5 NAG M . 54.81 -20.06 0.18
C6 NAG M . 55.70 -19.08 0.96
C7 NAG M . 51.65 -22.90 -2.39
C8 NAG M . 52.03 -23.64 -1.12
N2 NAG M . 52.27 -21.77 -2.76
O3 NAG M . 55.15 -22.47 -2.63
O4 NAG M . 56.72 -21.44 -0.60
O5 NAG M . 53.68 -19.34 -0.34
O6 NAG M . 55.06 -18.75 2.19
O7 NAG M . 50.75 -23.33 -3.08
C1 NAG N . 34.66 -2.85 10.97
C2 NAG N . 34.34 -1.38 10.68
C3 NAG N . 35.03 -0.47 11.71
C4 NAG N . 34.95 -0.97 13.16
C5 NAG N . 35.32 -2.45 13.23
C6 NAG N . 35.20 -3.05 14.63
C7 NAG N . 34.06 -0.75 8.29
C8 NAG N . 34.83 -0.39 7.06
N2 NAG N . 34.82 -1.03 9.36
O3 NAG N . 34.44 0.83 11.64
O4 NAG N . 35.87 -0.23 13.98
O5 NAG N . 34.45 -3.14 12.36
O6 NAG N . 33.83 -3.41 14.85
O7 NAG N . 32.83 -0.76 8.30
C1 NAG N . 35.19 0.47 15.04
C2 NAG N . 36.21 0.82 16.13
C3 NAG N . 35.72 1.95 17.04
C4 NAG N . 35.10 3.09 16.23
C5 NAG N . 33.95 2.49 15.44
C6 NAG N . 33.08 3.52 14.70
C7 NAG N . 37.76 -0.63 17.40
C8 NAG N . 37.86 -1.77 18.39
N2 NAG N . 36.53 -0.34 16.97
O3 NAG N . 36.80 2.41 17.86
O4 NAG N . 34.66 4.17 17.08
O5 NAG N . 34.51 1.60 14.49
O6 NAG N . 31.78 2.97 14.49
O7 NAG N . 38.77 -0.02 17.06
CA CA O . -16.16 23.67 -11.07
C1 NAG P . -31.27 35.84 -3.61
C2 NAG P . -31.46 37.34 -3.87
C3 NAG P . -30.58 38.16 -2.91
C4 NAG P . -31.03 37.92 -1.48
C5 NAG P . -30.99 36.41 -1.19
C6 NAG P . -31.75 36.08 0.09
C7 NAG P . -32.14 38.10 -6.10
C8 NAG P . -31.70 38.38 -7.51
N2 NAG P . -31.19 37.67 -5.26
O3 NAG P . -30.66 39.57 -3.16
O4 NAG P . -30.23 38.68 -0.56
O5 NAG P . -31.59 35.61 -2.22
O6 NAG P . -31.41 37.00 1.14
O7 NAG P . -33.29 38.24 -5.74
CA CA Q . 30.77 -16.42 -9.76
CA CA R . 50.30 -14.41 3.58
C1 NAG S . 27.29 -14.20 -7.25
C2 NAG S . 27.49 -13.97 -8.76
C3 NAG S . 26.19 -13.50 -9.41
C4 NAG S . 25.11 -14.56 -9.24
C5 NAG S . 24.90 -14.81 -7.75
C6 NAG S . 23.99 -16.01 -7.51
C7 NAG S . 29.61 -13.25 -9.80
C8 NAG S . 30.52 -12.08 -10.02
N2 NAG S . 28.54 -12.99 -9.03
O3 NAG S . 26.39 -13.25 -10.81
O4 NAG S . 23.88 -14.15 -9.89
O5 NAG S . 26.14 -15.05 -7.05
O6 NAG S . 24.59 -17.21 -8.02
O7 NAG S . 29.85 -14.34 -10.29
CA CA T . -35.86 22.94 -25.25
C1 NAG U . -18.24 20.48 -14.26
C2 NAG U . -16.95 21.29 -14.52
C3 NAG U . -15.98 20.55 -15.46
C4 NAG U . -15.67 19.13 -14.97
C5 NAG U . -17.02 18.40 -14.80
C6 NAG U . -16.79 16.98 -14.27
C7 NAG U . -16.87 23.79 -14.44
C8 NAG U . -17.28 25.06 -15.11
N2 NAG U . -17.26 22.63 -15.04
O3 NAG U . -14.76 21.26 -15.59
O4 NAG U . -14.77 18.41 -15.84
O5 NAG U . -17.89 19.12 -13.90
O6 NAG U . -17.86 16.60 -13.40
O7 NAG U . -16.21 23.84 -13.41
C1 NAG V . -64.55 10.42 5.29
C2 NAG V . -65.99 10.42 5.80
C3 NAG V . -66.67 11.56 5.03
C4 NAG V . -66.00 12.87 5.43
C5 NAG V . -64.46 12.83 5.70
C6 NAG V . -64.08 13.72 6.90
C7 NAG V . -67.30 8.52 4.76
C8 NAG V . -67.86 7.17 5.07
N2 NAG V . -66.65 9.11 5.78
O3 NAG V . -68.07 11.63 5.31
O4 NAG V . -66.26 13.82 4.38
O5 NAG V . -63.90 11.51 5.95
O6 NAG V . -63.06 14.66 6.58
O7 NAG V . -67.43 9.02 3.65
C1 NAG W . -39.27 25.04 -21.92
C2 NAG W . -38.96 25.39 -23.38
C3 NAG W . -40.18 25.99 -24.08
C4 NAG W . -41.36 25.05 -24.01
C5 NAG W . -41.66 24.70 -22.55
C6 NAG W . -42.65 23.54 -22.45
C7 NAG W . -36.79 26.17 -24.23
C8 NAG W . -35.83 27.32 -24.25
N2 NAG W . -37.88 26.36 -23.48
O3 NAG W . -39.84 26.25 -25.44
O4 NAG W . -42.50 25.65 -24.64
O5 NAG W . -40.49 24.28 -21.82
O6 NAG W . -41.98 22.31 -22.74
O7 NAG W . -36.57 25.13 -24.86
C1 EDO X . 41.82 -15.24 14.00
O1 EDO X . 42.10 -13.91 14.40
C2 EDO X . 42.85 -16.21 14.45
O2 EDO X . 42.32 -17.50 14.70
#